data_4ZDA
#
_entry.id   4ZDA
#
_cell.length_a   201.774
_cell.length_b   206.162
_cell.length_c   145.598
_cell.angle_alpha   90.00
_cell.angle_beta   90.97
_cell.angle_gamma   90.00
#
_symmetry.space_group_name_H-M   'C 1 2 1'
#
loop_
_entity.id
_entity.type
_entity.pdbx_description
1 polymer 'Isocitrate dehydrogenase (NADP) Icd2'
2 non-polymer 'MANGANESE (II) ION'
3 non-polymer 'ISOCITRIC ACID'
#
_entity_poly.entity_id   1
_entity_poly.type   'polypeptide(L)'
_entity_poly.pdbx_seq_one_letter_code
;MSAQQPTIIYTLTDEAPLLATYAFLPVVRKFAEAAGIDVKTSDISVAARILAEFGDHLTEEQRVPDNLGELGALTQDPSA
NIIKLPNISASVPQLLAAIKELQGKGYNVPDYPANPKTDDEKKIKDRYAKILGSAVNPVLREGNSDRRAPKAVKEYARKH
PHSMGEWSQASRTHVATMKTGDFYHGEKSMTLDRDRRVKMVLKTKSGEEIVLKPEVKLDAGDIIDSMYMSKKALIAFYEE
QIEDAYKTGVMFSLHVKATMMKVSHPIVFGHAVKVFYKDAFAKHEKLFDELGVNVNNGLSDLYDKIEALPASQREEIIED
LHKCHEHRPELAMVDSAKGISNFHSPSDVIVDASMPAMIRLGGKMYGADGRTKDTKAVNPESTFSRMYQEMINFCKTHGQ
FDPTTMGTVPNVGLMAQKAEEYGSHDKTFEIPEDGVADIVDIDTGEVLLTQNVEEGDIWRMPIVKDAPIRDWVKLAVTRA
RLSGMPVVFWLDTERPHEVELRKKVKEYLKDHDTEGLKIQIMPQVWAMRYTLERVVRGKDTIAATGNILRDYLTDLFPIL
ELGTSAKMLSIVPLMAGGGLYETGAGGSAPKHVHQLVEENHLRWDSLGEFLALGASLEDMGNKTGNEKAKVLAKALDTAT
GKLLEENKSPSRRTGELDNRGSQFYLSLFWAQALAEQTEDAELAERFKPLAKALAEQEEAIVSELNSVQGKTVDIGGYYY
PDPEKTSEVMRPSKTFNTTLESVPRYPYDVPDYAKLAAALEHHHHHH
;
_entity_poly.pdbx_strand_id   A,B,C,D,E,F
#
# COMPACT_ATOMS: atom_id res chain seq x y z
N PRO A 6 -12.48 -6.07 50.85
CA PRO A 6 -13.51 -6.02 49.82
C PRO A 6 -14.49 -4.86 50.07
N THR A 7 -14.04 -3.64 49.77
CA THR A 7 -14.75 -2.43 50.19
C THR A 7 -14.95 -1.35 49.13
N ILE A 8 -16.19 -0.83 49.05
CA ILE A 8 -16.52 0.33 48.23
C ILE A 8 -16.52 1.59 49.10
N ILE A 9 -15.85 2.63 48.62
CA ILE A 9 -15.84 3.92 49.32
C ILE A 9 -16.87 4.87 48.72
N TYR A 10 -17.96 5.08 49.45
CA TYR A 10 -19.05 5.95 49.04
C TYR A 10 -18.83 7.36 49.58
N THR A 11 -18.65 8.33 48.69
CA THR A 11 -18.37 9.71 49.12
C THR A 11 -19.61 10.37 49.72
N LEU A 12 -19.40 11.05 50.85
CA LEU A 12 -20.41 11.94 51.43
C LEU A 12 -20.07 13.35 50.98
N THR A 13 -21.03 14.01 50.34
CA THR A 13 -20.78 15.35 49.79
C THR A 13 -21.72 16.43 50.37
N ASP A 14 -22.32 17.22 49.50
CA ASP A 14 -23.07 18.40 49.92
C ASP A 14 -24.53 18.38 49.49
N GLU A 15 -25.37 19.14 50.21
CA GLU A 15 -26.70 19.47 49.73
C GLU A 15 -27.52 18.25 49.28
N ALA A 16 -28.07 18.29 48.07
CA ALA A 16 -29.06 17.28 47.63
C ALA A 16 -28.55 15.83 47.56
N PRO A 17 -27.44 15.56 46.84
CA PRO A 17 -26.90 14.19 46.84
C PRO A 17 -26.65 13.62 48.24
N LEU A 18 -26.10 14.44 49.13
CA LEU A 18 -25.92 14.06 50.54
C LEU A 18 -27.24 13.63 51.18
N LEU A 19 -28.30 14.41 50.96
CA LEU A 19 -29.62 14.07 51.51
C LEU A 19 -30.13 12.74 50.96
N ALA A 20 -29.94 12.52 49.66
CA ALA A 20 -30.29 11.25 49.03
C ALA A 20 -29.50 10.11 49.65
N THR A 21 -28.19 10.33 49.84
CA THR A 21 -27.30 9.35 50.46
C THR A 21 -27.79 8.90 51.85
N TYR A 22 -28.39 9.83 52.61
CA TYR A 22 -28.93 9.50 53.93
C TYR A 22 -30.03 8.45 53.90
N ALA A 23 -30.83 8.46 52.85
CA ALA A 23 -31.87 7.44 52.66
C ALA A 23 -31.31 6.19 52.00
N PHE A 24 -30.28 6.37 51.18
CA PHE A 24 -29.78 5.29 50.33
C PHE A 24 -28.73 4.40 51.00
N LEU A 25 -27.78 5.00 51.71
CA LEU A 25 -26.67 4.25 52.32
C LEU A 25 -27.11 3.00 53.10
N PRO A 26 -28.17 3.10 53.94
CA PRO A 26 -28.72 1.91 54.60
C PRO A 26 -29.07 0.76 53.65
N VAL A 27 -29.67 1.05 52.50
CA VAL A 27 -30.08 -0.01 51.58
C VAL A 27 -28.88 -0.66 50.90
N VAL A 28 -28.00 0.15 50.32
CA VAL A 28 -26.81 -0.36 49.62
C VAL A 28 -25.94 -1.22 50.55
N ARG A 29 -25.78 -0.80 51.79
CA ARG A 29 -25.07 -1.57 52.82
C ARG A 29 -25.67 -2.96 53.08
N LYS A 30 -27.00 -3.04 53.16
CA LYS A 30 -27.71 -4.31 53.37
C LYS A 30 -27.56 -5.27 52.19
N PHE A 31 -27.39 -4.72 51.00
CA PHE A 31 -27.23 -5.54 49.80
C PHE A 31 -25.76 -5.90 49.58
N ALA A 32 -24.87 -4.97 49.88
CA ALA A 32 -23.44 -5.20 49.70
C ALA A 32 -22.89 -6.26 50.65
N GLU A 33 -23.39 -6.27 51.89
CA GLU A 33 -22.94 -7.25 52.89
C GLU A 33 -23.36 -8.68 52.56
N ALA A 34 -24.37 -8.81 51.70
CA ALA A 34 -24.83 -10.11 51.20
C ALA A 34 -23.86 -10.70 50.17
N ALA A 35 -22.71 -10.04 50.00
CA ALA A 35 -21.63 -10.52 49.16
C ALA A 35 -20.29 -10.25 49.84
N GLY A 36 -20.34 -10.04 51.16
CA GLY A 36 -19.15 -9.72 51.95
C GLY A 36 -18.46 -8.44 51.51
N ILE A 37 -19.26 -7.49 51.04
CA ILE A 37 -18.75 -6.18 50.60
C ILE A 37 -19.06 -5.14 51.67
N ASP A 38 -18.00 -4.50 52.17
CA ASP A 38 -18.11 -3.47 53.19
C ASP A 38 -18.24 -2.10 52.54
N VAL A 39 -19.18 -1.28 53.01
CA VAL A 39 -19.33 0.07 52.47
C VAL A 39 -18.83 1.13 53.45
N LYS A 40 -17.70 1.75 53.10
CA LYS A 40 -17.09 2.78 53.92
C LYS A 40 -17.34 4.15 53.30
N THR A 41 -17.62 5.14 54.16
CA THR A 41 -17.90 6.49 53.71
C THR A 41 -16.69 7.40 53.87
N SER A 42 -16.62 8.43 53.02
CA SER A 42 -15.57 9.45 53.09
C SER A 42 -16.17 10.83 52.86
N ASP A 43 -16.20 11.65 53.92
CA ASP A 43 -16.81 12.97 53.87
C ASP A 43 -15.88 13.97 53.18
N ILE A 44 -16.29 14.41 52.00
CA ILE A 44 -15.54 15.43 51.24
C ILE A 44 -16.35 16.70 51.02
N SER A 45 -17.36 16.90 51.86
CA SER A 45 -18.15 18.14 51.89
C SER A 45 -17.25 19.36 52.02
N VAL A 46 -17.75 20.51 51.59
CA VAL A 46 -17.02 21.76 51.76
C VAL A 46 -16.76 22.04 53.25
N ALA A 47 -17.73 21.68 54.10
CA ALA A 47 -17.57 21.80 55.55
C ALA A 47 -16.39 20.98 56.06
N ALA A 48 -16.40 19.68 55.76
CA ALA A 48 -15.35 18.77 56.24
C ALA A 48 -13.97 19.19 55.76
N ARG A 49 -13.89 19.63 54.51
CA ARG A 49 -12.62 20.07 53.94
C ARG A 49 -12.07 21.31 54.63
N ILE A 50 -12.97 22.16 55.13
CA ILE A 50 -12.56 23.33 55.92
C ILE A 50 -11.97 22.87 57.26
N LEU A 51 -12.67 21.97 57.94
CA LEU A 51 -12.23 21.45 59.22
C LEU A 51 -10.89 20.70 59.11
N ALA A 52 -10.71 19.94 58.04
CA ALA A 52 -9.47 19.24 57.78
C ALA A 52 -8.27 20.18 57.70
N GLU A 53 -8.45 21.32 57.04
CA GLU A 53 -7.36 22.28 56.84
C GLU A 53 -7.06 23.11 58.08
N PHE A 54 -8.11 23.56 58.77
CA PHE A 54 -7.94 24.47 59.90
C PHE A 54 -8.15 23.81 61.26
N GLY A 55 -7.46 22.68 61.47
CA GLY A 55 -7.47 21.98 62.75
C GLY A 55 -6.76 22.74 63.85
N ASP A 56 -6.04 23.80 63.47
CA ASP A 56 -5.21 24.60 64.37
C ASP A 56 -5.95 25.09 65.61
N HIS A 57 -7.21 25.45 65.42
CA HIS A 57 -7.99 26.09 66.47
C HIS A 57 -9.10 25.20 66.93
N LEU A 58 -9.03 23.94 66.56
CA LEU A 58 -10.06 22.96 66.92
C LEU A 58 -9.56 22.00 68.00
N THR A 59 -10.49 21.55 68.85
CA THR A 59 -10.18 20.53 69.86
C THR A 59 -9.91 19.19 69.17
N GLU A 60 -9.28 18.25 69.88
CA GLU A 60 -8.95 16.94 69.32
C GLU A 60 -10.18 16.19 68.80
N GLU A 61 -11.30 16.33 69.49
CA GLU A 61 -12.56 15.68 69.11
C GLU A 61 -13.18 16.33 67.89
N GLN A 62 -13.00 17.64 67.76
CA GLN A 62 -13.51 18.42 66.63
C GLN A 62 -12.77 18.11 65.33
N ARG A 63 -11.48 17.80 65.45
CA ARG A 63 -10.59 17.57 64.30
C ARG A 63 -11.07 16.47 63.34
N VAL A 64 -10.81 16.68 62.06
CA VAL A 64 -11.27 15.77 61.00
C VAL A 64 -10.10 15.40 60.07
N PRO A 65 -9.96 14.09 59.75
CA PRO A 65 -8.92 13.64 58.81
C PRO A 65 -9.06 14.26 57.41
N ASP A 66 -7.94 14.35 56.71
CA ASP A 66 -7.90 14.84 55.33
C ASP A 66 -8.48 13.76 54.40
N ASN A 67 -9.80 13.62 54.43
CA ASN A 67 -10.50 12.59 53.66
C ASN A 67 -10.27 12.65 52.15
N LEU A 68 -10.06 13.85 51.62
CA LEU A 68 -9.78 14.03 50.20
C LEU A 68 -8.42 13.45 49.85
N GLY A 69 -7.39 13.88 50.59
CA GLY A 69 -6.04 13.35 50.42
C GLY A 69 -5.98 11.84 50.58
N GLU A 70 -6.82 11.32 51.49
CA GLU A 70 -6.97 9.90 51.68
C GLU A 70 -7.43 9.22 50.39
N LEU A 71 -8.46 9.80 49.77
CA LEU A 71 -9.00 9.31 48.50
C LEU A 71 -7.97 9.46 47.37
N GLY A 72 -7.25 10.58 47.39
CA GLY A 72 -6.15 10.80 46.46
C GLY A 72 -5.11 9.70 46.52
N ALA A 73 -4.76 9.29 47.74
CA ALA A 73 -3.85 8.17 47.97
C ALA A 73 -4.45 6.86 47.47
N LEU A 74 -5.73 6.65 47.74
CA LEU A 74 -6.43 5.39 47.44
C LEU A 74 -6.58 5.08 45.94
N THR A 75 -6.47 6.10 45.08
CA THR A 75 -6.52 5.89 43.62
C THR A 75 -5.32 5.07 43.12
N GLN A 76 -4.30 4.96 43.97
CA GLN A 76 -3.08 4.23 43.65
C GLN A 76 -3.14 2.78 44.14
N ASP A 77 -4.28 2.41 44.74
CA ASP A 77 -4.51 1.06 45.23
C ASP A 77 -5.33 0.29 44.21
N PRO A 78 -4.76 -0.80 43.66
CA PRO A 78 -5.39 -1.61 42.61
C PRO A 78 -6.81 -2.09 42.91
N SER A 79 -7.21 -2.00 44.17
CA SER A 79 -8.52 -2.50 44.60
C SER A 79 -9.53 -1.37 44.84
N ALA A 80 -9.09 -0.12 44.65
CA ALA A 80 -9.91 1.06 44.91
C ALA A 80 -11.26 1.00 44.21
N ASN A 81 -12.32 1.20 44.98
CA ASN A 81 -13.66 1.27 44.43
C ASN A 81 -14.39 2.47 45.04
N ILE A 82 -14.49 3.54 44.26
CA ILE A 82 -15.00 4.81 44.75
C ILE A 82 -16.25 5.26 43.99
N ILE A 83 -17.36 5.41 44.69
CA ILE A 83 -18.57 6.02 44.11
C ILE A 83 -18.60 7.50 44.48
N LYS A 84 -18.38 8.35 43.48
CA LYS A 84 -18.27 9.79 43.68
C LYS A 84 -19.56 10.51 43.30
N LEU A 85 -20.14 11.19 44.28
CA LEU A 85 -21.36 11.97 44.06
C LEU A 85 -21.03 13.44 43.77
N PRO A 86 -21.98 14.21 43.22
CA PRO A 86 -21.71 15.62 42.93
C PRO A 86 -21.44 16.39 44.21
N ASN A 87 -20.40 17.21 44.21
CA ASN A 87 -20.06 18.02 45.38
C ASN A 87 -19.96 19.50 45.01
N ILE A 88 -20.02 20.37 46.02
CA ILE A 88 -19.90 21.81 45.81
C ILE A 88 -18.47 22.17 45.41
N SER A 89 -18.35 22.95 44.33
CA SER A 89 -17.12 23.68 44.03
C SER A 89 -17.26 25.11 44.58
N ALA A 90 -16.92 25.27 45.85
CA ALA A 90 -17.23 26.48 46.62
C ALA A 90 -16.85 27.80 45.97
N SER A 91 -17.85 28.67 45.84
CA SER A 91 -17.63 30.08 45.55
C SER A 91 -17.33 30.75 46.87
N VAL A 92 -16.84 31.98 46.82
CA VAL A 92 -16.57 32.77 48.03
C VAL A 92 -17.83 32.93 48.91
N PRO A 93 -18.99 33.34 48.31
CA PRO A 93 -20.21 33.36 49.12
C PRO A 93 -20.50 32.02 49.81
N GLN A 94 -20.35 30.93 49.05
CA GLN A 94 -20.58 29.58 49.57
C GLN A 94 -19.61 29.24 50.71
N LEU A 95 -18.34 29.59 50.52
CA LEU A 95 -17.35 29.43 51.56
C LEU A 95 -17.69 30.25 52.81
N LEU A 96 -18.03 31.52 52.61
CA LEU A 96 -18.38 32.42 53.71
C LEU A 96 -19.54 31.88 54.54
N ALA A 97 -20.58 31.37 53.89
CA ALA A 97 -21.73 30.80 54.58
C ALA A 97 -21.36 29.51 55.32
N ALA A 98 -20.50 28.69 54.70
CA ALA A 98 -20.00 27.47 55.33
C ALA A 98 -19.20 27.79 56.60
N ILE A 99 -18.34 28.80 56.51
CA ILE A 99 -17.55 29.24 57.66
C ILE A 99 -18.47 29.69 58.79
N LYS A 100 -19.45 30.53 58.44
CA LYS A 100 -20.40 31.08 59.42
C LYS A 100 -21.17 30.00 60.17
N GLU A 101 -21.56 28.94 59.46
CA GLU A 101 -22.29 27.83 60.07
C GLU A 101 -21.42 27.08 61.08
N LEU A 102 -20.21 26.71 60.66
CA LEU A 102 -19.25 26.03 61.54
C LEU A 102 -18.89 26.87 62.76
N GLN A 103 -18.55 28.14 62.53
CA GLN A 103 -18.25 29.07 63.62
C GLN A 103 -19.39 29.13 64.63
N GLY A 104 -20.61 29.27 64.11
CA GLY A 104 -21.81 29.29 64.94
C GLY A 104 -22.03 28.00 65.70
N LYS A 105 -21.43 26.91 65.23
CA LYS A 105 -21.59 25.60 65.86
C LYS A 105 -20.42 25.24 66.77
N GLY A 106 -19.68 26.26 67.21
CA GLY A 106 -18.56 26.07 68.13
C GLY A 106 -17.25 25.66 67.49
N TYR A 107 -17.22 25.63 66.17
CA TYR A 107 -16.01 25.27 65.45
C TYR A 107 -15.18 26.52 65.21
N ASN A 108 -14.10 26.65 65.95
CA ASN A 108 -13.25 27.84 65.87
C ASN A 108 -12.36 27.83 64.63
N VAL A 109 -12.87 28.39 63.54
CA VAL A 109 -12.13 28.50 62.29
C VAL A 109 -12.04 29.98 61.89
N PRO A 110 -11.02 30.34 61.10
CA PRO A 110 -10.82 31.77 60.84
C PRO A 110 -11.74 32.32 59.75
N ASP A 111 -12.11 33.59 59.89
CA ASP A 111 -12.82 34.33 58.84
C ASP A 111 -12.02 34.30 57.55
N TYR A 112 -12.71 34.40 56.41
CA TYR A 112 -12.02 34.47 55.13
C TYR A 112 -11.66 35.91 54.80
N PRO A 113 -10.35 36.24 54.85
CA PRO A 113 -9.91 37.59 54.53
C PRO A 113 -9.72 37.75 53.04
N ALA A 114 -10.71 38.33 52.37
CA ALA A 114 -10.66 38.56 50.93
C ALA A 114 -9.58 39.59 50.60
N ASN A 115 -9.43 40.56 51.50
CA ASN A 115 -8.38 41.57 51.39
C ASN A 115 -7.55 41.57 52.67
N PRO A 116 -6.45 40.81 52.68
CA PRO A 116 -5.67 40.55 53.88
C PRO A 116 -4.95 41.79 54.41
N LYS A 117 -5.18 42.09 55.69
CA LYS A 117 -4.62 43.27 56.36
C LYS A 117 -3.19 42.99 56.84
N THR A 118 -3.05 42.03 57.76
CA THR A 118 -1.75 41.60 58.27
C THR A 118 -1.12 40.59 57.31
N ASP A 119 0.17 40.32 57.51
CA ASP A 119 0.87 39.32 56.71
C ASP A 119 0.43 37.91 57.11
N ASP A 120 -0.08 37.78 58.32
CA ASP A 120 -0.58 36.50 58.83
C ASP A 120 -1.96 36.15 58.23
N GLU A 121 -2.66 37.18 57.76
CA GLU A 121 -3.93 36.99 57.06
C GLU A 121 -3.74 36.52 55.61
N LYS A 122 -2.69 37.01 54.96
CA LYS A 122 -2.29 36.55 53.63
C LYS A 122 -1.99 35.06 53.64
N LYS A 123 -1.59 34.56 54.80
CA LYS A 123 -1.26 33.15 54.99
C LYS A 123 -2.52 32.29 54.96
N ILE A 124 -3.51 32.67 55.77
CA ILE A 124 -4.72 31.86 55.92
C ILE A 124 -5.67 32.00 54.73
N LYS A 125 -5.54 33.09 53.97
CA LYS A 125 -6.27 33.26 52.72
C LYS A 125 -5.79 32.24 51.69
N ASP A 126 -4.47 32.04 51.64
CA ASP A 126 -3.87 31.06 50.73
C ASP A 126 -4.23 29.63 51.11
N ARG A 127 -4.51 29.42 52.39
CA ARG A 127 -4.95 28.12 52.87
C ARG A 127 -6.39 27.84 52.45
N TYR A 128 -7.23 28.88 52.46
CA TYR A 128 -8.60 28.77 52.00
C TYR A 128 -8.70 28.58 50.49
N ALA A 129 -7.70 29.06 49.76
CA ALA A 129 -7.63 28.87 48.31
C ALA A 129 -7.66 27.38 47.94
N LYS A 130 -7.10 26.56 48.81
CA LYS A 130 -7.11 25.11 48.67
C LYS A 130 -8.52 24.51 48.78
N ILE A 131 -9.46 25.28 49.32
CA ILE A 131 -10.85 24.83 49.50
C ILE A 131 -11.79 25.39 48.43
N LEU A 132 -11.54 26.63 48.00
CA LEU A 132 -12.35 27.30 46.98
C LEU A 132 -12.26 26.61 45.62
N GLY A 133 -13.31 26.77 44.82
CA GLY A 133 -13.32 26.34 43.43
C GLY A 133 -13.32 24.83 43.24
N SER A 134 -12.76 24.41 42.10
CA SER A 134 -12.74 23.00 41.71
C SER A 134 -11.55 22.27 42.33
N ALA A 135 -11.76 21.77 43.55
CA ALA A 135 -10.70 21.19 44.36
C ALA A 135 -10.69 19.67 44.37
N VAL A 136 -11.85 19.06 44.17
CA VAL A 136 -12.01 17.61 44.30
C VAL A 136 -11.59 16.85 43.04
N ASN A 137 -12.24 17.14 41.91
CA ASN A 137 -11.95 16.46 40.64
C ASN A 137 -10.46 16.32 40.30
N PRO A 138 -9.64 17.37 40.50
CA PRO A 138 -8.24 17.20 40.14
C PRO A 138 -7.51 16.14 40.97
N VAL A 139 -8.05 15.81 42.14
CA VAL A 139 -7.43 14.84 43.05
C VAL A 139 -7.95 13.43 42.79
N LEU A 140 -9.22 13.31 42.42
CA LEU A 140 -9.85 12.01 42.17
C LEU A 140 -9.57 11.45 40.78
N ARG A 141 -9.48 12.33 39.78
CA ARG A 141 -9.39 11.91 38.38
C ARG A 141 -8.00 11.38 38.02
N GLU A 142 -7.75 10.14 38.42
CA GLU A 142 -6.47 9.47 38.15
C GLU A 142 -6.65 8.41 37.08
N GLY A 143 -7.74 8.53 36.32
CA GLY A 143 -7.98 7.70 35.16
C GLY A 143 -8.62 8.55 34.08
N ASN A 144 -9.00 7.92 32.97
CA ASN A 144 -9.67 8.63 31.89
C ASN A 144 -11.18 8.42 31.95
N SER A 145 -11.91 9.10 31.07
CA SER A 145 -13.37 9.19 31.20
C SER A 145 -14.15 8.34 30.20
N ASP A 146 -14.90 7.37 30.73
CA ASP A 146 -15.87 6.60 29.97
C ASP A 146 -17.26 7.11 30.36
N ARG A 147 -17.76 8.07 29.57
CA ARG A 147 -19.06 8.65 29.84
C ARG A 147 -20.02 8.32 28.69
N ARG A 148 -21.16 7.73 29.04
CA ARG A 148 -22.14 7.27 28.05
C ARG A 148 -23.52 7.00 28.67
N ALA A 149 -24.56 7.12 27.86
CA ALA A 149 -25.91 6.81 28.30
C ALA A 149 -26.21 5.32 28.10
N PRO A 150 -26.71 4.65 29.16
CA PRO A 150 -27.07 3.24 29.02
C PRO A 150 -28.35 3.05 28.21
N LYS A 151 -28.41 1.94 27.48
CA LYS A 151 -29.54 1.59 26.61
C LYS A 151 -30.89 1.79 27.30
N ALA A 152 -30.97 1.39 28.56
CA ALA A 152 -32.20 1.52 29.36
C ALA A 152 -32.68 2.97 29.49
N VAL A 153 -31.72 3.90 29.60
CA VAL A 153 -32.02 5.32 29.70
C VAL A 153 -32.41 5.88 28.33
N LYS A 154 -31.67 5.50 27.29
CA LYS A 154 -31.97 5.92 25.92
C LYS A 154 -33.37 5.47 25.47
N GLU A 155 -33.72 4.22 25.79
CA GLU A 155 -35.05 3.69 25.49
C GLU A 155 -36.15 4.50 26.17
N TYR A 156 -35.90 4.91 27.41
CA TYR A 156 -36.83 5.71 28.19
C TYR A 156 -37.08 7.06 27.52
N ALA A 157 -36.00 7.67 26.99
CA ALA A 157 -36.07 8.95 26.30
C ALA A 157 -36.96 8.88 25.07
N ARG A 158 -36.84 7.79 24.31
CA ARG A 158 -37.67 7.53 23.14
C ARG A 158 -39.15 7.45 23.50
N LYS A 159 -39.46 6.85 24.64
CA LYS A 159 -40.84 6.67 25.10
C LYS A 159 -41.47 7.98 25.59
N HIS A 160 -40.69 8.79 26.30
CA HIS A 160 -41.16 10.08 26.80
C HIS A 160 -40.24 11.18 26.33
N PRO A 161 -40.43 11.65 25.08
CA PRO A 161 -39.58 12.70 24.53
C PRO A 161 -39.71 14.01 25.31
N HIS A 162 -38.57 14.52 25.78
CA HIS A 162 -38.49 15.83 26.42
C HIS A 162 -38.69 16.90 25.37
N SER A 163 -39.04 18.11 25.81
CA SER A 163 -39.31 19.21 24.89
C SER A 163 -38.04 19.77 24.27
N MET A 164 -38.15 20.13 22.99
CA MET A 164 -37.06 20.72 22.23
C MET A 164 -37.62 21.89 21.43
N GLY A 165 -37.00 23.06 21.56
CA GLY A 165 -37.41 24.23 20.80
C GLY A 165 -37.05 24.08 19.33
N GLU A 166 -37.93 24.52 18.44
CA GLU A 166 -37.70 24.35 17.00
C GLU A 166 -36.62 25.29 16.46
N TRP A 167 -35.96 24.85 15.40
CA TRP A 167 -34.88 25.61 14.75
C TRP A 167 -35.32 26.15 13.43
N SER A 168 -35.64 27.44 13.39
CA SER A 168 -35.97 28.10 12.14
C SER A 168 -34.74 28.14 11.24
N GLN A 169 -34.96 27.96 9.94
CA GLN A 169 -33.90 28.11 8.95
C GLN A 169 -33.47 29.57 8.85
N ALA A 170 -34.32 30.47 9.33
CA ALA A 170 -34.03 31.90 9.33
C ALA A 170 -33.38 32.39 10.64
N SER A 171 -33.13 31.45 11.56
CA SER A 171 -32.45 31.76 12.81
C SER A 171 -31.17 32.56 12.60
N ARG A 172 -30.90 33.48 13.50
CA ARG A 172 -29.73 34.35 13.38
C ARG A 172 -28.65 34.00 14.40
N THR A 173 -28.90 32.98 15.23
CA THR A 173 -27.95 32.64 16.28
C THR A 173 -26.73 31.94 15.70
N HIS A 174 -25.59 32.15 16.36
CA HIS A 174 -24.30 31.65 15.89
C HIS A 174 -23.26 31.81 16.95
N VAL A 175 -22.16 31.08 16.79
CA VAL A 175 -21.00 31.21 17.68
C VAL A 175 -20.05 32.23 17.09
N ALA A 176 -19.75 33.27 17.85
CA ALA A 176 -18.73 34.24 17.46
C ALA A 176 -17.45 33.85 18.16
N THR A 177 -16.38 33.72 17.39
CA THR A 177 -15.10 33.25 17.91
C THR A 177 -13.92 33.86 17.17
N MET A 178 -12.78 33.97 17.84
CA MET A 178 -11.59 34.64 17.30
C MET A 178 -10.95 33.85 16.15
N LYS A 179 -10.43 34.59 15.18
CA LYS A 179 -9.76 34.00 14.03
C LYS A 179 -8.23 34.18 14.10
N THR A 180 -7.80 35.16 14.89
CA THR A 180 -6.37 35.37 15.16
C THR A 180 -6.17 35.87 16.58
N GLY A 181 -4.94 35.72 17.06
CA GLY A 181 -4.53 36.29 18.35
C GLY A 181 -5.09 35.59 19.57
N ASP A 182 -5.75 34.46 19.38
CA ASP A 182 -6.20 33.63 20.50
C ASP A 182 -5.23 32.46 20.74
N PHE A 183 -5.50 31.67 21.77
CA PHE A 183 -4.63 30.55 22.12
C PHE A 183 -4.34 29.67 20.91
N TYR A 184 -5.40 29.30 20.19
CA TYR A 184 -5.31 28.39 19.05
C TYR A 184 -4.33 28.86 17.97
N HIS A 185 -4.41 30.13 17.59
CA HIS A 185 -3.69 30.61 16.40
C HIS A 185 -2.24 31.02 16.62
N GLY A 186 -1.79 30.92 17.86
CA GLY A 186 -0.40 31.22 18.19
C GLY A 186 0.29 30.11 18.94
N GLU A 187 -0.35 28.95 18.96
CA GLU A 187 0.09 27.81 19.76
C GLU A 187 1.31 27.11 19.17
N LYS A 188 2.25 26.76 20.05
CA LYS A 188 3.37 25.90 19.70
C LYS A 188 3.38 24.72 20.65
N SER A 189 3.65 23.54 20.12
CA SER A 189 3.65 22.31 20.92
C SER A 189 4.83 21.41 20.58
N MET A 190 5.12 20.47 21.49
CA MET A 190 6.16 19.46 21.26
C MET A 190 6.01 18.28 22.21
N THR A 191 6.66 17.17 21.85
CA THR A 191 6.74 16.01 22.71
C THR A 191 8.18 15.89 23.21
N LEU A 192 8.34 15.51 24.48
CA LEU A 192 9.67 15.47 25.10
C LEU A 192 10.45 14.17 24.87
N ASP A 193 11.73 14.32 24.56
CA ASP A 193 12.68 13.22 24.45
C ASP A 193 13.00 12.60 25.81
N ARG A 194 13.45 13.45 26.73
CA ARG A 194 13.89 13.01 28.06
C ARG A 194 13.19 13.79 29.19
N ASP A 195 13.47 13.39 30.42
CA ASP A 195 13.06 14.17 31.59
C ASP A 195 13.81 15.50 31.62
N ARG A 196 13.07 16.58 31.81
CA ARG A 196 13.67 17.91 31.95
C ARG A 196 13.03 18.67 33.11
N ARG A 197 13.82 19.58 33.70
CA ARG A 197 13.31 20.51 34.71
C ARG A 197 13.28 21.89 34.08
N VAL A 198 12.08 22.45 33.96
CA VAL A 198 11.91 23.71 33.20
C VAL A 198 11.37 24.88 34.00
N LYS A 199 11.72 26.08 33.56
CA LYS A 199 11.20 27.31 34.13
C LYS A 199 10.51 28.17 33.06
N MET A 200 9.52 28.95 33.48
CA MET A 200 8.85 29.89 32.59
C MET A 200 9.33 31.29 32.92
N VAL A 201 9.99 31.92 31.96
CA VAL A 201 10.52 33.27 32.16
C VAL A 201 10.12 34.25 31.08
N LEU A 202 9.87 35.49 31.50
CA LEU A 202 9.63 36.59 30.57
C LEU A 202 10.88 37.47 30.50
N LYS A 203 11.46 37.55 29.31
CA LYS A 203 12.63 38.39 29.06
C LYS A 203 12.16 39.75 28.53
N THR A 204 12.16 40.75 29.42
CA THR A 204 11.61 42.06 29.10
C THR A 204 12.53 42.87 28.19
N LYS A 205 11.96 43.92 27.59
CA LYS A 205 12.71 44.85 26.74
C LYS A 205 13.80 45.60 27.52
N SER A 206 13.58 45.73 28.82
CA SER A 206 14.55 46.31 29.76
C SER A 206 15.87 45.54 29.81
N GLY A 207 15.85 44.29 29.37
CA GLY A 207 16.99 43.38 29.50
C GLY A 207 16.79 42.42 30.65
N GLU A 208 15.87 42.78 31.55
CA GLU A 208 15.55 41.99 32.74
C GLU A 208 14.90 40.65 32.40
N GLU A 209 15.02 39.69 33.31
CA GLU A 209 14.45 38.35 33.13
C GLU A 209 13.55 37.97 34.32
N ILE A 210 12.25 38.20 34.17
CA ILE A 210 11.27 37.91 35.22
C ILE A 210 10.91 36.41 35.19
N VAL A 211 11.01 35.76 36.35
CA VAL A 211 10.63 34.35 36.47
C VAL A 211 9.17 34.25 36.92
N LEU A 212 8.37 33.49 36.16
CA LEU A 212 6.95 33.36 36.44
C LEU A 212 6.61 32.05 37.15
N LYS A 213 7.21 30.96 36.68
CA LYS A 213 7.18 29.68 37.40
C LYS A 213 8.62 29.18 37.52
N PRO A 214 9.11 29.03 38.76
CA PRO A 214 10.53 28.75 39.01
C PRO A 214 11.00 27.38 38.55
N GLU A 215 10.16 26.36 38.72
CA GLU A 215 10.53 25.00 38.36
C GLU A 215 9.31 24.12 38.16
N VAL A 216 9.27 23.41 37.04
CA VAL A 216 8.26 22.37 36.82
C VAL A 216 8.92 21.11 36.28
N LYS A 217 8.63 19.98 36.91
CA LYS A 217 9.20 18.68 36.54
C LYS A 217 8.48 18.02 35.36
N LEU A 218 9.19 17.89 34.26
CA LEU A 218 8.66 17.24 33.06
C LEU A 218 9.26 15.85 32.86
N ASP A 219 8.39 14.84 32.76
CA ASP A 219 8.80 13.48 32.40
C ASP A 219 8.91 13.34 30.89
N ALA A 220 9.61 12.31 30.44
CA ALA A 220 9.73 12.01 29.02
C ALA A 220 8.38 11.56 28.46
N GLY A 221 8.14 11.88 27.19
CA GLY A 221 6.90 11.51 26.51
C GLY A 221 5.75 12.49 26.75
N ASP A 222 5.98 13.48 27.60
CA ASP A 222 4.99 14.51 27.90
C ASP A 222 4.84 15.49 26.75
N ILE A 223 3.59 15.81 26.41
CA ILE A 223 3.29 16.84 25.44
C ILE A 223 3.07 18.15 26.20
N ILE A 224 3.76 19.20 25.77
CA ILE A 224 3.60 20.52 26.37
C ILE A 224 3.35 21.58 25.31
N ASP A 225 2.55 22.57 25.66
CA ASP A 225 2.21 23.64 24.74
C ASP A 225 2.65 24.98 25.32
N SER A 226 2.86 25.95 24.43
CA SER A 226 3.04 27.33 24.84
C SER A 226 1.96 28.13 24.13
N MET A 227 0.94 28.51 24.88
CA MET A 227 -0.23 29.19 24.35
C MET A 227 -0.36 30.58 24.92
N TYR A 228 -0.81 31.52 24.10
CA TYR A 228 -1.14 32.86 24.59
C TYR A 228 -2.33 33.52 23.88
N MET A 229 -3.14 34.19 24.68
CA MET A 229 -4.26 35.01 24.21
C MET A 229 -3.77 36.46 24.19
N SER A 230 -3.95 37.14 23.06
CA SER A 230 -3.50 38.53 22.92
C SER A 230 -4.54 39.55 23.38
N LYS A 231 -4.20 40.31 24.42
CA LYS A 231 -5.09 41.34 24.97
C LYS A 231 -5.66 42.25 23.86
N LYS A 232 -4.77 42.77 23.03
CA LYS A 232 -5.14 43.64 21.91
C LYS A 232 -6.13 42.96 20.96
N ALA A 233 -5.85 41.72 20.57
CA ALA A 233 -6.71 40.97 19.65
C ALA A 233 -8.07 40.70 20.26
N LEU A 234 -8.08 40.26 21.51
CA LEU A 234 -9.30 40.02 22.28
C LEU A 234 -10.21 41.25 22.35
N ILE A 235 -9.61 42.41 22.62
CA ILE A 235 -10.35 43.66 22.69
C ILE A 235 -10.90 44.05 21.32
N ALA A 236 -10.06 43.95 20.29
CA ALA A 236 -10.50 44.19 18.91
C ALA A 236 -11.70 43.29 18.55
N PHE A 237 -11.56 42.00 18.88
CA PHE A 237 -12.63 41.03 18.73
C PHE A 237 -13.91 41.50 19.43
N TYR A 238 -13.82 41.82 20.72
CA TYR A 238 -14.98 42.29 21.49
C TYR A 238 -15.65 43.54 20.89
N GLU A 239 -14.85 44.51 20.46
CA GLU A 239 -15.39 45.73 19.89
C GLU A 239 -16.12 45.45 18.58
N GLU A 240 -15.52 44.60 17.76
CA GLU A 240 -16.11 44.18 16.49
C GLU A 240 -17.44 43.45 16.70
N GLN A 241 -17.48 42.54 17.66
CA GLN A 241 -18.63 41.67 17.88
C GLN A 241 -19.78 42.36 18.59
N ILE A 242 -19.48 43.17 19.59
CA ILE A 242 -20.50 43.97 20.27
C ILE A 242 -21.18 44.87 19.24
N GLU A 243 -20.36 45.55 18.45
CA GLU A 243 -20.85 46.39 17.37
C GLU A 243 -21.69 45.59 16.37
N ASP A 244 -21.18 44.43 15.94
CA ASP A 244 -21.91 43.58 15.01
C ASP A 244 -23.26 43.15 15.57
N ALA A 245 -23.28 42.77 16.84
CA ALA A 245 -24.52 42.38 17.50
C ALA A 245 -25.51 43.55 17.53
N TYR A 246 -24.98 44.76 17.74
CA TYR A 246 -25.79 45.97 17.74
C TYR A 246 -26.43 46.23 16.38
N LYS A 247 -25.59 46.40 15.35
CA LYS A 247 -26.03 46.68 13.98
C LYS A 247 -27.08 45.71 13.42
N THR A 248 -26.90 44.43 13.72
CA THR A 248 -27.73 43.39 13.13
C THR A 248 -28.97 43.08 13.96
N GLY A 249 -29.05 43.65 15.16
CA GLY A 249 -30.23 43.50 16.02
C GLY A 249 -30.26 42.25 16.88
N VAL A 250 -29.20 41.44 16.81
CA VAL A 250 -29.13 40.20 17.58
C VAL A 250 -28.51 40.39 18.97
N MET A 251 -29.00 39.60 19.91
CA MET A 251 -28.67 39.72 21.33
C MET A 251 -27.27 39.17 21.67
N PHE A 252 -26.54 39.91 22.51
CA PHE A 252 -25.19 39.51 22.91
C PHE A 252 -25.22 38.57 24.09
N SER A 253 -24.44 37.49 23.99
CA SER A 253 -24.18 36.60 25.14
C SER A 253 -22.73 36.13 25.15
N LEU A 254 -22.26 35.74 26.33
CA LEU A 254 -20.87 35.35 26.53
C LEU A 254 -20.79 34.03 27.28
N HIS A 255 -20.09 33.06 26.70
CA HIS A 255 -20.00 31.72 27.29
C HIS A 255 -18.59 31.31 27.56
N VAL A 256 -18.24 31.18 28.84
CA VAL A 256 -16.93 30.67 29.27
C VAL A 256 -17.06 29.76 30.49
N LYS A 257 -15.93 29.31 31.01
CA LYS A 257 -15.87 28.36 32.10
C LYS A 257 -15.02 28.94 33.25
N ALA A 258 -15.53 29.97 33.90
CA ALA A 258 -14.78 30.74 34.89
C ALA A 258 -14.45 29.99 36.16
N THR A 259 -15.36 29.13 36.61
CA THR A 259 -15.15 28.35 37.83
C THR A 259 -13.90 27.48 37.74
N MET A 260 -13.84 26.65 36.70
CA MET A 260 -12.73 25.70 36.54
C MET A 260 -11.48 26.41 36.01
N MET A 261 -11.62 27.18 34.92
CA MET A 261 -10.52 27.98 34.40
C MET A 261 -10.40 29.25 35.23
N LYS A 262 -9.89 29.09 36.45
CA LYS A 262 -9.91 30.15 37.46
C LYS A 262 -8.98 31.35 37.22
N VAL A 263 -8.12 31.26 36.21
CA VAL A 263 -7.13 32.32 35.97
C VAL A 263 -7.39 33.08 34.67
N SER A 264 -7.52 32.34 33.58
CA SER A 264 -7.66 32.96 32.26
C SER A 264 -9.08 33.49 32.02
N HIS A 265 -10.08 32.68 32.34
CA HIS A 265 -11.45 33.04 31.98
C HIS A 265 -12.02 34.23 32.71
N PRO A 266 -11.64 34.45 33.99
CA PRO A 266 -12.02 35.72 34.62
C PRO A 266 -11.43 36.96 33.89
N ILE A 267 -10.20 36.85 33.40
CA ILE A 267 -9.61 37.92 32.60
C ILE A 267 -10.40 38.13 31.30
N VAL A 268 -10.68 37.02 30.61
CA VAL A 268 -11.43 37.03 29.35
C VAL A 268 -12.84 37.62 29.53
N PHE A 269 -13.53 37.17 30.58
CA PHE A 269 -14.84 37.72 30.95
C PHE A 269 -14.79 39.22 31.25
N GLY A 270 -13.80 39.63 32.04
CA GLY A 270 -13.66 41.00 32.47
C GLY A 270 -13.42 42.00 31.35
N HIS A 271 -12.67 41.59 30.33
CA HIS A 271 -12.45 42.45 29.17
C HIS A 271 -13.69 42.72 28.39
N ALA A 272 -14.60 41.74 28.33
CA ALA A 272 -15.88 41.95 27.65
C ALA A 272 -16.62 43.10 28.32
N VAL A 273 -16.82 42.97 29.63
CA VAL A 273 -17.51 43.97 30.44
C VAL A 273 -16.85 45.35 30.31
N LYS A 274 -15.52 45.36 30.31
CA LYS A 274 -14.75 46.61 30.19
C LYS A 274 -14.98 47.35 28.88
N VAL A 275 -15.03 46.62 27.77
CA VAL A 275 -15.23 47.28 26.47
C VAL A 275 -16.71 47.58 26.22
N PHE A 276 -17.60 46.73 26.75
CA PHE A 276 -19.04 46.92 26.60
C PHE A 276 -19.45 48.26 27.21
N TYR A 277 -18.94 48.51 28.42
CA TYR A 277 -19.25 49.73 29.18
C TYR A 277 -18.10 50.72 29.16
N LYS A 278 -17.33 50.72 28.06
CA LYS A 278 -16.13 51.55 27.95
C LYS A 278 -16.34 53.02 28.32
N ASP A 279 -17.49 53.57 27.94
CA ASP A 279 -17.84 54.96 28.23
C ASP A 279 -17.90 55.22 29.73
N ALA A 280 -18.73 54.43 30.41
CA ALA A 280 -18.89 54.54 31.86
C ALA A 280 -17.56 54.30 32.59
N PHE A 281 -16.85 53.26 32.17
CA PHE A 281 -15.58 52.90 32.80
C PHE A 281 -14.49 53.96 32.66
N ALA A 282 -14.54 54.72 31.56
CA ALA A 282 -13.57 55.78 31.31
C ALA A 282 -13.85 57.02 32.15
N LYS A 283 -15.14 57.30 32.37
CA LYS A 283 -15.56 58.45 33.16
C LYS A 283 -15.19 58.29 34.63
N HIS A 284 -15.38 57.07 35.16
CA HIS A 284 -15.17 56.78 36.58
C HIS A 284 -13.90 56.02 36.82
N GLU A 285 -12.92 56.18 35.93
CA GLU A 285 -11.65 55.47 36.03
C GLU A 285 -10.96 55.66 37.38
N LYS A 286 -10.86 56.92 37.82
CA LYS A 286 -10.17 57.25 39.07
C LYS A 286 -10.85 56.62 40.29
N LEU A 287 -12.17 56.81 40.39
CA LEU A 287 -12.95 56.29 41.51
C LEU A 287 -12.89 54.77 41.57
N PHE A 288 -12.92 54.13 40.40
CA PHE A 288 -12.87 52.68 40.29
C PHE A 288 -11.53 52.12 40.74
N ASP A 289 -10.45 52.79 40.34
CA ASP A 289 -9.10 52.37 40.74
C ASP A 289 -8.93 52.24 42.25
N GLU A 290 -9.33 53.28 42.98
CA GLU A 290 -9.16 53.27 44.44
C GLU A 290 -10.23 52.47 45.17
N LEU A 291 -11.44 52.40 44.60
CA LEU A 291 -12.46 51.48 45.12
C LEU A 291 -12.05 50.03 44.94
N GLY A 292 -11.18 49.78 43.96
CA GLY A 292 -10.61 48.46 43.72
C GLY A 292 -11.52 47.49 43.00
N VAL A 293 -12.36 48.01 42.10
CA VAL A 293 -13.32 47.17 41.37
C VAL A 293 -12.64 46.28 40.34
N ASN A 294 -12.78 44.98 40.53
CA ASN A 294 -12.28 44.02 39.58
C ASN A 294 -13.44 43.32 38.90
N VAL A 295 -13.73 43.77 37.68
CA VAL A 295 -14.91 43.33 36.97
C VAL A 295 -14.69 41.96 36.29
N ASN A 296 -13.49 41.41 36.46
CA ASN A 296 -13.20 40.00 36.16
C ASN A 296 -14.11 39.10 36.99
N ASN A 297 -14.65 39.65 38.07
CA ASN A 297 -15.63 38.98 38.91
C ASN A 297 -17.06 39.35 38.51
N GLY A 298 -17.18 39.99 37.36
CA GLY A 298 -18.47 40.38 36.83
C GLY A 298 -18.92 41.73 37.34
N LEU A 299 -20.07 42.17 36.84
CA LEU A 299 -20.65 43.46 37.18
C LEU A 299 -21.01 43.49 38.66
N SER A 300 -21.37 42.32 39.18
CA SER A 300 -21.60 42.09 40.61
C SER A 300 -20.54 42.68 41.53
N ASP A 301 -19.29 42.68 41.08
CA ASP A 301 -18.19 43.25 41.84
C ASP A 301 -18.32 44.76 41.93
N LEU A 302 -18.57 45.39 40.77
CA LEU A 302 -18.84 46.83 40.71
C LEU A 302 -20.00 47.23 41.62
N TYR A 303 -21.11 46.49 41.54
CA TYR A 303 -22.29 46.79 42.34
C TYR A 303 -22.02 46.68 43.82
N ASP A 304 -21.18 45.72 44.20
CA ASP A 304 -20.77 45.54 45.59
C ASP A 304 -19.96 46.72 46.12
N LYS A 305 -19.08 47.25 45.28
CA LYS A 305 -18.14 48.28 45.69
C LYS A 305 -18.69 49.71 45.59
N ILE A 306 -19.87 49.86 44.98
CA ILE A 306 -20.52 51.17 44.89
C ILE A 306 -21.76 51.31 45.77
N GLU A 307 -22.16 50.21 46.41
CA GLU A 307 -23.34 50.20 47.28
C GLU A 307 -23.20 51.19 48.45
N ALA A 308 -22.02 51.19 49.09
CA ALA A 308 -21.78 52.02 50.28
C ALA A 308 -21.69 53.52 49.97
N LEU A 309 -21.42 53.86 48.71
CA LEU A 309 -21.34 55.26 48.28
C LEU A 309 -22.67 55.99 48.48
N PRO A 310 -22.63 57.34 48.60
CA PRO A 310 -23.86 58.13 48.73
C PRO A 310 -24.76 57.96 47.51
N ALA A 311 -26.08 57.98 47.73
CA ALA A 311 -27.05 57.74 46.66
C ALA A 311 -26.80 58.55 45.38
N SER A 312 -26.49 59.84 45.53
CA SER A 312 -26.21 60.70 44.38
C SER A 312 -25.07 60.18 43.52
N GLN A 313 -23.99 59.73 44.16
CA GLN A 313 -22.84 59.18 43.45
C GLN A 313 -23.18 57.82 42.84
N ARG A 314 -23.89 56.99 43.59
CA ARG A 314 -24.27 55.66 43.14
C ARG A 314 -25.23 55.71 41.93
N GLU A 315 -26.23 56.58 41.99
CA GLU A 315 -27.25 56.66 40.94
C GLU A 315 -26.74 57.27 39.64
N GLU A 316 -25.69 58.08 39.73
CA GLU A 316 -25.05 58.61 38.53
C GLU A 316 -24.24 57.51 37.85
N ILE A 317 -23.63 56.64 38.66
CA ILE A 317 -22.85 55.52 38.14
C ILE A 317 -23.71 54.51 37.37
N ILE A 318 -24.84 54.09 37.94
CA ILE A 318 -25.67 53.12 37.24
C ILE A 318 -26.45 53.73 36.08
N GLU A 319 -26.65 55.05 36.11
CA GLU A 319 -27.22 55.77 34.99
C GLU A 319 -26.26 55.79 33.80
N ASP A 320 -24.98 55.99 34.08
CA ASP A 320 -23.95 55.92 33.04
C ASP A 320 -23.87 54.51 32.44
N LEU A 321 -24.16 53.50 33.26
CA LEU A 321 -24.23 52.11 32.80
C LEU A 321 -25.43 51.90 31.88
N HIS A 322 -26.61 52.39 32.29
CA HIS A 322 -27.82 52.28 31.48
CA HIS A 322 -27.82 52.28 31.48
C HIS A 322 -27.72 53.08 30.21
N LYS A 323 -26.92 54.15 30.26
CA LYS A 323 -26.67 55.00 29.09
C LYS A 323 -25.80 54.29 28.05
N CYS A 324 -24.98 53.34 28.50
CA CYS A 324 -24.14 52.52 27.62
C CYS A 324 -24.94 51.51 26.80
N HIS A 325 -26.21 51.32 27.15
CA HIS A 325 -27.05 50.32 26.51
C HIS A 325 -27.71 50.74 25.22
N GLU A 326 -27.94 52.04 25.06
CA GLU A 326 -28.62 52.55 23.86
C GLU A 326 -27.73 52.53 22.60
N HIS A 327 -26.42 52.41 22.79
CA HIS A 327 -25.48 52.25 21.68
C HIS A 327 -24.97 50.83 21.59
N ARG A 328 -25.55 49.96 22.42
CA ARG A 328 -25.12 48.57 22.56
C ARG A 328 -26.23 47.59 22.19
N PRO A 329 -25.88 46.33 21.87
CA PRO A 329 -26.89 45.31 21.62
C PRO A 329 -27.54 44.87 22.91
N GLU A 330 -28.69 44.20 22.83
CA GLU A 330 -29.32 43.67 24.02
C GLU A 330 -28.42 42.60 24.66
N LEU A 331 -28.41 42.58 26.00
CA LEU A 331 -27.69 41.54 26.74
C LEU A 331 -28.60 40.40 27.11
N ALA A 332 -28.06 39.19 27.08
CA ALA A 332 -28.78 38.01 27.54
C ALA A 332 -28.85 38.03 29.05
N MET A 333 -29.93 37.47 29.60
CA MET A 333 -30.18 37.53 31.04
C MET A 333 -30.11 36.16 31.71
N VAL A 334 -29.67 36.15 32.96
CA VAL A 334 -29.73 34.97 33.81
C VAL A 334 -31.09 34.98 34.51
N ASP A 335 -31.47 36.14 35.02
CA ASP A 335 -32.78 36.33 35.62
C ASP A 335 -33.28 37.72 35.24
N SER A 336 -34.13 37.78 34.22
CA SER A 336 -34.65 39.03 33.70
C SER A 336 -35.52 39.77 34.72
N ALA A 337 -36.35 39.01 35.43
CA ALA A 337 -37.19 39.56 36.50
C ALA A 337 -36.38 40.29 37.56
N LYS A 338 -35.33 39.64 38.06
CA LYS A 338 -34.41 40.22 39.04
C LYS A 338 -33.40 41.18 38.38
N GLY A 339 -33.38 41.19 37.05
CA GLY A 339 -32.46 42.05 36.31
C GLY A 339 -31.01 41.61 36.39
N ILE A 340 -30.77 40.30 36.54
CA ILE A 340 -29.41 39.76 36.58
C ILE A 340 -28.99 39.33 35.16
N SER A 341 -28.05 40.08 34.58
CA SER A 341 -27.61 39.85 33.20
C SER A 341 -26.43 38.87 33.07
N ASN A 342 -26.07 38.58 31.82
CA ASN A 342 -24.94 37.71 31.50
C ASN A 342 -23.64 38.20 32.12
N PHE A 343 -23.54 39.52 32.33
CA PHE A 343 -22.32 40.13 32.85
C PHE A 343 -22.23 40.23 34.37
N HIS A 344 -23.28 39.84 35.08
CA HIS A 344 -23.31 39.95 36.54
C HIS A 344 -22.21 39.18 37.19
N SER A 345 -22.14 37.88 36.90
CA SER A 345 -21.13 37.01 37.48
C SER A 345 -20.66 35.96 36.47
N PRO A 346 -19.33 35.72 36.41
CA PRO A 346 -18.76 34.76 35.47
C PRO A 346 -19.14 33.31 35.79
N SER A 347 -19.75 33.11 36.95
CA SER A 347 -20.15 31.77 37.40
C SER A 347 -21.63 31.47 37.16
N ASP A 348 -22.31 32.40 36.48
CA ASP A 348 -23.74 32.22 36.16
C ASP A 348 -23.93 31.54 34.81
N VAL A 349 -23.13 31.92 33.83
CA VAL A 349 -23.23 31.35 32.49
C VAL A 349 -21.97 30.56 32.18
N ILE A 350 -22.06 29.25 32.36
CA ILE A 350 -20.92 28.34 32.18
C ILE A 350 -21.06 27.60 30.85
N VAL A 351 -20.04 27.72 30.01
CA VAL A 351 -20.06 27.22 28.62
C VAL A 351 -20.66 25.82 28.44
N ASP A 352 -20.20 24.84 29.23
CA ASP A 352 -20.62 23.46 29.05
C ASP A 352 -22.11 23.23 29.27
N ALA A 353 -22.73 24.06 30.10
CA ALA A 353 -24.16 23.93 30.40
C ALA A 353 -25.01 24.89 29.60
N SER A 354 -24.46 26.09 29.38
CA SER A 354 -25.19 27.17 28.74
C SER A 354 -25.43 26.94 27.25
N MET A 355 -24.40 26.47 26.54
CA MET A 355 -24.50 26.26 25.10
C MET A 355 -25.54 25.19 24.73
N PRO A 356 -25.50 24.00 25.36
CA PRO A 356 -26.49 22.98 25.03
C PRO A 356 -27.90 23.42 25.40
N ALA A 357 -28.02 24.23 26.45
CA ALA A 357 -29.30 24.81 26.82
C ALA A 357 -29.80 25.69 25.67
N MET A 358 -28.91 26.55 25.18
CA MET A 358 -29.24 27.46 24.09
C MET A 358 -29.63 26.70 22.84
N ILE A 359 -28.88 25.65 22.53
CA ILE A 359 -29.12 24.84 21.33
C ILE A 359 -30.42 24.05 21.46
N ARG A 360 -30.62 23.41 22.62
CA ARG A 360 -31.84 22.65 22.90
C ARG A 360 -33.10 23.52 22.76
N LEU A 361 -32.97 24.79 23.16
CA LEU A 361 -34.08 25.72 23.17
C LEU A 361 -34.42 26.27 21.78
N GLY A 362 -33.70 25.79 20.77
CA GLY A 362 -33.87 26.26 19.40
C GLY A 362 -32.93 27.41 19.04
N GLY A 363 -31.83 27.52 19.80
CA GLY A 363 -30.85 28.56 19.56
C GLY A 363 -31.21 29.86 20.24
N LYS A 364 -31.69 29.78 21.47
CA LYS A 364 -32.28 30.95 22.13
C LYS A 364 -31.86 31.12 23.59
N MET A 365 -31.80 32.39 24.00
CA MET A 365 -31.58 32.78 25.38
C MET A 365 -32.61 33.85 25.73
N TYR A 366 -32.78 34.11 27.03
CA TYR A 366 -33.80 35.05 27.49
C TYR A 366 -33.34 36.49 27.49
N GLY A 367 -34.20 37.37 27.01
CA GLY A 367 -33.90 38.80 26.94
C GLY A 367 -34.33 39.58 28.17
N ALA A 368 -34.07 40.89 28.12
CA ALA A 368 -34.47 41.81 29.19
C ALA A 368 -35.98 41.76 29.46
N ASP A 369 -36.78 41.61 28.39
CA ASP A 369 -38.24 41.52 28.52
C ASP A 369 -38.73 40.13 28.97
N GLY A 370 -37.80 39.20 29.20
CA GLY A 370 -38.15 37.86 29.65
C GLY A 370 -38.52 36.91 28.53
N ARG A 371 -38.45 37.39 27.29
CA ARG A 371 -38.78 36.59 26.11
C ARG A 371 -37.54 35.93 25.50
N THR A 372 -37.74 34.75 24.92
CA THR A 372 -36.65 34.03 24.24
C THR A 372 -36.27 34.74 22.94
N LYS A 373 -34.96 34.86 22.68
CA LYS A 373 -34.45 35.56 21.50
C LYS A 373 -33.21 34.89 20.93
N ASP A 374 -33.01 35.05 19.63
CA ASP A 374 -31.77 34.64 18.95
C ASP A 374 -30.55 35.33 19.57
N THR A 375 -29.41 34.63 19.59
CA THR A 375 -28.22 35.18 20.22
C THR A 375 -26.92 35.04 19.45
N LYS A 376 -26.02 36.00 19.63
CA LYS A 376 -24.63 35.83 19.23
C LYS A 376 -23.94 35.25 20.44
N ALA A 377 -23.75 33.93 20.44
CA ALA A 377 -23.10 33.27 21.56
C ALA A 377 -21.59 33.42 21.42
N VAL A 378 -21.02 34.37 22.18
CA VAL A 378 -19.61 34.71 22.03
C VAL A 378 -18.74 33.74 22.83
N ASN A 379 -17.95 32.96 22.10
CA ASN A 379 -16.98 32.04 22.69
C ASN A 379 -15.62 32.47 22.16
N PRO A 380 -14.94 33.36 22.90
CA PRO A 380 -13.75 34.02 22.36
C PRO A 380 -12.68 33.05 21.84
N GLU A 381 -12.32 32.04 22.65
CA GLU A 381 -11.29 31.09 22.26
C GLU A 381 -11.81 30.05 21.26
N SER A 382 -11.16 30.00 20.10
CA SER A 382 -11.64 29.17 18.98
C SER A 382 -11.32 27.68 19.12
N THR A 383 -10.34 27.34 19.95
CA THR A 383 -9.88 25.96 20.06
C THR A 383 -11.04 24.95 20.16
N PHE A 384 -11.96 25.18 21.08
CA PHE A 384 -13.01 24.20 21.38
C PHE A 384 -14.43 24.68 21.07
N SER A 385 -14.55 25.82 20.40
CA SER A 385 -15.86 26.43 20.19
C SER A 385 -16.42 26.21 18.79
N ARG A 386 -15.53 26.04 17.82
CA ARG A 386 -15.88 25.84 16.40
C ARG A 386 -16.81 24.64 16.21
N MET A 387 -16.58 23.61 16.99
CA MET A 387 -17.47 22.45 17.09
C MET A 387 -18.94 22.84 17.31
N TYR A 388 -19.19 23.86 18.14
CA TYR A 388 -20.55 24.33 18.40
C TYR A 388 -21.22 24.96 17.17
N GLN A 389 -20.44 25.73 16.41
CA GLN A 389 -20.97 26.43 15.22
C GLN A 389 -21.47 25.45 14.17
N GLU A 390 -20.81 24.30 14.06
CA GLU A 390 -21.22 23.24 13.15
C GLU A 390 -22.59 22.67 13.48
N MET A 391 -22.82 22.40 14.76
CA MET A 391 -24.11 21.89 15.21
C MET A 391 -25.23 22.90 14.93
N ILE A 392 -24.93 24.18 15.12
CA ILE A 392 -25.88 25.26 14.82
C ILE A 392 -26.21 25.24 13.33
N ASN A 393 -25.17 25.31 12.50
CA ASN A 393 -25.33 25.24 11.05
C ASN A 393 -26.10 24.00 10.60
N PHE A 394 -25.82 22.87 11.25
CA PHE A 394 -26.52 21.62 10.97
C PHE A 394 -28.00 21.70 11.34
N CYS A 395 -28.29 22.33 12.48
CA CYS A 395 -29.69 22.49 12.92
C CYS A 395 -30.46 23.47 12.06
N LYS A 396 -29.76 24.47 11.52
CA LYS A 396 -30.39 25.47 10.68
C LYS A 396 -30.91 24.90 9.36
N THR A 397 -30.33 23.78 8.91
CA THR A 397 -30.85 23.12 7.71
C THR A 397 -31.74 21.91 8.02
N HIS A 398 -31.36 21.14 9.04
CA HIS A 398 -32.07 19.89 9.32
C HIS A 398 -33.21 20.00 10.31
N GLY A 399 -33.33 21.17 10.93
CA GLY A 399 -34.29 21.35 12.02
C GLY A 399 -33.70 20.85 13.32
N GLN A 400 -34.52 20.87 14.37
CA GLN A 400 -34.11 20.38 15.68
C GLN A 400 -33.98 18.86 15.69
N PHE A 401 -33.14 18.35 16.58
CA PHE A 401 -32.94 16.91 16.76
C PHE A 401 -34.19 16.24 17.27
N ASP A 402 -34.42 15.02 16.80
CA ASP A 402 -35.56 14.22 17.23
C ASP A 402 -35.08 13.13 18.18
N PRO A 403 -35.31 13.35 19.49
CA PRO A 403 -34.87 12.42 20.53
C PRO A 403 -35.42 11.01 20.37
N THR A 404 -36.53 10.87 19.66
CA THR A 404 -37.19 9.57 19.48
C THR A 404 -36.58 8.72 18.37
N THR A 405 -35.71 9.32 17.55
CA THR A 405 -35.08 8.61 16.44
C THR A 405 -33.56 8.68 16.43
N MET A 406 -33.01 9.72 17.05
CA MET A 406 -31.57 9.97 16.99
C MET A 406 -30.68 8.91 17.66
N GLY A 407 -29.44 8.82 17.19
CA GLY A 407 -28.44 7.93 17.77
C GLY A 407 -27.86 8.44 19.08
N THR A 408 -26.80 7.81 19.55
CA THR A 408 -26.11 8.26 20.77
C THR A 408 -24.66 8.59 20.46
N VAL A 409 -24.11 9.53 21.22
CA VAL A 409 -22.70 9.85 21.14
C VAL A 409 -22.05 9.67 22.51
N PRO A 410 -21.49 8.48 22.76
CA PRO A 410 -20.66 8.26 23.94
C PRO A 410 -19.33 9.00 23.80
N ASN A 411 -18.69 9.26 24.94
CA ASN A 411 -17.41 9.94 24.95
C ASN A 411 -16.34 9.12 25.68
N VAL A 412 -15.16 9.10 25.10
CA VAL A 412 -13.97 8.57 25.77
C VAL A 412 -12.99 9.73 25.84
N GLY A 413 -12.85 10.30 27.04
CA GLY A 413 -12.09 11.53 27.20
C GLY A 413 -10.78 11.36 27.94
N LEU A 414 -9.74 12.01 27.41
CA LEU A 414 -8.42 12.05 28.00
C LEU A 414 -8.40 13.08 29.12
N MET A 415 -8.35 12.62 30.36
CA MET A 415 -8.43 13.52 31.51
C MET A 415 -7.52 13.18 32.69
N ALA A 416 -6.86 12.02 32.64
CA ALA A 416 -6.03 11.52 33.75
C ALA A 416 -4.85 12.44 34.08
N GLN A 417 -4.54 12.52 35.37
CA GLN A 417 -3.38 13.26 35.88
C GLN A 417 -3.32 14.71 35.40
N LYS A 418 -4.42 15.43 35.62
CA LYS A 418 -4.56 16.85 35.28
C LYS A 418 -4.24 17.14 33.82
N ALA A 419 -4.78 16.32 32.93
CA ALA A 419 -4.48 16.39 31.50
C ALA A 419 -4.82 17.74 30.87
N GLU A 420 -3.87 18.24 30.08
CA GLU A 420 -4.06 19.44 29.24
C GLU A 420 -4.43 20.69 30.07
N GLU A 421 -5.49 21.39 29.66
CA GLU A 421 -5.87 22.67 30.30
C GLU A 421 -6.28 22.58 31.77
N TYR A 422 -6.80 21.42 32.18
CA TYR A 422 -7.25 21.21 33.55
C TYR A 422 -6.14 21.24 34.59
N GLY A 423 -4.89 21.33 34.12
CA GLY A 423 -3.73 21.34 35.00
C GLY A 423 -2.85 22.55 34.85
N SER A 424 -3.26 23.48 33.99
CA SER A 424 -2.44 24.64 33.65
C SER A 424 -2.78 25.92 34.44
N HIS A 425 -3.56 25.79 35.51
CA HIS A 425 -3.95 26.95 36.32
C HIS A 425 -2.78 27.55 37.04
N ASP A 426 -2.04 26.70 37.75
CA ASP A 426 -0.80 27.14 38.41
C ASP A 426 0.31 27.44 37.42
N LYS A 427 -0.01 27.34 36.13
CA LYS A 427 0.96 27.59 35.06
C LYS A 427 0.44 28.59 34.01
N THR A 428 -0.51 29.43 34.42
CA THR A 428 -1.05 30.51 33.58
C THR A 428 -0.65 31.85 34.20
N PHE A 429 -0.30 32.82 33.36
CA PHE A 429 0.11 34.14 33.84
C PHE A 429 -0.35 35.28 32.95
N GLU A 430 -0.83 36.34 33.59
CA GLU A 430 -1.13 37.59 32.90
C GLU A 430 0.18 38.37 32.79
N ILE A 431 0.64 38.54 31.55
CA ILE A 431 1.96 39.13 31.28
C ILE A 431 2.09 40.57 31.79
N PRO A 432 3.09 40.82 32.66
CA PRO A 432 3.33 42.12 33.31
C PRO A 432 3.79 43.22 32.36
N GLU A 433 4.56 42.87 31.34
CA GLU A 433 5.05 43.83 30.35
C GLU A 433 5.52 43.16 29.06
N ASP A 434 5.63 43.95 27.99
CA ASP A 434 6.08 43.47 26.68
C ASP A 434 7.42 42.74 26.78
N GLY A 435 7.54 41.64 26.05
CA GLY A 435 8.77 40.87 26.04
C GLY A 435 8.66 39.54 25.33
N VAL A 436 9.63 38.68 25.58
CA VAL A 436 9.67 37.36 24.96
C VAL A 436 9.56 36.29 26.05
N ALA A 437 8.55 35.44 25.92
CA ALA A 437 8.25 34.42 26.90
C ALA A 437 8.78 33.05 26.46
N ASP A 438 9.84 32.62 27.13
CA ASP A 438 10.47 31.34 26.82
C ASP A 438 10.21 30.34 27.95
N ILE A 439 10.05 29.08 27.58
CA ILE A 439 10.13 28.01 28.57
C ILE A 439 11.52 27.38 28.42
N VAL A 440 12.29 27.37 29.52
CA VAL A 440 13.71 27.06 29.47
C VAL A 440 14.07 25.88 30.38
N ASP A 441 14.96 25.01 29.88
CA ASP A 441 15.55 23.93 30.67
C ASP A 441 16.52 24.53 31.70
N ILE A 442 16.31 24.21 32.98
CA ILE A 442 17.11 24.76 34.07
C ILE A 442 18.56 24.22 34.07
N ASP A 443 18.72 22.95 33.72
CA ASP A 443 20.03 22.30 33.65
C ASP A 443 20.80 22.67 32.37
N THR A 444 20.16 22.47 31.23
CA THR A 444 20.78 22.66 29.92
C THR A 444 20.29 23.94 29.25
N GLY A 445 21.14 24.57 28.45
CA GLY A 445 20.76 25.74 27.63
C GLY A 445 19.67 26.58 28.29
N GLU A 446 18.45 26.61 27.74
CA GLU A 446 18.05 26.09 26.43
C GLU A 446 16.56 26.39 26.29
N VAL A 447 16.20 27.26 25.34
CA VAL A 447 14.81 27.62 25.14
C VAL A 447 14.07 26.52 24.36
N LEU A 448 13.14 25.88 25.04
CA LEU A 448 12.38 24.78 24.46
C LEU A 448 11.30 25.30 23.52
N LEU A 449 10.54 26.31 23.97
CA LEU A 449 9.52 26.95 23.15
C LEU A 449 9.51 28.45 23.40
N THR A 450 9.68 29.22 22.33
CA THR A 450 9.71 30.68 22.41
C THR A 450 8.40 31.30 21.92
N GLN A 451 8.08 32.47 22.44
CA GLN A 451 6.81 33.12 22.16
C GLN A 451 6.93 34.62 22.39
N ASN A 452 6.27 35.42 21.57
CA ASN A 452 6.34 36.88 21.67
C ASN A 452 5.05 37.48 22.22
N VAL A 453 5.10 37.89 23.48
CA VAL A 453 3.91 38.34 24.20
C VAL A 453 3.90 39.84 24.46
N GLU A 454 2.74 40.36 24.86
CA GLU A 454 2.57 41.78 25.17
C GLU A 454 1.89 41.96 26.51
N GLU A 455 2.04 43.15 27.10
CA GLU A 455 1.41 43.46 28.38
C GLU A 455 -0.09 43.12 28.37
N GLY A 456 -0.53 42.35 29.35
CA GLY A 456 -1.94 42.02 29.49
C GLY A 456 -2.34 40.67 28.90
N ASP A 457 -1.48 40.12 28.03
CA ASP A 457 -1.72 38.82 27.40
C ASP A 457 -1.80 37.70 28.43
N ILE A 458 -2.55 36.66 28.11
CA ILE A 458 -2.62 35.47 28.95
C ILE A 458 -1.72 34.40 28.35
N TRP A 459 -0.70 34.00 29.10
CA TRP A 459 0.26 32.99 28.65
C TRP A 459 0.24 31.79 29.55
N ARG A 460 0.24 30.60 28.95
CA ARG A 460 0.18 29.35 29.73
C ARG A 460 0.84 28.14 29.07
N MET A 461 1.29 27.21 29.90
CA MET A 461 1.92 25.97 29.46
C MET A 461 1.22 24.75 30.08
N PRO A 462 0.28 24.14 29.35
CA PRO A 462 -0.40 22.93 29.79
C PRO A 462 0.40 21.67 29.44
N ILE A 463 0.28 20.65 30.28
CA ILE A 463 0.98 19.38 30.08
C ILE A 463 -0.02 18.23 29.94
N VAL A 464 0.33 17.24 29.13
CA VAL A 464 -0.39 15.96 29.13
C VAL A 464 0.64 14.84 29.10
N LYS A 465 0.46 13.85 29.98
CA LYS A 465 1.48 12.83 30.19
C LYS A 465 1.26 11.58 29.36
N ASP A 466 2.35 10.89 29.03
CA ASP A 466 2.33 9.72 28.16
C ASP A 466 1.49 8.56 28.69
N ALA A 467 1.57 8.32 29.99
CA ALA A 467 0.79 7.25 30.62
C ALA A 467 -0.72 7.43 30.44
N PRO A 468 -1.28 8.63 30.76
CA PRO A 468 -2.70 8.89 30.54
C PRO A 468 -3.15 8.69 29.09
N ILE A 469 -2.31 9.11 28.14
CA ILE A 469 -2.58 8.98 26.72
C ILE A 469 -2.70 7.51 26.28
N ARG A 470 -1.74 6.68 26.69
CA ARG A 470 -1.77 5.25 26.36
C ARG A 470 -3.03 4.59 26.90
N ASP A 471 -3.39 4.92 28.16
CA ASP A 471 -4.61 4.43 28.79
C ASP A 471 -5.85 4.90 28.02
N TRP A 472 -5.80 6.13 27.53
CA TRP A 472 -6.86 6.75 26.76
C TRP A 472 -7.16 5.98 25.49
N VAL A 473 -6.13 5.74 24.68
CA VAL A 473 -6.26 4.96 23.43
C VAL A 473 -6.80 3.56 23.71
N LYS A 474 -6.28 2.92 24.75
CA LYS A 474 -6.74 1.59 25.18
C LYS A 474 -8.23 1.58 25.51
N LEU A 475 -8.68 2.57 26.27
CA LEU A 475 -10.10 2.71 26.63
C LEU A 475 -11.00 2.90 25.41
N ALA A 476 -10.50 3.64 24.42
CA ALA A 476 -11.21 3.83 23.15
C ALA A 476 -11.37 2.52 22.40
N VAL A 477 -10.28 1.76 22.29
CA VAL A 477 -10.27 0.45 21.64
C VAL A 477 -11.18 -0.53 22.40
N THR A 478 -11.13 -0.46 23.74
CA THR A 478 -11.98 -1.29 24.60
C THR A 478 -13.47 -0.99 24.38
N ARG A 479 -13.80 0.29 24.26
CA ARG A 479 -15.18 0.72 24.08
C ARG A 479 -15.74 0.43 22.68
N ALA A 480 -14.87 0.43 21.68
CA ALA A 480 -15.26 0.02 20.32
C ALA A 480 -15.61 -1.47 20.28
N ARG A 481 -14.70 -2.31 20.77
CA ARG A 481 -14.87 -3.76 20.82
C ARG A 481 -16.12 -4.20 21.59
N LEU A 482 -16.40 -3.51 22.69
CA LEU A 482 -17.45 -3.92 23.62
C LEU A 482 -18.85 -3.52 23.15
N SER A 483 -18.94 -2.42 22.41
CA SER A 483 -20.23 -1.83 22.04
C SER A 483 -20.57 -2.04 20.58
N GLY A 484 -19.56 -2.25 19.75
CA GLY A 484 -19.74 -2.39 18.32
C GLY A 484 -19.85 -1.06 17.60
N MET A 485 -19.72 0.03 18.37
CA MET A 485 -19.81 1.38 17.80
C MET A 485 -18.45 1.84 17.27
N PRO A 486 -18.45 2.55 16.13
CA PRO A 486 -17.20 3.11 15.61
C PRO A 486 -16.72 4.26 16.49
N VAL A 487 -15.42 4.55 16.44
CA VAL A 487 -14.88 5.69 17.21
C VAL A 487 -14.19 6.69 16.29
N VAL A 488 -14.30 7.96 16.64
CA VAL A 488 -13.60 9.02 15.93
C VAL A 488 -12.77 9.82 16.92
N PHE A 489 -11.49 9.97 16.63
CA PHE A 489 -10.60 10.79 17.43
C PHE A 489 -10.65 12.22 16.88
N TRP A 490 -11.16 13.15 17.68
CA TRP A 490 -11.26 14.54 17.27
C TRP A 490 -9.94 15.22 17.50
N LEU A 491 -9.10 15.24 16.47
CA LEU A 491 -7.83 15.92 16.54
C LEU A 491 -7.58 16.73 15.27
N ASP A 492 -7.27 18.00 15.44
CA ASP A 492 -6.99 18.89 14.32
C ASP A 492 -5.62 18.62 13.73
N THR A 493 -5.48 18.87 12.44
CA THR A 493 -4.20 18.89 11.78
C THR A 493 -3.54 20.25 11.99
N GLU A 494 -4.37 21.27 12.12
CA GLU A 494 -3.91 22.65 12.16
C GLU A 494 -3.65 23.18 13.56
N ARG A 495 -3.75 22.29 14.55
CA ARG A 495 -3.43 22.64 15.93
C ARG A 495 -2.28 21.76 16.43
N PRO A 496 -1.08 22.36 16.63
CA PRO A 496 0.13 21.69 17.09
C PRO A 496 -0.09 20.63 18.17
N HIS A 497 -0.77 21.00 19.27
CA HIS A 497 -1.06 20.06 20.36
C HIS A 497 -1.72 18.82 19.84
N GLU A 498 -2.69 19.01 18.95
CA GLU A 498 -3.49 17.90 18.47
C GLU A 498 -2.76 17.01 17.46
N VAL A 499 -1.83 17.59 16.69
CA VAL A 499 -0.97 16.78 15.81
C VAL A 499 -0.01 15.92 16.63
N GLU A 500 0.51 16.48 17.73
CA GLU A 500 1.35 15.72 18.66
C GLU A 500 0.57 14.54 19.26
N LEU A 501 -0.68 14.78 19.61
CA LEU A 501 -1.58 13.73 20.09
C LEU A 501 -1.85 12.72 19.00
N ARG A 502 -1.93 13.18 17.75
CA ARG A 502 -2.18 12.32 16.62
C ARG A 502 -1.02 11.33 16.43
N LYS A 503 0.22 11.83 16.55
CA LYS A 503 1.41 10.99 16.50
C LYS A 503 1.36 9.84 17.51
N LYS A 504 0.92 10.16 18.73
CA LYS A 504 0.77 9.15 19.76
C LYS A 504 -0.37 8.18 19.46
N VAL A 505 -1.50 8.69 18.95
CA VAL A 505 -2.66 7.84 18.68
C VAL A 505 -2.38 6.87 17.54
N LYS A 506 -1.72 7.36 16.50
CA LYS A 506 -1.32 6.53 15.36
C LYS A 506 -0.52 5.34 15.84
N GLU A 507 0.54 5.62 16.62
CA GLU A 507 1.43 4.61 17.15
C GLU A 507 0.73 3.61 18.08
N TYR A 508 0.10 4.10 19.13
CA TYR A 508 -0.45 3.24 20.18
C TYR A 508 -1.67 2.42 19.74
N LEU A 509 -2.33 2.83 18.66
CA LEU A 509 -3.41 2.04 18.08
C LEU A 509 -2.91 0.70 17.56
N LYS A 510 -1.65 0.68 17.13
CA LYS A 510 -0.99 -0.53 16.65
C LYS A 510 -0.70 -1.55 17.77
N ASP A 511 -0.69 -1.08 19.02
CA ASP A 511 -0.48 -1.94 20.18
C ASP A 511 -1.72 -2.75 20.57
N HIS A 512 -2.79 -2.66 19.77
CA HIS A 512 -4.06 -3.31 20.09
C HIS A 512 -4.69 -4.07 18.95
N ASP A 513 -5.61 -4.97 19.29
CA ASP A 513 -6.35 -5.75 18.30
C ASP A 513 -7.54 -4.94 17.79
N THR A 514 -7.33 -4.27 16.66
CA THR A 514 -8.33 -3.34 16.11
C THR A 514 -9.00 -3.86 14.84
N GLU A 515 -8.99 -5.18 14.66
CA GLU A 515 -9.37 -5.80 13.39
C GLU A 515 -10.84 -5.62 12.97
N GLY A 516 -11.77 -5.91 13.87
CA GLY A 516 -13.19 -5.77 13.56
C GLY A 516 -13.77 -4.45 13.98
N LEU A 517 -12.92 -3.43 14.03
CA LEU A 517 -13.27 -2.13 14.59
C LEU A 517 -13.08 -1.00 13.59
N LYS A 518 -14.02 -0.06 13.60
CA LYS A 518 -13.96 1.12 12.75
C LYS A 518 -13.41 2.31 13.54
N ILE A 519 -12.13 2.62 13.32
CA ILE A 519 -11.42 3.67 14.05
C ILE A 519 -10.72 4.63 13.10
N GLN A 520 -11.15 5.89 13.12
CA GLN A 520 -10.54 6.91 12.27
C GLN A 520 -10.29 8.21 13.03
N ILE A 521 -9.44 9.07 12.47
CA ILE A 521 -9.09 10.33 13.10
C ILE A 521 -9.44 11.50 12.19
N MET A 522 -10.41 12.31 12.64
CA MET A 522 -10.85 13.48 11.90
C MET A 522 -10.64 14.73 12.74
N PRO A 523 -10.44 15.90 12.09
CA PRO A 523 -10.42 17.16 12.83
C PRO A 523 -11.76 17.43 13.53
N GLN A 524 -11.73 18.29 14.55
CA GLN A 524 -12.92 18.62 15.35
C GLN A 524 -14.18 18.82 14.53
N VAL A 525 -14.15 19.84 13.67
CA VAL A 525 -15.32 20.25 12.90
C VAL A 525 -15.82 19.12 11.98
N TRP A 526 -14.90 18.44 11.29
CA TRP A 526 -15.23 17.26 10.49
C TRP A 526 -15.85 16.15 11.30
N ALA A 527 -15.30 15.90 12.48
CA ALA A 527 -15.77 14.84 13.35
C ALA A 527 -17.19 15.10 13.84
N MET A 528 -17.45 16.36 14.21
CA MET A 528 -18.78 16.79 14.64
C MET A 528 -19.81 16.61 13.52
N ARG A 529 -19.43 16.97 12.30
CA ARG A 529 -20.30 16.82 11.16
C ARG A 529 -20.62 15.34 10.92
N TYR A 530 -19.58 14.52 10.85
CA TYR A 530 -19.71 13.08 10.69
C TYR A 530 -20.62 12.47 11.75
N THR A 531 -20.43 12.92 13.00
CA THR A 531 -21.20 12.41 14.12
C THR A 531 -22.66 12.79 14.00
N LEU A 532 -22.92 13.99 13.47
CA LEU A 532 -24.28 14.48 13.28
C LEU A 532 -25.01 13.76 12.15
N GLU A 533 -24.39 13.65 10.98
CA GLU A 533 -24.96 12.89 9.87
C GLU A 533 -25.37 11.48 10.31
N ARG A 534 -24.53 10.86 11.14
CA ARG A 534 -24.80 9.53 11.67
C ARG A 534 -25.95 9.52 12.68
N VAL A 535 -25.91 10.43 13.66
CA VAL A 535 -26.92 10.40 14.73
C VAL A 535 -28.30 10.83 14.25
N VAL A 536 -28.36 11.69 13.25
CA VAL A 536 -29.63 12.20 12.76
C VAL A 536 -30.42 11.10 12.05
N ARG A 537 -29.71 10.09 11.53
CA ARG A 537 -30.37 8.90 10.98
C ARG A 537 -30.17 7.63 11.85
N GLY A 538 -30.20 7.82 13.16
CA GLY A 538 -30.34 6.70 14.12
C GLY A 538 -29.12 5.86 14.41
N LYS A 539 -27.95 6.30 13.97
CA LYS A 539 -26.70 5.55 14.17
C LYS A 539 -25.86 6.14 15.30
N ASP A 540 -25.04 5.29 15.92
CA ASP A 540 -24.21 5.71 17.07
C ASP A 540 -22.74 5.87 16.69
N THR A 541 -22.05 6.75 17.42
CA THR A 541 -20.63 7.06 17.17
C THR A 541 -19.96 7.37 18.50
N ILE A 542 -18.79 6.78 18.75
CA ILE A 542 -18.02 7.12 19.94
C ILE A 542 -17.09 8.27 19.61
N ALA A 543 -16.98 9.23 20.53
CA ALA A 543 -16.08 10.36 20.38
C ALA A 543 -14.91 10.24 21.34
N ALA A 544 -13.71 10.07 20.79
CA ALA A 544 -12.49 10.07 21.59
C ALA A 544 -11.85 11.45 21.51
N THR A 545 -11.91 12.17 22.62
CA THR A 545 -11.56 13.60 22.63
C THR A 545 -10.64 13.97 23.79
N GLY A 546 -10.03 15.14 23.70
CA GLY A 546 -9.24 15.69 24.79
C GLY A 546 -10.08 16.04 26.02
N ASN A 547 -9.44 16.65 27.01
CA ASN A 547 -10.08 16.93 28.29
C ASN A 547 -11.28 17.88 28.17
N ILE A 548 -11.08 19.03 27.53
CA ILE A 548 -12.12 20.04 27.45
C ILE A 548 -13.29 19.61 26.55
N LEU A 549 -12.98 18.96 25.44
CA LEU A 549 -14.03 18.41 24.58
C LEU A 549 -14.83 17.33 25.29
N ARG A 550 -14.17 16.59 26.18
CA ARG A 550 -14.84 15.59 27.02
C ARG A 550 -15.94 16.25 27.82
N ASP A 551 -15.57 17.36 28.47
CA ASP A 551 -16.48 18.19 29.25
C ASP A 551 -17.67 18.68 28.41
N TYR A 552 -17.36 19.34 27.29
CA TYR A 552 -18.38 19.94 26.44
C TYR A 552 -19.34 18.90 25.89
N LEU A 553 -18.81 17.88 25.22
CA LEU A 553 -19.63 16.91 24.49
C LEU A 553 -20.52 16.05 25.37
N THR A 554 -20.06 15.76 26.60
CA THR A 554 -20.82 14.93 27.52
C THR A 554 -21.95 15.71 28.16
N ASP A 555 -21.97 17.01 27.95
CA ASP A 555 -23.13 17.83 28.28
C ASP A 555 -24.01 17.98 27.04
N LEU A 556 -23.39 18.28 25.90
CA LEU A 556 -24.09 18.58 24.67
C LEU A 556 -25.06 17.48 24.25
N PHE A 557 -24.54 16.29 23.94
CA PHE A 557 -25.35 15.22 23.40
C PHE A 557 -26.38 14.60 24.36
N PRO A 558 -26.02 14.47 25.66
CA PRO A 558 -27.03 14.01 26.63
C PRO A 558 -28.21 14.98 26.80
N ILE A 559 -27.94 16.29 26.79
CA ILE A 559 -29.01 17.28 26.85
C ILE A 559 -29.95 17.07 25.66
N LEU A 560 -29.37 16.91 24.48
CA LEU A 560 -30.15 16.71 23.26
C LEU A 560 -30.91 15.39 23.28
N GLU A 561 -30.21 14.31 23.61
CA GLU A 561 -30.78 12.96 23.62
C GLU A 561 -31.77 12.72 24.76
N LEU A 562 -31.50 13.30 25.93
CA LEU A 562 -32.23 12.94 27.15
C LEU A 562 -32.86 14.13 27.88
N GLY A 563 -32.42 15.34 27.56
CA GLY A 563 -32.89 16.54 28.25
C GLY A 563 -32.17 16.83 29.57
N THR A 564 -31.17 16.00 29.90
CA THR A 564 -30.39 16.14 31.12
C THR A 564 -29.09 15.33 31.02
N SER A 565 -28.03 15.82 31.66
CA SER A 565 -26.79 15.07 31.73
C SER A 565 -26.70 14.27 33.04
N ALA A 566 -27.77 14.33 33.84
CA ALA A 566 -27.80 13.71 35.16
C ALA A 566 -28.39 12.30 35.17
N LYS A 567 -28.50 11.68 34.01
CA LYS A 567 -29.02 10.34 33.88
C LYS A 567 -28.09 9.46 33.06
N MET A 568 -26.85 9.30 33.51
CA MET A 568 -25.88 8.53 32.74
C MET A 568 -24.66 8.00 33.50
N LEU A 569 -23.95 7.07 32.87
CA LEU A 569 -22.73 6.50 33.42
C LEU A 569 -21.55 7.41 33.16
N SER A 570 -20.78 7.65 34.21
CA SER A 570 -19.49 8.29 34.09
C SER A 570 -18.50 7.41 34.85
N ILE A 571 -17.74 6.64 34.09
CA ILE A 571 -16.84 5.65 34.67
C ILE A 571 -15.39 6.07 34.44
N VAL A 572 -14.60 6.03 35.52
CA VAL A 572 -13.19 6.34 35.46
C VAL A 572 -12.41 5.08 35.83
N PRO A 573 -11.99 4.28 34.83
CA PRO A 573 -11.07 3.19 35.12
C PRO A 573 -9.73 3.75 35.57
N LEU A 574 -9.48 3.66 36.88
CA LEU A 574 -8.26 4.17 37.49
C LEU A 574 -7.04 3.40 36.99
N MET A 575 -5.98 4.15 36.69
CA MET A 575 -4.80 3.61 36.03
C MET A 575 -4.11 2.49 36.80
N ALA A 576 -4.11 2.61 38.13
CA ALA A 576 -3.49 1.61 39.00
C ALA A 576 -4.31 0.32 39.14
N GLY A 577 -5.46 0.26 38.47
CA GLY A 577 -6.28 -0.98 38.46
C GLY A 577 -7.67 -0.85 39.05
N GLY A 578 -7.88 0.16 39.90
CA GLY A 578 -9.19 0.40 40.50
C GLY A 578 -10.19 1.07 39.57
N GLY A 579 -11.28 1.57 40.16
CA GLY A 579 -12.32 2.25 39.41
C GLY A 579 -12.99 3.34 40.22
N LEU A 580 -13.27 4.47 39.56
CA LEU A 580 -14.00 5.59 40.15
C LEU A 580 -15.28 5.82 39.37
N TYR A 581 -16.38 5.99 40.09
CA TYR A 581 -17.70 6.06 39.45
C TYR A 581 -18.43 7.34 39.85
N GLU A 582 -18.36 8.35 38.97
CA GLU A 582 -19.05 9.63 39.18
C GLU A 582 -20.53 9.45 38.85
N THR A 583 -21.38 9.72 39.83
CA THR A 583 -22.82 9.52 39.68
C THR A 583 -23.49 10.64 38.88
N GLY A 584 -22.89 11.83 38.92
CA GLY A 584 -23.40 12.99 38.20
C GLY A 584 -22.29 13.93 37.79
N ALA A 585 -22.55 14.75 36.77
CA ALA A 585 -21.57 15.70 36.25
C ALA A 585 -21.93 17.13 36.59
N GLY A 586 -23.04 17.32 37.29
CA GLY A 586 -23.56 18.66 37.55
C GLY A 586 -23.41 19.13 38.98
N GLY A 587 -24.40 19.91 39.43
CA GLY A 587 -24.38 20.49 40.76
C GLY A 587 -25.00 19.58 41.81
N SER A 588 -24.84 19.99 43.06
CA SER A 588 -25.49 19.33 44.18
C SER A 588 -26.87 19.92 44.45
N ALA A 589 -27.34 20.74 43.50
CA ALA A 589 -28.71 21.28 43.46
C ALA A 589 -29.21 21.92 44.76
N PRO A 590 -28.79 23.17 45.05
CA PRO A 590 -29.28 23.89 46.23
C PRO A 590 -30.81 24.05 46.24
N LYS A 591 -31.39 24.33 45.08
CA LYS A 591 -32.85 24.48 44.96
C LYS A 591 -33.64 23.23 45.38
N HIS A 592 -33.04 22.04 45.19
CA HIS A 592 -33.65 20.79 45.65
C HIS A 592 -33.69 20.73 47.15
N VAL A 593 -32.60 21.16 47.78
CA VAL A 593 -32.49 21.22 49.24
C VAL A 593 -33.48 22.22 49.79
N HIS A 594 -33.59 23.36 49.11
CA HIS A 594 -34.55 24.41 49.42
C HIS A 594 -35.94 23.85 49.56
N GLN A 595 -36.34 23.01 48.61
CA GLN A 595 -37.69 22.41 48.60
C GLN A 595 -37.87 21.37 49.71
N LEU A 596 -36.81 20.62 49.99
CA LEU A 596 -36.87 19.59 51.03
C LEU A 596 -37.12 20.20 52.41
N VAL A 597 -36.30 21.16 52.83
CA VAL A 597 -36.40 21.73 54.18
C VAL A 597 -37.70 22.51 54.38
N GLU A 598 -38.25 23.05 53.30
CA GLU A 598 -39.45 23.86 53.35
C GLU A 598 -40.76 23.09 53.22
N GLU A 599 -40.80 22.14 52.28
CA GLU A 599 -42.04 21.40 51.99
C GLU A 599 -41.88 19.88 52.19
N ASN A 600 -40.74 19.48 52.75
CA ASN A 600 -40.37 18.06 52.93
C ASN A 600 -40.55 17.22 51.67
N HIS A 601 -40.04 17.73 50.55
CA HIS A 601 -40.05 17.01 49.30
C HIS A 601 -38.76 17.21 48.58
N LEU A 602 -38.00 16.12 48.41
CA LEU A 602 -36.74 16.17 47.68
C LEU A 602 -36.93 15.58 46.30
N ARG A 603 -36.75 16.42 45.28
CA ARG A 603 -36.98 16.00 43.91
C ARG A 603 -35.71 15.54 43.17
N TRP A 604 -34.61 15.44 43.92
CA TRP A 604 -33.33 14.97 43.38
C TRP A 604 -33.45 13.57 42.83
N ASP A 605 -33.02 13.40 41.58
CA ASP A 605 -33.06 12.11 40.90
C ASP A 605 -31.77 11.33 41.19
N SER A 606 -31.92 10.17 41.82
CA SER A 606 -30.79 9.36 42.24
C SER A 606 -30.35 8.32 41.20
N LEU A 607 -31.03 8.31 40.05
CA LEU A 607 -30.76 7.32 39.00
C LEU A 607 -29.28 7.13 38.73
N GLY A 608 -28.53 8.23 38.72
CA GLY A 608 -27.10 8.20 38.41
C GLY A 608 -26.31 7.42 39.43
N GLU A 609 -26.75 7.49 40.68
CA GLU A 609 -26.16 6.73 41.78
C GLU A 609 -26.42 5.25 41.61
N PHE A 610 -27.67 4.89 41.29
CA PHE A 610 -28.05 3.52 41.02
C PHE A 610 -27.19 2.91 39.91
N LEU A 611 -27.03 3.65 38.82
CA LEU A 611 -26.21 3.22 37.70
C LEU A 611 -24.73 3.13 38.07
N ALA A 612 -24.25 4.09 38.84
CA ALA A 612 -22.86 4.07 39.30
C ALA A 612 -22.63 2.84 40.17
N LEU A 613 -23.54 2.59 41.11
CA LEU A 613 -23.44 1.45 42.01
C LEU A 613 -23.38 0.13 41.26
N GLY A 614 -24.16 0.03 40.18
CA GLY A 614 -24.18 -1.15 39.33
C GLY A 614 -22.86 -1.38 38.62
N ALA A 615 -22.28 -0.30 38.09
CA ALA A 615 -21.00 -0.38 37.40
C ALA A 615 -19.87 -0.67 38.38
N SER A 616 -20.06 -0.26 39.63
CA SER A 616 -19.14 -0.55 40.72
C SER A 616 -19.19 -2.04 41.07
N LEU A 617 -20.39 -2.58 41.23
CA LEU A 617 -20.60 -3.97 41.63
C LEU A 617 -20.21 -4.95 40.52
N GLU A 618 -20.43 -4.56 39.26
CA GLU A 618 -20.06 -5.37 38.11
C GLU A 618 -18.54 -5.49 38.00
N ASP A 619 -17.84 -4.38 38.26
CA ASP A 619 -16.38 -4.36 38.23
C ASP A 619 -15.77 -5.03 39.46
N MET A 620 -16.51 -5.00 40.58
CA MET A 620 -16.09 -5.66 41.82
C MET A 620 -15.95 -7.16 41.61
N GLY A 621 -16.95 -7.75 40.95
CA GLY A 621 -16.94 -9.17 40.62
C GLY A 621 -15.86 -9.54 39.63
N ASN A 622 -15.67 -8.71 38.62
CA ASN A 622 -14.69 -8.96 37.57
C ASN A 622 -13.24 -8.75 37.98
N LYS A 623 -13.02 -8.02 39.07
CA LYS A 623 -11.67 -7.76 39.59
C LYS A 623 -11.28 -8.68 40.75
N THR A 624 -12.26 -9.15 41.50
CA THR A 624 -12.01 -10.00 42.67
C THR A 624 -12.57 -11.43 42.53
N GLY A 625 -13.22 -11.69 41.40
CA GLY A 625 -13.78 -13.03 41.13
C GLY A 625 -15.05 -13.35 41.90
N ASN A 626 -15.61 -12.34 42.58
CA ASN A 626 -16.82 -12.52 43.38
C ASN A 626 -18.05 -12.73 42.50
N GLU A 627 -18.60 -13.93 42.55
CA GLU A 627 -19.78 -14.28 41.74
C GLU A 627 -21.05 -13.64 42.30
N LYS A 628 -21.14 -13.58 43.63
CA LYS A 628 -22.31 -13.02 44.31
C LYS A 628 -22.46 -11.52 44.05
N ALA A 629 -21.32 -10.82 43.93
CA ALA A 629 -21.29 -9.41 43.57
C ALA A 629 -21.82 -9.17 42.16
N LYS A 630 -21.50 -10.08 41.24
CA LYS A 630 -21.99 -10.04 39.87
C LYS A 630 -23.51 -10.18 39.83
N VAL A 631 -24.06 -11.05 40.68
CA VAL A 631 -25.50 -11.29 40.75
C VAL A 631 -26.23 -10.06 41.30
N LEU A 632 -25.62 -9.39 42.28
CA LEU A 632 -26.13 -8.13 42.82
C LEU A 632 -26.12 -7.04 41.75
N ALA A 633 -25.07 -7.05 40.93
CA ALA A 633 -24.90 -6.09 39.85
C ALA A 633 -26.00 -6.20 38.81
N LYS A 634 -26.24 -7.41 38.31
CA LYS A 634 -27.24 -7.64 37.27
C LYS A 634 -28.66 -7.46 37.78
N ALA A 635 -28.91 -7.84 39.03
CA ALA A 635 -30.21 -7.67 39.66
C ALA A 635 -30.57 -6.19 39.82
N LEU A 636 -29.55 -5.38 40.15
CA LEU A 636 -29.72 -3.93 40.23
C LEU A 636 -30.01 -3.32 38.85
N ASP A 637 -29.29 -3.80 37.83
CA ASP A 637 -29.48 -3.34 36.45
C ASP A 637 -30.94 -3.47 36.00
N THR A 638 -31.53 -4.62 36.28
CA THR A 638 -32.91 -4.91 35.87
C THR A 638 -33.91 -4.14 36.74
N ALA A 639 -33.50 -3.85 37.97
CA ALA A 639 -34.30 -3.04 38.90
C ALA A 639 -34.34 -1.58 38.47
N THR A 640 -33.20 -1.07 38.02
CA THR A 640 -33.09 0.28 37.48
C THR A 640 -33.90 0.41 36.19
N GLY A 641 -33.84 -0.62 35.35
CA GLY A 641 -34.64 -0.69 34.13
C GLY A 641 -36.14 -0.66 34.43
N LYS A 642 -36.53 -1.43 35.44
CA LYS A 642 -37.93 -1.51 35.86
C LYS A 642 -38.37 -0.21 36.53
N LEU A 643 -37.43 0.46 37.19
CA LEU A 643 -37.66 1.78 37.81
C LEU A 643 -38.08 2.79 36.76
N LEU A 644 -37.41 2.75 35.60
CA LEU A 644 -37.70 3.61 34.47
C LEU A 644 -39.03 3.25 33.81
N GLU A 645 -39.18 1.97 33.47
CA GLU A 645 -40.38 1.47 32.78
C GLU A 645 -41.64 1.66 33.61
N GLU A 646 -41.52 1.52 34.92
CA GLU A 646 -42.66 1.67 35.83
C GLU A 646 -42.94 3.14 36.15
N ASN A 647 -42.07 4.03 35.65
CA ASN A 647 -42.20 5.48 35.84
C ASN A 647 -42.19 5.86 37.32
N LYS A 648 -41.16 5.42 38.04
CA LYS A 648 -41.10 5.58 39.48
C LYS A 648 -39.91 6.43 39.96
N SER A 649 -39.39 7.28 39.06
CA SER A 649 -38.42 8.30 39.42
C SER A 649 -39.13 9.42 40.17
N PRO A 650 -38.37 10.33 40.81
CA PRO A 650 -39.07 11.29 41.66
C PRO A 650 -39.83 12.37 40.88
N SER A 651 -40.92 12.85 41.46
CA SER A 651 -41.70 13.94 40.89
C SER A 651 -41.19 15.31 41.36
N ARG A 652 -41.44 16.33 40.54
CA ARG A 652 -41.10 17.71 40.88
C ARG A 652 -42.09 18.28 41.90
N ARG A 653 -43.37 17.93 41.75
CA ARG A 653 -44.44 18.48 42.58
C ARG A 653 -44.43 17.92 43.99
N THR A 654 -44.49 18.82 44.98
CA THR A 654 -44.52 18.43 46.39
C THR A 654 -45.81 17.69 46.75
N GLY A 655 -45.70 16.68 47.61
CA GLY A 655 -46.82 15.84 48.00
C GLY A 655 -46.81 14.51 47.25
N GLU A 656 -46.31 14.55 46.02
CA GLU A 656 -46.19 13.35 45.19
C GLU A 656 -44.89 12.60 45.47
N LEU A 657 -44.70 11.49 44.75
CA LEU A 657 -43.56 10.61 44.93
C LEU A 657 -42.24 11.40 44.84
N ASP A 658 -41.39 11.26 45.85
CA ASP A 658 -40.10 11.94 45.87
C ASP A 658 -38.93 10.95 45.87
N ASN A 659 -37.71 11.49 46.02
CA ASN A 659 -36.47 10.71 46.04
C ASN A 659 -36.52 9.51 46.97
N ARG A 660 -37.07 9.69 48.17
CA ARG A 660 -37.20 8.62 49.15
C ARG A 660 -38.12 7.50 48.65
N GLY A 661 -39.27 7.89 48.08
CA GLY A 661 -40.19 6.95 47.46
C GLY A 661 -39.59 6.21 46.27
N SER A 662 -38.79 6.93 45.48
CA SER A 662 -38.10 6.34 44.34
C SER A 662 -37.06 5.33 44.80
N GLN A 663 -36.45 5.59 45.95
CA GLN A 663 -35.45 4.70 46.52
C GLN A 663 -36.05 3.43 47.10
N PHE A 664 -37.29 3.52 47.58
CA PHE A 664 -38.01 2.32 48.01
C PHE A 664 -38.26 1.40 46.83
N TYR A 665 -38.82 1.96 45.76
CA TYR A 665 -39.14 1.18 44.56
C TYR A 665 -37.91 0.49 44.02
N LEU A 666 -36.76 1.17 44.04
CA LEU A 666 -35.52 0.55 43.60
C LEU A 666 -35.23 -0.69 44.43
N SER A 667 -35.21 -0.53 45.76
CA SER A 667 -34.95 -1.63 46.67
C SER A 667 -35.98 -2.77 46.52
N LEU A 668 -37.25 -2.42 46.37
CA LEU A 668 -38.33 -3.39 46.10
C LEU A 668 -38.02 -4.24 44.88
N PHE A 669 -37.79 -3.59 43.75
CA PHE A 669 -37.48 -4.26 42.49
C PHE A 669 -36.16 -5.02 42.57
N TRP A 670 -35.18 -4.44 43.27
CA TRP A 670 -33.88 -5.06 43.47
C TRP A 670 -34.00 -6.36 44.21
N ALA A 671 -34.93 -6.41 45.16
CA ALA A 671 -35.21 -7.62 45.93
C ALA A 671 -35.99 -8.62 45.09
N GLN A 672 -37.07 -8.16 44.45
CA GLN A 672 -37.87 -8.97 43.55
C GLN A 672 -37.01 -9.58 42.44
N ALA A 673 -36.03 -8.81 41.98
CA ALA A 673 -35.07 -9.30 40.99
C ALA A 673 -34.15 -10.36 41.57
N LEU A 674 -33.76 -10.19 42.83
CA LEU A 674 -32.87 -11.12 43.51
C LEU A 674 -33.55 -12.44 43.89
N ALA A 675 -34.87 -12.42 43.98
CA ALA A 675 -35.65 -13.62 44.22
C ALA A 675 -35.80 -14.46 42.95
N GLU A 676 -36.18 -13.79 41.85
CA GLU A 676 -36.51 -14.47 40.59
C GLU A 676 -35.30 -15.07 39.84
N GLN A 677 -34.11 -14.54 40.11
CA GLN A 677 -32.89 -15.04 39.45
C GLN A 677 -32.52 -16.44 39.93
N THR A 678 -31.92 -17.21 39.03
CA THR A 678 -31.57 -18.61 39.34
C THR A 678 -30.16 -19.00 38.86
N GLU A 679 -29.15 -18.24 39.30
CA GLU A 679 -27.75 -18.65 39.14
C GLU A 679 -27.00 -18.61 40.48
N ASP A 680 -27.75 -18.25 41.54
CA ASP A 680 -27.28 -18.35 42.92
C ASP A 680 -28.50 -18.55 43.80
N ALA A 681 -28.71 -19.80 44.23
CA ALA A 681 -29.87 -20.16 45.03
C ALA A 681 -29.82 -19.61 46.45
N GLU A 682 -28.59 -19.44 46.97
CA GLU A 682 -28.38 -18.89 48.30
C GLU A 682 -28.93 -17.47 48.43
N LEU A 683 -28.65 -16.63 47.43
CA LEU A 683 -29.18 -15.28 47.38
C LEU A 683 -30.66 -15.26 47.04
N ALA A 684 -31.06 -16.19 46.16
CA ALA A 684 -32.45 -16.31 45.71
C ALA A 684 -33.43 -16.53 46.87
N GLU A 685 -33.03 -17.38 47.82
CA GLU A 685 -33.84 -17.63 49.01
C GLU A 685 -33.56 -16.62 50.12
N ARG A 686 -32.40 -15.97 50.05
CA ARG A 686 -32.01 -14.97 51.04
C ARG A 686 -32.87 -13.71 50.93
N PHE A 687 -33.16 -13.30 49.68
CA PHE A 687 -33.95 -12.12 49.42
C PHE A 687 -35.42 -12.44 49.15
N LYS A 688 -35.75 -13.73 49.22
CA LYS A 688 -37.11 -14.20 49.07
C LYS A 688 -38.06 -13.54 50.08
N PRO A 689 -37.72 -13.53 51.39
CA PRO A 689 -38.63 -12.92 52.37
C PRO A 689 -38.72 -11.40 52.26
N LEU A 690 -37.59 -10.76 51.95
CA LEU A 690 -37.52 -9.30 51.80
C LEU A 690 -38.42 -8.82 50.66
N ALA A 691 -38.30 -9.48 49.50
CA ALA A 691 -39.11 -9.18 48.33
C ALA A 691 -40.61 -9.32 48.62
N LYS A 692 -40.96 -10.35 49.40
CA LYS A 692 -42.35 -10.58 49.78
C LYS A 692 -42.86 -9.49 50.73
N ALA A 693 -42.04 -9.15 51.73
CA ALA A 693 -42.37 -8.14 52.73
C ALA A 693 -42.55 -6.76 52.10
N LEU A 694 -41.54 -6.33 51.33
CA LEU A 694 -41.60 -5.03 50.66
C LEU A 694 -42.81 -4.89 49.75
N ALA A 695 -43.07 -5.92 48.95
CA ALA A 695 -44.22 -5.91 48.03
C ALA A 695 -45.56 -5.87 48.78
N GLU A 696 -45.61 -6.53 49.92
CA GLU A 696 -46.80 -6.59 50.75
C GLU A 696 -47.04 -5.27 51.49
N GLN A 697 -45.96 -4.55 51.76
CA GLN A 697 -46.03 -3.30 52.50
C GLN A 697 -45.84 -2.09 51.59
N GLU A 698 -45.93 -2.35 50.28
CA GLU A 698 -45.65 -1.35 49.24
C GLU A 698 -46.41 -0.04 49.44
N GLU A 699 -47.74 -0.12 49.49
CA GLU A 699 -48.55 1.09 49.62
C GLU A 699 -48.51 1.70 51.02
N ALA A 700 -48.25 0.86 52.02
CA ALA A 700 -48.06 1.34 53.39
C ALA A 700 -46.82 2.23 53.49
N ILE A 701 -45.73 1.77 52.88
CA ILE A 701 -44.47 2.50 52.85
C ILE A 701 -44.58 3.79 52.02
N VAL A 702 -45.13 3.67 50.81
CA VAL A 702 -45.36 4.79 49.91
C VAL A 702 -46.32 5.82 50.51
N SER A 703 -47.29 5.35 51.29
CA SER A 703 -48.22 6.22 52.00
C SER A 703 -47.53 6.94 53.16
N GLU A 704 -46.61 6.26 53.83
CA GLU A 704 -45.83 6.84 54.93
C GLU A 704 -44.83 7.88 54.43
N LEU A 705 -44.15 7.55 53.32
CA LEU A 705 -43.15 8.42 52.72
C LEU A 705 -43.76 9.68 52.10
N ASN A 706 -45.07 9.65 51.87
CA ASN A 706 -45.77 10.76 51.22
C ASN A 706 -46.58 11.62 52.20
N SER A 707 -47.15 10.98 53.22
CA SER A 707 -47.95 11.68 54.23
C SER A 707 -47.12 12.64 55.07
N VAL A 708 -45.81 12.46 55.05
CA VAL A 708 -44.88 13.27 55.83
C VAL A 708 -44.48 14.56 55.08
N GLN A 709 -44.87 14.66 53.82
CA GLN A 709 -44.55 15.84 53.00
C GLN A 709 -45.50 17.00 53.31
N GLY A 710 -45.17 18.19 52.82
CA GLY A 710 -45.97 19.39 53.08
C GLY A 710 -45.59 20.13 54.35
N LYS A 711 -44.62 19.58 55.08
CA LYS A 711 -44.14 20.17 56.33
C LYS A 711 -42.84 20.92 56.09
N THR A 712 -42.54 21.87 56.97
CA THR A 712 -41.18 22.37 57.09
C THR A 712 -40.40 21.34 57.92
N VAL A 713 -39.13 21.16 57.59
CA VAL A 713 -38.30 20.10 58.17
C VAL A 713 -37.03 20.64 58.86
N ASP A 714 -36.53 19.89 59.84
CA ASP A 714 -35.33 20.28 60.57
C ASP A 714 -34.20 19.27 60.35
N ILE A 715 -33.18 19.68 59.60
CA ILE A 715 -31.99 18.85 59.38
C ILE A 715 -30.75 19.39 60.10
N GLY A 716 -30.98 20.34 61.01
CA GLY A 716 -29.94 20.87 61.89
C GLY A 716 -28.76 21.54 61.21
N GLY A 717 -29.01 22.21 60.09
CA GLY A 717 -27.95 22.90 59.35
C GLY A 717 -28.13 22.87 57.84
N TYR A 718 -27.16 23.45 57.13
CA TYR A 718 -27.17 23.42 55.66
C TYR A 718 -25.89 22.81 55.11
N TYR A 719 -24.75 23.43 55.39
CA TYR A 719 -23.46 22.92 54.95
C TYR A 719 -22.92 21.84 55.87
N TYR A 720 -23.38 21.86 57.11
CA TYR A 720 -23.06 20.83 58.08
C TYR A 720 -24.37 20.41 58.77
N PRO A 721 -25.18 19.58 58.09
CA PRO A 721 -26.44 19.16 58.71
C PRO A 721 -26.21 18.15 59.83
N ASP A 722 -27.09 18.14 60.82
CA ASP A 722 -26.98 17.25 61.97
C ASP A 722 -27.36 15.82 61.58
N PRO A 723 -26.40 14.87 61.65
CA PRO A 723 -26.62 13.48 61.24
C PRO A 723 -27.91 12.85 61.78
N GLU A 724 -28.12 12.95 63.10
CA GLU A 724 -29.34 12.42 63.72
C GLU A 724 -30.61 13.07 63.14
N LYS A 725 -30.63 14.40 63.11
CA LYS A 725 -31.80 15.14 62.61
C LYS A 725 -32.07 14.94 61.13
N THR A 726 -31.01 14.74 60.35
CA THR A 726 -31.12 14.51 58.91
C THR A 726 -31.59 13.10 58.61
N SER A 727 -31.07 12.12 59.35
CA SER A 727 -31.44 10.72 59.18
C SER A 727 -32.89 10.45 59.57
N GLU A 728 -33.39 11.19 60.56
CA GLU A 728 -34.79 11.14 60.96
C GLU A 728 -35.72 11.64 59.86
N VAL A 729 -35.23 12.62 59.10
CA VAL A 729 -36.01 13.25 58.04
C VAL A 729 -36.00 12.41 56.77
N MET A 730 -34.82 11.89 56.42
CA MET A 730 -34.64 11.17 55.15
C MET A 730 -35.07 9.70 55.18
N ARG A 731 -35.39 9.20 56.37
CA ARG A 731 -35.90 7.83 56.51
C ARG A 731 -37.17 7.83 57.37
N PRO A 732 -38.21 8.59 56.94
CA PRO A 732 -39.37 8.79 57.80
C PRO A 732 -40.34 7.61 57.85
N SER A 733 -40.05 6.54 57.11
CA SER A 733 -40.94 5.38 57.08
C SER A 733 -40.56 4.33 58.12
N LYS A 734 -41.37 4.23 59.16
CA LYS A 734 -41.19 3.26 60.24
C LYS A 734 -41.20 1.83 59.67
N THR A 735 -42.24 1.55 58.86
CA THR A 735 -42.44 0.24 58.25
C THR A 735 -41.26 -0.16 57.37
N PHE A 736 -40.81 0.76 56.53
CA PHE A 736 -39.69 0.52 55.63
C PHE A 736 -38.40 0.24 56.38
N ASN A 737 -38.11 1.01 57.43
CA ASN A 737 -36.90 0.83 58.22
C ASN A 737 -36.84 -0.51 58.98
N THR A 738 -37.95 -0.86 59.63
CA THR A 738 -38.05 -2.11 60.38
C THR A 738 -37.90 -3.35 59.49
N THR A 739 -38.18 -3.21 58.20
CA THR A 739 -38.08 -4.32 57.24
C THR A 739 -36.62 -4.62 56.85
N LEU A 740 -35.67 -4.07 57.61
CA LEU A 740 -34.25 -4.37 57.40
C LEU A 740 -33.54 -4.62 58.74
N PRO B 6 14.17 51.48 6.38
CA PRO B 6 14.40 50.40 5.43
C PRO B 6 15.66 50.64 4.58
N THR B 7 16.65 49.77 4.76
CA THR B 7 17.97 49.97 4.16
C THR B 7 18.58 48.75 3.45
N ILE B 8 19.08 48.97 2.23
CA ILE B 8 19.84 47.97 1.48
C ILE B 8 21.34 48.27 1.55
N ILE B 9 22.12 47.27 1.93
CA ILE B 9 23.57 47.37 1.87
C ILE B 9 24.06 47.00 0.47
N TYR B 10 24.83 47.91 -0.13
CA TYR B 10 25.41 47.68 -1.46
C TYR B 10 26.93 47.58 -1.32
N THR B 11 27.47 46.37 -1.54
CA THR B 11 28.89 46.11 -1.36
C THR B 11 29.75 46.85 -2.41
N LEU B 12 30.76 47.56 -1.92
CA LEU B 12 31.84 48.07 -2.76
C LEU B 12 32.92 47.00 -2.75
N THR B 13 33.31 46.55 -3.93
CA THR B 13 34.30 45.48 -4.01
C THR B 13 35.54 45.91 -4.80
N ASP B 14 35.98 45.08 -5.73
CA ASP B 14 37.26 45.28 -6.40
C ASP B 14 37.12 45.51 -7.89
N GLU B 15 38.16 46.08 -8.49
CA GLU B 15 38.32 46.13 -9.95
C GLU B 15 37.06 46.56 -10.73
N ALA B 16 36.60 45.70 -11.64
CA ALA B 16 35.56 46.07 -12.60
C ALA B 16 34.18 46.37 -12.01
N PRO B 17 33.61 45.43 -11.21
CA PRO B 17 32.33 45.73 -10.58
C PRO B 17 32.33 47.00 -9.74
N LEU B 18 33.45 47.28 -9.07
CA LEU B 18 33.60 48.53 -8.31
C LEU B 18 33.46 49.75 -9.20
N LEU B 19 34.23 49.80 -10.28
CA LEU B 19 34.17 50.89 -11.24
C LEU B 19 32.74 51.11 -11.71
N ALA B 20 32.04 50.02 -11.98
CA ALA B 20 30.63 50.06 -12.40
C ALA B 20 29.73 50.64 -11.31
N THR B 21 29.98 50.24 -10.06
CA THR B 21 29.22 50.71 -8.91
C THR B 21 29.24 52.24 -8.81
N TYR B 22 30.41 52.83 -9.04
CA TYR B 22 30.58 54.29 -9.05
C TYR B 22 29.59 55.00 -9.95
N ALA B 23 29.35 54.43 -11.13
CA ALA B 23 28.42 55.02 -12.09
C ALA B 23 26.98 54.67 -11.73
N PHE B 24 26.79 53.54 -11.05
CA PHE B 24 25.46 53.00 -10.83
C PHE B 24 24.82 53.36 -9.48
N LEU B 25 25.63 53.48 -8.44
CA LEU B 25 25.14 53.82 -7.10
C LEU B 25 24.27 55.08 -7.10
N PRO B 26 24.76 56.20 -7.69
CA PRO B 26 23.96 57.42 -7.74
C PRO B 26 22.55 57.21 -8.32
N VAL B 27 22.45 56.40 -9.37
CA VAL B 27 21.14 56.15 -10.00
C VAL B 27 20.23 55.22 -9.16
N VAL B 28 20.79 54.19 -8.53
CA VAL B 28 19.97 53.34 -7.65
C VAL B 28 19.48 54.15 -6.44
N ARG B 29 20.34 55.02 -5.93
CA ARG B 29 19.97 55.88 -4.80
C ARG B 29 18.82 56.82 -5.14
N LYS B 30 18.82 57.34 -6.36
CA LYS B 30 17.78 58.26 -6.82
C LYS B 30 16.43 57.56 -6.95
N PHE B 31 16.45 56.31 -7.40
CA PHE B 31 15.23 55.54 -7.57
C PHE B 31 14.74 54.96 -6.24
N ALA B 32 15.67 54.57 -5.37
CA ALA B 32 15.35 53.93 -4.10
C ALA B 32 14.71 54.90 -3.11
N GLU B 33 15.10 56.18 -3.16
CA GLU B 33 14.56 57.18 -2.25
C GLU B 33 13.07 57.45 -2.49
N ALA B 34 12.62 57.21 -3.73
CA ALA B 34 11.22 57.36 -4.11
C ALA B 34 10.31 56.36 -3.41
N ALA B 35 10.92 55.37 -2.76
CA ALA B 35 10.19 54.40 -1.95
C ALA B 35 10.67 54.43 -0.51
N GLY B 36 11.41 55.47 -0.15
CA GLY B 36 11.92 55.66 1.21
C GLY B 36 12.98 54.65 1.59
N ILE B 37 13.74 54.20 0.60
CA ILE B 37 14.79 53.20 0.82
C ILE B 37 16.17 53.86 0.81
N ASP B 38 16.90 53.67 1.90
CA ASP B 38 18.26 54.16 2.05
C ASP B 38 19.24 53.11 1.53
N VAL B 39 20.25 53.56 0.78
CA VAL B 39 21.26 52.64 0.24
C VAL B 39 22.65 52.97 0.78
N LYS B 40 23.13 52.14 1.70
CA LYS B 40 24.45 52.36 2.32
C LYS B 40 25.50 51.38 1.82
N THR B 41 26.69 51.90 1.55
CA THR B 41 27.81 51.09 1.07
C THR B 41 28.49 50.32 2.19
N SER B 42 29.09 49.18 1.82
CA SER B 42 30.01 48.47 2.70
C SER B 42 31.24 48.09 1.88
N ASP B 43 32.38 48.67 2.24
CA ASP B 43 33.63 48.44 1.52
C ASP B 43 34.29 47.16 2.02
N ILE B 44 34.18 46.10 1.21
CA ILE B 44 34.83 44.82 1.52
C ILE B 44 35.89 44.47 0.46
N SER B 45 36.48 45.51 -0.13
CA SER B 45 37.59 45.34 -1.07
C SER B 45 38.80 44.68 -0.39
N VAL B 46 39.74 44.19 -1.19
CA VAL B 46 40.98 43.64 -0.66
C VAL B 46 41.75 44.69 0.16
N ALA B 47 41.78 45.93 -0.33
CA ALA B 47 42.44 47.03 0.36
C ALA B 47 41.79 47.33 1.71
N ALA B 48 40.47 47.38 1.74
CA ALA B 48 39.73 47.66 2.97
C ALA B 48 39.94 46.58 4.02
N ARG B 49 40.01 45.32 3.58
CA ARG B 49 40.19 44.20 4.50
C ARG B 49 41.59 44.13 5.09
N ILE B 50 42.59 44.56 4.32
CA ILE B 50 43.95 44.71 4.81
C ILE B 50 44.02 45.81 5.88
N LEU B 51 43.39 46.95 5.60
CA LEU B 51 43.40 48.09 6.51
C LEU B 51 42.60 47.84 7.79
N ALA B 52 41.60 46.97 7.71
CA ALA B 52 40.79 46.63 8.88
C ALA B 52 41.50 45.64 9.80
N GLU B 53 42.39 44.83 9.22
CA GLU B 53 43.17 43.85 9.98
C GLU B 53 44.40 44.49 10.61
N PHE B 54 45.02 45.42 9.90
CA PHE B 54 46.27 46.04 10.36
C PHE B 54 46.12 47.53 10.72
N GLY B 55 45.17 47.82 11.59
CA GLY B 55 44.93 49.19 12.07
C GLY B 55 46.00 49.69 13.03
N ASP B 56 46.79 48.76 13.56
CA ASP B 56 47.85 49.03 14.54
C ASP B 56 48.78 50.17 14.12
N HIS B 57 49.25 50.11 12.88
CA HIS B 57 50.28 51.02 12.39
C HIS B 57 49.66 52.18 11.66
N LEU B 58 48.36 52.38 11.84
CA LEU B 58 47.62 53.42 11.13
C LEU B 58 47.10 54.50 12.08
N THR B 59 46.92 55.71 11.55
CA THR B 59 46.32 56.81 12.31
C THR B 59 44.81 56.62 12.43
N GLU B 60 44.17 57.41 13.28
CA GLU B 60 42.72 57.34 13.49
C GLU B 60 41.92 57.57 12.22
N GLU B 61 42.36 58.53 11.40
CA GLU B 61 41.72 58.85 10.13
C GLU B 61 41.91 57.74 9.10
N GLN B 62 43.03 57.02 9.23
CA GLN B 62 43.36 55.95 8.30
C GLN B 62 42.54 54.69 8.53
N ARG B 63 42.27 54.38 9.80
CA ARG B 63 41.63 53.13 10.21
C ARG B 63 40.27 52.88 9.57
N VAL B 64 39.99 51.60 9.33
CA VAL B 64 38.77 51.14 8.68
C VAL B 64 38.07 50.15 9.62
N PRO B 65 36.74 50.25 9.76
CA PRO B 65 35.98 49.24 10.53
C PRO B 65 36.02 47.86 9.88
N ASP B 66 35.81 46.81 10.68
CA ASP B 66 35.74 45.44 10.18
C ASP B 66 34.44 45.24 9.42
N ASN B 67 34.45 45.66 8.15
CA ASN B 67 33.23 45.68 7.32
C ASN B 67 32.68 44.31 6.95
N LEU B 68 33.58 43.34 6.76
CA LEU B 68 33.20 41.96 6.49
C LEU B 68 32.47 41.39 7.69
N GLY B 69 33.10 41.49 8.86
CA GLY B 69 32.52 41.03 10.12
C GLY B 69 31.22 41.74 10.46
N GLU B 70 31.12 43.01 10.04
CA GLU B 70 29.92 43.81 10.21
C GLU B 70 28.73 43.14 9.51
N LEU B 71 28.94 42.78 8.25
CA LEU B 71 27.95 42.08 7.44
C LEU B 71 27.65 40.68 7.97
N GLY B 72 28.70 40.01 8.49
CA GLY B 72 28.57 38.69 9.09
C GLY B 72 27.62 38.67 10.27
N ALA B 73 27.58 39.76 11.02
CA ALA B 73 26.60 39.94 12.08
C ALA B 73 25.24 40.29 11.49
N LEU B 74 25.25 41.12 10.45
CA LEU B 74 24.03 41.61 9.83
C LEU B 74 23.17 40.50 9.23
N THR B 75 23.76 39.32 9.02
CA THR B 75 23.05 38.18 8.46
C THR B 75 22.14 37.50 9.50
N GLN B 76 22.37 37.81 10.77
CA GLN B 76 21.58 37.28 11.87
C GLN B 76 20.37 38.17 12.15
N ASP B 77 20.28 39.29 11.44
CA ASP B 77 19.18 40.24 11.55
C ASP B 77 18.12 39.98 10.47
N PRO B 78 16.87 39.67 10.89
CA PRO B 78 15.74 39.36 9.99
C PRO B 78 15.46 40.41 8.91
N SER B 79 16.00 41.61 9.06
CA SER B 79 15.72 42.71 8.12
C SER B 79 16.85 42.95 7.13
N ALA B 80 17.89 42.11 7.20
CA ALA B 80 19.06 42.23 6.34
C ALA B 80 18.71 42.22 4.86
N ASN B 81 19.36 43.10 4.11
CA ASN B 81 19.22 43.15 2.66
C ASN B 81 20.57 43.52 2.04
N ILE B 82 21.33 42.51 1.65
CA ILE B 82 22.70 42.70 1.20
C ILE B 82 22.86 42.30 -0.27
N ILE B 83 23.34 43.25 -1.08
CA ILE B 83 23.63 42.99 -2.47
C ILE B 83 25.15 42.84 -2.65
N LYS B 84 25.58 41.60 -2.86
CA LYS B 84 27.00 41.28 -2.95
C LYS B 84 27.46 41.20 -4.40
N LEU B 85 28.45 42.02 -4.73
CA LEU B 85 29.08 42.01 -6.05
C LEU B 85 30.32 41.11 -6.02
N PRO B 86 30.76 40.60 -7.20
CA PRO B 86 31.98 39.79 -7.19
C PRO B 86 33.20 40.57 -6.67
N ASN B 87 34.00 39.91 -5.84
CA ASN B 87 35.21 40.52 -5.29
C ASN B 87 36.42 39.60 -5.45
N ILE B 88 37.61 40.18 -5.31
CA ILE B 88 38.86 39.43 -5.42
C ILE B 88 39.02 38.42 -4.26
N SER B 89 39.23 37.15 -4.63
CA SER B 89 39.80 36.17 -3.72
C SER B 89 41.31 36.23 -3.94
N ALA B 90 42.00 36.97 -3.07
CA ALA B 90 43.41 37.29 -3.27
C ALA B 90 44.32 36.07 -3.31
N SER B 91 45.11 36.01 -4.38
CA SER B 91 46.29 35.16 -4.42
C SER B 91 47.41 35.95 -3.75
N VAL B 92 48.51 35.28 -3.44
CA VAL B 92 49.67 35.95 -2.84
C VAL B 92 50.15 37.18 -3.66
N PRO B 93 50.39 37.02 -4.99
CA PRO B 93 50.77 38.15 -5.85
C PRO B 93 49.82 39.35 -5.78
N GLN B 94 48.52 39.09 -5.64
CA GLN B 94 47.53 40.15 -5.54
C GLN B 94 47.60 40.87 -4.20
N LEU B 95 47.78 40.11 -3.12
CA LEU B 95 47.96 40.67 -1.80
C LEU B 95 49.18 41.59 -1.80
N LEU B 96 50.30 41.06 -2.32
CA LEU B 96 51.56 41.81 -2.40
C LEU B 96 51.40 43.15 -3.12
N ALA B 97 50.74 43.12 -4.27
CA ALA B 97 50.47 44.35 -5.04
C ALA B 97 49.60 45.35 -4.26
N ALA B 98 48.63 44.84 -3.51
CA ALA B 98 47.73 45.68 -2.72
C ALA B 98 48.44 46.32 -1.52
N ILE B 99 49.31 45.55 -0.87
CA ILE B 99 50.13 46.05 0.24
C ILE B 99 51.05 47.20 -0.23
N LYS B 100 51.72 47.00 -1.36
CA LYS B 100 52.65 47.99 -1.89
C LYS B 100 51.93 49.27 -2.32
N GLU B 101 50.68 49.14 -2.73
CA GLU B 101 49.86 50.29 -3.09
C GLU B 101 49.44 51.08 -1.85
N LEU B 102 49.12 50.37 -0.77
CA LEU B 102 48.73 50.99 0.50
C LEU B 102 49.92 51.65 1.20
N GLN B 103 51.03 50.91 1.27
CA GLN B 103 52.30 51.44 1.79
C GLN B 103 52.69 52.72 1.03
N GLY B 104 52.59 52.67 -0.30
CA GLY B 104 52.89 53.81 -1.15
C GLY B 104 51.99 55.01 -0.94
N LYS B 105 50.80 54.77 -0.36
CA LYS B 105 49.84 55.84 -0.11
C LYS B 105 49.80 56.28 1.36
N GLY B 106 50.86 55.95 2.10
CA GLY B 106 51.02 56.39 3.48
C GLY B 106 50.42 55.49 4.53
N TYR B 107 49.96 54.32 4.12
CA TYR B 107 49.40 53.34 5.05
C TYR B 107 50.50 52.36 5.43
N ASN B 108 51.04 52.51 6.63
CA ASN B 108 52.08 51.62 7.11
C ASN B 108 51.51 50.26 7.50
N VAL B 109 51.38 49.38 6.52
CA VAL B 109 50.98 48.01 6.75
C VAL B 109 52.20 47.13 6.54
N PRO B 110 52.29 45.99 7.27
CA PRO B 110 53.53 45.22 7.20
C PRO B 110 53.72 44.51 5.85
N ASP B 111 54.97 44.27 5.48
CA ASP B 111 55.27 43.41 4.33
C ASP B 111 54.73 42.01 4.62
N TYR B 112 54.26 41.33 3.60
CA TYR B 112 53.88 39.92 3.73
C TYR B 112 55.13 39.06 3.76
N PRO B 113 55.38 38.37 4.89
CA PRO B 113 56.54 37.50 5.02
C PRO B 113 56.25 36.09 4.48
N ALA B 114 56.82 35.79 3.32
CA ALA B 114 56.64 34.49 2.67
C ALA B 114 57.19 33.37 3.54
N ASN B 115 58.50 33.40 3.79
CA ASN B 115 59.16 32.47 4.70
C ASN B 115 59.69 33.24 5.90
N PRO B 116 58.91 33.27 7.01
CA PRO B 116 59.21 34.14 8.14
C PRO B 116 60.41 33.65 8.96
N LYS B 117 61.38 34.52 9.17
CA LYS B 117 62.58 34.18 9.94
C LYS B 117 62.43 34.44 11.45
N THR B 118 61.56 35.38 11.81
CA THR B 118 61.29 35.68 13.22
C THR B 118 59.93 35.11 13.65
N ASP B 119 59.68 35.09 14.96
CA ASP B 119 58.42 34.59 15.49
C ASP B 119 57.30 35.62 15.38
N ASP B 120 57.68 36.90 15.27
CA ASP B 120 56.73 37.99 15.11
C ASP B 120 56.25 38.08 13.66
N GLU B 121 57.09 37.66 12.73
CA GLU B 121 56.73 37.59 11.31
C GLU B 121 55.77 36.44 11.03
N LYS B 122 55.98 35.32 11.72
CA LYS B 122 55.06 34.18 11.66
C LYS B 122 53.68 34.57 12.21
N LYS B 123 53.69 35.56 13.10
CA LYS B 123 52.48 36.04 13.76
C LYS B 123 51.61 36.87 12.81
N ILE B 124 52.25 37.77 12.05
CA ILE B 124 51.51 38.65 11.13
C ILE B 124 51.18 37.96 9.80
N LYS B 125 51.93 36.91 9.46
CA LYS B 125 51.66 36.10 8.28
C LYS B 125 50.35 35.35 8.43
N ASP B 126 50.05 34.94 9.66
CA ASP B 126 48.78 34.29 9.99
C ASP B 126 47.62 35.27 9.91
N ARG B 127 47.88 36.53 10.24
CA ARG B 127 46.87 37.58 10.19
C ARG B 127 46.56 37.93 8.74
N TYR B 128 47.57 37.82 7.88
CA TYR B 128 47.38 38.02 6.45
C TYR B 128 46.64 36.86 5.79
N ALA B 129 46.78 35.66 6.36
CA ALA B 129 46.09 34.47 5.85
C ALA B 129 44.56 34.63 5.90
N LYS B 130 44.09 35.47 6.81
CA LYS B 130 42.66 35.79 6.96
C LYS B 130 42.14 36.62 5.80
N ILE B 131 43.04 37.23 5.04
CA ILE B 131 42.69 38.08 3.90
C ILE B 131 42.79 37.30 2.59
N LEU B 132 43.76 36.40 2.53
CA LEU B 132 44.01 35.54 1.37
C LEU B 132 42.84 34.60 1.03
N GLY B 133 42.69 34.30 -0.25
CA GLY B 133 41.74 33.29 -0.71
C GLY B 133 40.27 33.67 -0.58
N SER B 134 39.43 32.64 -0.55
CA SER B 134 37.98 32.80 -0.45
C SER B 134 37.59 33.14 0.98
N ALA B 135 37.67 34.43 1.31
CA ALA B 135 37.43 34.89 2.68
C ALA B 135 36.01 35.39 2.88
N VAL B 136 35.48 36.07 1.87
CA VAL B 136 34.17 36.72 1.96
C VAL B 136 33.01 35.74 2.05
N ASN B 137 32.95 34.80 1.11
CA ASN B 137 31.84 33.85 0.99
C ASN B 137 31.50 33.02 2.24
N PRO B 138 32.50 32.42 2.92
CA PRO B 138 32.15 31.65 4.11
C PRO B 138 31.43 32.49 5.17
N VAL B 139 31.73 33.79 5.22
CA VAL B 139 31.12 34.70 6.16
C VAL B 139 29.68 35.06 5.76
N LEU B 140 29.49 35.49 4.51
CA LEU B 140 28.19 35.98 4.03
C LEU B 140 27.12 34.90 3.79
N ARG B 141 27.54 33.67 3.51
CA ARG B 141 26.59 32.63 3.11
C ARG B 141 25.93 31.91 4.29
N GLU B 142 25.00 32.62 4.93
CA GLU B 142 24.26 32.14 6.10
C GLU B 142 22.87 31.62 5.71
N GLY B 143 22.63 31.54 4.41
CA GLY B 143 21.42 30.91 3.89
C GLY B 143 21.81 29.95 2.77
N ASN B 144 20.84 29.26 2.21
CA ASN B 144 21.09 28.34 1.11
C ASN B 144 20.95 29.01 -0.25
N SER B 145 21.31 28.30 -1.31
CA SER B 145 21.43 28.89 -2.64
C SER B 145 20.19 28.66 -3.51
N ASP B 146 19.74 29.73 -4.15
CA ASP B 146 18.67 29.69 -5.13
C ASP B 146 19.20 30.37 -6.38
N ARG B 147 19.88 29.59 -7.23
CA ARG B 147 20.55 30.12 -8.41
C ARG B 147 19.84 29.67 -9.67
N ARG B 148 19.37 30.62 -10.47
CA ARG B 148 18.59 30.32 -11.66
C ARG B 148 18.62 31.46 -12.66
N ALA B 149 18.25 31.18 -13.91
CA ALA B 149 18.23 32.20 -14.96
C ALA B 149 16.79 32.67 -15.23
N PRO B 150 16.59 34.01 -15.28
CA PRO B 150 15.25 34.58 -15.47
C PRO B 150 14.77 34.43 -16.91
N LYS B 151 13.46 34.35 -17.09
CA LYS B 151 12.85 34.18 -18.41
C LYS B 151 13.42 35.10 -19.49
N ALA B 152 13.60 36.38 -19.15
CA ALA B 152 14.11 37.37 -20.10
C ALA B 152 15.52 37.06 -20.59
N VAL B 153 16.34 36.47 -19.72
CA VAL B 153 17.70 36.08 -20.08
C VAL B 153 17.71 34.85 -21.00
N LYS B 154 16.91 33.85 -20.67
CA LYS B 154 16.78 32.66 -21.51
C LYS B 154 16.27 33.02 -22.90
N GLU B 155 15.29 33.92 -22.95
CA GLU B 155 14.73 34.40 -24.21
C GLU B 155 15.75 35.16 -25.06
N TYR B 156 16.68 35.86 -24.39
CA TYR B 156 17.77 36.54 -25.08
C TYR B 156 18.73 35.54 -25.72
N ALA B 157 19.08 34.49 -24.98
CA ALA B 157 19.93 33.43 -25.49
C ALA B 157 19.32 32.80 -26.74
N ARG B 158 18.01 32.55 -26.70
CA ARG B 158 17.25 32.03 -27.83
C ARG B 158 17.36 32.93 -29.07
N LYS B 159 17.18 34.24 -28.87
CA LYS B 159 17.25 35.22 -29.95
C LYS B 159 18.65 35.46 -30.49
N HIS B 160 19.65 35.41 -29.62
CA HIS B 160 21.04 35.60 -30.01
C HIS B 160 21.86 34.43 -29.55
N PRO B 161 21.79 33.31 -30.29
CA PRO B 161 22.48 32.09 -29.85
C PRO B 161 24.00 32.23 -29.90
N HIS B 162 24.65 31.92 -28.79
CA HIS B 162 26.11 31.98 -28.68
C HIS B 162 26.75 30.81 -29.40
N SER B 163 28.06 30.90 -29.61
CA SER B 163 28.79 29.86 -30.34
C SER B 163 28.99 28.62 -29.47
N MET B 164 28.75 27.46 -30.07
CA MET B 164 28.96 26.17 -29.45
C MET B 164 29.73 25.27 -30.43
N GLY B 165 30.75 24.59 -29.94
CA GLY B 165 31.55 23.69 -30.77
C GLY B 165 30.89 22.34 -30.97
N GLU B 166 30.99 21.80 -32.18
CA GLU B 166 30.32 20.54 -32.53
C GLU B 166 30.87 19.34 -31.74
N TRP B 167 29.96 18.45 -31.35
CA TRP B 167 30.33 17.22 -30.68
C TRP B 167 30.30 16.07 -31.65
N SER B 168 31.46 15.62 -32.09
CA SER B 168 31.57 14.45 -32.96
C SER B 168 31.26 13.18 -32.18
N GLN B 169 30.57 12.24 -32.81
CA GLN B 169 30.29 10.93 -32.20
C GLN B 169 31.59 10.15 -32.00
N ALA B 170 32.60 10.50 -32.79
CA ALA B 170 33.92 9.88 -32.71
C ALA B 170 34.87 10.59 -31.74
N SER B 171 34.32 11.41 -30.83
CA SER B 171 35.12 12.18 -29.88
C SER B 171 35.81 11.28 -28.86
N ARG B 172 37.07 11.59 -28.57
CA ARG B 172 37.88 10.75 -27.68
C ARG B 172 37.96 11.32 -26.27
N THR B 173 37.41 12.52 -26.08
CA THR B 173 37.47 13.18 -24.78
C THR B 173 36.54 12.49 -23.78
N HIS B 174 36.95 12.50 -22.51
CA HIS B 174 36.25 11.78 -21.45
C HIS B 174 36.75 12.18 -20.10
N VAL B 175 36.03 11.79 -19.06
CA VAL B 175 36.42 12.06 -17.69
C VAL B 175 37.04 10.81 -17.10
N ALA B 176 38.33 10.90 -16.80
CA ALA B 176 39.04 9.83 -16.12
C ALA B 176 39.08 10.14 -14.63
N THR B 177 38.54 9.21 -13.84
CA THR B 177 38.44 9.41 -12.40
C THR B 177 38.68 8.11 -11.63
N MET B 178 38.98 8.22 -10.35
CA MET B 178 39.36 7.08 -9.54
C MET B 178 38.19 6.15 -9.29
N LYS B 179 38.51 4.89 -8.99
CA LYS B 179 37.50 3.86 -8.80
C LYS B 179 37.62 3.21 -7.43
N THR B 180 38.77 3.42 -6.79
CA THR B 180 39.01 3.02 -5.41
C THR B 180 39.99 4.00 -4.79
N GLY B 181 40.06 4.03 -3.46
CA GLY B 181 41.09 4.77 -2.75
C GLY B 181 40.96 6.28 -2.73
N ASP B 182 39.92 6.81 -3.38
CA ASP B 182 39.61 8.23 -3.30
C ASP B 182 38.66 8.46 -2.12
N PHE B 183 38.25 9.71 -1.90
CA PHE B 183 37.38 10.03 -0.75
C PHE B 183 36.11 9.21 -0.76
N TYR B 184 35.49 9.10 -1.94
CA TYR B 184 34.20 8.41 -2.13
C TYR B 184 34.23 6.95 -1.67
N HIS B 185 35.23 6.20 -2.11
CA HIS B 185 35.19 4.73 -1.98
C HIS B 185 35.58 4.17 -0.63
N GLY B 186 36.14 5.01 0.23
CA GLY B 186 36.46 4.60 1.60
C GLY B 186 35.69 5.39 2.65
N GLU B 187 34.72 6.19 2.21
CA GLU B 187 34.01 7.15 3.04
C GLU B 187 33.13 6.52 4.12
N LYS B 188 33.19 7.13 5.31
CA LYS B 188 32.32 6.79 6.43
C LYS B 188 31.48 8.01 6.78
N SER B 189 30.25 7.78 7.24
CA SER B 189 29.36 8.89 7.61
C SER B 189 28.32 8.51 8.67
N MET B 190 27.76 9.52 9.34
CA MET B 190 26.68 9.33 10.33
C MET B 190 26.02 10.64 10.74
N THR B 191 24.79 10.53 11.22
CA THR B 191 24.07 11.66 11.80
C THR B 191 24.19 11.60 13.33
N LEU B 192 24.47 12.74 13.94
CA LEU B 192 24.66 12.79 15.39
C LEU B 192 23.35 12.78 16.17
N ASP B 193 23.35 12.02 17.25
CA ASP B 193 22.20 11.81 18.10
C ASP B 193 22.05 12.92 19.15
N ARG B 194 23.16 13.61 19.43
CA ARG B 194 23.20 14.69 20.42
C ARG B 194 24.46 15.53 20.25
N ASP B 195 24.51 16.68 20.95
CA ASP B 195 25.69 17.53 20.98
C ASP B 195 26.92 16.76 21.49
N ARG B 196 28.03 16.91 20.78
CA ARG B 196 29.30 16.29 21.17
C ARG B 196 30.47 17.20 20.84
N ARG B 197 31.52 17.12 21.65
CA ARG B 197 32.78 17.80 21.34
C ARG B 197 33.82 16.72 21.04
N VAL B 198 34.36 16.75 19.83
CA VAL B 198 35.22 15.67 19.34
C VAL B 198 36.63 16.12 18.96
N LYS B 199 37.54 15.16 18.90
CA LYS B 199 38.92 15.39 18.46
C LYS B 199 39.32 14.45 17.34
N MET B 200 40.22 14.91 16.48
CA MET B 200 40.77 14.08 15.41
C MET B 200 42.16 13.62 15.80
N VAL B 201 42.29 12.31 15.99
CA VAL B 201 43.56 11.71 16.42
C VAL B 201 44.06 10.64 15.47
N LEU B 202 45.38 10.45 15.49
CA LEU B 202 46.01 9.39 14.73
C LEU B 202 46.78 8.47 15.67
N LYS B 203 46.31 7.24 15.82
CA LYS B 203 47.00 6.24 16.60
C LYS B 203 48.10 5.59 15.74
N THR B 204 49.33 6.04 15.94
CA THR B 204 50.48 5.56 15.14
C THR B 204 50.82 4.10 15.40
N LYS B 205 51.78 3.58 14.63
CA LYS B 205 52.27 2.20 14.80
C LYS B 205 53.17 2.06 16.04
N SER B 206 53.74 3.19 16.48
CA SER B 206 54.57 3.24 17.68
C SER B 206 53.78 3.05 18.98
N GLY B 207 52.48 3.30 18.91
CA GLY B 207 51.60 3.27 20.09
C GLY B 207 51.20 4.67 20.49
N GLU B 208 51.88 5.66 19.93
CA GLU B 208 51.62 7.08 20.19
C GLU B 208 50.25 7.52 19.66
N GLU B 209 49.77 8.65 20.15
CA GLU B 209 48.55 9.26 19.66
C GLU B 209 48.79 10.74 19.37
N ILE B 210 48.93 11.07 18.08
CA ILE B 210 49.06 12.46 17.66
C ILE B 210 47.68 13.10 17.55
N VAL B 211 47.56 14.33 18.05
CA VAL B 211 46.33 15.09 17.95
C VAL B 211 46.46 16.09 16.80
N LEU B 212 45.57 15.97 15.81
CA LEU B 212 45.60 16.80 14.62
C LEU B 212 44.65 17.99 14.73
N LYS B 213 43.46 17.75 15.24
CA LYS B 213 42.53 18.80 15.61
C LYS B 213 42.07 18.54 17.04
N PRO B 214 42.36 19.48 17.95
CA PRO B 214 42.18 19.28 19.40
C PRO B 214 40.71 19.21 19.84
N GLU B 215 39.88 20.11 19.32
CA GLU B 215 38.49 20.20 19.73
C GLU B 215 37.62 20.79 18.61
N VAL B 216 36.48 20.16 18.36
CA VAL B 216 35.48 20.71 17.44
C VAL B 216 34.07 20.41 17.95
N LYS B 217 33.25 21.45 18.07
CA LYS B 217 31.90 21.35 18.66
C LYS B 217 30.85 20.91 17.64
N LEU B 218 30.30 19.73 17.87
CA LEU B 218 29.24 19.16 17.01
C LEU B 218 27.90 19.20 17.72
N ASP B 219 26.83 19.31 16.93
CA ASP B 219 25.47 19.41 17.47
C ASP B 219 24.61 18.19 17.14
N ALA B 220 23.42 18.14 17.73
CA ALA B 220 22.43 17.12 17.41
C ALA B 220 21.89 17.38 16.00
N GLY B 221 21.82 16.32 15.20
CA GLY B 221 21.35 16.42 13.81
C GLY B 221 22.42 16.75 12.80
N ASP B 222 23.66 16.92 13.26
CA ASP B 222 24.79 17.17 12.36
C ASP B 222 25.19 15.91 11.61
N ILE B 223 25.50 16.05 10.32
CA ILE B 223 26.05 14.93 9.55
C ILE B 223 27.55 15.17 9.37
N ILE B 224 28.34 14.20 9.84
CA ILE B 224 29.80 14.28 9.75
C ILE B 224 30.38 13.11 8.95
N ASP B 225 31.43 13.39 8.17
CA ASP B 225 32.04 12.38 7.31
C ASP B 225 33.49 12.10 7.70
N SER B 226 33.89 10.84 7.60
CA SER B 226 35.30 10.49 7.67
C SER B 226 35.70 9.98 6.30
N MET B 227 36.38 10.83 5.54
CA MET B 227 36.81 10.51 4.18
C MET B 227 38.31 10.65 4.05
N TYR B 228 38.91 9.82 3.21
CA TYR B 228 40.34 9.94 2.91
C TYR B 228 40.67 9.48 1.50
N MET B 229 41.62 10.18 0.89
CA MET B 229 42.24 9.71 -0.33
C MET B 229 43.59 9.07 -0.03
N SER B 230 43.88 7.97 -0.72
CA SER B 230 45.14 7.26 -0.57
C SER B 230 46.20 7.80 -1.51
N LYS B 231 47.34 8.18 -0.96
CA LYS B 231 48.51 8.62 -1.74
C LYS B 231 48.92 7.53 -2.75
N LYS B 232 48.87 6.27 -2.31
CA LYS B 232 49.24 5.13 -3.14
C LYS B 232 48.29 4.91 -4.30
N ALA B 233 46.98 4.98 -4.02
CA ALA B 233 45.97 4.83 -5.07
C ALA B 233 46.01 6.00 -6.04
N LEU B 234 46.24 7.21 -5.52
CA LEU B 234 46.30 8.41 -6.34
C LEU B 234 47.50 8.39 -7.29
N ILE B 235 48.68 7.99 -6.80
CA ILE B 235 49.84 7.86 -7.68
C ILE B 235 49.59 6.82 -8.77
N ALA B 236 49.15 5.63 -8.36
CA ALA B 236 48.83 4.53 -9.29
C ALA B 236 47.83 4.99 -10.34
N PHE B 237 46.78 5.66 -9.91
CA PHE B 237 45.79 6.25 -10.81
C PHE B 237 46.44 7.18 -11.82
N TYR B 238 47.27 8.11 -11.35
CA TYR B 238 48.01 9.02 -12.23
C TYR B 238 48.97 8.27 -13.17
N GLU B 239 49.63 7.23 -12.67
CA GLU B 239 50.52 6.39 -13.48
C GLU B 239 49.74 5.83 -14.67
N GLU B 240 48.60 5.22 -14.36
CA GLU B 240 47.73 4.57 -15.34
C GLU B 240 47.18 5.54 -16.38
N GLN B 241 46.67 6.68 -15.92
CA GLN B 241 45.99 7.64 -16.80
C GLN B 241 46.92 8.44 -17.71
N ILE B 242 48.15 8.65 -17.26
CA ILE B 242 49.17 9.34 -18.07
C ILE B 242 49.63 8.43 -19.19
N GLU B 243 49.93 7.17 -18.86
CA GLU B 243 50.35 6.18 -19.84
C GLU B 243 49.24 5.91 -20.84
N ASP B 244 48.00 5.81 -20.34
CA ASP B 244 46.84 5.63 -21.20
C ASP B 244 46.65 6.79 -22.15
N ALA B 245 46.80 8.02 -21.63
CA ALA B 245 46.71 9.21 -22.47
C ALA B 245 47.82 9.19 -23.52
N TYR B 246 49.00 8.73 -23.11
CA TYR B 246 50.15 8.61 -24.01
C TYR B 246 49.93 7.58 -25.12
N LYS B 247 49.52 6.37 -24.74
CA LYS B 247 49.29 5.26 -25.67
C LYS B 247 48.18 5.54 -26.69
N THR B 248 47.10 6.14 -26.22
CA THR B 248 45.93 6.42 -27.05
C THR B 248 46.09 7.69 -27.88
N GLY B 249 47.11 8.47 -27.56
CA GLY B 249 47.41 9.72 -28.27
C GLY B 249 46.47 10.88 -27.98
N VAL B 250 45.92 10.92 -26.76
CA VAL B 250 44.98 12.00 -26.40
C VAL B 250 45.60 12.96 -25.38
N MET B 251 45.31 14.25 -25.56
CA MET B 251 45.87 15.31 -24.74
C MET B 251 45.43 15.20 -23.28
N PHE B 252 46.40 15.33 -22.39
CA PHE B 252 46.19 15.22 -20.95
C PHE B 252 45.84 16.59 -20.36
N SER B 253 44.81 16.62 -19.51
CA SER B 253 44.46 17.82 -18.76
C SER B 253 44.05 17.46 -17.33
N LEU B 254 44.18 18.42 -16.42
CA LEU B 254 43.84 18.21 -15.01
C LEU B 254 42.88 19.30 -14.52
N HIS B 255 41.81 18.88 -13.84
CA HIS B 255 40.73 19.78 -13.45
C HIS B 255 40.38 19.66 -11.98
N VAL B 256 40.88 20.61 -11.19
CA VAL B 256 40.62 20.67 -9.75
C VAL B 256 40.28 22.10 -9.34
N LYS B 257 40.03 22.31 -8.04
CA LYS B 257 39.71 23.64 -7.52
C LYS B 257 40.57 23.99 -6.29
N ALA B 258 41.81 24.40 -6.55
CA ALA B 258 42.77 24.66 -5.48
C ALA B 258 42.54 26.02 -4.79
N THR B 259 41.82 26.91 -5.46
CA THR B 259 41.50 28.23 -4.92
C THR B 259 40.62 28.13 -3.67
N MET B 260 39.66 27.21 -3.70
CA MET B 260 38.74 27.01 -2.58
C MET B 260 39.19 25.87 -1.68
N MET B 261 39.43 24.70 -2.25
CA MET B 261 39.97 23.57 -1.50
C MET B 261 41.48 23.78 -1.29
N LYS B 262 41.80 24.68 -0.38
CA LYS B 262 43.16 25.20 -0.21
C LYS B 262 44.15 24.20 0.39
N VAL B 263 43.64 23.10 0.96
CA VAL B 263 44.50 22.10 1.60
C VAL B 263 44.65 20.84 0.75
N SER B 264 43.53 20.18 0.42
CA SER B 264 43.56 18.90 -0.28
C SER B 264 43.93 18.98 -1.75
N HIS B 265 43.34 19.95 -2.46
CA HIS B 265 43.51 20.04 -3.91
C HIS B 265 44.88 20.43 -4.42
N PRO B 266 45.64 21.25 -3.66
CA PRO B 266 47.03 21.48 -4.07
C PRO B 266 47.94 20.25 -3.90
N ILE B 267 47.65 19.40 -2.92
CA ILE B 267 48.34 18.13 -2.77
C ILE B 267 48.07 17.24 -3.98
N VAL B 268 46.79 17.12 -4.34
CA VAL B 268 46.34 16.31 -5.48
C VAL B 268 46.99 16.81 -6.77
N PHE B 269 46.89 18.12 -7.01
CA PHE B 269 47.52 18.77 -8.15
C PHE B 269 49.03 18.51 -8.18
N GLY B 270 49.66 18.61 -7.02
CA GLY B 270 51.10 18.42 -6.89
C GLY B 270 51.56 17.05 -7.30
N HIS B 271 50.88 16.02 -6.79
CA HIS B 271 51.21 14.64 -7.14
C HIS B 271 51.15 14.38 -8.62
N ALA B 272 50.13 14.92 -9.29
CA ALA B 272 50.00 14.81 -10.74
C ALA B 272 51.29 15.25 -11.43
N VAL B 273 51.78 16.42 -11.04
CA VAL B 273 53.02 16.99 -11.59
C VAL B 273 54.24 16.14 -11.26
N LYS B 274 54.31 15.64 -10.03
CA LYS B 274 55.40 14.77 -9.58
C LYS B 274 55.55 13.55 -10.47
N VAL B 275 54.47 12.80 -10.65
CA VAL B 275 54.50 11.54 -11.42
C VAL B 275 54.65 11.78 -12.92
N PHE B 276 54.03 12.84 -13.42
CA PHE B 276 54.21 13.23 -14.82
C PHE B 276 55.68 13.44 -15.14
N TYR B 277 56.37 14.18 -14.27
CA TYR B 277 57.80 14.44 -14.41
C TYR B 277 58.65 13.57 -13.48
N LYS B 278 58.17 12.35 -13.20
CA LYS B 278 58.88 11.37 -12.36
C LYS B 278 60.39 11.37 -12.54
N ASP B 279 60.84 11.53 -13.79
CA ASP B 279 62.23 11.39 -14.17
C ASP B 279 63.11 12.55 -13.75
N ALA B 280 62.65 13.78 -14.02
CA ALA B 280 63.39 14.99 -13.65
C ALA B 280 63.47 15.19 -12.14
N PHE B 281 62.36 14.93 -11.46
CA PHE B 281 62.29 15.04 -10.01
C PHE B 281 63.12 13.96 -9.29
N ALA B 282 63.60 12.99 -10.07
CA ALA B 282 64.51 11.97 -9.55
C ALA B 282 65.96 12.43 -9.65
N LYS B 283 66.32 13.01 -10.80
CA LYS B 283 67.68 13.48 -11.03
C LYS B 283 68.03 14.68 -10.15
N HIS B 284 67.02 15.49 -9.83
CA HIS B 284 67.24 16.71 -9.06
C HIS B 284 66.60 16.70 -7.69
N GLU B 285 66.38 15.51 -7.15
CA GLU B 285 65.71 15.35 -5.85
C GLU B 285 66.37 16.17 -4.74
N LYS B 286 67.69 16.04 -4.61
CA LYS B 286 68.45 16.71 -3.55
C LYS B 286 68.44 18.24 -3.69
N LEU B 287 68.71 18.73 -4.90
CA LEU B 287 68.68 20.17 -5.18
C LEU B 287 67.31 20.78 -4.88
N PHE B 288 66.26 20.09 -5.32
CA PHE B 288 64.88 20.56 -5.16
C PHE B 288 64.43 20.69 -3.70
N ASP B 289 64.86 19.76 -2.85
CA ASP B 289 64.46 19.78 -1.44
C ASP B 289 65.09 20.93 -0.65
N GLU B 290 66.38 21.16 -0.83
CA GLU B 290 67.06 22.27 -0.15
C GLU B 290 66.78 23.62 -0.81
N LEU B 291 66.25 23.59 -2.03
CA LEU B 291 65.67 24.78 -2.67
C LEU B 291 64.26 25.03 -2.15
N GLY B 292 63.65 24.00 -1.57
CA GLY B 292 62.33 24.08 -0.98
C GLY B 292 61.18 24.15 -1.97
N VAL B 293 61.43 23.71 -3.21
CA VAL B 293 60.38 23.70 -4.24
C VAL B 293 59.21 22.79 -3.85
N ASN B 294 58.03 23.39 -3.87
CA ASN B 294 56.79 22.72 -3.59
C ASN B 294 55.90 22.87 -4.81
N VAL B 295 55.85 21.83 -5.63
CA VAL B 295 55.19 21.89 -6.93
C VAL B 295 53.66 21.77 -6.79
N ASN B 296 53.18 21.62 -5.55
CA ASN B 296 51.76 21.77 -5.23
C ASN B 296 51.26 23.15 -5.63
N ASN B 297 52.19 24.09 -5.79
CA ASN B 297 51.90 25.42 -6.29
C ASN B 297 52.17 25.47 -7.79
N GLY B 298 52.14 24.30 -8.43
CA GLY B 298 52.38 24.17 -9.86
C GLY B 298 53.84 24.27 -10.25
N LEU B 299 54.10 24.16 -11.54
CA LEU B 299 55.44 24.31 -12.10
C LEU B 299 55.96 25.73 -11.90
N SER B 300 55.02 26.67 -11.72
CA SER B 300 55.31 28.07 -11.41
C SER B 300 56.28 28.18 -10.23
N ASP B 301 56.06 27.37 -9.20
CA ASP B 301 56.91 27.33 -8.02
C ASP B 301 58.33 26.85 -8.33
N LEU B 302 58.43 25.84 -9.20
CA LEU B 302 59.72 25.29 -9.61
C LEU B 302 60.52 26.30 -10.42
N TYR B 303 59.91 26.86 -11.45
CA TYR B 303 60.57 27.85 -12.31
C TYR B 303 61.07 29.05 -11.52
N ASP B 304 60.33 29.42 -10.48
CA ASP B 304 60.68 30.55 -9.62
C ASP B 304 61.92 30.30 -8.78
N LYS B 305 62.03 29.09 -8.23
CA LYS B 305 63.14 28.74 -7.35
C LYS B 305 64.42 28.35 -8.10
N ILE B 306 64.35 28.31 -9.43
CA ILE B 306 65.52 28.00 -10.26
C ILE B 306 65.88 29.15 -11.22
N GLU B 307 65.10 30.23 -11.17
CA GLU B 307 65.32 31.38 -12.05
C GLU B 307 66.62 32.11 -11.72
N ALA B 308 67.00 32.05 -10.44
CA ALA B 308 68.19 32.76 -9.98
C ALA B 308 69.44 31.88 -10.01
N LEU B 309 69.32 30.67 -10.55
CA LEU B 309 70.44 29.74 -10.65
C LEU B 309 71.34 30.08 -11.85
N PRO B 310 72.62 29.64 -11.81
CA PRO B 310 73.54 29.82 -12.93
C PRO B 310 72.98 29.22 -14.21
N ALA B 311 73.05 29.98 -15.30
CA ALA B 311 72.42 29.61 -16.58
C ALA B 311 72.53 28.12 -16.90
N SER B 312 73.77 27.62 -17.01
CA SER B 312 74.01 26.22 -17.39
C SER B 312 73.34 25.21 -16.46
N GLN B 313 73.24 25.52 -15.17
CA GLN B 313 72.56 24.64 -14.23
C GLN B 313 71.05 24.64 -14.44
N ARG B 314 70.47 25.82 -14.60
CA ARG B 314 69.03 25.96 -14.80
C ARG B 314 68.59 25.40 -16.16
N GLU B 315 69.45 25.57 -17.17
CA GLU B 315 69.15 25.08 -18.51
C GLU B 315 69.23 23.56 -18.62
N GLU B 316 69.90 22.94 -17.66
CA GLU B 316 69.93 21.48 -17.58
C GLU B 316 68.61 20.95 -17.03
N ILE B 317 68.03 21.70 -16.09
CA ILE B 317 66.77 21.31 -15.45
C ILE B 317 65.60 21.46 -16.41
N ILE B 318 65.53 22.59 -17.12
CA ILE B 318 64.46 22.81 -18.10
C ILE B 318 64.55 21.81 -19.25
N GLU B 319 65.76 21.33 -19.54
CA GLU B 319 65.98 20.27 -20.52
C GLU B 319 65.40 18.96 -20.03
N ASP B 320 65.64 18.64 -18.75
CA ASP B 320 65.15 17.40 -18.15
C ASP B 320 63.63 17.34 -18.07
N LEU B 321 62.99 18.50 -18.16
CA LEU B 321 61.54 18.59 -18.16
C LEU B 321 60.98 18.37 -19.56
N HIS B 322 61.62 18.95 -20.57
CA HIS B 322 61.21 18.78 -21.96
C HIS B 322 61.62 17.44 -22.53
N LYS B 323 62.69 16.87 -21.98
CA LYS B 323 63.12 15.51 -22.31
C LYS B 323 62.10 14.50 -21.77
N CYS B 324 61.45 14.85 -20.65
CA CYS B 324 60.44 13.99 -20.03
C CYS B 324 59.14 13.97 -20.84
N HIS B 325 58.96 14.95 -21.72
CA HIS B 325 57.74 15.11 -22.51
C HIS B 325 57.59 14.15 -23.66
N GLU B 326 58.69 13.66 -24.22
CA GLU B 326 58.66 12.84 -25.43
C GLU B 326 58.09 11.42 -25.24
N HIS B 327 57.99 10.98 -24.00
CA HIS B 327 57.36 9.70 -23.67
C HIS B 327 56.17 9.90 -22.77
N ARG B 328 55.69 11.14 -22.76
CA ARG B 328 54.53 11.57 -22.01
C ARG B 328 53.46 12.08 -22.98
N PRO B 329 52.18 12.06 -22.58
CA PRO B 329 51.13 12.61 -23.44
C PRO B 329 51.24 14.12 -23.61
N GLU B 330 50.65 14.65 -24.68
CA GLU B 330 50.58 16.09 -24.89
C GLU B 330 49.77 16.74 -23.76
N LEU B 331 50.20 17.93 -23.33
CA LEU B 331 49.54 18.63 -22.23
C LEU B 331 48.69 19.80 -22.68
N ALA B 332 47.56 19.99 -22.00
CA ALA B 332 46.67 21.11 -22.27
C ALA B 332 47.30 22.43 -21.83
N MET B 333 47.12 23.47 -22.64
CA MET B 333 47.75 24.75 -22.39
C MET B 333 46.77 25.79 -21.90
N VAL B 334 47.18 26.53 -20.88
CA VAL B 334 46.43 27.71 -20.41
C VAL B 334 46.66 28.85 -21.40
N ASP B 335 47.93 29.04 -21.78
CA ASP B 335 48.32 30.00 -22.81
C ASP B 335 49.49 29.42 -23.58
N SER B 336 49.22 28.89 -24.76
CA SER B 336 50.22 28.22 -25.58
C SER B 336 51.23 29.20 -26.19
N ALA B 337 50.75 30.38 -26.55
CA ALA B 337 51.62 31.45 -27.09
C ALA B 337 52.75 31.82 -26.11
N LYS B 338 52.41 31.89 -24.82
CA LYS B 338 53.39 32.19 -23.76
C LYS B 338 54.09 30.90 -23.25
N GLY B 339 53.56 29.75 -23.65
CA GLY B 339 54.10 28.47 -23.21
C GLY B 339 53.69 28.10 -21.79
N ILE B 340 52.52 28.57 -21.38
CA ILE B 340 52.00 28.29 -20.03
C ILE B 340 51.00 27.13 -20.09
N SER B 341 51.31 26.05 -19.35
CA SER B 341 50.54 24.81 -19.42
C SER B 341 49.56 24.62 -18.25
N ASN B 342 48.80 23.53 -18.30
CA ASN B 342 47.87 23.12 -17.25
C ASN B 342 48.57 22.95 -15.91
N PHE B 343 49.84 22.56 -15.96
CA PHE B 343 50.61 22.26 -14.76
C PHE B 343 51.31 23.48 -14.14
N HIS B 344 51.21 24.63 -14.81
CA HIS B 344 51.89 25.85 -14.36
C HIS B 344 51.42 26.28 -13.00
N SER B 345 50.13 26.58 -12.89
CA SER B 345 49.55 27.06 -11.63
C SER B 345 48.17 26.45 -11.38
N PRO B 346 47.92 25.99 -10.14
CA PRO B 346 46.65 25.35 -9.79
C PRO B 346 45.47 26.33 -9.80
N SER B 347 45.76 27.62 -9.84
CA SER B 347 44.74 28.67 -9.91
C SER B 347 44.36 29.02 -11.35
N ASP B 348 45.06 28.42 -12.32
CA ASP B 348 44.82 28.66 -13.74
C ASP B 348 43.60 27.87 -14.27
N VAL B 349 43.60 26.56 -14.05
CA VAL B 349 42.53 25.70 -14.52
C VAL B 349 41.63 25.29 -13.34
N ILE B 350 40.54 26.03 -13.16
CA ILE B 350 39.61 25.79 -12.04
C ILE B 350 38.44 24.94 -12.54
N VAL B 351 38.24 23.80 -11.90
CA VAL B 351 37.32 22.75 -12.34
C VAL B 351 35.91 23.22 -12.74
N ASP B 352 35.31 24.08 -11.92
CA ASP B 352 33.93 24.54 -12.15
C ASP B 352 33.79 25.40 -13.41
N ALA B 353 34.89 26.05 -13.83
CA ALA B 353 34.86 26.87 -15.04
C ALA B 353 35.42 26.12 -16.25
N SER B 354 36.51 25.39 -16.04
CA SER B 354 37.27 24.75 -17.12
C SER B 354 36.51 23.62 -17.81
N MET B 355 35.78 22.83 -17.01
CA MET B 355 34.98 21.72 -17.52
C MET B 355 33.85 22.18 -18.45
N PRO B 356 32.99 23.12 -17.99
CA PRO B 356 31.98 23.65 -18.91
C PRO B 356 32.61 24.29 -20.14
N ALA B 357 33.69 25.05 -19.96
CA ALA B 357 34.41 25.64 -21.08
C ALA B 357 34.76 24.55 -22.11
N MET B 358 35.29 23.44 -21.60
CA MET B 358 35.68 22.29 -22.43
C MET B 358 34.47 21.68 -23.12
N ILE B 359 33.39 21.47 -22.38
CA ILE B 359 32.18 20.84 -22.93
C ILE B 359 31.54 21.74 -23.99
N ARG B 360 31.47 23.04 -23.72
CA ARG B 360 30.91 24.01 -24.64
C ARG B 360 31.67 24.05 -25.97
N LEU B 361 32.99 23.89 -25.90
CA LEU B 361 33.84 23.97 -27.08
C LEU B 361 33.82 22.67 -27.90
N GLY B 362 32.93 21.75 -27.52
CA GLY B 362 32.82 20.46 -28.18
C GLY B 362 33.77 19.42 -27.60
N GLY B 363 33.98 19.48 -26.29
CA GLY B 363 34.91 18.58 -25.61
C GLY B 363 36.35 18.84 -26.02
N LYS B 364 36.75 20.11 -25.98
CA LYS B 364 38.07 20.47 -26.45
C LYS B 364 38.83 21.41 -25.54
N MET B 365 40.15 21.33 -25.62
CA MET B 365 41.07 22.22 -24.92
C MET B 365 42.22 22.53 -25.86
N TYR B 366 43.05 23.51 -25.48
CA TYR B 366 44.12 23.96 -26.35
C TYR B 366 45.42 23.19 -26.17
N GLY B 367 46.12 22.97 -27.28
CA GLY B 367 47.38 22.25 -27.27
C GLY B 367 48.59 23.13 -27.46
N ALA B 368 49.77 22.51 -27.43
CA ALA B 368 51.04 23.20 -27.60
C ALA B 368 51.08 24.03 -28.88
N ASP B 369 50.53 23.48 -29.97
CA ASP B 369 50.47 24.17 -31.26
C ASP B 369 49.41 25.27 -31.34
N GLY B 370 48.57 25.35 -30.31
CA GLY B 370 47.52 26.37 -30.24
C GLY B 370 46.22 25.97 -30.91
N ARG B 371 46.07 24.68 -31.17
CA ARG B 371 44.86 24.13 -31.81
C ARG B 371 44.04 23.31 -30.83
N THR B 372 42.71 23.34 -30.99
CA THR B 372 41.79 22.62 -30.10
C THR B 372 41.91 21.11 -30.26
N LYS B 373 42.05 20.40 -29.15
CA LYS B 373 42.21 18.93 -29.18
C LYS B 373 41.24 18.25 -28.20
N ASP B 374 40.91 17.00 -28.49
CA ASP B 374 40.19 16.16 -27.54
C ASP B 374 41.08 15.96 -26.31
N THR B 375 40.48 15.74 -25.15
CA THR B 375 41.28 15.60 -23.93
C THR B 375 40.77 14.54 -22.96
N LYS B 376 41.71 13.95 -22.24
CA LYS B 376 41.39 13.15 -21.08
C LYS B 376 41.37 14.11 -19.90
N ALA B 377 40.18 14.64 -19.60
CA ALA B 377 39.99 15.54 -18.48
C ALA B 377 40.08 14.77 -17.16
N VAL B 378 41.30 14.73 -16.60
CA VAL B 378 41.52 14.02 -15.33
C VAL B 378 40.86 14.79 -14.19
N ASN B 379 40.00 14.08 -13.46
CA ASN B 379 39.21 14.60 -12.34
C ASN B 379 39.31 13.61 -11.18
N PRO B 380 40.48 13.58 -10.50
CA PRO B 380 40.83 12.49 -9.60
C PRO B 380 39.69 12.00 -8.68
N GLU B 381 39.08 12.90 -7.92
CA GLU B 381 38.00 12.48 -7.02
C GLU B 381 36.72 12.21 -7.81
N SER B 382 36.15 11.02 -7.58
CA SER B 382 34.99 10.58 -8.34
C SER B 382 33.69 11.18 -7.83
N THR B 383 33.61 11.43 -6.52
CA THR B 383 32.37 11.90 -5.87
C THR B 383 31.53 12.83 -6.75
N PHE B 384 32.17 13.85 -7.34
CA PHE B 384 31.43 14.87 -8.09
C PHE B 384 31.82 14.99 -9.56
N SER B 385 32.59 14.01 -10.07
CA SER B 385 33.08 14.09 -11.43
C SER B 385 32.33 13.17 -12.39
N ARG B 386 31.67 12.15 -11.82
CA ARG B 386 30.92 11.16 -12.60
C ARG B 386 29.81 11.81 -13.43
N MET B 387 29.19 12.83 -12.86
CA MET B 387 28.09 13.55 -13.49
C MET B 387 28.54 14.28 -14.77
N TYR B 388 29.82 14.67 -14.82
CA TYR B 388 30.40 15.26 -16.02
C TYR B 388 30.44 14.25 -17.18
N GLN B 389 30.86 13.02 -16.85
CA GLN B 389 30.95 11.94 -17.83
C GLN B 389 29.61 11.63 -18.49
N GLU B 390 28.53 11.60 -17.71
CA GLU B 390 27.18 11.41 -18.27
C GLU B 390 26.90 12.42 -19.37
N MET B 391 27.20 13.68 -19.11
CA MET B 391 26.98 14.74 -20.08
C MET B 391 27.81 14.52 -21.33
N ILE B 392 29.07 14.11 -21.15
CA ILE B 392 29.96 13.84 -22.27
C ILE B 392 29.40 12.71 -23.13
N ASN B 393 29.13 11.56 -22.51
CA ASN B 393 28.49 10.44 -23.19
C ASN B 393 27.20 10.85 -23.91
N PHE B 394 26.29 11.47 -23.15
CA PHE B 394 25.06 12.02 -23.70
C PHE B 394 25.35 12.87 -24.94
N CYS B 395 26.31 13.77 -24.83
CA CYS B 395 26.66 14.66 -25.93
C CYS B 395 27.17 13.91 -27.14
N LYS B 396 27.95 12.85 -26.92
CA LYS B 396 28.46 12.06 -28.02
C LYS B 396 27.33 11.50 -28.87
N THR B 397 26.30 10.96 -28.22
CA THR B 397 25.19 10.37 -28.97
C THR B 397 24.20 11.41 -29.51
N HIS B 398 24.06 12.54 -28.82
CA HIS B 398 23.04 13.55 -29.16
C HIS B 398 23.55 14.76 -29.90
N GLY B 399 24.86 14.97 -29.88
CA GLY B 399 25.47 16.17 -30.44
C GLY B 399 25.50 17.29 -29.41
N GLN B 400 25.98 18.47 -29.83
CA GLN B 400 26.02 19.64 -28.95
C GLN B 400 24.61 20.12 -28.57
N PHE B 401 24.49 20.71 -27.38
CA PHE B 401 23.21 21.29 -26.93
C PHE B 401 22.81 22.46 -27.82
N ASP B 402 21.51 22.56 -28.07
CA ASP B 402 20.95 23.64 -28.87
C ASP B 402 20.35 24.68 -27.93
N PRO B 403 21.05 25.83 -27.76
CA PRO B 403 20.63 26.88 -26.84
C PRO B 403 19.29 27.52 -27.21
N THR B 404 18.89 27.38 -28.47
CA THR B 404 17.62 27.95 -28.94
C THR B 404 16.41 27.14 -28.50
N THR B 405 16.58 25.86 -28.20
CA THR B 405 15.45 24.97 -27.93
C THR B 405 15.46 24.31 -26.55
N MET B 406 16.63 24.24 -25.92
CA MET B 406 16.79 23.52 -24.66
C MET B 406 16.12 24.20 -23.46
N GLY B 407 15.76 23.39 -22.47
CA GLY B 407 15.17 23.89 -21.23
C GLY B 407 16.19 24.57 -20.34
N THR B 408 15.81 24.73 -19.06
CA THR B 408 16.70 25.32 -18.05
C THR B 408 16.87 24.34 -16.91
N VAL B 409 17.99 24.46 -16.19
CA VAL B 409 18.23 23.67 -14.99
C VAL B 409 18.58 24.59 -13.82
N PRO B 410 17.55 25.11 -13.13
CA PRO B 410 17.81 25.85 -11.89
C PRO B 410 18.43 24.95 -10.82
N ASN B 411 18.97 25.58 -9.78
CA ASN B 411 19.65 24.86 -8.73
C ASN B 411 19.25 25.36 -7.34
N VAL B 412 18.99 24.42 -6.44
CA VAL B 412 18.72 24.71 -5.03
C VAL B 412 19.83 24.05 -4.21
N GLY B 413 20.88 24.82 -3.93
CA GLY B 413 22.10 24.29 -3.34
C GLY B 413 22.19 24.42 -1.84
N LEU B 414 22.62 23.33 -1.20
CA LEU B 414 22.87 23.28 0.23
C LEU B 414 24.25 23.83 0.53
N MET B 415 24.32 25.05 1.09
CA MET B 415 25.61 25.71 1.31
C MET B 415 25.76 26.48 2.61
N ALA B 416 24.65 26.69 3.32
CA ALA B 416 24.61 27.54 4.51
C ALA B 416 25.54 27.10 5.62
N GLN B 417 26.19 28.08 6.26
CA GLN B 417 27.05 27.87 7.43
C GLN B 417 28.19 26.91 7.15
N LYS B 418 29.03 27.25 6.17
CA LYS B 418 30.20 26.44 5.79
C LYS B 418 29.82 24.96 5.61
N ALA B 419 28.80 24.72 4.79
CA ALA B 419 28.22 23.38 4.65
C ALA B 419 29.12 22.39 3.91
N GLU B 420 29.24 21.19 4.47
CA GLU B 420 29.97 20.07 3.88
C GLU B 420 31.45 20.38 3.62
N GLU B 421 31.90 20.13 2.39
CA GLU B 421 33.31 20.32 2.01
C GLU B 421 33.82 21.75 2.16
N TYR B 422 32.96 22.73 1.94
CA TYR B 422 33.34 24.14 2.00
C TYR B 422 33.78 24.61 3.39
N GLY B 423 33.48 23.83 4.42
CA GLY B 423 33.87 24.14 5.78
C GLY B 423 34.89 23.19 6.38
N SER B 424 35.41 22.29 5.55
CA SER B 424 36.29 21.22 6.02
C SER B 424 37.78 21.55 5.96
N HIS B 425 38.13 22.74 5.47
CA HIS B 425 39.54 23.14 5.27
C HIS B 425 40.37 23.05 6.51
N ASP B 426 39.87 23.59 7.61
CA ASP B 426 40.58 23.56 8.90
C ASP B 426 40.49 22.20 9.58
N LYS B 427 39.97 21.21 8.87
CA LYS B 427 39.80 19.86 9.40
C LYS B 427 40.34 18.80 8.43
N THR B 428 41.13 19.27 7.47
CA THR B 428 41.81 18.41 6.50
C THR B 428 43.29 18.29 6.85
N PHE B 429 43.82 17.07 6.87
CA PHE B 429 45.22 16.84 7.21
C PHE B 429 45.92 15.87 6.28
N GLU B 430 47.14 16.23 5.88
CA GLU B 430 48.02 15.32 5.14
C GLU B 430 48.72 14.41 6.15
N ILE B 431 48.19 13.19 6.29
CA ILE B 431 48.66 12.21 7.30
C ILE B 431 50.18 12.08 7.32
N PRO B 432 50.80 12.31 8.49
CA PRO B 432 52.27 12.32 8.65
C PRO B 432 52.93 10.96 8.47
N GLU B 433 52.38 9.94 9.14
CA GLU B 433 52.90 8.57 9.08
C GLU B 433 51.74 7.57 9.11
N ASP B 434 52.00 6.33 8.69
CA ASP B 434 50.97 5.28 8.70
C ASP B 434 50.34 5.10 10.08
N GLY B 435 49.05 4.80 10.09
CA GLY B 435 48.31 4.60 11.35
C GLY B 435 46.80 4.51 11.16
N VAL B 436 46.08 4.61 12.27
CA VAL B 436 44.61 4.56 12.25
C VAL B 436 44.00 5.89 12.71
N ALA B 437 43.23 6.52 11.81
CA ALA B 437 42.65 7.84 12.05
C ALA B 437 41.24 7.75 12.61
N ASP B 438 41.08 8.19 13.85
CA ASP B 438 39.80 8.15 14.55
C ASP B 438 39.32 9.54 14.91
N ILE B 439 38.00 9.74 14.81
CA ILE B 439 37.37 10.91 15.43
C ILE B 439 36.76 10.42 16.76
N VAL B 440 37.17 11.07 17.85
CA VAL B 440 36.87 10.59 19.20
C VAL B 440 36.17 11.68 20.02
N ASP B 441 35.12 11.28 20.72
CA ASP B 441 34.42 12.15 21.67
C ASP B 441 35.33 12.44 22.86
N ILE B 442 35.38 13.69 23.31
CA ILE B 442 36.23 14.09 24.43
C ILE B 442 35.66 13.55 25.74
N ASP B 443 34.38 13.83 25.98
CA ASP B 443 33.71 13.43 27.23
C ASP B 443 33.19 11.99 27.16
N THR B 444 34.15 11.06 26.97
CA THR B 444 33.93 9.61 26.84
C THR B 444 34.90 9.03 25.82
N GLY B 445 35.50 7.89 26.15
CA GLY B 445 36.50 7.27 25.27
C GLY B 445 35.88 6.59 24.05
N GLU B 446 34.81 7.17 23.53
CA GLU B 446 34.05 6.57 22.43
C GLU B 446 34.64 6.95 21.07
N VAL B 447 34.99 5.93 20.31
CA VAL B 447 35.40 6.10 18.92
C VAL B 447 34.14 6.12 18.04
N LEU B 448 34.02 7.16 17.22
CA LEU B 448 32.80 7.40 16.45
C LEU B 448 32.91 6.94 15.00
N LEU B 449 34.06 7.20 14.38
CA LEU B 449 34.34 6.77 13.01
C LEU B 449 35.81 6.38 12.86
N THR B 450 36.06 5.10 12.56
CA THR B 450 37.42 4.60 12.42
C THR B 450 37.86 4.46 10.96
N GLN B 451 39.16 4.62 10.74
CA GLN B 451 39.74 4.57 9.40
C GLN B 451 41.23 4.25 9.45
N ASN B 452 41.71 3.41 8.53
CA ASN B 452 43.12 3.05 8.44
C ASN B 452 43.83 3.79 7.32
N VAL B 453 44.70 4.72 7.69
CA VAL B 453 45.32 5.63 6.72
C VAL B 453 46.83 5.38 6.57
N GLU B 454 47.45 6.10 5.64
CA GLU B 454 48.89 5.96 5.35
C GLU B 454 49.58 7.30 5.20
N GLU B 455 50.91 7.30 5.26
CA GLU B 455 51.71 8.50 5.06
C GLU B 455 51.41 9.13 3.69
N GLY B 456 51.00 10.39 3.70
CA GLY B 456 50.71 11.13 2.47
C GLY B 456 49.22 11.21 2.16
N ASP B 457 48.43 10.36 2.81
CA ASP B 457 46.97 10.36 2.66
C ASP B 457 46.37 11.69 3.08
N ILE B 458 45.31 12.09 2.38
CA ILE B 458 44.56 13.28 2.75
C ILE B 458 43.30 12.86 3.50
N TRP B 459 43.25 13.18 4.79
CA TRP B 459 42.11 12.83 5.64
C TRP B 459 41.37 14.07 6.07
N ARG B 460 40.04 14.00 6.08
CA ARG B 460 39.20 15.16 6.42
C ARG B 460 37.82 14.82 7.00
N MET B 461 37.26 15.79 7.72
CA MET B 461 35.96 15.64 8.37
C MET B 461 35.02 16.79 8.01
N PRO B 462 34.24 16.63 6.93
CA PRO B 462 33.24 17.65 6.56
C PRO B 462 32.08 17.68 7.55
N ILE B 463 31.41 18.82 7.62
CA ILE B 463 30.27 19.00 8.53
C ILE B 463 29.11 19.71 7.84
N VAL B 464 27.92 19.15 7.99
CA VAL B 464 26.69 19.85 7.58
C VAL B 464 25.71 19.83 8.75
N LYS B 465 25.19 21.00 9.09
CA LYS B 465 24.30 21.15 10.23
C LYS B 465 22.84 20.94 9.85
N ASP B 466 22.04 20.51 10.83
CA ASP B 466 20.63 20.15 10.59
C ASP B 466 19.78 21.33 10.13
N ALA B 467 20.03 22.50 10.70
CA ALA B 467 19.23 23.69 10.42
C ALA B 467 19.31 24.15 8.95
N PRO B 468 20.53 24.21 8.37
CA PRO B 468 20.64 24.46 6.93
C PRO B 468 19.90 23.43 6.07
N ILE B 469 19.99 22.15 6.45
CA ILE B 469 19.32 21.07 5.72
C ILE B 469 17.79 21.30 5.66
N ARG B 470 17.20 21.63 6.81
CA ARG B 470 15.77 21.92 6.92
C ARG B 470 15.35 23.08 6.01
N ASP B 471 16.13 24.15 6.02
CA ASP B 471 15.91 25.31 5.14
C ASP B 471 16.07 24.94 3.66
N TRP B 472 17.02 24.06 3.37
CA TRP B 472 17.31 23.64 2.00
C TRP B 472 16.18 22.84 1.40
N VAL B 473 15.62 21.92 2.17
CA VAL B 473 14.45 21.16 1.72
C VAL B 473 13.29 22.13 1.47
N LYS B 474 13.06 23.02 2.43
CA LYS B 474 12.01 24.03 2.31
C LYS B 474 12.21 24.91 1.07
N LEU B 475 13.44 25.29 0.78
CA LEU B 475 13.74 26.12 -0.39
C LEU B 475 13.44 25.38 -1.69
N ALA B 476 13.75 24.08 -1.73
CA ALA B 476 13.46 23.26 -2.89
C ALA B 476 11.95 23.16 -3.14
N VAL B 477 11.20 22.92 -2.06
CA VAL B 477 9.74 22.84 -2.13
C VAL B 477 9.14 24.16 -2.61
N THR B 478 9.65 25.27 -2.06
CA THR B 478 9.20 26.61 -2.43
C THR B 478 9.37 26.84 -3.94
N ARG B 479 10.56 26.52 -4.44
CA ARG B 479 10.87 26.70 -5.86
C ARG B 479 10.00 25.82 -6.77
N ALA B 480 9.74 24.59 -6.32
CA ALA B 480 8.81 23.70 -7.01
C ALA B 480 7.42 24.34 -7.08
N ARG B 481 6.95 24.84 -5.94
CA ARG B 481 5.63 25.47 -5.81
C ARG B 481 5.48 26.74 -6.66
N LEU B 482 6.51 27.59 -6.65
CA LEU B 482 6.46 28.90 -7.29
C LEU B 482 6.66 28.86 -8.81
N SER B 483 7.44 27.89 -9.28
CA SER B 483 7.79 27.79 -10.70
C SER B 483 7.02 26.71 -11.46
N GLY B 484 6.55 25.71 -10.73
CA GLY B 484 5.82 24.60 -11.33
C GLY B 484 6.74 23.57 -11.96
N MET B 485 8.04 23.79 -11.80
CA MET B 485 9.07 22.88 -12.30
C MET B 485 9.26 21.71 -11.34
N PRO B 486 9.53 20.51 -11.88
CA PRO B 486 9.84 19.38 -11.00
C PRO B 486 11.22 19.52 -10.38
N VAL B 487 11.40 18.99 -9.18
CA VAL B 487 12.70 19.05 -8.51
C VAL B 487 13.25 17.65 -8.25
N VAL B 488 14.53 17.47 -8.59
CA VAL B 488 15.22 16.21 -8.33
C VAL B 488 16.34 16.46 -7.33
N PHE B 489 16.33 15.69 -6.24
CA PHE B 489 17.43 15.68 -5.28
C PHE B 489 18.49 14.71 -5.79
N TRP B 490 19.72 15.21 -5.97
CA TRP B 490 20.83 14.40 -6.44
C TRP B 490 21.53 13.76 -5.28
N LEU B 491 21.04 12.61 -4.84
CA LEU B 491 21.65 11.89 -3.73
C LEU B 491 21.91 10.42 -4.07
N ASP B 492 23.18 10.03 -3.98
CA ASP B 492 23.59 8.65 -4.21
C ASP B 492 23.10 7.72 -3.10
N THR B 493 23.04 6.43 -3.42
CA THR B 493 22.66 5.41 -2.45
C THR B 493 23.92 4.76 -1.90
N GLU B 494 24.99 4.85 -2.69
CA GLU B 494 26.25 4.17 -2.39
C GLU B 494 27.31 5.11 -1.81
N ARG B 495 26.89 6.33 -1.50
CA ARG B 495 27.74 7.28 -0.77
C ARG B 495 27.13 7.55 0.60
N PRO B 496 27.76 7.04 1.67
CA PRO B 496 27.21 7.18 3.03
C PRO B 496 26.65 8.59 3.32
N HIS B 497 27.43 9.63 3.02
CA HIS B 497 27.00 11.01 3.25
C HIS B 497 25.70 11.35 2.57
N GLU B 498 25.49 10.82 1.37
CA GLU B 498 24.28 11.13 0.61
C GLU B 498 23.08 10.24 0.98
N VAL B 499 23.33 9.12 1.64
CA VAL B 499 22.23 8.34 2.23
C VAL B 499 21.82 8.94 3.57
N GLU B 500 22.77 9.56 4.27
CA GLU B 500 22.47 10.31 5.49
C GLU B 500 21.56 11.49 5.19
N LEU B 501 21.90 12.26 4.15
CA LEU B 501 21.07 13.37 3.68
C LEU B 501 19.69 12.87 3.25
N ARG B 502 19.67 11.70 2.59
CA ARG B 502 18.44 11.07 2.11
C ARG B 502 17.45 10.90 3.26
N LYS B 503 17.92 10.33 4.37
CA LYS B 503 17.11 10.14 5.57
C LYS B 503 16.43 11.42 6.00
N LYS B 504 17.14 12.54 5.89
CA LYS B 504 16.62 13.85 6.28
C LYS B 504 15.68 14.44 5.24
N VAL B 505 16.03 14.31 3.97
CA VAL B 505 15.18 14.80 2.88
C VAL B 505 13.83 14.07 2.89
N LYS B 506 13.88 12.75 3.07
CA LYS B 506 12.70 11.90 3.17
C LYS B 506 11.78 12.36 4.31
N GLU B 507 12.39 12.63 5.47
CA GLU B 507 11.67 13.05 6.67
C GLU B 507 11.10 14.47 6.53
N TYR B 508 11.95 15.41 6.10
CA TYR B 508 11.58 16.84 6.08
C TYR B 508 10.68 17.27 4.93
N LEU B 509 10.58 16.42 3.89
CA LEU B 509 9.62 16.66 2.82
C LEU B 509 8.18 16.55 3.32
N LYS B 510 7.98 15.74 4.36
CA LYS B 510 6.65 15.52 4.95
C LYS B 510 6.14 16.75 5.73
N ASP B 511 7.07 17.59 6.19
CA ASP B 511 6.75 18.79 6.94
C ASP B 511 6.30 19.96 6.04
N HIS B 512 5.92 19.67 4.81
CA HIS B 512 5.51 20.70 3.85
C HIS B 512 4.35 20.25 3.00
N ASP B 513 3.77 21.20 2.27
CA ASP B 513 2.67 20.91 1.35
C ASP B 513 3.21 20.64 -0.05
N THR B 514 3.38 19.35 -0.36
CA THR B 514 3.96 18.93 -1.64
C THR B 514 2.92 18.21 -2.51
N GLU B 515 1.64 18.52 -2.28
CA GLU B 515 0.53 17.80 -2.89
C GLU B 515 0.54 17.74 -4.42
N GLY B 516 0.84 18.87 -5.06
CA GLY B 516 0.85 18.93 -6.52
C GLY B 516 2.23 19.16 -7.10
N LEU B 517 3.25 18.53 -6.48
CA LEU B 517 4.63 18.77 -6.87
C LEU B 517 5.38 17.48 -7.21
N LYS B 518 6.04 17.48 -8.36
CA LYS B 518 6.86 16.37 -8.80
C LYS B 518 8.24 16.42 -8.13
N ILE B 519 8.39 15.67 -7.05
CA ILE B 519 9.63 15.66 -6.28
C ILE B 519 10.12 14.23 -6.13
N GLN B 520 11.34 13.98 -6.60
CA GLN B 520 11.95 12.65 -6.45
C GLN B 520 13.43 12.73 -6.06
N ILE B 521 13.99 11.59 -5.66
CA ILE B 521 15.39 11.48 -5.28
C ILE B 521 16.11 10.44 -6.15
N MET B 522 17.19 10.86 -6.81
CA MET B 522 17.98 9.98 -7.69
C MET B 522 19.48 10.11 -7.42
N PRO B 523 20.25 9.02 -7.64
CA PRO B 523 21.71 9.15 -7.65
C PRO B 523 22.14 10.14 -8.72
N GLN B 524 23.30 10.77 -8.53
CA GLN B 524 23.78 11.87 -9.38
C GLN B 524 23.76 11.56 -10.87
N VAL B 525 24.28 10.39 -11.22
CA VAL B 525 24.42 10.00 -12.62
C VAL B 525 23.05 9.79 -13.26
N TRP B 526 22.14 9.17 -12.51
CA TRP B 526 20.73 9.08 -12.89
C TRP B 526 20.12 10.45 -13.03
N ALA B 527 20.32 11.29 -12.01
CA ALA B 527 19.74 12.63 -11.97
C ALA B 527 20.22 13.52 -13.13
N MET B 528 21.52 13.50 -13.40
CA MET B 528 22.09 14.21 -14.54
C MET B 528 21.46 13.73 -15.84
N ARG B 529 21.33 12.41 -15.99
CA ARG B 529 20.75 11.84 -17.20
C ARG B 529 19.31 12.28 -17.39
N TYR B 530 18.50 12.10 -16.35
CA TYR B 530 17.10 12.47 -16.36
C TYR B 530 16.93 13.95 -16.70
N THR B 531 17.80 14.78 -16.12
CA THR B 531 17.82 16.22 -16.41
C THR B 531 18.13 16.50 -17.88
N LEU B 532 19.20 15.89 -18.39
CA LEU B 532 19.58 16.03 -19.80
C LEU B 532 18.49 15.54 -20.73
N GLU B 533 17.86 14.44 -20.35
CA GLU B 533 16.80 13.85 -21.14
C GLU B 533 15.67 14.86 -21.36
N ARG B 534 15.25 15.54 -20.30
CA ARG B 534 14.18 16.54 -20.47
C ARG B 534 14.61 17.92 -20.97
N VAL B 535 15.84 18.35 -20.71
CA VAL B 535 16.27 19.66 -21.23
C VAL B 535 16.41 19.65 -22.75
N VAL B 536 16.83 18.52 -23.30
CA VAL B 536 17.02 18.40 -24.74
C VAL B 536 15.66 18.44 -25.44
N ARG B 537 14.60 18.05 -24.71
CA ARG B 537 13.24 18.14 -25.21
C ARG B 537 12.58 19.49 -24.87
N GLY B 538 13.39 20.42 -24.37
CA GLY B 538 12.95 21.77 -24.02
C GLY B 538 12.19 21.86 -22.71
N LYS B 539 12.38 20.90 -21.82
CA LYS B 539 11.70 20.88 -20.53
C LYS B 539 12.64 21.28 -19.39
N ASP B 540 12.05 21.88 -18.34
CA ASP B 540 12.82 22.39 -17.21
C ASP B 540 12.84 21.42 -16.02
N THR B 541 13.96 21.40 -15.30
CA THR B 541 14.11 20.56 -14.11
C THR B 541 14.93 21.33 -13.08
N ILE B 542 14.59 21.16 -11.80
CA ILE B 542 15.33 21.80 -10.71
C ILE B 542 16.24 20.79 -10.04
N ALA B 543 17.52 21.13 -9.91
CA ALA B 543 18.49 20.28 -9.24
C ALA B 543 18.70 20.71 -7.79
N ALA B 544 18.22 19.89 -6.86
CA ALA B 544 18.48 20.12 -5.44
C ALA B 544 19.70 19.31 -5.05
N THR B 545 20.80 20.01 -4.80
CA THR B 545 22.10 19.38 -4.66
C THR B 545 22.84 19.86 -3.42
N GLY B 546 23.96 19.20 -3.12
CA GLY B 546 24.87 19.64 -2.07
C GLY B 546 25.67 20.87 -2.49
N ASN B 547 26.65 21.23 -1.68
CA ASN B 547 27.44 22.44 -1.90
C ASN B 547 28.29 22.41 -3.16
N ILE B 548 29.14 21.40 -3.29
CA ILE B 548 30.03 21.28 -4.45
C ILE B 548 29.25 21.13 -5.77
N LEU B 549 28.19 20.32 -5.74
CA LEU B 549 27.33 20.19 -6.92
C LEU B 549 26.64 21.50 -7.28
N ARG B 550 26.27 22.29 -6.28
CA ARG B 550 25.73 23.64 -6.49
C ARG B 550 26.71 24.45 -7.32
N ASP B 551 27.98 24.44 -6.90
CA ASP B 551 29.06 25.11 -7.62
C ASP B 551 29.17 24.64 -9.07
N TYR B 552 29.37 23.33 -9.24
CA TYR B 552 29.62 22.73 -10.56
C TYR B 552 28.46 22.94 -11.53
N LEU B 553 27.24 22.72 -11.07
CA LEU B 553 26.06 22.77 -11.93
C LEU B 553 25.62 24.18 -12.34
N THR B 554 25.88 25.16 -11.49
CA THR B 554 25.49 26.55 -11.77
C THR B 554 26.52 27.26 -12.63
N ASP B 555 27.56 26.53 -13.03
CA ASP B 555 28.46 26.98 -14.08
C ASP B 555 28.16 26.20 -15.34
N LEU B 556 27.99 24.89 -15.18
CA LEU B 556 27.78 23.97 -16.29
C LEU B 556 26.60 24.38 -17.16
N PHE B 557 25.40 24.38 -16.58
CA PHE B 557 24.20 24.64 -17.36
C PHE B 557 24.05 26.09 -17.84
N PRO B 558 24.34 27.07 -16.97
CA PRO B 558 24.25 28.46 -17.45
C PRO B 558 25.21 28.73 -18.61
N ILE B 559 26.40 28.15 -18.57
CA ILE B 559 27.36 28.32 -19.68
C ILE B 559 26.83 27.68 -20.98
N LEU B 560 26.18 26.54 -20.85
CA LEU B 560 25.59 25.89 -22.03
C LEU B 560 24.32 26.62 -22.52
N GLU B 561 23.42 26.93 -21.59
CA GLU B 561 22.18 27.65 -21.92
C GLU B 561 22.40 29.08 -22.41
N LEU B 562 23.32 29.79 -21.76
CA LEU B 562 23.46 31.24 -21.95
C LEU B 562 24.81 31.69 -22.52
N GLY B 563 25.85 30.89 -22.30
CA GLY B 563 27.19 31.24 -22.77
C GLY B 563 28.04 31.88 -21.68
N THR B 564 27.43 32.07 -20.53
CA THR B 564 28.09 32.68 -19.36
C THR B 564 27.27 32.43 -18.10
N SER B 565 27.91 32.56 -16.94
CA SER B 565 27.20 32.47 -15.64
C SER B 565 27.05 33.85 -15.00
N ALA B 566 27.24 34.89 -15.81
CA ALA B 566 27.16 36.28 -15.34
C ALA B 566 25.74 36.85 -15.43
N LYS B 567 24.92 36.29 -16.30
CA LYS B 567 23.59 36.81 -16.58
C LYS B 567 22.50 36.05 -15.84
N MET B 568 22.69 35.79 -14.56
CA MET B 568 21.71 35.01 -13.80
C MET B 568 21.45 35.47 -12.37
N LEU B 569 20.29 35.06 -11.83
CA LEU B 569 19.93 35.35 -10.45
C LEU B 569 20.66 34.42 -9.52
N SER B 570 21.15 34.97 -8.40
CA SER B 570 21.79 34.17 -7.37
C SER B 570 21.29 34.64 -6.01
N ILE B 571 20.11 34.14 -5.63
CA ILE B 571 19.44 34.58 -4.42
C ILE B 571 19.80 33.67 -3.24
N VAL B 572 20.08 34.30 -2.10
CA VAL B 572 20.39 33.59 -0.87
C VAL B 572 19.40 34.01 0.22
N PRO B 573 18.31 33.24 0.40
CA PRO B 573 17.39 33.49 1.50
C PRO B 573 18.09 33.22 2.83
N LEU B 574 18.47 34.29 3.51
CA LEU B 574 19.15 34.20 4.80
C LEU B 574 18.21 33.62 5.84
N MET B 575 18.74 32.67 6.62
CA MET B 575 17.94 31.85 7.53
C MET B 575 17.20 32.66 8.58
N ALA B 576 17.87 33.68 9.12
CA ALA B 576 17.31 34.54 10.15
C ALA B 576 16.13 35.38 9.65
N GLY B 577 15.99 35.47 8.33
CA GLY B 577 14.84 36.14 7.71
C GLY B 577 15.18 37.09 6.58
N GLY B 578 16.42 37.57 6.56
CA GLY B 578 16.88 38.51 5.54
C GLY B 578 17.19 37.86 4.20
N GLY B 579 17.88 38.59 3.34
CA GLY B 579 18.24 38.08 2.02
C GLY B 579 19.56 38.62 1.50
N LEU B 580 20.37 37.73 0.93
CA LEU B 580 21.60 38.11 0.25
C LEU B 580 21.43 37.90 -1.25
N TYR B 581 21.98 38.81 -2.05
CA TYR B 581 21.82 38.77 -3.50
C TYR B 581 23.16 38.96 -4.20
N GLU B 582 23.79 37.83 -4.52
CA GLU B 582 25.01 37.81 -5.34
C GLU B 582 24.68 38.21 -6.78
N THR B 583 25.45 39.15 -7.32
CA THR B 583 25.23 39.65 -8.68
C THR B 583 26.04 38.89 -9.71
N GLY B 584 26.99 38.09 -9.23
CA GLY B 584 27.88 37.32 -10.10
C GLY B 584 28.68 36.27 -9.37
N ALA B 585 28.80 35.10 -10.00
CA ALA B 585 29.56 33.99 -9.43
C ALA B 585 31.02 34.04 -9.86
N GLY B 586 31.31 34.87 -10.85
CA GLY B 586 32.65 34.95 -11.42
C GLY B 586 33.58 35.90 -10.67
N GLY B 587 34.71 36.21 -11.29
CA GLY B 587 35.68 37.12 -10.71
C GLY B 587 35.33 38.57 -10.95
N SER B 588 36.27 39.45 -10.58
CA SER B 588 36.06 40.88 -10.72
C SER B 588 36.71 41.45 -11.98
N ALA B 589 37.11 40.55 -12.88
CA ALA B 589 37.59 40.87 -14.23
C ALA B 589 38.73 41.91 -14.32
N PRO B 590 39.98 41.48 -14.04
CA PRO B 590 41.14 42.37 -14.12
C PRO B 590 41.37 42.92 -15.52
N LYS B 591 41.13 42.10 -16.54
CA LYS B 591 41.28 42.51 -17.93
C LYS B 591 40.31 43.64 -18.32
N HIS B 592 39.15 43.67 -17.68
CA HIS B 592 38.15 44.71 -17.91
C HIS B 592 38.65 46.06 -17.47
N VAL B 593 39.28 46.09 -16.29
CA VAL B 593 39.87 47.31 -15.76
C VAL B 593 40.96 47.84 -16.69
N HIS B 594 41.78 46.93 -17.22
CA HIS B 594 42.86 47.28 -18.13
C HIS B 594 42.38 48.11 -19.29
N GLN B 595 41.31 47.66 -19.92
CA GLN B 595 40.75 48.36 -21.07
C GLN B 595 40.23 49.73 -20.66
N LEU B 596 39.57 49.81 -19.50
CA LEU B 596 39.07 51.09 -19.00
C LEU B 596 40.19 52.09 -18.71
N VAL B 597 41.23 51.67 -18.00
CA VAL B 597 42.30 52.60 -17.64
C VAL B 597 43.16 53.05 -18.83
N GLU B 598 43.34 52.15 -19.81
CA GLU B 598 44.18 52.46 -20.99
C GLU B 598 43.46 53.23 -22.10
N GLU B 599 42.22 52.85 -22.38
CA GLU B 599 41.36 53.53 -23.35
C GLU B 599 39.94 53.43 -22.78
N ASN B 600 39.44 54.52 -22.17
CA ASN B 600 38.31 54.33 -21.26
C ASN B 600 36.99 53.79 -21.83
N HIS B 601 36.96 52.46 -21.89
CA HIS B 601 35.79 51.68 -22.27
C HIS B 601 35.70 50.55 -21.28
N LEU B 602 34.68 50.58 -20.43
CA LEU B 602 34.43 49.47 -19.52
C LEU B 602 33.43 48.54 -20.19
N ARG B 603 33.81 47.27 -20.36
CA ARG B 603 32.95 46.31 -21.05
C ARG B 603 32.28 45.33 -20.09
N TRP B 604 32.36 45.63 -18.79
CA TRP B 604 31.69 44.86 -17.75
C TRP B 604 30.19 44.87 -17.95
N ASP B 605 29.58 43.70 -17.89
CA ASP B 605 28.13 43.58 -17.99
C ASP B 605 27.49 43.69 -16.61
N SER B 606 26.63 44.68 -16.44
CA SER B 606 25.99 44.92 -15.14
C SER B 606 24.60 44.31 -15.01
N LEU B 607 24.21 43.48 -15.98
CA LEU B 607 22.89 42.82 -15.94
C LEU B 607 22.67 42.05 -14.65
N GLY B 608 23.74 41.45 -14.13
CA GLY B 608 23.69 40.70 -12.88
C GLY B 608 23.37 41.59 -11.69
N GLU B 609 23.80 42.84 -11.77
CA GLU B 609 23.52 43.83 -10.74
C GLU B 609 22.07 44.31 -10.84
N PHE B 610 21.61 44.60 -12.06
CA PHE B 610 20.21 44.94 -12.31
C PHE B 610 19.24 43.85 -11.82
N LEU B 611 19.60 42.59 -12.08
CA LEU B 611 18.76 41.45 -11.69
C LEU B 611 18.68 41.29 -10.18
N ALA B 612 19.83 41.34 -9.52
CA ALA B 612 19.89 41.21 -8.06
C ALA B 612 19.08 42.30 -7.36
N LEU B 613 19.21 43.53 -7.86
CA LEU B 613 18.48 44.68 -7.31
C LEU B 613 16.97 44.48 -7.38
N GLY B 614 16.49 43.99 -8.53
CA GLY B 614 15.08 43.65 -8.70
C GLY B 614 14.61 42.65 -7.66
N ALA B 615 15.41 41.61 -7.45
CA ALA B 615 15.12 40.60 -6.44
C ALA B 615 15.13 41.21 -5.05
N SER B 616 16.07 42.12 -4.81
CA SER B 616 16.19 42.81 -3.53
C SER B 616 14.99 43.70 -3.23
N LEU B 617 14.53 44.45 -4.24
CA LEU B 617 13.39 45.34 -4.10
C LEU B 617 12.07 44.58 -3.94
N GLU B 618 11.94 43.47 -4.66
CA GLU B 618 10.76 42.62 -4.60
C GLU B 618 10.59 42.02 -3.21
N ASP B 619 11.68 41.51 -2.64
CA ASP B 619 11.68 40.92 -1.30
C ASP B 619 11.51 41.95 -0.19
N MET B 620 12.02 43.16 -0.42
CA MET B 620 11.84 44.28 0.50
C MET B 620 10.35 44.59 0.67
N GLY B 621 9.61 44.55 -0.44
CA GLY B 621 8.18 44.82 -0.45
C GLY B 621 7.37 43.74 0.27
N ASN B 622 7.74 42.48 0.03
CA ASN B 622 7.06 41.35 0.64
C ASN B 622 7.31 41.24 2.15
N LYS B 623 8.49 41.67 2.60
CA LYS B 623 8.87 41.54 4.00
C LYS B 623 8.50 42.75 4.87
N THR B 624 8.46 43.94 4.28
CA THR B 624 8.19 45.16 5.06
C THR B 624 6.83 45.80 4.78
N GLY B 625 6.15 45.34 3.73
CA GLY B 625 4.84 45.86 3.35
C GLY B 625 4.94 47.17 2.57
N ASN B 626 6.03 47.30 1.82
CA ASN B 626 6.26 48.50 1.01
C ASN B 626 5.71 48.32 -0.41
N GLU B 627 4.60 49.00 -0.69
CA GLU B 627 3.94 48.90 -2.00
C GLU B 627 4.70 49.63 -3.10
N LYS B 628 5.46 50.65 -2.70
CA LYS B 628 6.27 51.43 -3.64
C LYS B 628 7.47 50.63 -4.14
N ALA B 629 8.07 49.86 -3.23
CA ALA B 629 9.19 48.98 -3.54
C ALA B 629 8.78 47.89 -4.53
N LYS B 630 7.55 47.39 -4.36
CA LYS B 630 6.96 46.41 -5.27
C LYS B 630 6.92 46.97 -6.68
N VAL B 631 6.49 48.22 -6.80
CA VAL B 631 6.33 48.90 -8.09
C VAL B 631 7.69 49.20 -8.73
N LEU B 632 8.68 49.56 -7.89
CA LEU B 632 10.05 49.75 -8.35
C LEU B 632 10.66 48.46 -8.92
N ALA B 633 10.41 47.34 -8.22
CA ALA B 633 10.86 46.03 -8.66
C ALA B 633 10.25 45.63 -10.00
N LYS B 634 8.94 45.82 -10.13
CA LYS B 634 8.21 45.50 -11.36
C LYS B 634 8.68 46.35 -12.54
N ALA B 635 8.98 47.62 -12.26
CA ALA B 635 9.46 48.57 -13.28
C ALA B 635 10.87 48.21 -13.74
N LEU B 636 11.75 47.91 -12.78
CA LEU B 636 13.12 47.52 -13.06
C LEU B 636 13.21 46.23 -13.88
N ASP B 637 12.36 45.26 -13.56
CA ASP B 637 12.31 44.00 -14.31
C ASP B 637 12.02 44.20 -15.80
N THR B 638 11.03 45.04 -16.11
CA THR B 638 10.68 45.31 -17.51
C THR B 638 11.75 46.17 -18.16
N ALA B 639 12.37 47.04 -17.37
CA ALA B 639 13.52 47.84 -17.83
C ALA B 639 14.71 46.94 -18.18
N THR B 640 14.99 45.97 -17.32
CA THR B 640 16.01 44.96 -17.57
C THR B 640 15.64 44.16 -18.82
N GLY B 641 14.38 43.72 -18.88
CA GLY B 641 13.85 43.00 -20.03
C GLY B 641 13.98 43.80 -21.32
N LYS B 642 13.69 45.09 -21.25
CA LYS B 642 13.76 45.98 -22.41
C LYS B 642 15.20 46.23 -22.84
N LEU B 643 16.12 46.30 -21.88
CA LEU B 643 17.54 46.48 -22.15
C LEU B 643 18.08 45.32 -22.99
N LEU B 644 17.62 44.11 -22.67
CA LEU B 644 17.95 42.93 -23.45
C LEU B 644 17.30 42.96 -24.84
N GLU B 645 15.99 43.23 -24.87
CA GLU B 645 15.22 43.30 -26.12
C GLU B 645 15.75 44.37 -27.07
N GLU B 646 16.13 45.51 -26.52
CA GLU B 646 16.66 46.63 -27.31
C GLU B 646 18.16 46.46 -27.59
N ASN B 647 18.70 45.33 -27.12
CA ASN B 647 20.11 44.98 -27.28
C ASN B 647 21.06 46.11 -26.86
N LYS B 648 20.85 46.61 -25.65
CA LYS B 648 21.62 47.75 -25.13
C LYS B 648 22.58 47.32 -24.01
N SER B 649 23.13 46.11 -24.13
CA SER B 649 24.17 45.63 -23.23
C SER B 649 25.54 46.09 -23.74
N PRO B 650 26.55 46.16 -22.84
CA PRO B 650 27.88 46.67 -23.20
C PRO B 650 28.54 45.91 -24.35
N SER B 651 29.04 46.66 -25.32
CA SER B 651 29.87 46.11 -26.41
C SER B 651 31.29 45.91 -25.88
N ARG B 652 32.01 44.98 -26.49
CA ARG B 652 33.38 44.69 -26.04
C ARG B 652 34.39 45.64 -26.69
N ARG B 653 34.06 46.14 -27.88
CA ARG B 653 34.98 46.97 -28.66
C ARG B 653 34.94 48.43 -28.22
N THR B 654 36.11 48.96 -27.89
CA THR B 654 36.27 50.36 -27.48
C THR B 654 35.80 51.32 -28.57
N GLY B 655 35.15 52.40 -28.17
CA GLY B 655 34.58 53.37 -29.12
C GLY B 655 33.08 53.18 -29.27
N GLU B 656 32.62 51.97 -28.97
CA GLU B 656 31.19 51.63 -29.01
C GLU B 656 30.56 51.71 -27.61
N LEU B 657 29.26 51.43 -27.54
CA LEU B 657 28.48 51.50 -26.30
C LEU B 657 29.08 50.63 -25.19
N ASP B 658 29.40 51.27 -24.06
CA ASP B 658 30.03 50.56 -22.94
C ASP B 658 29.11 50.51 -21.71
N ASN B 659 29.62 49.91 -20.63
CA ASN B 659 28.89 49.76 -19.37
C ASN B 659 28.17 51.02 -18.91
N ARG B 660 28.82 52.17 -19.11
CA ARG B 660 28.26 53.46 -18.72
C ARG B 660 27.05 53.81 -19.56
N GLY B 661 27.15 53.55 -20.87
CA GLY B 661 26.03 53.75 -21.77
C GLY B 661 24.85 52.83 -21.50
N SER B 662 25.15 51.60 -21.10
CA SER B 662 24.11 50.61 -20.83
C SER B 662 23.33 51.00 -19.58
N GLN B 663 24.05 51.52 -18.59
CA GLN B 663 23.44 52.01 -17.34
C GLN B 663 22.52 53.20 -17.58
N PHE B 664 22.81 54.00 -18.60
CA PHE B 664 21.92 55.08 -18.98
C PHE B 664 20.61 54.54 -19.52
N TYR B 665 20.71 53.61 -20.48
CA TYR B 665 19.53 53.01 -21.08
C TYR B 665 18.66 52.28 -20.07
N LEU B 666 19.29 51.62 -19.11
CA LEU B 666 18.55 50.97 -18.03
C LEU B 666 17.75 52.01 -17.26
N SER B 667 18.42 53.08 -16.85
CA SER B 667 17.78 54.15 -16.09
C SER B 667 16.71 54.88 -16.89
N LEU B 668 16.92 55.02 -18.20
CA LEU B 668 15.89 55.51 -19.12
C LEU B 668 14.64 54.63 -19.10
N PHE B 669 14.83 53.33 -19.35
CA PHE B 669 13.73 52.38 -19.39
C PHE B 669 13.06 52.22 -18.03
N TRP B 670 13.87 52.34 -16.97
CA TRP B 670 13.37 52.28 -15.59
C TRP B 670 12.41 53.41 -15.32
N ALA B 671 12.83 54.63 -15.70
CA ALA B 671 12.01 55.82 -15.56
C ALA B 671 10.78 55.75 -16.45
N GLN B 672 10.94 55.19 -17.65
CA GLN B 672 9.82 54.99 -18.59
C GLN B 672 8.76 54.05 -18.02
N ALA B 673 9.19 52.90 -17.51
CA ALA B 673 8.27 51.91 -16.95
C ALA B 673 7.48 52.49 -15.77
N LEU B 674 8.16 53.27 -14.93
CA LEU B 674 7.52 53.90 -13.77
C LEU B 674 6.52 54.99 -14.15
N ALA B 675 6.70 55.59 -15.32
CA ALA B 675 5.80 56.63 -15.80
C ALA B 675 4.49 56.04 -16.33
N GLU B 676 4.59 54.93 -17.06
CA GLU B 676 3.41 54.33 -17.68
C GLU B 676 2.81 53.14 -16.91
N GLN B 677 3.09 53.07 -15.61
CA GLN B 677 2.42 52.11 -14.72
C GLN B 677 1.28 52.80 -13.96
N THR B 678 0.31 52.02 -13.51
CA THR B 678 -0.94 52.59 -12.98
C THR B 678 -1.48 52.02 -11.66
N GLU B 679 -0.58 51.51 -10.81
CA GLU B 679 -0.99 51.08 -9.46
C GLU B 679 -0.51 52.03 -8.37
N ASP B 680 0.31 53.01 -8.77
CA ASP B 680 0.78 54.05 -7.86
C ASP B 680 0.90 55.37 -8.62
N ALA B 681 -0.08 56.26 -8.38
CA ALA B 681 -0.16 57.54 -9.08
C ALA B 681 0.95 58.51 -8.70
N GLU B 682 1.39 58.45 -7.45
CA GLU B 682 2.46 59.31 -6.94
C GLU B 682 3.75 59.09 -7.73
N LEU B 683 4.13 57.82 -7.89
CA LEU B 683 5.34 57.44 -8.59
C LEU B 683 5.23 57.68 -10.10
N ALA B 684 4.05 57.40 -10.64
CA ALA B 684 3.78 57.59 -12.07
C ALA B 684 4.09 59.01 -12.53
N GLU B 685 3.62 60.00 -11.77
CA GLU B 685 3.85 61.41 -12.09
C GLU B 685 5.24 61.88 -11.67
N ARG B 686 5.80 61.26 -10.63
CA ARG B 686 7.12 61.61 -10.12
C ARG B 686 8.22 61.35 -11.17
N PHE B 687 8.12 60.23 -11.86
CA PHE B 687 9.12 59.82 -12.85
C PHE B 687 8.76 60.21 -14.27
N LYS B 688 7.57 60.78 -14.44
CA LYS B 688 7.11 61.27 -15.74
C LYS B 688 8.03 62.34 -16.35
N PRO B 689 8.49 63.31 -15.52
CA PRO B 689 9.49 64.27 -16.05
C PRO B 689 10.87 63.64 -16.22
N LEU B 690 11.20 62.65 -15.40
CA LEU B 690 12.49 61.95 -15.52
C LEU B 690 12.55 61.21 -16.85
N ALA B 691 11.53 60.41 -17.12
CA ALA B 691 11.41 59.69 -18.38
C ALA B 691 11.39 60.63 -19.57
N LYS B 692 10.68 61.74 -19.45
CA LYS B 692 10.59 62.76 -20.50
C LYS B 692 11.95 63.40 -20.78
N ALA B 693 12.65 63.79 -19.71
CA ALA B 693 13.96 64.43 -19.81
C ALA B 693 15.01 63.49 -20.41
N LEU B 694 15.07 62.27 -19.90
CA LEU B 694 16.05 61.27 -20.33
C LEU B 694 15.88 60.86 -21.80
N ALA B 695 14.63 60.71 -22.24
CA ALA B 695 14.34 60.31 -23.62
C ALA B 695 14.67 61.42 -24.62
N GLU B 696 14.42 62.66 -24.22
CA GLU B 696 14.61 63.82 -25.09
C GLU B 696 16.08 64.18 -25.25
N GLN B 697 16.89 63.76 -24.29
CA GLN B 697 18.33 64.02 -24.32
C GLN B 697 19.15 62.75 -24.58
N GLU B 698 18.47 61.70 -25.04
CA GLU B 698 19.09 60.40 -25.29
C GLU B 698 20.36 60.49 -26.13
N GLU B 699 20.27 61.13 -27.29
CA GLU B 699 21.41 61.17 -28.22
C GLU B 699 22.55 62.12 -27.80
N ALA B 700 22.26 63.08 -26.93
CA ALA B 700 23.30 63.94 -26.37
C ALA B 700 24.07 63.20 -25.27
N ILE B 701 23.32 62.50 -24.43
CA ILE B 701 23.90 61.68 -23.37
C ILE B 701 24.81 60.58 -23.94
N VAL B 702 24.29 59.80 -24.88
CA VAL B 702 25.08 58.73 -25.52
C VAL B 702 26.30 59.30 -26.27
N SER B 703 26.11 60.45 -26.91
CA SER B 703 27.20 61.18 -27.54
C SER B 703 28.33 61.49 -26.56
N GLU B 704 27.98 62.11 -25.43
CA GLU B 704 28.94 62.44 -24.37
C GLU B 704 29.65 61.19 -23.83
N LEU B 705 28.86 60.16 -23.54
CA LEU B 705 29.38 58.91 -22.96
C LEU B 705 30.26 58.12 -23.93
N ASN B 706 30.19 58.45 -25.22
CA ASN B 706 30.98 57.75 -26.25
C ASN B 706 32.16 58.56 -26.79
N SER B 707 31.98 59.88 -26.89
CA SER B 707 33.05 60.77 -27.37
C SER B 707 34.21 60.87 -26.37
N VAL B 708 33.99 60.38 -25.17
CA VAL B 708 34.97 60.45 -24.10
C VAL B 708 35.91 59.23 -24.13
N GLN B 709 35.59 58.27 -25.01
CA GLN B 709 36.35 57.02 -25.13
C GLN B 709 37.57 57.14 -26.05
N GLY B 710 38.45 56.15 -25.97
CA GLY B 710 39.64 56.10 -26.81
C GLY B 710 40.82 56.90 -26.29
N LYS B 711 40.90 57.05 -24.97
CA LYS B 711 41.99 57.78 -24.34
C LYS B 711 42.35 57.20 -22.97
N THR B 712 43.58 57.44 -22.53
CA THR B 712 44.04 57.02 -21.20
C THR B 712 43.32 57.81 -20.12
N VAL B 713 43.12 57.18 -18.97
CA VAL B 713 42.30 57.71 -17.90
C VAL B 713 42.96 57.51 -16.54
N ASP B 714 42.73 58.46 -15.62
CA ASP B 714 43.32 58.44 -14.29
C ASP B 714 42.28 58.10 -13.21
N ILE B 715 42.43 56.92 -12.61
CA ILE B 715 41.57 56.50 -11.50
C ILE B 715 42.26 56.56 -10.14
N GLY B 716 43.54 56.93 -10.15
CA GLY B 716 44.31 57.18 -8.92
C GLY B 716 44.80 55.96 -8.17
N GLY B 717 44.95 54.85 -8.89
CA GLY B 717 45.39 53.59 -8.28
C GLY B 717 44.77 52.39 -8.94
N TYR B 718 44.72 51.28 -8.21
CA TYR B 718 44.12 50.05 -8.73
C TYR B 718 43.34 49.31 -7.64
N TYR B 719 44.04 48.85 -6.61
CA TYR B 719 43.43 48.12 -5.51
C TYR B 719 42.77 49.05 -4.51
N TYR B 720 43.06 50.34 -4.65
CA TYR B 720 42.45 51.39 -3.86
C TYR B 720 42.34 52.65 -4.73
N PRO B 721 41.30 52.71 -5.59
CA PRO B 721 41.16 53.85 -6.48
C PRO B 721 40.73 55.08 -5.70
N ASP B 722 41.15 56.26 -6.15
CA ASP B 722 40.72 57.50 -5.53
C ASP B 722 39.29 57.78 -5.97
N PRO B 723 38.36 57.92 -5.00
CA PRO B 723 36.94 58.13 -5.31
C PRO B 723 36.68 59.32 -6.23
N GLU B 724 37.31 60.46 -5.95
CA GLU B 724 37.11 61.67 -6.76
C GLU B 724 37.42 61.45 -8.23
N LYS B 725 38.61 60.90 -8.51
CA LYS B 725 39.07 60.71 -9.88
C LYS B 725 38.31 59.57 -10.57
N THR B 726 37.95 58.53 -9.81
CA THR B 726 37.15 57.42 -10.31
C THR B 726 35.73 57.89 -10.68
N SER B 727 35.16 58.75 -9.84
CA SER B 727 33.82 59.28 -10.06
C SER B 727 33.74 60.15 -11.32
N GLU B 728 34.81 60.91 -11.59
CA GLU B 728 34.94 61.71 -12.80
C GLU B 728 34.88 60.82 -14.03
N VAL B 729 35.74 59.81 -14.04
CA VAL B 729 35.86 58.87 -15.14
C VAL B 729 34.54 58.12 -15.38
N MET B 730 33.93 57.64 -14.30
CA MET B 730 32.73 56.82 -14.40
C MET B 730 31.44 57.60 -14.65
N ARG B 731 31.47 58.90 -14.42
CA ARG B 731 30.30 59.76 -14.65
C ARG B 731 30.66 60.96 -15.53
N PRO B 732 31.14 60.70 -16.76
CA PRO B 732 31.68 61.79 -17.57
C PRO B 732 30.63 62.64 -18.29
N SER B 733 29.40 62.14 -18.39
CA SER B 733 28.34 62.85 -19.07
C SER B 733 27.73 63.94 -18.20
N LYS B 734 28.01 65.19 -18.55
CA LYS B 734 27.46 66.37 -17.88
C LYS B 734 25.94 66.36 -17.97
N THR B 735 25.41 66.06 -19.16
CA THR B 735 23.97 66.06 -19.40
C THR B 735 23.28 65.04 -18.48
N PHE B 736 23.78 63.80 -18.48
CA PHE B 736 23.15 62.74 -17.70
C PHE B 736 23.21 62.98 -16.19
N ASN B 737 24.36 63.43 -15.69
CA ASN B 737 24.54 63.73 -14.28
C ASN B 737 23.55 64.78 -13.77
N THR B 738 23.46 65.89 -14.50
CA THR B 738 22.60 67.01 -14.12
C THR B 738 21.11 66.67 -14.19
N THR B 739 20.69 66.09 -15.32
CA THR B 739 19.28 65.74 -15.52
C THR B 739 18.76 64.69 -14.53
N LEU B 740 19.70 63.96 -13.92
CA LEU B 740 19.39 62.95 -12.91
C LEU B 740 19.07 63.64 -11.57
N PRO C 6 1.86 -40.01 -25.86
CA PRO C 6 3.07 -40.19 -25.08
C PRO C 6 4.33 -39.86 -25.91
N THR C 7 4.30 -38.73 -26.61
CA THR C 7 5.21 -38.51 -27.74
C THR C 7 5.92 -37.15 -27.80
N ILE C 8 7.19 -37.19 -28.19
CA ILE C 8 7.99 -36.00 -28.48
C ILE C 8 8.31 -35.97 -29.99
N ILE C 9 8.24 -34.80 -30.60
CA ILE C 9 8.60 -34.64 -32.01
C ILE C 9 10.00 -34.03 -32.15
N TYR C 10 10.95 -34.85 -32.63
CA TYR C 10 12.32 -34.40 -32.83
C TYR C 10 12.54 -34.00 -34.31
N THR C 11 12.97 -32.76 -34.52
CA THR C 11 13.08 -32.23 -35.88
C THR C 11 14.33 -32.68 -36.60
N LEU C 12 14.16 -33.16 -37.82
CA LEU C 12 15.27 -33.46 -38.71
C LEU C 12 15.51 -32.25 -39.61
N THR C 13 16.66 -31.62 -39.44
CA THR C 13 16.94 -30.36 -40.14
C THR C 13 18.06 -30.48 -41.17
N ASP C 14 19.04 -29.59 -41.10
CA ASP C 14 20.06 -29.48 -42.13
C ASP C 14 21.47 -29.67 -41.60
N GLU C 15 22.40 -29.93 -42.51
CA GLU C 15 23.84 -29.88 -42.24
C GLU C 15 24.29 -30.50 -40.91
N ALA C 16 25.03 -29.73 -40.11
CA ALA C 16 25.69 -30.23 -38.90
C ALA C 16 24.75 -30.76 -37.82
N PRO C 17 23.69 -30.01 -37.46
CA PRO C 17 22.76 -30.55 -36.46
C PRO C 17 22.09 -31.85 -36.91
N LEU C 18 21.82 -31.97 -38.21
CA LEU C 18 21.27 -33.20 -38.78
C LEU C 18 22.24 -34.36 -38.57
N LEU C 19 23.51 -34.13 -38.89
CA LEU C 19 24.56 -35.13 -38.69
C LEU C 19 24.66 -35.57 -37.24
N ALA C 20 24.60 -34.59 -36.33
CA ALA C 20 24.59 -34.87 -34.89
C ALA C 20 23.39 -35.71 -34.49
N THR C 21 22.24 -35.42 -35.09
CA THR C 21 21.00 -36.14 -34.79
C THR C 21 21.07 -37.62 -35.18
N TYR C 22 21.78 -37.92 -36.27
CA TYR C 22 21.99 -39.30 -36.71
C TYR C 22 22.68 -40.14 -35.64
N ALA C 23 23.61 -39.52 -34.91
CA ALA C 23 24.32 -40.18 -33.82
C ALA C 23 23.52 -40.17 -32.54
N PHE C 24 22.71 -39.12 -32.35
CA PHE C 24 22.03 -38.88 -31.08
C PHE C 24 20.66 -39.52 -30.96
N LEU C 25 19.91 -39.51 -32.07
CA LEU C 25 18.53 -40.01 -32.07
C LEU C 25 18.34 -41.42 -31.46
N PRO C 26 19.23 -42.38 -31.81
CA PRO C 26 19.12 -43.71 -31.19
C PRO C 26 19.29 -43.72 -29.67
N VAL C 27 20.15 -42.85 -29.13
CA VAL C 27 20.35 -42.76 -27.68
C VAL C 27 19.19 -42.04 -26.97
N VAL C 28 18.69 -40.95 -27.55
CA VAL C 28 17.49 -40.30 -26.98
C VAL C 28 16.28 -41.25 -27.02
N ARG C 29 16.22 -42.11 -28.03
CA ARG C 29 15.16 -43.12 -28.12
C ARG C 29 15.27 -44.23 -27.07
N LYS C 30 16.47 -44.76 -26.86
CA LYS C 30 16.69 -45.80 -25.86
C LYS C 30 16.35 -45.33 -24.46
N PHE C 31 16.74 -44.10 -24.14
CA PHE C 31 16.47 -43.51 -22.84
C PHE C 31 14.99 -43.16 -22.67
N ALA C 32 14.43 -42.46 -23.65
CA ALA C 32 13.06 -41.93 -23.57
C ALA C 32 11.99 -43.00 -23.35
N GLU C 33 12.18 -44.16 -23.96
CA GLU C 33 11.24 -45.27 -23.87
C GLU C 33 11.07 -45.80 -22.44
N ALA C 34 12.07 -45.55 -21.59
CA ALA C 34 12.04 -45.97 -20.20
C ALA C 34 10.99 -45.23 -19.37
N ALA C 35 10.46 -44.13 -19.93
CA ALA C 35 9.38 -43.36 -19.31
C ALA C 35 8.09 -43.52 -20.09
N GLY C 36 8.09 -44.45 -21.04
CA GLY C 36 6.94 -44.68 -21.92
C GLY C 36 6.77 -43.58 -22.95
N ILE C 37 7.89 -42.92 -23.30
CA ILE C 37 7.88 -41.82 -24.25
C ILE C 37 8.33 -42.28 -25.64
N ASP C 38 7.58 -41.86 -26.65
CA ASP C 38 7.86 -42.19 -28.04
C ASP C 38 8.47 -40.97 -28.74
N VAL C 39 9.63 -41.17 -29.38
CA VAL C 39 10.31 -40.08 -30.08
C VAL C 39 10.16 -40.20 -31.60
N LYS C 40 9.28 -39.37 -32.16
CA LYS C 40 8.98 -39.40 -33.59
C LYS C 40 9.60 -38.20 -34.31
N THR C 41 10.18 -38.47 -35.48
CA THR C 41 10.90 -37.45 -36.24
C THR C 41 9.99 -36.69 -37.19
N SER C 42 10.43 -35.49 -37.59
CA SER C 42 9.77 -34.71 -38.62
C SER C 42 10.84 -34.05 -39.49
N ASP C 43 10.82 -34.34 -40.78
CA ASP C 43 11.83 -33.84 -41.70
C ASP C 43 11.44 -32.46 -42.24
N ILE C 44 12.09 -31.42 -41.74
CA ILE C 44 11.85 -30.04 -42.23
C ILE C 44 13.07 -29.42 -42.92
N SER C 45 13.99 -30.27 -43.37
CA SER C 45 15.14 -29.82 -44.14
C SER C 45 14.67 -29.04 -45.37
N VAL C 46 15.56 -28.24 -45.96
CA VAL C 46 15.25 -27.52 -47.19
C VAL C 46 14.87 -28.51 -48.30
N ALA C 47 15.57 -29.64 -48.34
CA ALA C 47 15.26 -30.72 -49.28
C ALA C 47 13.82 -31.23 -49.14
N ALA C 48 13.45 -31.64 -47.92
CA ALA C 48 12.10 -32.14 -47.67
C ALA C 48 11.04 -31.07 -47.97
N ARG C 49 11.33 -29.83 -47.62
CA ARG C 49 10.39 -28.74 -47.84
C ARG C 49 10.17 -28.46 -49.32
N ILE C 50 11.20 -28.66 -50.14
CA ILE C 50 11.10 -28.54 -51.60
C ILE C 50 10.16 -29.61 -52.16
N LEU C 51 10.36 -30.85 -51.70
CA LEU C 51 9.57 -31.99 -52.18
C LEU C 51 8.11 -31.88 -51.75
N ALA C 52 7.89 -31.48 -50.50
CA ALA C 52 6.54 -31.35 -49.93
C ALA C 52 5.68 -30.36 -50.70
N GLU C 53 6.30 -29.30 -51.21
CA GLU C 53 5.61 -28.31 -52.02
C GLU C 53 5.38 -28.80 -53.45
N PHE C 54 6.42 -29.39 -54.04
CA PHE C 54 6.39 -29.79 -55.44
C PHE C 54 6.19 -31.29 -55.64
N GLY C 55 5.10 -31.82 -55.10
CA GLY C 55 4.75 -33.23 -55.27
C GLY C 55 4.17 -33.59 -56.63
N ASP C 56 3.85 -32.57 -57.44
CA ASP C 56 3.13 -32.76 -58.72
C ASP C 56 3.76 -33.79 -59.64
N HIS C 57 5.08 -33.76 -59.76
CA HIS C 57 5.81 -34.62 -60.69
C HIS C 57 6.70 -35.63 -60.01
N LEU C 58 6.26 -36.09 -58.84
CA LEU C 58 6.97 -37.15 -58.09
C LEU C 58 6.06 -38.36 -57.88
N THR C 59 6.67 -39.53 -57.71
CA THR C 59 5.92 -40.76 -57.43
C THR C 59 5.40 -40.73 -56.00
N GLU C 60 4.44 -41.61 -55.70
CA GLU C 60 3.87 -41.71 -54.36
C GLU C 60 4.93 -42.04 -53.29
N GLU C 61 5.92 -42.87 -53.66
CA GLU C 61 7.03 -43.19 -52.78
C GLU C 61 7.98 -42.00 -52.61
N GLN C 62 8.09 -41.19 -53.66
CA GLN C 62 8.96 -40.01 -53.63
C GLN C 62 8.34 -38.89 -52.79
N ARG C 63 7.01 -38.80 -52.81
CA ARG C 63 6.27 -37.73 -52.15
C ARG C 63 6.52 -37.64 -50.65
N VAL C 64 6.54 -36.40 -50.15
CA VAL C 64 6.77 -36.10 -48.75
C VAL C 64 5.58 -35.26 -48.26
N PRO C 65 5.02 -35.61 -47.08
CA PRO C 65 3.93 -34.81 -46.50
C PRO C 65 4.40 -33.39 -46.14
N ASP C 66 3.44 -32.48 -45.93
CA ASP C 66 3.75 -31.12 -45.50
C ASP C 66 4.15 -31.11 -44.02
N ASN C 67 5.35 -31.63 -43.74
CA ASN C 67 5.89 -31.74 -42.38
C ASN C 67 5.92 -30.43 -41.59
N LEU C 68 6.14 -29.31 -42.29
CA LEU C 68 6.14 -27.99 -41.67
C LEU C 68 4.72 -27.60 -41.25
N GLY C 69 3.79 -27.67 -42.20
CA GLY C 69 2.37 -27.41 -41.94
C GLY C 69 1.80 -28.32 -40.88
N GLU C 70 2.33 -29.54 -40.80
CA GLU C 70 1.91 -30.54 -39.82
C GLU C 70 2.20 -30.07 -38.41
N LEU C 71 3.42 -29.58 -38.19
CA LEU C 71 3.85 -29.05 -36.90
C LEU C 71 3.07 -27.79 -36.54
N GLY C 72 2.80 -26.96 -37.55
CA GLY C 72 1.98 -25.76 -37.40
C GLY C 72 0.59 -26.07 -36.85
N ALA C 73 0.01 -27.17 -37.33
CA ALA C 73 -1.26 -27.65 -36.81
C ALA C 73 -1.09 -28.33 -35.45
N LEU C 74 0.04 -29.02 -35.26
CA LEU C 74 0.34 -29.72 -34.02
C LEU C 74 0.51 -28.77 -32.83
N THR C 75 0.96 -27.55 -33.09
CA THR C 75 1.13 -26.54 -32.02
C THR C 75 -0.20 -26.24 -31.32
N GLN C 76 -1.29 -26.41 -32.05
CA GLN C 76 -2.65 -26.22 -31.52
C GLN C 76 -3.12 -27.37 -30.61
N ASP C 77 -2.30 -28.42 -30.53
CA ASP C 77 -2.58 -29.60 -29.70
C ASP C 77 -1.92 -29.45 -28.33
N PRO C 78 -2.75 -29.36 -27.26
CA PRO C 78 -2.29 -29.16 -25.87
C PRO C 78 -1.20 -30.12 -25.39
N SER C 79 -1.00 -31.23 -26.10
CA SER C 79 -0.01 -32.24 -25.71
C SER C 79 1.31 -32.12 -26.45
N ALA C 80 1.36 -31.22 -27.44
CA ALA C 80 2.52 -31.06 -28.34
C ALA C 80 3.84 -30.79 -27.60
N ASN C 81 4.88 -31.49 -28.02
CA ASN C 81 6.22 -31.34 -27.48
C ASN C 81 7.23 -31.49 -28.62
N ILE C 82 7.69 -30.36 -29.14
CA ILE C 82 8.57 -30.32 -30.30
C ILE C 82 9.97 -29.85 -29.92
N ILE C 83 10.97 -30.69 -30.15
CA ILE C 83 12.37 -30.28 -30.02
C ILE C 83 12.87 -29.83 -31.40
N LYS C 84 13.10 -28.53 -31.54
CA LYS C 84 13.52 -27.94 -32.81
C LYS C 84 15.03 -27.69 -32.85
N LEU C 85 15.65 -28.08 -33.96
CA LEU C 85 17.07 -27.85 -34.17
C LEU C 85 17.30 -26.77 -35.22
N PRO C 86 18.51 -26.14 -35.21
CA PRO C 86 18.82 -25.13 -36.22
C PRO C 86 18.67 -25.66 -37.64
N ASN C 87 17.99 -24.87 -38.48
CA ASN C 87 17.76 -25.25 -39.86
C ASN C 87 18.23 -24.17 -40.81
N ILE C 88 18.43 -24.52 -42.07
CA ILE C 88 18.80 -23.56 -43.10
C ILE C 88 17.62 -22.63 -43.42
N SER C 89 17.88 -21.33 -43.33
CA SER C 89 17.05 -20.34 -44.00
C SER C 89 17.69 -20.12 -45.35
N ALA C 90 17.10 -20.72 -46.38
CA ALA C 90 17.76 -20.85 -47.67
C ALA C 90 17.87 -19.55 -48.44
N SER C 91 19.09 -19.23 -48.85
CA SER C 91 19.34 -18.18 -49.82
C SER C 91 19.15 -18.78 -51.20
N VAL C 92 19.17 -17.93 -52.22
CA VAL C 92 19.00 -18.39 -53.60
C VAL C 92 20.04 -19.44 -54.00
N PRO C 93 21.35 -19.19 -53.72
CA PRO C 93 22.37 -20.20 -54.04
C PRO C 93 22.14 -21.54 -53.33
N GLN C 94 21.70 -21.50 -52.07
CA GLN C 94 21.39 -22.72 -51.32
C GLN C 94 20.22 -23.48 -51.94
N LEU C 95 19.19 -22.76 -52.37
CA LEU C 95 18.03 -23.38 -53.01
C LEU C 95 18.43 -24.06 -54.31
N LEU C 96 19.17 -23.33 -55.16
CA LEU C 96 19.62 -23.87 -56.44
C LEU C 96 20.47 -25.12 -56.28
N ALA C 97 21.32 -25.14 -55.26
CA ALA C 97 22.16 -26.29 -54.96
C ALA C 97 21.32 -27.48 -54.48
N ALA C 98 20.27 -27.19 -53.73
CA ALA C 98 19.37 -28.22 -53.22
C ALA C 98 18.50 -28.80 -54.34
N ILE C 99 18.05 -27.94 -55.25
CA ILE C 99 17.24 -28.37 -56.40
C ILE C 99 18.03 -29.35 -57.28
N LYS C 100 19.26 -28.97 -57.60
CA LYS C 100 20.12 -29.76 -58.47
C LYS C 100 20.48 -31.12 -57.86
N GLU C 101 20.73 -31.15 -56.55
CA GLU C 101 21.01 -32.41 -55.87
C GLU C 101 19.80 -33.34 -55.94
N LEU C 102 18.61 -32.78 -55.74
CA LEU C 102 17.37 -33.54 -55.81
C LEU C 102 17.09 -34.02 -57.24
N GLN C 103 17.22 -33.13 -58.21
CA GLN C 103 17.06 -33.47 -59.62
C GLN C 103 18.01 -34.60 -60.01
N GLY C 104 19.30 -34.42 -59.71
CA GLY C 104 20.33 -35.41 -59.99
C GLY C 104 20.02 -36.76 -59.35
N LYS C 105 19.36 -36.73 -58.20
CA LYS C 105 18.98 -37.96 -57.49
C LYS C 105 17.64 -38.54 -57.96
N GLY C 106 17.06 -37.92 -58.99
CA GLY C 106 15.90 -38.48 -59.67
C GLY C 106 14.55 -37.98 -59.20
N TYR C 107 14.54 -36.89 -58.45
CA TYR C 107 13.29 -36.24 -58.05
C TYR C 107 13.04 -35.12 -59.05
N ASN C 108 12.00 -35.26 -59.85
CA ASN C 108 11.68 -34.26 -60.87
C ASN C 108 10.98 -33.04 -60.29
N VAL C 109 11.79 -32.10 -59.79
CA VAL C 109 11.31 -30.80 -59.29
C VAL C 109 11.79 -29.71 -60.24
N PRO C 110 11.01 -28.62 -60.39
CA PRO C 110 11.35 -27.64 -61.43
C PRO C 110 12.52 -26.72 -61.05
N ASP C 111 13.21 -26.22 -62.08
CA ASP C 111 14.24 -25.21 -61.90
C ASP C 111 13.63 -23.95 -61.31
N TYR C 112 14.40 -23.26 -60.46
CA TYR C 112 14.00 -21.94 -59.97
C TYR C 112 14.32 -20.89 -61.04
N PRO C 113 13.27 -20.22 -61.55
CA PRO C 113 13.45 -19.18 -62.55
C PRO C 113 13.56 -17.79 -61.91
N ALA C 114 14.78 -17.31 -61.74
CA ALA C 114 15.04 -16.00 -61.12
C ALA C 114 14.23 -14.90 -61.82
N ASN C 115 14.31 -14.87 -63.15
CA ASN C 115 13.52 -13.97 -63.97
C ASN C 115 12.62 -14.77 -64.93
N PRO C 116 11.36 -15.02 -64.51
CA PRO C 116 10.43 -15.88 -65.24
C PRO C 116 10.08 -15.37 -66.64
N LYS C 117 10.50 -16.13 -67.66
CA LYS C 117 10.27 -15.77 -69.06
C LYS C 117 8.80 -15.91 -69.47
N THR C 118 8.13 -16.92 -68.93
CA THR C 118 6.72 -17.18 -69.22
C THR C 118 5.83 -16.81 -68.03
N ASP C 119 4.52 -16.98 -68.21
CA ASP C 119 3.55 -16.74 -67.14
C ASP C 119 3.44 -17.97 -66.24
N ASP C 120 3.88 -19.11 -66.75
CA ASP C 120 3.82 -20.37 -66.03
C ASP C 120 4.98 -20.50 -65.03
N GLU C 121 6.11 -19.89 -65.38
CA GLU C 121 7.28 -19.87 -64.49
C GLU C 121 7.09 -18.91 -63.32
N LYS C 122 6.25 -17.88 -63.52
CA LYS C 122 5.89 -16.94 -62.45
C LYS C 122 5.15 -17.65 -61.32
N LYS C 123 4.39 -18.68 -61.68
CA LYS C 123 3.63 -19.47 -60.72
C LYS C 123 4.55 -20.26 -59.79
N ILE C 124 5.62 -20.81 -60.37
CA ILE C 124 6.55 -21.67 -59.62
C ILE C 124 7.59 -20.87 -58.83
N LYS C 125 7.84 -19.62 -59.24
CA LYS C 125 8.73 -18.73 -58.51
C LYS C 125 8.09 -18.31 -57.18
N ASP C 126 6.78 -18.08 -57.23
CA ASP C 126 6.01 -17.73 -56.03
C ASP C 126 5.87 -18.93 -55.11
N ARG C 127 5.89 -20.12 -55.69
CA ARG C 127 5.80 -21.35 -54.90
C ARG C 127 7.11 -21.62 -54.16
N TYR C 128 8.23 -21.40 -54.84
CA TYR C 128 9.56 -21.54 -54.22
C TYR C 128 9.83 -20.43 -53.20
N ALA C 129 9.21 -19.27 -53.41
CA ALA C 129 9.33 -18.14 -52.50
C ALA C 129 8.90 -18.51 -51.08
N LYS C 130 8.13 -19.59 -50.96
CA LYS C 130 7.65 -20.09 -49.67
C LYS C 130 8.65 -21.01 -49.00
N ILE C 131 9.70 -21.39 -49.74
CA ILE C 131 10.76 -22.25 -49.21
C ILE C 131 11.96 -21.39 -48.82
N LEU C 132 12.17 -20.33 -49.59
CA LEU C 132 13.23 -19.35 -49.37
C LEU C 132 13.10 -18.63 -48.03
N GLY C 133 14.25 -18.23 -47.48
CA GLY C 133 14.30 -17.39 -46.29
C GLY C 133 13.90 -18.06 -45.00
N SER C 134 13.57 -17.25 -44.00
CA SER C 134 13.14 -17.75 -42.70
C SER C 134 11.70 -18.25 -42.79
N ALA C 135 11.56 -19.51 -43.17
CA ALA C 135 10.24 -20.10 -43.45
C ALA C 135 9.68 -20.87 -42.25
N VAL C 136 10.57 -21.50 -41.51
CA VAL C 136 10.21 -22.40 -40.41
C VAL C 136 9.69 -21.66 -39.18
N ASN C 137 10.48 -20.70 -38.70
CA ASN C 137 10.20 -20.01 -37.44
C ASN C 137 8.79 -19.42 -37.29
N PRO C 138 8.32 -18.64 -38.29
CA PRO C 138 6.98 -18.02 -38.14
C PRO C 138 5.82 -19.02 -38.13
N VAL C 139 6.10 -20.29 -38.41
CA VAL C 139 5.08 -21.34 -38.37
C VAL C 139 5.08 -22.04 -37.00
N LEU C 140 6.27 -22.24 -36.44
CA LEU C 140 6.41 -22.95 -35.17
C LEU C 140 6.26 -22.06 -33.95
N ARG C 141 6.50 -20.76 -34.12
CA ARG C 141 6.42 -19.81 -33.00
C ARG C 141 5.00 -19.39 -32.68
N GLU C 142 4.28 -20.31 -32.04
CA GLU C 142 2.91 -20.08 -31.58
C GLU C 142 2.87 -19.84 -30.08
N GLY C 143 4.04 -19.53 -29.52
CA GLY C 143 4.16 -19.13 -28.12
C GLY C 143 5.16 -17.99 -27.99
N ASN C 144 5.49 -17.63 -26.76
CA ASN C 144 6.44 -16.55 -26.52
C ASN C 144 7.82 -17.05 -26.10
N SER C 145 8.80 -16.14 -26.10
CA SER C 145 10.19 -16.51 -25.88
C SER C 145 10.58 -16.43 -24.40
N ASP C 146 10.92 -17.59 -23.84
CA ASP C 146 11.57 -17.65 -22.55
C ASP C 146 12.97 -18.16 -22.81
N ARG C 147 13.85 -17.25 -23.22
CA ARG C 147 15.23 -17.59 -23.51
C ARG C 147 16.13 -17.16 -22.35
N ARG C 148 16.95 -18.09 -21.86
CA ARG C 148 17.84 -17.80 -20.74
C ARG C 148 19.01 -18.78 -20.66
N ALA C 149 20.11 -18.32 -20.06
CA ALA C 149 21.26 -19.18 -19.81
C ALA C 149 21.00 -20.09 -18.61
N PRO C 150 21.27 -21.40 -18.75
CA PRO C 150 21.16 -22.33 -17.63
C PRO C 150 22.28 -22.12 -16.61
N LYS C 151 21.96 -22.30 -15.32
CA LYS C 151 22.90 -22.07 -14.23
C LYS C 151 24.25 -22.78 -14.42
N ALA C 152 24.20 -24.04 -14.82
CA ALA C 152 25.41 -24.83 -15.08
C ALA C 152 26.34 -24.16 -16.09
N VAL C 153 25.75 -23.52 -17.09
CA VAL C 153 26.51 -22.81 -18.13
C VAL C 153 27.10 -21.49 -17.61
N LYS C 154 26.29 -20.74 -16.85
CA LYS C 154 26.75 -19.50 -16.23
C LYS C 154 27.84 -19.75 -15.19
N GLU C 155 27.68 -20.81 -14.40
CA GLU C 155 28.68 -21.19 -13.39
C GLU C 155 30.00 -21.62 -14.03
N TYR C 156 29.91 -22.33 -15.15
CA TYR C 156 31.10 -22.73 -15.90
C TYR C 156 31.82 -21.52 -16.48
N ALA C 157 31.06 -20.52 -16.93
CA ALA C 157 31.62 -19.29 -17.50
C ALA C 157 32.39 -18.49 -16.45
N ARG C 158 31.86 -18.44 -15.23
CA ARG C 158 32.51 -17.77 -14.11
C ARG C 158 33.87 -18.40 -13.81
N LYS C 159 33.90 -19.74 -13.77
CA LYS C 159 35.11 -20.50 -13.46
C LYS C 159 36.08 -20.50 -14.65
N HIS C 160 35.53 -20.53 -15.85
CA HIS C 160 36.35 -20.50 -17.07
C HIS C 160 35.96 -19.33 -17.94
N PRO C 161 36.58 -18.17 -17.70
CA PRO C 161 36.20 -16.96 -18.45
C PRO C 161 36.79 -16.90 -19.86
N HIS C 162 35.92 -16.64 -20.82
CA HIS C 162 36.29 -16.43 -22.22
C HIS C 162 36.98 -15.12 -22.36
N SER C 163 37.77 -14.97 -23.43
CA SER C 163 38.47 -13.71 -23.67
C SER C 163 37.52 -12.58 -24.06
N MET C 164 37.78 -11.39 -23.51
CA MET C 164 36.99 -10.19 -23.80
C MET C 164 37.93 -9.06 -24.22
N GLY C 165 37.60 -8.38 -25.31
CA GLY C 165 38.38 -7.23 -25.77
C GLY C 165 38.24 -6.05 -24.81
N GLU C 166 39.37 -5.44 -24.45
CA GLU C 166 39.36 -4.32 -23.51
C GLU C 166 38.81 -3.04 -24.14
N TRP C 167 38.03 -2.30 -23.35
CA TRP C 167 37.45 -1.04 -23.80
C TRP C 167 38.29 0.13 -23.40
N SER C 168 38.61 0.96 -24.38
CA SER C 168 39.38 2.16 -24.16
C SER C 168 38.45 3.34 -23.89
N GLN C 169 38.68 4.05 -22.80
CA GLN C 169 37.95 5.29 -22.53
C GLN C 169 38.04 6.27 -23.71
N ALA C 170 39.10 6.15 -24.50
CA ALA C 170 39.29 6.97 -25.69
C ALA C 170 38.77 6.33 -26.98
N SER C 171 38.02 5.23 -26.86
CA SER C 171 37.43 4.55 -28.02
C SER C 171 36.55 5.49 -28.84
N ARG C 172 36.57 5.30 -30.16
CA ARG C 172 35.80 6.16 -31.07
C ARG C 172 34.61 5.44 -31.70
N THR C 173 34.38 4.20 -31.33
CA THR C 173 33.29 3.44 -31.92
C THR C 173 31.95 3.89 -31.34
N HIS C 174 30.96 3.96 -32.21
CA HIS C 174 29.64 4.43 -31.85
C HIS C 174 28.64 3.85 -32.80
N VAL C 175 27.39 3.78 -32.35
CA VAL C 175 26.28 3.48 -33.23
C VAL C 175 25.86 4.79 -33.89
N ALA C 176 25.91 4.82 -35.21
CA ALA C 176 25.30 5.91 -35.98
C ALA C 176 23.90 5.47 -36.38
N THR C 177 22.91 6.29 -36.06
CA THR C 177 21.52 5.98 -36.38
C THR C 177 20.77 7.25 -36.73
N MET C 178 19.62 7.10 -37.39
CA MET C 178 18.83 8.23 -37.86
C MET C 178 18.09 8.96 -36.73
N LYS C 179 18.03 10.29 -36.84
CA LYS C 179 17.36 11.13 -35.85
C LYS C 179 15.97 11.55 -36.30
N THR C 180 15.80 11.66 -37.62
CA THR C 180 14.50 11.89 -38.26
C THR C 180 14.37 11.08 -39.55
N GLY C 181 13.15 10.90 -40.03
CA GLY C 181 12.91 10.27 -41.33
C GLY C 181 13.01 8.76 -41.37
N ASP C 182 13.08 8.13 -40.20
CA ASP C 182 13.08 6.69 -40.13
C ASP C 182 11.71 6.18 -39.66
N PHE C 183 11.55 4.86 -39.54
CA PHE C 183 10.29 4.28 -39.12
C PHE C 183 9.80 4.90 -37.82
N TYR C 184 10.69 4.94 -36.83
CA TYR C 184 10.41 5.48 -35.50
C TYR C 184 9.74 6.86 -35.50
N HIS C 185 10.34 7.80 -36.22
CA HIS C 185 9.98 9.22 -36.10
C HIS C 185 8.81 9.68 -36.93
N GLY C 186 8.11 8.74 -37.55
CA GLY C 186 6.89 9.03 -38.29
C GLY C 186 5.80 8.00 -38.03
N GLU C 187 6.05 7.15 -37.05
CA GLU C 187 5.19 6.01 -36.74
C GLU C 187 3.85 6.44 -36.14
N LYS C 188 2.78 5.80 -36.60
CA LYS C 188 1.46 5.93 -36.01
C LYS C 188 0.97 4.54 -35.63
N SER C 189 0.17 4.45 -34.57
CA SER C 189 -0.30 3.16 -34.07
C SER C 189 -1.67 3.24 -33.39
N MET C 190 -2.39 2.12 -33.38
CA MET C 190 -3.69 2.03 -32.69
C MET C 190 -3.98 0.62 -32.21
N THR C 191 -4.76 0.52 -31.14
CA THR C 191 -5.35 -0.73 -30.68
C THR C 191 -6.77 -0.80 -31.19
N LEU C 192 -7.12 -1.89 -31.88
CA LEU C 192 -8.43 -2.00 -32.53
C LEU C 192 -9.59 -2.40 -31.61
N ASP C 193 -10.72 -1.73 -31.81
CA ASP C 193 -11.95 -1.99 -31.07
C ASP C 193 -12.61 -3.30 -31.48
N ARG C 194 -12.80 -3.46 -32.78
CA ARG C 194 -13.55 -4.60 -33.32
C ARG C 194 -12.85 -5.27 -34.50
N ASP C 195 -13.32 -6.46 -34.84
CA ASP C 195 -12.86 -7.18 -36.03
C ASP C 195 -13.25 -6.39 -37.27
N ARG C 196 -12.27 -6.14 -38.14
CA ARG C 196 -12.54 -5.51 -39.44
C ARG C 196 -11.58 -5.93 -40.54
N ARG C 197 -12.00 -5.70 -41.78
CA ARG C 197 -11.22 -6.02 -42.95
C ARG C 197 -10.69 -4.74 -43.56
N VAL C 198 -9.36 -4.61 -43.60
CA VAL C 198 -8.72 -3.41 -44.14
C VAL C 198 -7.89 -3.72 -45.38
N LYS C 199 -7.64 -2.69 -46.17
CA LYS C 199 -6.76 -2.75 -47.33
C LYS C 199 -5.66 -1.71 -47.18
N MET C 200 -4.60 -1.83 -47.98
CA MET C 200 -3.54 -0.83 -47.99
C MET C 200 -3.45 -0.21 -49.35
N VAL C 201 -3.71 1.10 -49.41
CA VAL C 201 -3.82 1.81 -50.68
C VAL C 201 -2.99 3.09 -50.72
N LEU C 202 -2.52 3.43 -51.91
CA LEU C 202 -1.79 4.67 -52.13
C LEU C 202 -2.60 5.58 -53.06
N LYS C 203 -3.09 6.69 -52.51
CA LYS C 203 -3.79 7.69 -53.32
C LYS C 203 -2.76 8.60 -53.98
N THR C 204 -2.50 8.36 -55.27
CA THR C 204 -1.46 9.09 -56.00
C THR C 204 -1.85 10.52 -56.35
N LYS C 205 -0.85 11.34 -56.64
CA LYS C 205 -1.01 12.73 -57.08
C LYS C 205 -2.00 12.86 -58.25
N SER C 206 -1.95 11.89 -59.16
CA SER C 206 -2.82 11.84 -60.34
C SER C 206 -4.30 11.70 -59.97
N GLY C 207 -4.57 11.18 -58.78
CA GLY C 207 -5.93 10.88 -58.34
C GLY C 207 -6.17 9.38 -58.32
N GLU C 208 -5.32 8.66 -59.05
CA GLU C 208 -5.35 7.20 -59.14
C GLU C 208 -5.12 6.56 -57.78
N GLU C 209 -5.81 5.45 -57.52
CA GLU C 209 -5.65 4.70 -56.27
C GLU C 209 -5.03 3.33 -56.56
N ILE C 210 -3.78 3.15 -56.16
CA ILE C 210 -3.08 1.86 -56.33
C ILE C 210 -3.29 1.00 -55.09
N VAL C 211 -3.91 -0.16 -55.29
CA VAL C 211 -4.12 -1.13 -54.22
C VAL C 211 -2.84 -1.96 -54.05
N LEU C 212 -2.19 -1.81 -52.90
CA LEU C 212 -0.94 -2.52 -52.61
C LEU C 212 -1.19 -3.84 -51.88
N LYS C 213 -2.11 -3.82 -50.91
CA LYS C 213 -2.55 -5.04 -50.24
C LYS C 213 -4.07 -5.11 -50.21
N PRO C 214 -4.66 -6.02 -51.00
CA PRO C 214 -6.11 -6.11 -51.21
C PRO C 214 -6.92 -6.38 -49.94
N GLU C 215 -6.48 -7.32 -49.11
CA GLU C 215 -7.21 -7.66 -47.89
C GLU C 215 -6.30 -8.19 -46.78
N VAL C 216 -6.58 -7.75 -45.56
CA VAL C 216 -5.93 -8.29 -44.36
C VAL C 216 -6.93 -8.34 -43.20
N LYS C 217 -7.02 -9.50 -42.57
CA LYS C 217 -7.97 -9.76 -41.51
C LYS C 217 -7.44 -9.26 -40.17
N LEU C 218 -8.07 -8.22 -39.64
CA LEU C 218 -7.72 -7.68 -38.33
C LEU C 218 -8.70 -8.13 -37.25
N ASP C 219 -8.18 -8.49 -36.09
CA ASP C 219 -9.00 -8.89 -34.95
C ASP C 219 -9.16 -7.75 -33.95
N ALA C 220 -10.11 -7.92 -33.03
CA ALA C 220 -10.30 -6.96 -31.94
C ALA C 220 -9.16 -7.10 -30.95
N GLY C 221 -8.59 -5.96 -30.54
CA GLY C 221 -7.46 -5.96 -29.62
C GLY C 221 -6.10 -6.04 -30.31
N ASP C 222 -6.11 -6.00 -31.64
CA ASP C 222 -4.87 -6.00 -32.43
C ASP C 222 -4.23 -4.62 -32.43
N ILE C 223 -2.92 -4.59 -32.17
CA ILE C 223 -2.15 -3.36 -32.33
C ILE C 223 -1.60 -3.35 -33.75
N ILE C 224 -1.96 -2.33 -34.51
CA ILE C 224 -1.43 -2.12 -35.85
C ILE C 224 -0.66 -0.82 -35.91
N ASP C 225 0.31 -0.74 -36.82
CA ASP C 225 1.14 0.45 -36.96
C ASP C 225 1.16 0.87 -38.43
N SER C 226 1.17 2.17 -38.68
CA SER C 226 1.49 2.69 -40.02
C SER C 226 2.86 3.36 -39.89
N MET C 227 3.80 2.89 -40.72
CA MET C 227 5.22 3.02 -40.43
C MET C 227 5.93 3.22 -41.77
N TYR C 228 6.81 4.23 -41.85
CA TYR C 228 7.53 4.45 -43.10
C TYR C 228 8.93 5.03 -42.91
N MET C 229 9.83 4.70 -43.84
CA MET C 229 11.15 5.31 -43.89
C MET C 229 11.32 6.13 -45.16
N SER C 230 11.67 7.40 -44.98
CA SER C 230 11.88 8.31 -46.09
C SER C 230 13.17 7.98 -46.84
N LYS C 231 13.05 7.69 -48.13
CA LYS C 231 14.21 7.44 -48.98
C LYS C 231 15.19 8.61 -48.89
N LYS C 232 14.68 9.81 -49.11
CA LYS C 232 15.48 11.04 -49.07
C LYS C 232 16.23 11.26 -47.77
N ALA C 233 15.58 10.92 -46.64
CA ALA C 233 16.20 11.03 -45.33
C ALA C 233 17.31 10.01 -45.17
N LEU C 234 17.09 8.81 -45.71
CA LEU C 234 18.08 7.73 -45.66
C LEU C 234 19.33 8.08 -46.48
N ILE C 235 19.14 8.62 -47.68
CA ILE C 235 20.30 8.99 -48.50
C ILE C 235 21.08 10.16 -47.90
N ALA C 236 20.35 11.13 -47.35
CA ALA C 236 20.98 12.26 -46.66
C ALA C 236 21.79 11.78 -45.46
N PHE C 237 21.15 10.93 -44.64
CA PHE C 237 21.80 10.31 -43.49
C PHE C 237 23.09 9.59 -43.93
N TYR C 238 22.99 8.77 -44.98
CA TYR C 238 24.13 8.02 -45.49
C TYR C 238 25.27 8.92 -45.98
N GLU C 239 24.93 9.97 -46.73
CA GLU C 239 25.95 10.91 -47.22
C GLU C 239 26.67 11.63 -46.08
N GLU C 240 25.93 11.88 -45.00
CA GLU C 240 26.45 12.56 -43.82
C GLU C 240 27.35 11.64 -43.01
N GLN C 241 26.91 10.40 -42.81
CA GLN C 241 27.64 9.42 -42.00
C GLN C 241 28.92 8.92 -42.68
N ILE C 242 28.83 8.63 -43.97
CA ILE C 242 29.99 8.22 -44.75
C ILE C 242 31.03 9.35 -44.73
N GLU C 243 30.57 10.58 -44.97
CA GLU C 243 31.45 11.75 -44.92
C GLU C 243 32.05 11.96 -43.53
N ASP C 244 31.23 11.79 -42.49
CA ASP C 244 31.71 11.94 -41.12
C ASP C 244 32.77 10.92 -40.75
N ALA C 245 32.55 9.67 -41.16
CA ALA C 245 33.49 8.58 -40.91
C ALA C 245 34.83 8.84 -41.59
N TYR C 246 34.77 9.47 -42.76
CA TYR C 246 35.96 9.81 -43.55
C TYR C 246 36.74 10.94 -42.89
N LYS C 247 36.06 12.05 -42.66
CA LYS C 247 36.63 13.26 -42.06
C LYS C 247 37.26 12.97 -40.69
N THR C 248 36.62 12.10 -39.92
CA THR C 248 37.15 11.69 -38.61
C THR C 248 38.22 10.60 -38.73
N GLY C 249 38.16 9.83 -39.81
CA GLY C 249 39.10 8.74 -40.05
C GLY C 249 38.72 7.45 -39.32
N VAL C 250 37.42 7.26 -39.08
CA VAL C 250 36.93 6.04 -38.43
C VAL C 250 36.27 5.11 -39.46
N MET C 251 36.41 3.80 -39.24
CA MET C 251 36.01 2.77 -40.20
C MET C 251 34.48 2.53 -40.25
N PHE C 252 33.94 2.60 -41.46
CA PHE C 252 32.50 2.45 -41.69
C PHE C 252 32.07 0.99 -41.66
N SER C 253 30.92 0.75 -41.05
CA SER C 253 30.27 -0.57 -41.07
C SER C 253 28.74 -0.44 -41.09
N LEU C 254 28.07 -1.45 -41.63
CA LEU C 254 26.62 -1.45 -41.73
C LEU C 254 26.04 -2.73 -41.16
N HIS C 255 25.11 -2.58 -40.21
CA HIS C 255 24.56 -3.70 -39.49
C HIS C 255 23.07 -3.75 -39.68
N VAL C 256 22.62 -4.72 -40.47
CA VAL C 256 21.19 -4.95 -40.72
C VAL C 256 20.83 -6.43 -40.54
N LYS C 257 19.58 -6.76 -40.85
CA LYS C 257 19.06 -8.11 -40.72
C LYS C 257 18.30 -8.46 -42.02
N ALA C 258 19.04 -8.49 -43.13
CA ALA C 258 18.44 -8.63 -44.45
C ALA C 258 17.89 -10.02 -44.75
N THR C 259 18.38 -11.03 -44.02
CA THR C 259 17.89 -12.40 -44.22
C THR C 259 16.41 -12.51 -43.80
N MET C 260 16.12 -12.24 -42.54
CA MET C 260 14.76 -12.34 -42.01
C MET C 260 13.85 -11.19 -42.47
N MET C 261 14.38 -9.96 -42.47
CA MET C 261 13.63 -8.79 -42.96
C MET C 261 13.82 -8.66 -44.47
N LYS C 262 13.22 -9.59 -45.22
CA LYS C 262 13.55 -9.81 -46.63
C LYS C 262 13.16 -8.73 -47.62
N VAL C 263 12.27 -7.81 -47.21
CA VAL C 263 11.78 -6.77 -48.12
C VAL C 263 12.47 -5.42 -47.90
N SER C 264 12.43 -4.91 -46.67
CA SER C 264 12.90 -3.55 -46.37
C SER C 264 14.42 -3.43 -46.22
N HIS C 265 15.03 -4.38 -45.50
CA HIS C 265 16.46 -4.28 -45.18
C HIS C 265 17.41 -4.35 -46.35
N PRO C 266 17.10 -5.16 -47.39
CA PRO C 266 17.91 -5.06 -48.61
C PRO C 266 17.87 -3.67 -49.27
N ILE C 267 16.74 -2.98 -49.19
CA ILE C 267 16.63 -1.62 -49.73
C ILE C 267 17.53 -0.65 -48.93
N VAL C 268 17.53 -0.83 -47.61
CA VAL C 268 18.37 -0.07 -46.70
C VAL C 268 19.86 -0.36 -46.97
N PHE C 269 20.17 -1.63 -47.25
CA PHE C 269 21.52 -2.03 -47.64
C PHE C 269 21.89 -1.47 -49.01
N GLY C 270 20.95 -1.54 -49.94
CA GLY C 270 21.18 -1.07 -51.30
C GLY C 270 21.60 0.39 -51.34
N HIS C 271 20.87 1.21 -50.59
CA HIS C 271 21.12 2.64 -50.56
C HIS C 271 22.44 3.01 -49.94
N ALA C 272 22.87 2.22 -48.96
CA ALA C 272 24.21 2.36 -48.38
C ALA C 272 25.30 2.19 -49.44
N VAL C 273 25.11 1.21 -50.33
CA VAL C 273 26.10 0.93 -51.37
C VAL C 273 26.01 2.01 -52.45
N LYS C 274 24.78 2.37 -52.82
CA LYS C 274 24.52 3.41 -53.82
C LYS C 274 25.24 4.74 -53.54
N VAL C 275 24.99 5.32 -52.37
CA VAL C 275 25.59 6.62 -52.02
C VAL C 275 27.10 6.54 -51.76
N PHE C 276 27.55 5.40 -51.24
CA PHE C 276 28.98 5.16 -51.06
C PHE C 276 29.72 5.20 -52.39
N TYR C 277 29.16 4.55 -53.41
CA TYR C 277 29.79 4.42 -54.72
C TYR C 277 29.10 5.27 -55.78
N LYS C 278 28.53 6.40 -55.35
CA LYS C 278 27.73 7.27 -56.23
C LYS C 278 28.42 7.74 -57.50
N ASP C 279 29.74 7.93 -57.45
CA ASP C 279 30.52 8.37 -58.61
C ASP C 279 30.58 7.32 -59.70
N ALA C 280 30.82 6.07 -59.29
CA ALA C 280 30.81 4.93 -60.21
C ALA C 280 29.39 4.65 -60.72
N PHE C 281 28.41 4.69 -59.83
CA PHE C 281 27.01 4.49 -60.19
C PHE C 281 26.45 5.56 -61.10
N ALA C 282 27.08 6.74 -61.13
CA ALA C 282 26.65 7.82 -62.01
C ALA C 282 27.25 7.67 -63.40
N LYS C 283 28.53 7.29 -63.45
CA LYS C 283 29.25 7.11 -64.71
C LYS C 283 28.74 5.90 -65.48
N HIS C 284 28.23 4.90 -64.76
CA HIS C 284 27.74 3.68 -65.39
C HIS C 284 26.26 3.49 -65.21
N GLU C 285 25.54 4.59 -65.00
CA GLU C 285 24.12 4.51 -64.63
C GLU C 285 23.31 3.63 -65.57
N LYS C 286 23.36 3.94 -66.86
CA LYS C 286 22.48 3.30 -67.83
C LYS C 286 22.86 1.83 -68.07
N LEU C 287 24.17 1.57 -68.15
CA LEU C 287 24.69 0.21 -68.26
C LEU C 287 24.20 -0.66 -67.09
N PHE C 288 24.38 -0.16 -65.88
CA PHE C 288 23.93 -0.81 -64.65
C PHE C 288 22.42 -1.05 -64.64
N ASP C 289 21.66 -0.10 -65.20
CA ASP C 289 20.21 -0.21 -65.29
C ASP C 289 19.77 -1.38 -66.17
N GLU C 290 20.24 -1.40 -67.41
CA GLU C 290 19.84 -2.45 -68.35
C GLU C 290 20.54 -3.81 -68.13
N LEU C 291 21.67 -3.81 -67.44
CA LEU C 291 22.25 -5.07 -66.94
C LEU C 291 21.38 -5.63 -65.82
N GLY C 292 20.60 -4.75 -65.21
CA GLY C 292 19.68 -5.13 -64.14
C GLY C 292 20.34 -5.29 -62.79
N VAL C 293 21.49 -4.65 -62.60
CA VAL C 293 22.21 -4.76 -61.33
C VAL C 293 21.31 -4.27 -60.20
N ASN C 294 21.24 -5.05 -59.14
CA ASN C 294 20.43 -4.70 -57.98
C ASN C 294 21.28 -4.90 -56.75
N VAL C 295 21.88 -3.81 -56.30
CA VAL C 295 22.92 -3.88 -55.29
C VAL C 295 22.34 -4.03 -53.87
N ASN C 296 21.01 -4.13 -53.80
CA ASN C 296 20.30 -4.56 -52.60
C ASN C 296 20.67 -5.99 -52.22
N ASN C 297 21.19 -6.74 -53.18
CA ASN C 297 21.71 -8.08 -52.95
C ASN C 297 23.21 -8.02 -52.68
N GLY C 298 23.69 -6.82 -52.40
CA GLY C 298 25.10 -6.59 -52.15
C GLY C 298 25.88 -6.28 -53.40
N LEU C 299 27.17 -6.00 -53.20
CA LEU C 299 28.09 -5.70 -54.29
C LEU C 299 28.32 -6.94 -55.14
N SER C 300 28.14 -8.11 -54.53
CA SER C 300 28.29 -9.40 -55.20
C SER C 300 27.43 -9.49 -56.47
N ASP C 301 26.21 -8.94 -56.38
CA ASP C 301 25.28 -8.88 -57.51
C ASP C 301 25.89 -8.13 -58.69
N LEU C 302 26.58 -7.03 -58.40
CA LEU C 302 27.23 -6.23 -59.43
C LEU C 302 28.38 -7.01 -60.08
N TYR C 303 29.20 -7.66 -59.27
CA TYR C 303 30.32 -8.46 -59.77
C TYR C 303 29.84 -9.63 -60.63
N ASP C 304 28.69 -10.20 -60.27
CA ASP C 304 28.07 -11.27 -61.05
C ASP C 304 27.69 -10.80 -62.45
N LYS C 305 27.07 -9.62 -62.54
CA LYS C 305 26.57 -9.10 -63.81
C LYS C 305 27.62 -8.43 -64.69
N ILE C 306 28.83 -8.25 -64.16
CA ILE C 306 29.93 -7.68 -64.96
C ILE C 306 31.03 -8.69 -65.26
N GLU C 307 30.91 -9.88 -64.69
CA GLU C 307 31.91 -10.94 -64.88
C GLU C 307 32.04 -11.35 -66.35
N ALA C 308 30.92 -11.48 -67.04
CA ALA C 308 30.90 -11.97 -68.42
C ALA C 308 30.99 -10.85 -69.46
N LEU C 309 31.12 -9.61 -69.00
CA LEU C 309 31.40 -8.48 -69.90
C LEU C 309 32.85 -8.54 -70.37
N PRO C 310 33.15 -7.92 -71.53
CA PRO C 310 34.53 -7.91 -72.04
C PRO C 310 35.52 -7.36 -71.02
N ALA C 311 36.68 -8.00 -70.90
CA ALA C 311 37.69 -7.67 -69.88
C ALA C 311 37.95 -6.18 -69.71
N SER C 312 38.06 -5.44 -70.82
CA SER C 312 38.34 -4.01 -70.76
C SER C 312 37.20 -3.20 -70.13
N GLN C 313 35.96 -3.55 -70.46
CA GLN C 313 34.78 -2.86 -69.93
C GLN C 313 34.62 -3.07 -68.43
N ARG C 314 34.89 -4.28 -67.96
CA ARG C 314 34.72 -4.61 -66.54
C ARG C 314 35.92 -4.18 -65.69
N GLU C 315 37.09 -4.06 -66.30
CA GLU C 315 38.27 -3.55 -65.61
C GLU C 315 38.18 -2.05 -65.38
N GLU C 316 37.41 -1.37 -66.23
CA GLU C 316 37.06 0.03 -66.03
C GLU C 316 36.13 0.18 -64.84
N ILE C 317 35.09 -0.67 -64.79
CA ILE C 317 34.09 -0.63 -63.71
C ILE C 317 34.71 -0.91 -62.33
N ILE C 318 35.54 -1.95 -62.22
CA ILE C 318 36.18 -2.24 -60.92
C ILE C 318 37.21 -1.18 -60.54
N GLU C 319 37.79 -0.51 -61.53
CA GLU C 319 38.70 0.62 -61.27
C GLU C 319 37.95 1.85 -60.80
N ASP C 320 36.75 2.06 -61.33
CA ASP C 320 35.91 3.18 -60.92
C ASP C 320 35.41 3.03 -59.48
N LEU C 321 35.05 1.81 -59.11
CA LEU C 321 34.64 1.48 -57.74
C LEU C 321 35.80 1.63 -56.76
N HIS C 322 37.01 1.31 -57.21
CA HIS C 322 38.20 1.40 -56.37
C HIS C 322 38.64 2.83 -56.17
N LYS C 323 38.41 3.68 -57.16
CA LYS C 323 38.74 5.10 -57.04
C LYS C 323 37.62 5.91 -56.34
N CYS C 324 36.59 5.21 -55.89
CA CYS C 324 35.62 5.79 -54.97
C CYS C 324 36.16 5.77 -53.55
N HIS C 325 37.16 4.91 -53.32
CA HIS C 325 37.77 4.70 -51.98
C HIS C 325 38.76 5.75 -51.54
N GLU C 326 39.16 6.63 -52.46
CA GLU C 326 40.13 7.68 -52.14
C GLU C 326 39.54 8.81 -51.30
N HIS C 327 38.26 9.13 -51.51
CA HIS C 327 37.58 10.17 -50.74
C HIS C 327 36.43 9.63 -49.94
N ARG C 328 36.63 8.44 -49.40
CA ARG C 328 35.61 7.68 -48.69
C ARG C 328 36.31 6.92 -47.58
N PRO C 329 35.62 6.69 -46.45
CA PRO C 329 36.27 6.07 -45.28
C PRO C 329 36.69 4.63 -45.54
N GLU C 330 37.43 4.05 -44.61
CA GLU C 330 37.77 2.64 -44.68
C GLU C 330 36.53 1.81 -44.39
N LEU C 331 36.41 0.67 -45.08
CA LEU C 331 35.29 -0.26 -44.88
C LEU C 331 35.66 -1.45 -44.02
N ALA C 332 34.70 -1.92 -43.22
CA ALA C 332 34.87 -3.15 -42.44
C ALA C 332 34.86 -4.36 -43.37
N MET C 333 35.64 -5.38 -43.02
CA MET C 333 35.82 -6.55 -43.87
C MET C 333 35.25 -7.80 -43.23
N VAL C 334 34.57 -8.61 -44.05
CA VAL C 334 34.02 -9.89 -43.62
C VAL C 334 35.12 -10.94 -43.75
N ASP C 335 35.94 -10.79 -44.79
CA ASP C 335 37.13 -11.60 -45.00
C ASP C 335 38.18 -10.69 -45.61
N SER C 336 39.15 -10.29 -44.81
CA SER C 336 40.16 -9.32 -45.25
C SER C 336 41.10 -9.88 -46.32
N ALA C 337 41.60 -11.09 -46.09
CA ALA C 337 42.52 -11.75 -47.03
C ALA C 337 41.87 -11.95 -48.42
N LYS C 338 40.62 -12.39 -48.41
CA LYS C 338 39.87 -12.64 -49.65
C LYS C 338 39.28 -11.38 -50.26
N GLY C 339 39.37 -10.25 -49.55
CA GLY C 339 38.88 -8.96 -50.04
C GLY C 339 37.37 -8.83 -50.03
N ILE C 340 36.71 -9.61 -49.18
CA ILE C 340 35.26 -9.56 -49.02
C ILE C 340 34.87 -8.54 -47.94
N SER C 341 34.17 -7.50 -48.37
CA SER C 341 33.80 -6.39 -47.48
C SER C 341 32.38 -6.47 -46.94
N ASN C 342 32.06 -5.52 -46.08
CA ASN C 342 30.73 -5.34 -45.52
C ASN C 342 29.67 -5.26 -46.59
N PHE C 343 30.03 -4.70 -47.74
CA PHE C 343 29.07 -4.46 -48.82
C PHE C 343 28.86 -5.63 -49.78
N HIS C 344 29.63 -6.70 -49.63
CA HIS C 344 29.57 -7.82 -50.57
C HIS C 344 28.22 -8.50 -50.59
N SER C 345 27.79 -8.99 -49.43
CA SER C 345 26.48 -9.66 -49.31
C SER C 345 25.76 -9.26 -48.03
N PRO C 346 24.49 -8.83 -48.15
CA PRO C 346 23.66 -8.40 -47.02
C PRO C 346 23.46 -9.48 -45.96
N SER C 347 23.87 -10.70 -46.29
CA SER C 347 23.71 -11.85 -45.38
C SER C 347 25.01 -12.21 -44.66
N ASP C 348 26.07 -11.44 -44.90
CA ASP C 348 27.35 -11.64 -44.21
C ASP C 348 27.33 -11.04 -42.82
N VAL C 349 26.97 -9.76 -42.75
CA VAL C 349 26.97 -9.03 -41.48
C VAL C 349 25.54 -8.90 -40.94
N ILE C 350 25.15 -9.83 -40.06
CA ILE C 350 23.79 -9.85 -39.51
C ILE C 350 23.76 -9.20 -38.12
N VAL C 351 23.05 -8.08 -38.05
CA VAL C 351 23.01 -7.18 -36.88
C VAL C 351 22.96 -7.88 -35.52
N ASP C 352 22.05 -8.84 -35.36
CA ASP C 352 21.87 -9.50 -34.07
C ASP C 352 23.12 -10.22 -33.58
N ALA C 353 23.98 -10.64 -34.51
CA ALA C 353 25.21 -11.33 -34.18
C ALA C 353 26.45 -10.43 -34.29
N SER C 354 26.46 -9.54 -35.28
CA SER C 354 27.62 -8.72 -35.57
C SER C 354 27.91 -7.69 -34.49
N MET C 355 26.85 -7.03 -34.00
CA MET C 355 26.98 -6.02 -32.94
C MET C 355 27.54 -6.58 -31.62
N PRO C 356 26.99 -7.70 -31.13
CA PRO C 356 27.57 -8.31 -29.93
C PRO C 356 29.01 -8.76 -30.15
N ALA C 357 29.33 -9.27 -31.34
CA ALA C 357 30.70 -9.64 -31.67
C ALA C 357 31.63 -8.43 -31.62
N MET C 358 31.18 -7.31 -32.16
CA MET C 358 31.94 -6.07 -32.17
C MET C 358 32.17 -5.54 -30.75
N ILE C 359 31.10 -5.48 -29.96
CA ILE C 359 31.17 -5.01 -28.59
C ILE C 359 32.09 -5.90 -27.76
N ARG C 360 31.95 -7.21 -27.93
CA ARG C 360 32.76 -8.18 -27.20
C ARG C 360 34.26 -8.01 -27.47
N LEU C 361 34.59 -7.61 -28.68
CA LEU C 361 35.97 -7.45 -29.10
C LEU C 361 36.58 -6.13 -28.60
N GLY C 362 35.85 -5.45 -27.72
CA GLY C 362 36.25 -4.12 -27.23
C GLY C 362 35.84 -3.01 -28.18
N GLY C 363 34.76 -3.21 -28.91
CA GLY C 363 34.29 -2.24 -29.90
C GLY C 363 35.10 -2.24 -31.17
N LYS C 364 35.51 -3.43 -31.62
CA LYS C 364 36.38 -3.56 -32.78
C LYS C 364 35.77 -4.40 -33.89
N MET C 365 36.08 -4.04 -35.13
CA MET C 365 35.84 -4.89 -36.30
C MET C 365 37.13 -4.96 -37.12
N TYR C 366 37.14 -5.76 -38.18
CA TYR C 366 38.35 -5.94 -38.99
C TYR C 366 38.34 -5.07 -40.24
N GLY C 367 39.51 -4.53 -40.57
CA GLY C 367 39.64 -3.67 -41.75
C GLY C 367 40.50 -4.28 -42.85
N ALA C 368 40.73 -3.50 -43.90
CA ALA C 368 41.45 -3.97 -45.10
C ALA C 368 42.78 -4.67 -44.79
N ASP C 369 43.54 -4.12 -43.85
CA ASP C 369 44.85 -4.66 -43.48
C ASP C 369 44.79 -5.87 -42.55
N GLY C 370 43.58 -6.33 -42.25
CA GLY C 370 43.38 -7.49 -41.39
C GLY C 370 43.41 -7.20 -39.89
N ARG C 371 43.75 -5.97 -39.52
CA ARG C 371 43.83 -5.57 -38.12
C ARG C 371 42.50 -5.04 -37.60
N THR C 372 42.25 -5.26 -36.31
CA THR C 372 41.05 -4.78 -35.63
C THR C 372 41.12 -3.28 -35.46
N LYS C 373 39.98 -2.61 -35.67
CA LYS C 373 39.90 -1.16 -35.58
C LYS C 373 38.58 -0.71 -34.98
N ASP C 374 38.55 0.50 -34.43
CA ASP C 374 37.32 1.15 -34.01
C ASP C 374 36.42 1.32 -35.22
N THR C 375 35.11 1.42 -34.99
CA THR C 375 34.16 1.52 -36.10
C THR C 375 32.93 2.39 -35.81
N LYS C 376 32.50 3.14 -36.82
CA LYS C 376 31.16 3.72 -36.82
C LYS C 376 30.19 2.62 -37.27
N ALA C 377 29.54 2.00 -36.29
CA ALA C 377 28.56 0.93 -36.55
C ALA C 377 27.21 1.50 -36.94
N VAL C 378 26.95 1.60 -38.23
CA VAL C 378 25.72 2.23 -38.70
C VAL C 378 24.51 1.28 -38.69
N ASN C 379 23.60 1.53 -37.76
CA ASN C 379 22.29 0.88 -37.72
C ASN C 379 21.24 1.95 -38.06
N PRO C 380 20.89 2.09 -39.35
CA PRO C 380 20.06 3.22 -39.81
C PRO C 380 18.74 3.44 -39.05
N GLU C 381 18.02 2.36 -38.74
CA GLU C 381 16.75 2.48 -38.02
C GLU C 381 16.97 2.63 -36.52
N SER C 382 16.44 3.70 -35.95
CA SER C 382 16.70 4.06 -34.55
C SER C 382 15.86 3.32 -33.51
N THR C 383 14.77 2.70 -33.93
CA THR C 383 13.87 2.03 -33.00
C THR C 383 14.58 1.07 -32.03
N PHE C 384 15.49 0.25 -32.55
CA PHE C 384 16.12 -0.79 -31.73
C PHE C 384 17.64 -0.65 -31.59
N SER C 385 18.21 0.35 -32.26
CA SER C 385 19.66 0.51 -32.28
C SER C 385 20.22 1.32 -31.10
N ARG C 386 19.40 2.19 -30.53
CA ARG C 386 19.84 3.10 -29.46
C ARG C 386 20.34 2.35 -28.22
N MET C 387 19.69 1.24 -27.92
CA MET C 387 20.11 0.34 -26.86
C MET C 387 21.62 0.02 -26.92
N TYR C 388 22.09 -0.32 -28.12
CA TYR C 388 23.49 -0.69 -28.34
C TYR C 388 24.43 0.45 -27.95
N GLN C 389 24.07 1.66 -28.35
CA GLN C 389 24.85 2.86 -28.05
C GLN C 389 24.99 3.09 -26.55
N GLU C 390 23.91 2.86 -25.79
CA GLU C 390 23.96 2.98 -24.35
C GLU C 390 25.00 2.06 -23.72
N MET C 391 25.08 0.83 -24.22
CA MET C 391 26.06 -0.13 -23.75
C MET C 391 27.47 0.33 -24.11
N ILE C 392 27.64 0.80 -25.35
CA ILE C 392 28.92 1.31 -25.82
C ILE C 392 29.42 2.42 -24.89
N ASN C 393 28.56 3.41 -24.66
CA ASN C 393 28.85 4.47 -23.70
C ASN C 393 29.20 3.88 -22.34
N PHE C 394 28.30 3.10 -21.77
CA PHE C 394 28.54 2.42 -20.51
C PHE C 394 29.91 1.73 -20.49
N CYS C 395 30.27 1.08 -21.59
CA CYS C 395 31.53 0.33 -21.68
C CYS C 395 32.73 1.25 -21.74
N LYS C 396 32.59 2.37 -22.44
CA LYS C 396 33.65 3.38 -22.48
C LYS C 396 33.99 3.90 -21.07
N THR C 397 32.95 4.18 -20.28
CA THR C 397 33.16 4.68 -18.91
C THR C 397 33.49 3.58 -17.87
N HIS C 398 32.93 2.39 -18.01
CA HIS C 398 33.13 1.33 -17.00
C HIS C 398 34.16 0.29 -17.39
N GLY C 399 34.53 0.27 -18.66
CA GLY C 399 35.41 -0.78 -19.19
C GLY C 399 34.59 -1.97 -19.66
N GLN C 400 35.29 -3.00 -20.13
CA GLN C 400 34.67 -4.23 -20.59
C GLN C 400 34.07 -5.00 -19.41
N PHE C 401 33.00 -5.76 -19.68
CA PHE C 401 32.33 -6.57 -18.67
C PHE C 401 33.22 -7.70 -18.18
N ASP C 402 33.05 -8.04 -16.90
CA ASP C 402 33.77 -9.14 -16.27
C ASP C 402 32.80 -10.32 -16.12
N PRO C 403 33.01 -11.38 -16.93
CA PRO C 403 32.16 -12.58 -16.93
C PRO C 403 32.16 -13.33 -15.60
N THR C 404 33.20 -13.13 -14.78
CA THR C 404 33.36 -13.84 -13.52
C THR C 404 32.55 -13.24 -12.37
N THR C 405 32.06 -12.01 -12.56
CA THR C 405 31.30 -11.31 -11.50
C THR C 405 29.93 -10.82 -11.94
N MET C 406 29.70 -10.71 -13.25
CA MET C 406 28.45 -10.14 -13.76
C MET C 406 27.23 -11.05 -13.59
N GLY C 407 26.06 -10.44 -13.50
CA GLY C 407 24.80 -11.17 -13.40
C GLY C 407 24.21 -11.51 -14.76
N THR C 408 23.07 -12.22 -14.76
CA THR C 408 22.39 -12.64 -15.99
C THR C 408 21.36 -11.64 -16.46
N VAL C 409 21.04 -11.70 -17.75
CA VAL C 409 19.91 -10.97 -18.33
C VAL C 409 19.06 -11.90 -19.20
N PRO C 410 18.17 -12.69 -18.56
CA PRO C 410 17.23 -13.49 -19.34
C PRO C 410 16.18 -12.63 -20.00
N ASN C 411 15.51 -13.18 -21.02
CA ASN C 411 14.56 -12.43 -21.81
C ASN C 411 13.20 -13.13 -21.91
N VAL C 412 12.13 -12.35 -21.70
CA VAL C 412 10.77 -12.79 -21.98
C VAL C 412 10.28 -12.00 -23.19
N GLY C 413 10.29 -12.65 -24.35
CA GLY C 413 10.03 -11.96 -25.61
C GLY C 413 8.67 -12.21 -26.22
N LEU C 414 8.01 -11.14 -26.64
CA LEU C 414 6.75 -11.20 -27.38
C LEU C 414 7.04 -11.59 -28.82
N MET C 415 6.59 -12.76 -29.24
CA MET C 415 6.84 -13.24 -30.61
C MET C 415 5.70 -14.05 -31.24
N ALA C 416 4.83 -14.62 -30.41
CA ALA C 416 3.78 -15.53 -30.85
C ALA C 416 2.94 -14.97 -31.99
N GLN C 417 2.64 -15.84 -32.96
CA GLN C 417 1.80 -15.53 -34.12
C GLN C 417 2.33 -14.38 -34.96
N LYS C 418 3.55 -14.55 -35.48
CA LYS C 418 4.19 -13.59 -36.39
C LYS C 418 4.04 -12.14 -35.89
N ALA C 419 4.35 -11.93 -34.61
CA ALA C 419 4.13 -10.67 -33.92
C ALA C 419 5.00 -9.53 -34.44
N GLU C 420 4.42 -8.32 -34.43
CA GLU C 420 5.12 -7.08 -34.81
C GLU C 420 5.81 -7.18 -36.17
N GLU C 421 7.09 -6.82 -36.21
CA GLU C 421 7.86 -6.73 -37.45
C GLU C 421 8.06 -8.07 -38.18
N TYR C 422 8.04 -9.17 -37.44
CA TYR C 422 8.29 -10.50 -38.01
C TYR C 422 7.20 -10.99 -38.97
N GLY C 423 6.04 -10.36 -38.95
CA GLY C 423 4.93 -10.71 -39.84
C GLY C 423 4.71 -9.69 -40.93
N SER C 424 5.43 -8.57 -40.84
CA SER C 424 5.20 -7.41 -41.71
C SER C 424 5.72 -7.55 -43.14
N HIS C 425 6.36 -8.68 -43.46
CA HIS C 425 7.02 -8.87 -44.77
C HIS C 425 6.08 -8.80 -45.93
N ASP C 426 4.93 -9.48 -45.81
CA ASP C 426 3.89 -9.44 -46.86
C ASP C 426 3.15 -8.09 -46.90
N LYS C 427 3.45 -7.21 -45.95
CA LYS C 427 2.76 -5.93 -45.80
C LYS C 427 3.72 -4.74 -45.86
N THR C 428 4.88 -4.95 -46.49
CA THR C 428 5.90 -3.92 -46.67
C THR C 428 6.08 -3.67 -48.17
N PHE C 429 6.11 -2.40 -48.56
CA PHE C 429 6.12 -2.03 -49.97
C PHE C 429 7.06 -0.87 -50.25
N GLU C 430 7.75 -0.94 -51.39
CA GLU C 430 8.57 0.15 -51.88
C GLU C 430 7.66 1.07 -52.72
N ILE C 431 7.33 2.21 -52.15
CA ILE C 431 6.38 3.17 -52.75
C ILE C 431 6.78 3.59 -54.17
N PRO C 432 5.90 3.35 -55.16
CA PRO C 432 6.21 3.58 -56.57
C PRO C 432 6.21 5.05 -56.98
N GLU C 433 5.37 5.87 -56.36
CA GLU C 433 5.32 7.32 -56.61
C GLU C 433 4.71 8.09 -55.44
N ASP C 434 4.97 9.40 -55.38
CA ASP C 434 4.46 10.26 -54.31
C ASP C 434 2.94 10.17 -54.18
N GLY C 435 2.47 10.01 -52.94
CA GLY C 435 1.03 9.95 -52.65
C GLY C 435 0.75 9.79 -51.17
N VAL C 436 -0.52 9.64 -50.83
CA VAL C 436 -0.90 9.38 -49.44
C VAL C 436 -1.19 7.90 -49.22
N ALA C 437 -0.59 7.34 -48.17
CA ALA C 437 -0.73 5.92 -47.86
C ALA C 437 -1.67 5.69 -46.68
N ASP C 438 -2.87 5.21 -46.98
CA ASP C 438 -3.88 4.97 -45.97
C ASP C 438 -4.17 3.48 -45.79
N ILE C 439 -4.50 3.08 -44.58
CA ILE C 439 -5.03 1.73 -44.35
C ILE C 439 -6.53 1.87 -44.07
N VAL C 440 -7.35 1.34 -44.98
CA VAL C 440 -8.79 1.64 -45.02
C VAL C 440 -9.66 0.40 -44.80
N ASP C 441 -10.68 0.54 -43.95
CA ASP C 441 -11.71 -0.48 -43.77
C ASP C 441 -12.50 -0.60 -45.08
N ILE C 442 -12.46 -1.77 -45.71
CA ILE C 442 -13.11 -1.97 -47.02
C ILE C 442 -14.64 -1.92 -46.96
N ASP C 443 -15.22 -2.63 -45.98
CA ASP C 443 -16.62 -2.42 -45.60
C ASP C 443 -16.68 -1.16 -44.73
N THR C 444 -17.56 -0.24 -45.10
CA THR C 444 -17.53 1.18 -44.67
C THR C 444 -16.36 1.90 -45.37
N GLY C 445 -16.18 3.19 -45.10
CA GLY C 445 -15.13 3.96 -45.76
C GLY C 445 -14.12 4.59 -44.82
N GLU C 446 -13.96 4.00 -43.63
CA GLU C 446 -13.14 4.57 -42.56
C GLU C 446 -11.63 4.44 -42.79
N VAL C 447 -10.97 5.58 -42.91
CA VAL C 447 -9.52 5.63 -43.03
C VAL C 447 -8.89 5.60 -41.63
N LEU C 448 -8.25 4.48 -41.30
CA LEU C 448 -7.74 4.24 -39.96
C LEU C 448 -6.43 4.98 -39.65
N LEU C 449 -5.44 4.82 -40.52
CA LEU C 449 -4.15 5.49 -40.34
C LEU C 449 -3.63 6.05 -41.66
N THR C 450 -3.44 7.37 -41.69
CA THR C 450 -2.94 8.07 -42.88
C THR C 450 -1.46 8.44 -42.75
N GLN C 451 -0.77 8.56 -43.88
CA GLN C 451 0.64 8.93 -43.91
C GLN C 451 1.01 9.49 -45.28
N ASN C 452 1.85 10.52 -45.30
CA ASN C 452 2.34 11.10 -46.56
C ASN C 452 3.71 10.56 -46.93
N VAL C 453 3.77 9.74 -47.99
CA VAL C 453 5.01 9.07 -48.39
C VAL C 453 5.53 9.54 -49.74
N GLU C 454 6.79 9.23 -50.03
CA GLU C 454 7.46 9.65 -51.27
C GLU C 454 7.91 8.46 -52.13
N GLU C 455 8.24 8.72 -53.39
CA GLU C 455 8.74 7.70 -54.30
C GLU C 455 10.03 7.09 -53.77
N GLY C 456 10.03 5.77 -53.59
CA GLY C 456 11.19 5.05 -53.09
C GLY C 456 11.13 4.76 -51.61
N ASP C 457 10.20 5.40 -50.92
CA ASP C 457 10.00 5.21 -49.48
C ASP C 457 9.55 3.79 -49.17
N ILE C 458 9.89 3.31 -47.98
CA ILE C 458 9.46 2.00 -47.53
C ILE C 458 8.35 2.18 -46.51
N TRP C 459 7.20 1.59 -46.79
CA TRP C 459 6.03 1.71 -45.92
C TRP C 459 5.55 0.34 -45.56
N ARG C 460 5.21 0.14 -44.28
CA ARG C 460 4.77 -1.16 -43.79
C ARG C 460 3.73 -1.08 -42.67
N MET C 461 2.96 -2.16 -42.52
CA MET C 461 1.97 -2.28 -41.45
C MET C 461 2.18 -3.55 -40.64
N PRO C 462 2.91 -3.44 -39.50
CA PRO C 462 3.08 -4.56 -38.58
C PRO C 462 1.80 -4.86 -37.78
N ILE C 463 1.63 -6.11 -37.38
CA ILE C 463 0.49 -6.53 -36.55
C ILE C 463 0.92 -7.36 -35.36
N VAL C 464 0.28 -7.14 -34.22
CA VAL C 464 0.47 -7.99 -33.04
C VAL C 464 -0.85 -8.20 -32.32
N LYS C 465 -1.20 -9.48 -32.15
CA LYS C 465 -2.52 -9.87 -31.67
C LYS C 465 -2.63 -9.84 -30.15
N ASP C 466 -3.86 -9.71 -29.66
CA ASP C 466 -4.12 -9.48 -28.24
C ASP C 466 -3.76 -10.65 -27.31
N ALA C 467 -4.11 -11.88 -27.71
CA ALA C 467 -3.88 -13.04 -26.85
C ALA C 467 -2.40 -13.39 -26.65
N PRO C 468 -1.56 -13.22 -27.71
CA PRO C 468 -0.10 -13.29 -27.55
C PRO C 468 0.41 -12.32 -26.48
N ILE C 469 -0.07 -11.07 -26.52
CA ILE C 469 0.28 -10.04 -25.55
C ILE C 469 -0.12 -10.47 -24.14
N ARG C 470 -1.30 -11.07 -24.00
CA ARG C 470 -1.77 -11.62 -22.73
C ARG C 470 -0.83 -12.73 -22.24
N ASP C 471 -0.44 -13.61 -23.17
CA ASP C 471 0.44 -14.73 -22.85
C ASP C 471 1.83 -14.24 -22.42
N TRP C 472 2.28 -13.17 -23.08
CA TRP C 472 3.61 -12.59 -22.86
C TRP C 472 3.75 -11.96 -21.49
N VAL C 473 2.71 -11.22 -21.08
CA VAL C 473 2.67 -10.65 -19.73
C VAL C 473 2.64 -11.73 -18.64
N LYS C 474 1.82 -12.77 -18.84
CA LYS C 474 1.74 -13.91 -17.92
C LYS C 474 3.08 -14.61 -17.76
N LEU C 475 3.75 -14.83 -18.89
CA LEU C 475 5.08 -15.44 -18.93
C LEU C 475 6.12 -14.62 -18.18
N ALA C 476 5.98 -13.29 -18.25
CA ALA C 476 6.86 -12.39 -17.51
C ALA C 476 6.69 -12.58 -16.00
N VAL C 477 5.43 -12.61 -15.54
CA VAL C 477 5.09 -12.83 -14.13
C VAL C 477 5.59 -14.20 -13.65
N THR C 478 5.33 -15.23 -14.45
CA THR C 478 5.72 -16.59 -14.10
C THR C 478 7.23 -16.68 -13.92
N ARG C 479 7.97 -16.04 -14.83
CA ARG C 479 9.43 -16.02 -14.76
C ARG C 479 9.95 -15.22 -13.58
N ALA C 480 9.23 -14.13 -13.24
CA ALA C 480 9.56 -13.33 -12.05
C ALA C 480 9.40 -14.13 -10.75
N ARG C 481 8.25 -14.81 -10.63
CA ARG C 481 7.91 -15.60 -9.44
C ARG C 481 8.83 -16.81 -9.26
N LEU C 482 9.12 -17.51 -10.35
CA LEU C 482 9.92 -18.73 -10.30
C LEU C 482 11.40 -18.49 -10.07
N SER C 483 11.95 -17.44 -10.68
CA SER C 483 13.36 -17.10 -10.56
C SER C 483 13.63 -16.21 -9.36
N GLY C 484 12.67 -15.35 -9.03
CA GLY C 484 12.81 -14.38 -7.97
C GLY C 484 13.60 -13.16 -8.40
N MET C 485 13.57 -12.87 -9.70
CA MET C 485 14.31 -11.73 -10.26
C MET C 485 13.35 -10.64 -10.70
N PRO C 486 13.81 -9.38 -10.70
CA PRO C 486 12.96 -8.28 -11.18
C PRO C 486 12.76 -8.35 -12.70
N VAL C 487 11.69 -7.75 -13.18
CA VAL C 487 11.45 -7.64 -14.63
C VAL C 487 11.18 -6.20 -15.04
N VAL C 488 11.86 -5.79 -16.11
CA VAL C 488 11.66 -4.47 -16.68
C VAL C 488 11.11 -4.63 -18.08
N PHE C 489 9.93 -4.05 -18.31
CA PHE C 489 9.37 -4.01 -19.65
C PHE C 489 10.03 -2.86 -20.44
N TRP C 490 10.75 -3.21 -21.49
CA TRP C 490 11.45 -2.22 -22.33
C TRP C 490 10.50 -1.60 -23.30
N LEU C 491 9.73 -0.62 -22.83
CA LEU C 491 8.75 0.05 -23.67
C LEU C 491 8.93 1.55 -23.62
N ASP C 492 9.07 2.15 -24.80
CA ASP C 492 9.23 3.60 -24.92
C ASP C 492 7.95 4.36 -24.59
N THR C 493 8.10 5.67 -24.44
CA THR C 493 7.01 6.59 -24.19
C THR C 493 6.74 7.40 -25.45
N GLU C 494 7.79 7.61 -26.24
CA GLU C 494 7.74 8.46 -27.43
C GLU C 494 7.51 7.64 -28.70
N ARG C 495 7.20 6.35 -28.54
CA ARG C 495 6.89 5.48 -29.65
C ARG C 495 5.45 4.97 -29.55
N PRO C 496 4.58 5.40 -30.48
CA PRO C 496 3.16 5.03 -30.51
C PRO C 496 2.92 3.54 -30.25
N HIS C 497 3.56 2.67 -31.03
CA HIS C 497 3.40 1.22 -30.86
C HIS C 497 3.69 0.79 -29.46
N GLU C 498 4.74 1.36 -28.87
CA GLU C 498 5.15 0.97 -27.54
C GLU C 498 4.30 1.57 -26.41
N VAL C 499 3.57 2.65 -26.71
CA VAL C 499 2.57 3.17 -25.75
C VAL C 499 1.32 2.29 -25.77
N GLU C 500 0.94 1.80 -26.95
CA GLU C 500 -0.20 0.89 -27.10
C GLU C 500 0.06 -0.40 -26.33
N LEU C 501 1.26 -0.96 -26.51
CA LEU C 501 1.69 -2.13 -25.75
C LEU C 501 1.66 -1.83 -24.26
N ARG C 502 2.10 -0.61 -23.90
CA ARG C 502 2.20 -0.20 -22.50
C ARG C 502 0.83 -0.22 -21.82
N LYS C 503 -0.19 0.25 -22.53
CA LYS C 503 -1.58 0.20 -22.05
C LYS C 503 -2.02 -1.22 -21.69
N LYS C 504 -1.69 -2.19 -22.55
CA LYS C 504 -2.07 -3.58 -22.32
C LYS C 504 -1.30 -4.23 -21.18
N VAL C 505 0.00 -3.93 -21.09
CA VAL C 505 0.84 -4.45 -20.01
C VAL C 505 0.36 -3.93 -18.65
N LYS C 506 0.06 -2.64 -18.59
CA LYS C 506 -0.46 -2.00 -17.38
C LYS C 506 -1.78 -2.64 -16.94
N GLU C 507 -2.60 -3.03 -17.91
CA GLU C 507 -3.87 -3.69 -17.67
C GLU C 507 -3.70 -5.14 -17.21
N TYR C 508 -2.97 -5.93 -17.99
CA TYR C 508 -2.85 -7.37 -17.76
C TYR C 508 -2.00 -7.76 -16.54
N LEU C 509 -1.25 -6.81 -16.00
CA LEU C 509 -0.53 -7.01 -14.75
C LEU C 509 -1.49 -7.02 -13.56
N LYS C 510 -2.60 -6.30 -13.70
CA LYS C 510 -3.67 -6.28 -12.70
C LYS C 510 -4.45 -7.60 -12.67
N ASP C 511 -4.29 -8.40 -13.73
CA ASP C 511 -4.91 -9.72 -13.84
C ASP C 511 -4.09 -10.84 -13.19
N HIS C 512 -3.04 -10.48 -12.44
CA HIS C 512 -2.16 -11.46 -11.80
C HIS C 512 -1.75 -11.08 -10.41
N ASP C 513 -1.40 -12.08 -9.60
CA ASP C 513 -0.85 -11.84 -8.28
C ASP C 513 0.65 -11.53 -8.41
N THR C 514 0.99 -10.28 -8.15
CA THR C 514 2.35 -9.78 -8.32
C THR C 514 2.92 -9.21 -7.01
N GLU C 515 2.34 -9.65 -5.89
CA GLU C 515 2.57 -9.02 -4.58
C GLU C 515 4.03 -8.95 -4.12
N GLY C 516 4.77 -10.04 -4.29
CA GLY C 516 6.17 -10.09 -3.87
C GLY C 516 7.13 -9.88 -5.02
N LEU C 517 6.64 -9.29 -6.11
CA LEU C 517 7.39 -9.16 -7.36
C LEU C 517 7.74 -7.71 -7.70
N LYS C 518 8.96 -7.51 -8.17
CA LYS C 518 9.42 -6.19 -8.61
C LYS C 518 9.25 -6.08 -10.13
N ILE C 519 8.13 -5.51 -10.57
CA ILE C 519 7.84 -5.33 -11.99
C ILE C 519 7.70 -3.85 -12.30
N GLN C 520 8.49 -3.38 -13.26
CA GLN C 520 8.44 -1.97 -13.69
C GLN C 520 8.63 -1.81 -15.21
N ILE C 521 8.19 -0.65 -15.72
CA ILE C 521 8.26 -0.32 -17.15
C ILE C 521 9.14 0.90 -17.39
N MET C 522 10.10 0.76 -18.30
CA MET C 522 11.02 1.84 -18.63
C MET C 522 11.21 1.95 -20.14
N PRO C 523 11.52 3.14 -20.66
CA PRO C 523 11.92 3.24 -22.07
C PRO C 523 13.16 2.38 -22.34
N GLN C 524 13.31 1.94 -23.59
CA GLN C 524 14.45 1.12 -24.01
C GLN C 524 15.77 1.53 -23.38
N VAL C 525 16.22 2.73 -23.74
CA VAL C 525 17.52 3.26 -23.35
C VAL C 525 17.68 3.29 -21.83
N TRP C 526 16.62 3.70 -21.13
CA TRP C 526 16.59 3.68 -19.67
C TRP C 526 16.66 2.28 -19.13
N ALA C 527 15.90 1.38 -19.73
CA ALA C 527 15.87 -0.02 -19.33
C ALA C 527 17.23 -0.69 -19.52
N MET C 528 17.90 -0.36 -20.62
CA MET C 528 19.25 -0.88 -20.87
C MET C 528 20.22 -0.40 -19.80
N ARG C 529 20.15 0.89 -19.48
CA ARG C 529 21.02 1.50 -18.48
C ARG C 529 20.83 0.87 -17.10
N TYR C 530 19.58 0.75 -16.67
CA TYR C 530 19.22 0.12 -15.40
C TYR C 530 19.78 -1.30 -15.30
N THR C 531 19.66 -2.04 -16.39
CA THR C 531 20.11 -3.43 -16.47
C THR C 531 21.62 -3.55 -16.34
N LEU C 532 22.33 -2.65 -17.01
CA LEU C 532 23.79 -2.63 -16.99
C LEU C 532 24.33 -2.23 -15.62
N GLU C 533 23.68 -1.24 -15.01
CA GLU C 533 24.03 -0.80 -13.67
C GLU C 533 23.89 -1.96 -12.69
N ARG C 534 22.91 -2.82 -12.92
CA ARG C 534 22.72 -4.00 -12.09
C ARG C 534 23.71 -5.14 -12.37
N VAL C 535 23.97 -5.45 -13.65
CA VAL C 535 24.84 -6.59 -13.98
C VAL C 535 26.29 -6.35 -13.62
N VAL C 536 26.75 -5.11 -13.79
CA VAL C 536 28.12 -4.75 -13.48
C VAL C 536 28.43 -4.95 -11.98
N ARG C 537 27.40 -4.86 -11.14
CA ARG C 537 27.55 -5.20 -9.74
C ARG C 537 26.85 -6.51 -9.35
N GLY C 538 26.79 -7.44 -10.30
CA GLY C 538 26.39 -8.83 -10.06
C GLY C 538 24.92 -9.11 -9.81
N LYS C 539 24.04 -8.25 -10.30
CA LYS C 539 22.60 -8.45 -10.09
C LYS C 539 21.85 -8.84 -11.35
N ASP C 540 20.94 -9.81 -11.21
CA ASP C 540 20.20 -10.39 -12.32
C ASP C 540 18.94 -9.59 -12.65
N THR C 541 18.56 -9.57 -13.91
CA THR C 541 17.40 -8.79 -14.37
C THR C 541 16.75 -9.41 -15.62
N ILE C 542 15.46 -9.70 -15.52
CA ILE C 542 14.68 -10.20 -16.66
C ILE C 542 14.26 -9.02 -17.53
N ALA C 543 14.43 -9.15 -18.84
CA ALA C 543 13.97 -8.13 -19.77
C ALA C 543 12.77 -8.64 -20.56
N ALA C 544 11.61 -8.02 -20.34
CA ALA C 544 10.40 -8.34 -21.07
C ALA C 544 10.28 -7.36 -22.24
N THR C 545 10.41 -7.87 -23.46
CA THR C 545 10.59 -7.00 -24.63
C THR C 545 9.74 -7.42 -25.84
N GLY C 546 9.75 -6.56 -26.86
CA GLY C 546 9.16 -6.87 -28.15
C GLY C 546 9.95 -7.90 -28.94
N ASN C 547 9.55 -8.15 -30.19
CA ASN C 547 10.11 -9.24 -30.98
C ASN C 547 11.57 -9.07 -31.37
N ILE C 548 11.87 -7.96 -32.05
CA ILE C 548 13.24 -7.65 -32.46
C ILE C 548 14.19 -7.57 -31.26
N LEU C 549 13.79 -6.86 -30.22
CA LEU C 549 14.63 -6.74 -29.01
C LEU C 549 14.90 -8.08 -28.33
N ARG C 550 13.97 -9.03 -28.48
CA ARG C 550 14.18 -10.40 -28.01
C ARG C 550 15.36 -11.03 -28.76
N ASP C 551 15.33 -10.90 -30.09
CA ASP C 551 16.40 -11.38 -30.96
C ASP C 551 17.72 -10.75 -30.55
N TYR C 552 17.73 -9.41 -30.50
CA TYR C 552 18.93 -8.62 -30.24
C TYR C 552 19.60 -8.94 -28.91
N LEU C 553 18.79 -9.04 -27.85
CA LEU C 553 19.30 -9.17 -26.48
C LEU C 553 19.69 -10.59 -26.10
N THR C 554 19.05 -11.58 -26.74
CA THR C 554 19.37 -12.99 -26.47
C THR C 554 20.62 -13.42 -27.21
N ASP C 555 21.14 -12.54 -28.07
CA ASP C 555 22.46 -12.70 -28.64
C ASP C 555 23.48 -11.91 -27.82
N LEU C 556 23.12 -10.67 -27.50
CA LEU C 556 24.03 -9.71 -26.86
C LEU C 556 24.56 -10.14 -25.50
N PHE C 557 23.66 -10.30 -24.53
CA PHE C 557 24.07 -10.62 -23.17
C PHE C 557 24.76 -11.98 -23.03
N PRO C 558 24.21 -13.03 -23.68
CA PRO C 558 24.88 -14.34 -23.66
C PRO C 558 26.28 -14.31 -24.25
N ILE C 559 26.50 -13.54 -25.32
CA ILE C 559 27.85 -13.36 -25.87
C ILE C 559 28.79 -12.78 -24.81
N LEU C 560 28.34 -11.74 -24.11
CA LEU C 560 29.14 -11.12 -23.06
C LEU C 560 29.29 -12.02 -21.83
N GLU C 561 28.19 -12.63 -21.39
CA GLU C 561 28.18 -13.46 -20.19
C GLU C 561 28.92 -14.79 -20.36
N LEU C 562 28.79 -15.41 -21.53
CA LEU C 562 29.22 -16.80 -21.74
C LEU C 562 30.17 -17.00 -22.93
N GLY C 563 30.33 -15.96 -23.76
CA GLY C 563 31.21 -16.03 -24.92
C GLY C 563 30.53 -16.53 -26.17
N THR C 564 29.33 -17.09 -26.01
CA THR C 564 28.58 -17.66 -27.13
C THR C 564 27.07 -17.67 -26.85
N SER C 565 26.26 -17.45 -27.88
CA SER C 565 24.80 -17.52 -27.72
C SER C 565 24.26 -18.93 -28.01
N ALA C 566 25.17 -19.86 -28.29
CA ALA C 566 24.82 -21.23 -28.69
C ALA C 566 24.72 -22.22 -27.52
N LYS C 567 24.82 -21.70 -26.29
CA LYS C 567 24.78 -22.55 -25.09
C LYS C 567 23.66 -22.13 -24.14
N MET C 568 22.43 -22.07 -24.63
CA MET C 568 21.32 -21.62 -23.78
C MET C 568 19.94 -22.21 -24.05
N LEU C 569 19.10 -22.22 -23.00
CA LEU C 569 17.72 -22.63 -23.08
C LEU C 569 16.88 -21.64 -23.87
N SER C 570 16.12 -22.15 -24.83
CA SER C 570 15.25 -21.34 -25.66
C SER C 570 13.88 -22.02 -25.66
N ILE C 571 13.06 -21.63 -24.69
CA ILE C 571 11.78 -22.31 -24.44
C ILE C 571 10.61 -21.49 -24.96
N VAL C 572 9.74 -22.14 -25.71
CA VAL C 572 8.54 -21.51 -26.25
C VAL C 572 7.32 -22.24 -25.68
N PRO C 573 6.72 -21.69 -24.61
CA PRO C 573 5.48 -22.29 -24.10
C PRO C 573 4.34 -21.98 -25.05
N LEU C 574 3.76 -23.02 -25.61
CA LEU C 574 2.72 -22.86 -26.63
C LEU C 574 1.38 -22.45 -26.04
N MET C 575 0.69 -21.55 -26.74
CA MET C 575 -0.55 -20.95 -26.25
C MET C 575 -1.70 -21.93 -26.10
N ALA C 576 -1.68 -22.99 -26.89
CA ALA C 576 -2.65 -24.07 -26.77
C ALA C 576 -2.35 -24.96 -25.55
N GLY C 577 -1.16 -24.81 -24.99
CA GLY C 577 -0.77 -25.55 -23.79
C GLY C 577 0.45 -26.44 -23.92
N GLY C 578 1.00 -26.55 -25.14
CA GLY C 578 2.14 -27.42 -25.39
C GLY C 578 3.50 -26.82 -25.06
N GLY C 579 4.50 -27.16 -25.86
CA GLY C 579 5.86 -26.63 -25.67
C GLY C 579 6.78 -26.89 -26.85
N LEU C 580 7.40 -25.82 -27.36
CA LEU C 580 8.44 -25.91 -28.39
C LEU C 580 9.78 -25.57 -27.75
N TYR C 581 10.80 -26.38 -28.03
CA TYR C 581 12.09 -26.24 -27.38
C TYR C 581 13.25 -26.09 -28.38
N GLU C 582 13.54 -24.84 -28.75
CA GLU C 582 14.62 -24.51 -29.68
C GLU C 582 16.00 -24.83 -29.08
N THR C 583 16.82 -25.56 -29.83
CA THR C 583 18.13 -25.99 -29.36
C THR C 583 19.26 -25.00 -29.68
N GLY C 584 18.98 -24.02 -30.55
CA GLY C 584 19.98 -23.04 -30.93
C GLY C 584 19.46 -21.92 -31.83
N ALA C 585 19.92 -20.70 -31.55
CA ALA C 585 19.52 -19.53 -32.34
C ALA C 585 20.43 -19.30 -33.55
N GLY C 586 21.54 -20.04 -33.62
CA GLY C 586 22.50 -19.87 -34.71
C GLY C 586 22.18 -20.65 -35.97
N GLY C 587 23.11 -20.63 -36.91
CA GLY C 587 22.96 -21.36 -38.17
C GLY C 587 23.25 -22.84 -38.03
N SER C 588 23.11 -23.58 -39.13
CA SER C 588 23.35 -25.02 -39.13
C SER C 588 24.80 -25.36 -39.47
N ALA C 589 25.68 -24.36 -39.40
CA ALA C 589 27.14 -24.51 -39.55
C ALA C 589 27.61 -25.34 -40.76
N PRO C 590 27.59 -24.72 -41.96
CA PRO C 590 28.07 -25.39 -43.16
C PRO C 590 29.55 -25.77 -43.10
N LYS C 591 30.35 -24.95 -42.41
CA LYS C 591 31.79 -25.18 -42.30
C LYS C 591 32.13 -26.45 -41.52
N HIS C 592 31.24 -26.82 -40.60
CA HIS C 592 31.39 -28.04 -39.80
C HIS C 592 31.23 -29.29 -40.64
N VAL C 593 30.32 -29.23 -41.61
CA VAL C 593 30.05 -30.37 -42.49
C VAL C 593 31.21 -30.61 -43.44
N HIS C 594 31.81 -29.53 -43.92
CA HIS C 594 32.96 -29.64 -44.83
C HIS C 594 34.19 -30.20 -44.18
N GLN C 595 34.27 -30.06 -42.86
CA GLN C 595 35.32 -30.70 -42.08
C GLN C 595 34.99 -32.17 -41.82
N LEU C 596 33.70 -32.48 -41.78
CA LEU C 596 33.25 -33.85 -41.54
C LEU C 596 33.52 -34.77 -42.73
N VAL C 597 33.09 -34.36 -43.93
CA VAL C 597 33.30 -35.17 -45.13
C VAL C 597 34.78 -35.31 -45.49
N GLU C 598 35.55 -34.24 -45.29
CA GLU C 598 36.99 -34.23 -45.57
C GLU C 598 37.83 -35.04 -44.58
N GLU C 599 37.58 -34.82 -43.28
CA GLU C 599 38.46 -35.35 -42.23
C GLU C 599 37.75 -36.17 -41.16
N ASN C 600 36.46 -36.45 -41.38
CA ASN C 600 35.62 -37.17 -40.41
C ASN C 600 35.71 -36.62 -38.98
N HIS C 601 35.52 -35.31 -38.87
CA HIS C 601 35.49 -34.64 -37.57
C HIS C 601 34.37 -33.64 -37.52
N LEU C 602 33.40 -33.91 -36.66
CA LEU C 602 32.30 -32.98 -36.43
C LEU C 602 32.56 -32.21 -35.13
N ARG C 603 32.76 -30.90 -35.24
CA ARG C 603 33.04 -30.05 -34.09
C ARG C 603 31.80 -29.36 -33.52
N TRP C 604 30.64 -29.70 -34.08
CA TRP C 604 29.35 -29.19 -33.63
C TRP C 604 29.13 -29.50 -32.18
N ASP C 605 28.77 -28.48 -31.40
CA ASP C 605 28.42 -28.68 -30.00
C ASP C 605 26.94 -28.98 -29.91
N SER C 606 26.61 -30.16 -29.39
CA SER C 606 25.23 -30.60 -29.27
C SER C 606 24.61 -30.23 -27.92
N LEU C 607 25.32 -29.42 -27.13
CA LEU C 607 24.87 -29.06 -25.78
C LEU C 607 23.46 -28.46 -25.77
N GLY C 608 23.21 -27.59 -26.75
CA GLY C 608 21.90 -26.94 -26.89
C GLY C 608 20.77 -27.94 -27.08
N GLU C 609 21.12 -29.12 -27.61
CA GLU C 609 20.16 -30.19 -27.82
C GLU C 609 19.92 -30.96 -26.53
N PHE C 610 20.98 -31.20 -25.76
CA PHE C 610 20.89 -31.88 -24.48
C PHE C 610 20.06 -31.09 -23.48
N LEU C 611 20.24 -29.76 -23.51
CA LEU C 611 19.54 -28.86 -22.59
C LEU C 611 18.07 -28.74 -22.95
N ALA C 612 17.77 -28.69 -24.25
CA ALA C 612 16.40 -28.57 -24.74
C ALA C 612 15.61 -29.85 -24.51
N LEU C 613 16.30 -30.99 -24.58
CA LEU C 613 15.69 -32.28 -24.25
C LEU C 613 15.36 -32.34 -22.76
N GLY C 614 16.27 -31.80 -21.94
CA GLY C 614 16.05 -31.68 -20.51
C GLY C 614 14.76 -30.93 -20.21
N ALA C 615 14.63 -29.74 -20.80
CA ALA C 615 13.45 -28.90 -20.64
C ALA C 615 12.21 -29.56 -21.23
N SER C 616 12.40 -30.33 -22.30
CA SER C 616 11.34 -31.08 -22.95
C SER C 616 10.78 -32.18 -22.04
N LEU C 617 11.67 -32.89 -21.36
CA LEU C 617 11.29 -33.98 -20.47
C LEU C 617 10.76 -33.45 -19.13
N GLU C 618 11.31 -32.32 -18.69
CA GLU C 618 10.89 -31.64 -17.46
C GLU C 618 9.40 -31.29 -17.52
N ASP C 619 9.01 -30.63 -18.61
CA ASP C 619 7.62 -30.21 -18.82
C ASP C 619 6.69 -31.39 -19.10
N MET C 620 7.25 -32.45 -19.71
CA MET C 620 6.52 -33.68 -19.96
C MET C 620 6.00 -34.28 -18.65
N GLY C 621 6.86 -34.31 -17.63
CA GLY C 621 6.48 -34.79 -16.30
C GLY C 621 5.38 -33.96 -15.65
N ASN C 622 5.48 -32.64 -15.80
CA ASN C 622 4.52 -31.71 -15.19
C ASN C 622 3.16 -31.66 -15.89
N LYS C 623 3.17 -31.63 -17.22
CA LYS C 623 1.93 -31.49 -18.00
C LYS C 623 1.07 -32.76 -18.05
N THR C 624 1.69 -33.92 -17.87
CA THR C 624 0.97 -35.20 -17.96
C THR C 624 0.85 -35.89 -16.61
N GLY C 625 1.87 -35.75 -15.77
CA GLY C 625 1.95 -36.43 -14.49
C GLY C 625 2.90 -37.62 -14.53
N ASN C 626 3.73 -37.67 -15.58
CA ASN C 626 4.71 -38.74 -15.75
C ASN C 626 5.91 -38.56 -14.82
N GLU C 627 5.92 -39.33 -13.75
CA GLU C 627 6.98 -39.26 -12.74
C GLU C 627 8.32 -39.76 -13.27
N LYS C 628 8.28 -40.73 -14.17
CA LYS C 628 9.48 -41.31 -14.77
C LYS C 628 10.18 -40.33 -15.72
N ALA C 629 9.40 -39.41 -16.28
CA ALA C 629 9.95 -38.37 -17.16
C ALA C 629 10.81 -37.37 -16.37
N LYS C 630 10.33 -36.97 -15.19
CA LYS C 630 11.04 -36.04 -14.32
C LYS C 630 12.38 -36.61 -13.87
N VAL C 631 12.40 -37.91 -13.55
CA VAL C 631 13.60 -38.61 -13.12
C VAL C 631 14.65 -38.60 -14.23
N LEU C 632 14.20 -38.85 -15.47
CA LEU C 632 15.06 -38.79 -16.65
C LEU C 632 15.63 -37.39 -16.83
N ALA C 633 14.75 -36.38 -16.83
CA ALA C 633 15.12 -34.98 -17.00
C ALA C 633 16.17 -34.56 -15.99
N LYS C 634 15.89 -34.81 -14.71
CA LYS C 634 16.80 -34.49 -13.61
C LYS C 634 18.15 -35.19 -13.77
N ALA C 635 18.12 -36.45 -14.20
CA ALA C 635 19.34 -37.22 -14.44
C ALA C 635 20.09 -36.75 -15.68
N LEU C 636 19.35 -36.21 -16.64
CA LEU C 636 19.97 -35.63 -17.84
C LEU C 636 20.65 -34.30 -17.49
N ASP C 637 19.96 -33.47 -16.70
CA ASP C 637 20.49 -32.15 -16.30
C ASP C 637 21.79 -32.26 -15.49
N THR C 638 21.89 -33.29 -14.66
CA THR C 638 23.10 -33.55 -13.88
C THR C 638 24.22 -34.12 -14.76
N ALA C 639 23.84 -34.93 -15.75
CA ALA C 639 24.78 -35.50 -16.71
C ALA C 639 25.34 -34.43 -17.66
N THR C 640 24.46 -33.51 -18.09
CA THR C 640 24.86 -32.36 -18.88
C THR C 640 25.85 -31.52 -18.08
N GLY C 641 25.58 -31.37 -16.78
CA GLY C 641 26.49 -30.69 -15.86
C GLY C 641 27.85 -31.34 -15.84
N LYS C 642 27.89 -32.66 -15.65
CA LYS C 642 29.13 -33.43 -15.62
C LYS C 642 29.90 -33.30 -16.93
N LEU C 643 29.17 -33.21 -18.04
CA LEU C 643 29.74 -33.03 -19.38
C LEU C 643 30.63 -31.79 -19.43
N LEU C 644 30.11 -30.68 -18.91
CA LEU C 644 30.84 -29.41 -18.88
C LEU C 644 32.05 -29.47 -17.95
N GLU C 645 31.83 -29.92 -16.71
CA GLU C 645 32.86 -30.02 -15.69
C GLU C 645 34.04 -30.90 -16.10
N GLU C 646 33.73 -32.06 -16.68
CA GLU C 646 34.75 -33.01 -17.13
C GLU C 646 35.39 -32.58 -18.46
N ASN C 647 34.92 -31.45 -19.00
CA ASN C 647 35.44 -30.87 -20.25
C ASN C 647 35.37 -31.84 -21.45
N LYS C 648 34.25 -32.55 -21.57
CA LYS C 648 34.07 -33.53 -22.64
C LYS C 648 33.20 -33.00 -23.78
N SER C 649 33.26 -31.68 -23.99
CA SER C 649 32.58 -31.04 -25.12
C SER C 649 33.44 -31.18 -26.39
N PRO C 650 32.79 -31.21 -27.57
CA PRO C 650 33.50 -31.41 -28.84
C PRO C 650 34.72 -30.51 -29.01
N SER C 651 35.80 -31.07 -29.54
CA SER C 651 37.04 -30.33 -29.77
C SER C 651 37.10 -29.73 -31.17
N ARG C 652 37.91 -28.70 -31.33
CA ARG C 652 38.05 -28.00 -32.60
C ARG C 652 38.90 -28.80 -33.60
N ARG C 653 40.06 -29.28 -33.16
CA ARG C 653 41.03 -29.92 -34.05
C ARG C 653 40.65 -31.37 -34.39
N THR C 654 40.86 -31.73 -35.65
CA THR C 654 40.70 -33.09 -36.15
C THR C 654 41.63 -34.07 -35.44
N GLY C 655 41.13 -35.27 -35.15
CA GLY C 655 41.90 -36.27 -34.41
C GLY C 655 41.56 -36.31 -32.92
N GLU C 656 41.00 -35.21 -32.43
CA GLU C 656 40.61 -35.09 -31.02
C GLU C 656 39.12 -35.39 -30.84
N LEU C 657 38.70 -35.51 -29.58
CA LEU C 657 37.31 -35.78 -29.18
C LEU C 657 36.33 -34.92 -29.98
N ASP C 658 35.38 -35.55 -30.66
CA ASP C 658 34.41 -34.82 -31.50
C ASP C 658 32.97 -34.96 -30.99
N ASN C 659 32.01 -34.50 -31.78
CA ASN C 659 30.59 -34.54 -31.43
C ASN C 659 30.12 -35.93 -31.02
N ARG C 660 30.58 -36.94 -31.75
CA ARG C 660 30.27 -38.34 -31.44
C ARG C 660 30.86 -38.74 -30.09
N GLY C 661 32.11 -38.35 -29.86
CA GLY C 661 32.81 -38.64 -28.61
C GLY C 661 32.07 -38.11 -27.40
N SER C 662 31.69 -36.83 -27.47
CA SER C 662 30.98 -36.17 -26.37
C SER C 662 29.63 -36.81 -26.10
N GLN C 663 28.94 -37.21 -27.18
CA GLN C 663 27.65 -37.87 -27.09
C GLN C 663 27.72 -39.18 -26.32
N PHE C 664 28.84 -39.88 -26.46
CA PHE C 664 29.07 -41.08 -25.65
C PHE C 664 29.12 -40.70 -24.18
N TYR C 665 29.93 -39.68 -23.86
CA TYR C 665 30.08 -39.23 -22.48
C TYR C 665 28.77 -38.76 -21.86
N LEU C 666 27.96 -38.02 -22.62
CA LEU C 666 26.65 -37.61 -22.13
C LEU C 666 25.82 -38.81 -21.70
N SER C 667 25.70 -39.79 -22.59
CA SER C 667 24.94 -41.01 -22.33
C SER C 667 25.56 -41.87 -21.23
N LEU C 668 26.89 -41.85 -21.15
CA LEU C 668 27.62 -42.50 -20.07
C LEU C 668 27.21 -41.89 -18.74
N PHE C 669 27.32 -40.56 -18.64
CA PHE C 669 26.99 -39.84 -17.42
C PHE C 669 25.48 -39.88 -17.11
N TRP C 670 24.67 -40.00 -18.16
CA TRP C 670 23.21 -39.99 -18.03
C TRP C 670 22.71 -41.31 -17.49
N ALA C 671 23.29 -42.40 -17.97
CA ALA C 671 22.95 -43.74 -17.47
C ALA C 671 23.41 -43.91 -16.02
N GLN C 672 24.60 -43.39 -15.70
CA GLN C 672 25.14 -43.39 -14.35
C GLN C 672 24.20 -42.68 -13.38
N ALA C 673 23.79 -41.46 -13.75
CA ALA C 673 22.89 -40.65 -12.94
C ALA C 673 21.52 -41.31 -12.74
N LEU C 674 21.18 -42.22 -13.63
CA LEU C 674 19.90 -42.95 -13.56
C LEU C 674 19.98 -44.16 -12.63
N ALA C 675 21.18 -44.71 -12.46
CA ALA C 675 21.40 -45.83 -11.56
C ALA C 675 21.41 -45.36 -10.09
N GLU C 676 22.18 -44.32 -9.82
CA GLU C 676 22.39 -43.84 -8.45
C GLU C 676 21.42 -42.72 -8.01
N GLN C 677 20.20 -42.79 -8.49
CA GLN C 677 19.11 -41.91 -8.01
C GLN C 677 18.12 -42.71 -7.17
N THR C 678 17.41 -42.04 -6.28
CA THR C 678 16.46 -42.72 -5.37
C THR C 678 15.10 -42.04 -5.24
N GLU C 679 14.28 -42.14 -6.29
CA GLU C 679 12.85 -41.85 -6.20
C GLU C 679 12.03 -42.79 -7.10
N ASP C 680 12.74 -43.52 -7.95
CA ASP C 680 12.13 -44.55 -8.80
C ASP C 680 13.01 -45.81 -8.79
N ALA C 681 12.61 -46.79 -7.99
CA ALA C 681 13.36 -48.02 -7.81
C ALA C 681 13.46 -48.85 -9.10
N GLU C 682 12.34 -48.96 -9.82
CA GLU C 682 12.27 -49.73 -11.07
C GLU C 682 13.20 -49.17 -12.15
N LEU C 683 13.24 -47.84 -12.25
CA LEU C 683 14.01 -47.14 -13.28
C LEU C 683 15.52 -47.31 -13.07
N ALA C 684 15.94 -47.42 -11.82
CA ALA C 684 17.35 -47.53 -11.47
C ALA C 684 17.97 -48.86 -11.92
N GLU C 685 17.26 -49.96 -11.70
CA GLU C 685 17.74 -51.28 -12.07
C GLU C 685 17.74 -51.50 -13.59
N ARG C 686 16.95 -50.70 -14.30
CA ARG C 686 16.87 -50.76 -15.76
C ARG C 686 18.13 -50.16 -16.40
N PHE C 687 18.76 -49.21 -15.71
CA PHE C 687 19.95 -48.54 -16.22
C PHE C 687 21.24 -48.94 -15.51
N LYS C 688 21.12 -49.85 -14.54
CA LYS C 688 22.26 -50.36 -13.79
C LYS C 688 23.28 -51.08 -14.68
N PRO C 689 22.84 -52.07 -15.49
CA PRO C 689 23.82 -52.77 -16.34
C PRO C 689 24.32 -51.91 -17.50
N LEU C 690 23.49 -50.97 -17.96
CA LEU C 690 23.83 -50.04 -19.03
C LEU C 690 25.03 -49.19 -18.63
N ALA C 691 24.93 -48.57 -17.45
CA ALA C 691 25.96 -47.67 -16.93
C ALA C 691 27.31 -48.36 -16.74
N LYS C 692 27.29 -49.60 -16.25
CA LYS C 692 28.49 -50.37 -15.97
C LYS C 692 29.23 -50.77 -17.25
N ALA C 693 28.48 -51.16 -18.27
CA ALA C 693 29.05 -51.58 -19.55
C ALA C 693 29.74 -50.43 -20.30
N LEU C 694 29.08 -49.28 -20.38
CA LEU C 694 29.65 -48.10 -21.02
C LEU C 694 30.93 -47.65 -20.32
N ALA C 695 30.92 -47.69 -18.99
CA ALA C 695 32.06 -47.29 -18.17
C ALA C 695 33.27 -48.21 -18.34
N GLU C 696 33.01 -49.51 -18.51
CA GLU C 696 34.07 -50.48 -18.71
C GLU C 696 34.60 -50.44 -20.14
N GLN C 697 33.70 -50.18 -21.09
CA GLN C 697 34.06 -50.10 -22.50
C GLN C 697 34.51 -48.69 -22.91
N GLU C 698 34.51 -47.77 -21.95
CA GLU C 698 34.85 -46.36 -22.21
C GLU C 698 36.09 -46.22 -23.08
N GLU C 699 37.19 -46.81 -22.62
CA GLU C 699 38.48 -46.70 -23.31
C GLU C 699 38.44 -47.30 -24.72
N ALA C 700 37.63 -48.34 -24.89
CA ALA C 700 37.46 -48.98 -26.20
C ALA C 700 36.59 -48.16 -27.16
N ILE C 701 35.48 -47.61 -26.65
CA ILE C 701 34.55 -46.81 -27.46
C ILE C 701 35.19 -45.52 -27.94
N VAL C 702 35.84 -44.80 -27.03
CA VAL C 702 36.58 -43.58 -27.36
C VAL C 702 37.65 -43.88 -28.41
N SER C 703 38.33 -45.00 -28.22
CA SER C 703 39.35 -45.48 -29.17
C SER C 703 38.77 -45.61 -30.58
N GLU C 704 37.62 -46.27 -30.69
CA GLU C 704 36.94 -46.48 -31.97
C GLU C 704 36.51 -45.17 -32.64
N LEU C 705 35.92 -44.27 -31.85
CA LEU C 705 35.40 -43.00 -32.35
C LEU C 705 36.50 -42.04 -32.84
N ASN C 706 37.71 -42.19 -32.30
CA ASN C 706 38.82 -41.31 -32.66
C ASN C 706 39.73 -41.88 -33.73
N SER C 707 39.78 -43.22 -33.83
CA SER C 707 40.61 -43.90 -34.82
C SER C 707 40.08 -43.72 -36.24
N VAL C 708 38.76 -43.59 -36.34
CA VAL C 708 38.07 -43.42 -37.63
C VAL C 708 38.30 -42.00 -38.20
N GLN C 709 38.87 -41.12 -37.39
CA GLN C 709 39.10 -39.72 -37.79
C GLN C 709 40.31 -39.57 -38.70
N GLY C 710 40.33 -38.49 -39.48
CA GLY C 710 41.49 -38.11 -40.29
C GLY C 710 41.49 -38.62 -41.72
N LYS C 711 40.30 -38.85 -42.27
CA LYS C 711 40.15 -39.31 -43.67
C LYS C 711 38.81 -38.86 -44.26
N THR C 712 38.76 -38.84 -45.60
CA THR C 712 37.53 -38.51 -46.32
C THR C 712 36.46 -39.59 -46.12
N VAL C 713 35.20 -39.15 -46.08
CA VAL C 713 34.08 -40.05 -45.81
C VAL C 713 32.94 -39.78 -46.79
N ASP C 714 32.04 -40.75 -46.95
CA ASP C 714 30.94 -40.66 -47.92
C ASP C 714 29.57 -40.67 -47.25
N ILE C 715 28.88 -39.54 -47.31
CA ILE C 715 27.51 -39.42 -46.80
C ILE C 715 26.48 -39.38 -47.93
N GLY C 716 26.96 -39.48 -49.16
CA GLY C 716 26.10 -39.57 -50.33
C GLY C 716 25.18 -38.39 -50.54
N GLY C 717 25.71 -37.19 -50.35
CA GLY C 717 24.94 -35.96 -50.57
C GLY C 717 25.30 -34.83 -49.62
N TYR C 718 24.52 -33.76 -49.67
CA TYR C 718 24.70 -32.60 -48.79
C TYR C 718 23.35 -32.12 -48.25
N TYR C 719 22.48 -31.65 -49.14
CA TYR C 719 21.17 -31.17 -48.73
C TYR C 719 20.19 -32.32 -48.51
N TYR C 720 20.51 -33.47 -49.10
CA TYR C 720 19.79 -34.71 -48.86
C TYR C 720 20.82 -35.83 -48.78
N PRO C 721 21.41 -36.04 -47.58
CA PRO C 721 22.38 -37.14 -47.41
C PRO C 721 21.68 -38.49 -47.35
N ASP C 722 22.40 -39.55 -47.73
CA ASP C 722 21.85 -40.90 -47.72
C ASP C 722 21.78 -41.46 -46.30
N PRO C 723 20.55 -41.74 -45.81
CA PRO C 723 20.36 -42.23 -44.43
C PRO C 723 21.28 -43.39 -44.05
N GLU C 724 21.42 -44.38 -44.95
CA GLU C 724 22.29 -45.53 -44.71
C GLU C 724 23.77 -45.14 -44.61
N LYS C 725 24.25 -44.40 -45.61
CA LYS C 725 25.63 -43.93 -45.65
C LYS C 725 25.96 -43.00 -44.49
N THR C 726 25.04 -42.11 -44.15
CA THR C 726 25.22 -41.12 -43.08
C THR C 726 25.13 -41.76 -41.70
N SER C 727 24.24 -42.75 -41.55
CA SER C 727 24.13 -43.50 -40.30
C SER C 727 25.41 -44.29 -39.99
N GLU C 728 26.07 -44.77 -41.05
CA GLU C 728 27.38 -45.41 -40.96
C GLU C 728 28.42 -44.47 -40.37
N VAL C 729 28.56 -43.29 -40.96
CA VAL C 729 29.56 -42.29 -40.57
C VAL C 729 29.38 -41.80 -39.13
N MET C 730 28.14 -41.48 -38.77
CA MET C 730 27.85 -40.90 -37.46
C MET C 730 27.73 -41.92 -36.32
N ARG C 731 27.74 -43.21 -36.67
CA ARG C 731 27.71 -44.27 -35.67
C ARG C 731 28.81 -45.29 -35.97
N PRO C 732 30.09 -44.84 -36.01
CA PRO C 732 31.17 -45.72 -36.45
C PRO C 732 31.67 -46.69 -35.37
N SER C 733 31.27 -46.45 -34.12
CA SER C 733 31.66 -47.32 -33.01
C SER C 733 30.80 -48.57 -32.98
N LYS C 734 31.43 -49.71 -33.32
CA LYS C 734 30.76 -51.01 -33.29
C LYS C 734 30.36 -51.37 -31.86
N THR C 735 31.29 -51.16 -30.93
CA THR C 735 31.11 -51.51 -29.51
C THR C 735 29.95 -50.73 -28.85
N PHE C 736 29.92 -49.42 -29.08
CA PHE C 736 28.90 -48.54 -28.50
C PHE C 736 27.49 -48.85 -29.01
N ASN C 737 27.39 -49.16 -30.30
CA ASN C 737 26.10 -49.47 -30.93
C ASN C 737 25.45 -50.75 -30.40
N THR C 738 26.25 -51.80 -30.23
CA THR C 738 25.75 -53.07 -29.70
C THR C 738 25.25 -52.95 -28.26
N THR C 739 25.95 -52.15 -27.46
CA THR C 739 25.63 -51.93 -26.04
C THR C 739 24.20 -51.40 -25.82
N LEU C 740 23.58 -50.88 -26.87
CA LEU C 740 22.17 -50.52 -26.84
C LEU C 740 21.44 -50.91 -28.13
N PRO D 6 -6.97 19.32 -42.54
CA PRO D 6 -6.65 20.35 -41.57
C PRO D 6 -7.65 21.51 -41.62
N THR D 7 -8.80 21.30 -40.99
CA THR D 7 -9.92 22.27 -41.04
C THR D 7 -10.52 22.60 -39.67
N ILE D 8 -10.57 23.90 -39.36
CA ILE D 8 -11.26 24.42 -38.16
C ILE D 8 -12.63 24.97 -38.53
N ILE D 9 -13.66 24.46 -37.87
CA ILE D 9 -15.02 24.94 -38.11
C ILE D 9 -15.39 26.00 -37.06
N TYR D 10 -15.56 27.24 -37.53
CA TYR D 10 -15.96 28.37 -36.69
C TYR D 10 -17.46 28.63 -36.90
N THR D 11 -18.21 28.72 -35.80
CA THR D 11 -19.67 28.83 -35.87
C THR D 11 -20.16 30.28 -35.93
N LEU D 12 -20.93 30.59 -36.95
CA LEU D 12 -21.66 31.85 -37.02
C LEU D 12 -22.93 31.68 -36.22
N THR D 13 -23.13 32.55 -35.24
CA THR D 13 -24.27 32.44 -34.33
C THR D 13 -25.14 33.70 -34.37
N ASP D 14 -25.54 34.18 -33.19
CA ASP D 14 -26.49 35.29 -33.08
C ASP D 14 -25.90 36.45 -32.28
N GLU D 15 -26.45 37.65 -32.54
CA GLU D 15 -26.20 38.85 -31.75
C GLU D 15 -24.71 39.22 -31.58
N ALA D 16 -24.28 39.52 -30.36
CA ALA D 16 -22.93 40.05 -30.11
C ALA D 16 -21.75 39.15 -30.56
N PRO D 17 -21.75 37.86 -30.18
CA PRO D 17 -20.66 36.97 -30.63
C PRO D 17 -20.45 36.95 -32.16
N LEU D 18 -21.56 37.02 -32.91
CA LEU D 18 -21.50 37.03 -34.37
C LEU D 18 -20.86 38.31 -34.89
N LEU D 19 -21.25 39.45 -34.31
CA LEU D 19 -20.70 40.74 -34.70
C LEU D 19 -19.19 40.76 -34.50
N ALA D 20 -18.75 40.26 -33.35
CA ALA D 20 -17.33 40.14 -33.02
C ALA D 20 -16.62 39.27 -34.06
N THR D 21 -17.30 38.20 -34.49
CA THR D 21 -16.76 37.27 -35.48
C THR D 21 -16.48 37.95 -36.83
N TYR D 22 -17.33 38.89 -37.22
CA TYR D 22 -17.14 39.64 -38.47
C TYR D 22 -15.82 40.40 -38.51
N ALA D 23 -15.38 40.87 -37.36
CA ALA D 23 -14.10 41.58 -37.25
C ALA D 23 -12.95 40.61 -37.01
N PHE D 24 -13.25 39.48 -36.36
CA PHE D 24 -12.22 38.53 -35.92
C PHE D 24 -11.92 37.42 -36.92
N LEU D 25 -12.94 36.93 -37.63
CA LEU D 25 -12.78 35.87 -38.61
C LEU D 25 -11.66 36.13 -39.62
N PRO D 26 -11.57 37.36 -40.18
CA PRO D 26 -10.47 37.65 -41.10
C PRO D 26 -9.07 37.46 -40.49
N VAL D 27 -8.89 37.92 -39.24
CA VAL D 27 -7.57 37.87 -38.58
C VAL D 27 -7.18 36.49 -38.07
N VAL D 28 -8.16 35.64 -37.77
CA VAL D 28 -7.86 34.24 -37.44
C VAL D 28 -7.51 33.46 -38.71
N ARG D 29 -8.19 33.78 -39.81
CA ARG D 29 -7.89 33.15 -41.10
C ARG D 29 -6.46 33.40 -41.55
N LYS D 30 -6.00 34.64 -41.39
CA LYS D 30 -4.62 35.03 -41.75
C LYS D 30 -3.55 34.30 -40.96
N PHE D 31 -3.84 34.05 -39.68
CA PHE D 31 -2.89 33.33 -38.83
C PHE D 31 -2.94 31.82 -39.07
N ALA D 32 -4.16 31.28 -39.27
CA ALA D 32 -4.37 29.84 -39.39
C ALA D 32 -3.84 29.26 -40.70
N GLU D 33 -3.76 30.09 -41.74
CA GLU D 33 -3.25 29.68 -43.04
C GLU D 33 -1.75 29.38 -43.01
N ALA D 34 -1.05 30.04 -42.08
CA ALA D 34 0.40 29.88 -41.91
C ALA D 34 0.77 28.49 -41.38
N ALA D 35 -0.23 27.72 -40.96
CA ALA D 35 -0.01 26.35 -40.50
C ALA D 35 -0.72 25.35 -41.40
N GLY D 36 -1.35 25.84 -42.47
CA GLY D 36 -2.06 25.00 -43.42
C GLY D 36 -3.44 24.59 -42.92
N ILE D 37 -4.03 25.42 -42.06
CA ILE D 37 -5.37 25.17 -41.53
C ILE D 37 -6.38 26.08 -42.21
N ASP D 38 -7.45 25.49 -42.72
CA ASP D 38 -8.52 26.23 -43.37
C ASP D 38 -9.68 26.50 -42.39
N VAL D 39 -9.99 27.77 -42.19
CA VAL D 39 -11.08 28.18 -41.29
C VAL D 39 -12.40 28.25 -42.05
N LYS D 40 -13.23 27.21 -41.88
CA LYS D 40 -14.48 27.10 -42.61
C LYS D 40 -15.66 27.47 -41.72
N THR D 41 -16.52 28.34 -42.24
CA THR D 41 -17.68 28.84 -41.51
C THR D 41 -18.82 27.82 -41.40
N SER D 42 -19.67 28.00 -40.39
CA SER D 42 -20.90 27.21 -40.24
C SER D 42 -21.97 28.03 -39.53
N ASP D 43 -23.12 28.21 -40.20
CA ASP D 43 -24.16 29.10 -39.71
C ASP D 43 -25.24 28.36 -38.92
N ILE D 44 -25.25 28.57 -37.61
CA ILE D 44 -26.23 27.93 -36.73
C ILE D 44 -27.13 28.95 -36.03
N SER D 45 -27.19 30.16 -36.58
CA SER D 45 -28.05 31.23 -36.09
C SER D 45 -29.51 30.78 -36.08
N VAL D 46 -30.33 31.46 -35.29
CA VAL D 46 -31.76 31.15 -35.22
C VAL D 46 -32.40 31.26 -36.61
N ALA D 47 -31.95 32.25 -37.39
CA ALA D 47 -32.45 32.45 -38.75
C ALA D 47 -32.08 31.29 -39.70
N ALA D 48 -30.79 30.92 -39.69
CA ALA D 48 -30.30 29.82 -40.52
C ALA D 48 -30.93 28.48 -40.17
N ARG D 49 -31.35 28.34 -38.90
CA ARG D 49 -32.05 27.14 -38.46
C ARG D 49 -33.53 27.16 -38.84
N ILE D 50 -34.10 28.34 -38.98
CA ILE D 50 -35.48 28.48 -39.50
C ILE D 50 -35.49 28.14 -40.98
N LEU D 51 -34.51 28.68 -41.71
CA LEU D 51 -34.40 28.44 -43.15
C LEU D 51 -34.15 26.97 -43.48
N ALA D 52 -33.22 26.35 -42.76
CA ALA D 52 -32.84 24.95 -43.01
C ALA D 52 -34.01 23.98 -42.85
N GLU D 53 -34.89 24.28 -41.89
CA GLU D 53 -36.07 23.46 -41.62
C GLU D 53 -37.16 23.68 -42.65
N PHE D 54 -37.45 24.95 -42.94
CA PHE D 54 -38.55 25.32 -43.85
C PHE D 54 -38.06 25.75 -45.23
N GLY D 55 -37.28 24.88 -45.87
CA GLY D 55 -36.81 25.12 -47.23
C GLY D 55 -37.85 24.84 -48.29
N ASP D 56 -39.10 24.68 -47.84
CA ASP D 56 -40.23 24.30 -48.70
C ASP D 56 -40.57 25.35 -49.77
N HIS D 57 -40.57 26.62 -49.38
CA HIS D 57 -40.87 27.72 -50.31
C HIS D 57 -39.71 28.68 -50.46
N LEU D 58 -38.54 28.11 -50.73
CA LEU D 58 -37.32 28.89 -50.95
C LEU D 58 -36.64 28.48 -52.25
N THR D 59 -36.05 29.45 -52.93
CA THR D 59 -35.27 29.17 -54.15
C THR D 59 -34.01 28.39 -53.79
N GLU D 60 -33.37 27.81 -54.80
CA GLU D 60 -32.10 27.09 -54.62
C GLU D 60 -31.06 27.94 -53.89
N GLU D 61 -30.91 29.19 -54.31
CA GLU D 61 -29.94 30.12 -53.72
C GLU D 61 -30.29 30.49 -52.28
N GLN D 62 -31.58 30.51 -51.97
CA GLN D 62 -32.06 30.80 -50.62
C GLN D 62 -31.82 29.64 -49.65
N ARG D 63 -31.96 28.41 -50.15
CA ARG D 63 -31.80 27.19 -49.34
C ARG D 63 -30.44 27.09 -48.65
N VAL D 64 -30.47 26.66 -47.40
CA VAL D 64 -29.27 26.38 -46.64
C VAL D 64 -29.28 24.92 -46.18
N PRO D 65 -28.07 24.32 -46.04
CA PRO D 65 -27.98 22.96 -45.49
C PRO D 65 -28.38 22.90 -44.01
N ASP D 66 -28.68 21.69 -43.54
CA ASP D 66 -28.96 21.47 -42.13
C ASP D 66 -27.65 21.56 -41.36
N ASN D 67 -27.17 22.78 -41.18
CA ASN D 67 -25.85 23.06 -40.60
C ASN D 67 -25.65 22.49 -39.19
N LEU D 68 -26.74 22.40 -38.42
CA LEU D 68 -26.69 21.78 -37.10
C LEU D 68 -26.49 20.28 -37.25
N GLY D 69 -27.33 19.65 -38.07
CA GLY D 69 -27.22 18.22 -38.37
C GLY D 69 -25.88 17.87 -38.99
N GLU D 70 -25.36 18.80 -39.78
CA GLU D 70 -24.04 18.67 -40.41
C GLU D 70 -22.94 18.58 -39.35
N LEU D 71 -22.93 19.56 -38.43
CA LEU D 71 -21.99 19.58 -37.31
C LEU D 71 -22.17 18.39 -36.37
N GLY D 72 -23.43 18.05 -36.11
CA GLY D 72 -23.77 16.85 -35.34
C GLY D 72 -23.18 15.60 -35.94
N ALA D 73 -23.19 15.51 -37.27
CA ALA D 73 -22.58 14.39 -37.98
C ALA D 73 -21.04 14.46 -37.92
N LEU D 74 -20.50 15.67 -37.99
CA LEU D 74 -19.04 15.88 -37.97
C LEU D 74 -18.38 15.43 -36.65
N THR D 75 -19.16 15.43 -35.56
CA THR D 75 -18.66 15.00 -34.25
C THR D 75 -18.18 13.55 -34.25
N GLN D 76 -18.67 12.76 -35.20
CA GLN D 76 -18.27 11.36 -35.37
C GLN D 76 -16.94 11.23 -36.12
N ASP D 77 -16.51 12.33 -36.75
CA ASP D 77 -15.23 12.38 -37.47
C ASP D 77 -14.09 12.69 -36.50
N PRO D 78 -13.13 11.75 -36.35
CA PRO D 78 -11.97 11.86 -35.46
C PRO D 78 -11.10 13.10 -35.66
N SER D 79 -11.37 13.89 -36.69
CA SER D 79 -10.60 15.10 -36.97
C SER D 79 -11.41 16.37 -36.72
N ALA D 80 -12.60 16.22 -36.16
CA ALA D 80 -13.50 17.35 -35.90
C ALA D 80 -12.82 18.41 -35.04
N ASN D 81 -12.90 19.66 -35.48
CA ASN D 81 -12.41 20.79 -34.72
C ASN D 81 -13.39 21.95 -34.82
N ILE D 82 -14.28 22.03 -33.83
CA ILE D 82 -15.38 23.00 -33.84
C ILE D 82 -15.23 24.04 -32.72
N ILE D 83 -15.34 25.31 -33.08
CA ILE D 83 -15.34 26.39 -32.10
C ILE D 83 -16.77 26.96 -31.97
N LYS D 84 -17.40 26.65 -30.84
CA LYS D 84 -18.79 27.01 -30.58
C LYS D 84 -18.91 28.32 -29.81
N LEU D 85 -19.42 29.35 -30.47
CA LEU D 85 -19.69 30.63 -29.82
C LEU D 85 -21.09 30.60 -29.20
N PRO D 86 -21.35 31.49 -28.21
CA PRO D 86 -22.69 31.54 -27.61
C PRO D 86 -23.77 31.84 -28.64
N ASN D 87 -24.94 31.23 -28.47
CA ASN D 87 -26.04 31.38 -29.41
C ASN D 87 -27.39 31.47 -28.70
N ILE D 88 -28.38 32.05 -29.38
CA ILE D 88 -29.74 32.18 -28.86
C ILE D 88 -30.43 30.82 -28.72
N SER D 89 -31.03 30.59 -27.56
CA SER D 89 -31.97 29.49 -27.36
C SER D 89 -33.35 30.12 -27.39
N ALA D 90 -33.90 30.21 -28.59
CA ALA D 90 -35.04 31.08 -28.87
C ALA D 90 -36.28 30.85 -28.00
N SER D 91 -36.78 31.96 -27.43
CA SER D 91 -38.12 31.98 -26.84
C SER D 91 -39.11 32.18 -27.97
N VAL D 92 -40.40 32.22 -27.64
CA VAL D 92 -41.45 32.47 -28.65
C VAL D 92 -41.27 33.87 -29.29
N PRO D 93 -41.18 34.94 -28.46
CA PRO D 93 -40.97 36.27 -29.03
C PRO D 93 -39.75 36.37 -29.95
N GLN D 94 -38.65 35.74 -29.56
CA GLN D 94 -37.44 35.70 -30.40
C GLN D 94 -37.70 34.97 -31.70
N LEU D 95 -38.38 33.83 -31.62
CA LEU D 95 -38.74 33.04 -32.82
C LEU D 95 -39.58 33.86 -33.78
N LEU D 96 -40.61 34.52 -33.26
CA LEU D 96 -41.52 35.34 -34.06
C LEU D 96 -40.78 36.47 -34.76
N ALA D 97 -39.92 37.17 -34.02
CA ALA D 97 -39.15 38.28 -34.55
C ALA D 97 -38.21 37.83 -35.68
N ALA D 98 -37.59 36.67 -35.49
CA ALA D 98 -36.70 36.10 -36.49
C ALA D 98 -37.47 35.69 -37.74
N ILE D 99 -38.68 35.16 -37.55
CA ILE D 99 -39.59 34.82 -38.64
C ILE D 99 -39.99 36.08 -39.41
N LYS D 100 -40.48 37.08 -38.69
CA LYS D 100 -40.95 38.33 -39.30
C LYS D 100 -39.87 39.04 -40.12
N GLU D 101 -38.63 39.04 -39.63
CA GLU D 101 -37.51 39.65 -40.35
C GLU D 101 -37.18 38.88 -41.63
N LEU D 102 -37.18 37.55 -41.53
CA LEU D 102 -36.93 36.67 -42.68
C LEU D 102 -38.00 36.80 -43.75
N GLN D 103 -39.26 36.91 -43.32
CA GLN D 103 -40.38 37.12 -44.24
C GLN D 103 -40.21 38.42 -45.02
N GLY D 104 -39.92 39.50 -44.30
CA GLY D 104 -39.76 40.83 -44.89
C GLY D 104 -38.54 40.96 -45.80
N LYS D 105 -37.68 39.95 -45.78
CA LYS D 105 -36.47 39.94 -46.60
C LYS D 105 -36.55 38.97 -47.77
N GLY D 106 -37.77 38.48 -48.04
CA GLY D 106 -38.03 37.65 -49.22
C GLY D 106 -37.96 36.15 -48.99
N TYR D 107 -37.77 35.75 -47.73
CA TYR D 107 -37.76 34.32 -47.39
C TYR D 107 -39.18 33.87 -46.98
N ASN D 108 -39.80 33.09 -47.86
CA ASN D 108 -41.17 32.61 -47.62
C ASN D 108 -41.21 31.47 -46.60
N VAL D 109 -41.29 31.84 -45.33
CA VAL D 109 -41.40 30.87 -44.24
C VAL D 109 -42.75 31.01 -43.53
N PRO D 110 -43.33 29.88 -43.07
CA PRO D 110 -44.64 29.93 -42.45
C PRO D 110 -44.64 30.70 -41.14
N ASP D 111 -45.80 31.27 -40.79
CA ASP D 111 -46.01 31.86 -39.48
C ASP D 111 -45.96 30.76 -38.44
N TYR D 112 -45.60 31.12 -37.20
CA TYR D 112 -45.71 30.21 -36.08
C TYR D 112 -47.10 30.34 -35.45
N PRO D 113 -47.95 29.30 -35.58
CA PRO D 113 -49.27 29.37 -34.98
C PRO D 113 -49.24 28.90 -33.53
N ALA D 114 -49.39 29.85 -32.60
CA ALA D 114 -49.41 29.56 -31.17
C ALA D 114 -50.47 28.52 -30.82
N ASN D 115 -51.69 28.75 -31.31
CA ASN D 115 -52.79 27.79 -31.20
C ASN D 115 -53.24 27.36 -32.59
N PRO D 116 -52.83 26.16 -33.04
CA PRO D 116 -53.14 25.68 -34.39
C PRO D 116 -54.64 25.42 -34.58
N LYS D 117 -55.24 26.17 -35.50
CA LYS D 117 -56.66 26.02 -35.82
C LYS D 117 -56.88 24.78 -36.70
N THR D 118 -56.36 24.84 -37.93
CA THR D 118 -56.40 23.69 -38.82
C THR D 118 -55.30 22.70 -38.45
N ASP D 119 -55.49 21.44 -38.84
CA ASP D 119 -54.56 20.37 -38.49
C ASP D 119 -53.23 20.46 -39.26
N ASP D 120 -53.23 21.19 -40.37
CA ASP D 120 -52.02 21.43 -41.16
C ASP D 120 -51.06 22.37 -40.42
N GLU D 121 -51.61 23.21 -39.54
CA GLU D 121 -50.82 24.12 -38.72
C GLU D 121 -50.08 23.39 -37.62
N LYS D 122 -50.63 22.27 -37.15
CA LYS D 122 -49.99 21.42 -36.13
C LYS D 122 -48.64 20.87 -36.59
N LYS D 123 -48.56 20.47 -37.86
CA LYS D 123 -47.34 19.88 -38.40
C LYS D 123 -46.19 20.89 -38.44
N ILE D 124 -46.49 22.12 -38.84
CA ILE D 124 -45.46 23.16 -38.96
C ILE D 124 -45.13 23.83 -37.62
N LYS D 125 -46.08 23.77 -36.67
CA LYS D 125 -45.80 24.19 -35.29
C LYS D 125 -44.86 23.19 -34.62
N ASP D 126 -45.11 21.90 -34.86
CA ASP D 126 -44.24 20.83 -34.38
C ASP D 126 -42.86 20.90 -35.03
N ARG D 127 -42.81 21.36 -36.27
CA ARG D 127 -41.54 21.57 -36.96
C ARG D 127 -40.80 22.78 -36.42
N TYR D 128 -41.53 23.78 -35.93
CA TYR D 128 -40.92 24.93 -35.27
C TYR D 128 -40.40 24.60 -33.88
N ALA D 129 -41.00 23.61 -33.24
CA ALA D 129 -40.59 23.15 -31.91
C ALA D 129 -39.14 22.66 -31.88
N LYS D 130 -38.62 22.28 -33.05
CA LYS D 130 -37.22 21.90 -33.21
C LYS D 130 -36.28 23.10 -33.10
N ILE D 131 -36.81 24.28 -33.42
CA ILE D 131 -36.01 25.51 -33.42
C ILE D 131 -36.06 26.19 -32.04
N LEU D 132 -37.21 26.10 -31.38
CA LEU D 132 -37.40 26.69 -30.06
C LEU D 132 -36.41 26.16 -29.04
N GLY D 133 -36.07 27.02 -28.08
CA GLY D 133 -35.30 26.63 -26.88
C GLY D 133 -33.89 26.14 -27.11
N SER D 134 -33.39 25.39 -26.13
CA SER D 134 -32.03 24.86 -26.16
C SER D 134 -31.95 23.67 -27.11
N ALA D 135 -31.71 23.98 -28.38
CA ALA D 135 -31.71 22.97 -29.43
C ALA D 135 -30.30 22.64 -29.95
N VAL D 136 -29.38 23.59 -29.83
CA VAL D 136 -28.02 23.43 -30.37
C VAL D 136 -27.11 22.56 -29.49
N ASN D 137 -27.12 22.83 -28.18
CA ASN D 137 -26.28 22.10 -27.23
C ASN D 137 -26.42 20.57 -27.23
N PRO D 138 -27.67 20.05 -27.23
CA PRO D 138 -27.81 18.58 -27.17
C PRO D 138 -27.17 17.87 -28.37
N VAL D 139 -27.07 18.55 -29.50
CA VAL D 139 -26.56 17.96 -30.74
C VAL D 139 -25.03 17.98 -30.81
N LEU D 140 -24.44 19.06 -30.31
CA LEU D 140 -22.98 19.24 -30.37
C LEU D 140 -22.24 18.53 -29.23
N ARG D 141 -22.95 18.21 -28.15
CA ARG D 141 -22.32 17.63 -26.97
C ARG D 141 -22.21 16.09 -27.03
N GLU D 142 -21.30 15.64 -27.89
CA GLU D 142 -21.00 14.22 -28.05
C GLU D 142 -19.72 13.88 -27.31
N GLY D 143 -19.43 14.66 -26.28
CA GLY D 143 -18.27 14.47 -25.41
C GLY D 143 -18.55 15.02 -24.02
N ASN D 144 -17.57 14.92 -23.13
CA ASN D 144 -17.76 15.39 -21.76
C ASN D 144 -17.07 16.74 -21.51
N SER D 145 -17.48 17.39 -20.43
CA SER D 145 -17.09 18.78 -20.17
C SER D 145 -15.80 18.91 -19.38
N ASP D 146 -14.87 19.68 -19.92
CA ASP D 146 -13.67 20.11 -19.19
C ASP D 146 -13.72 21.63 -19.06
N ARG D 147 -14.28 22.10 -17.95
CA ARG D 147 -14.38 23.54 -17.70
C ARG D 147 -13.50 23.99 -16.55
N ARG D 148 -12.62 24.95 -16.86
CA ARG D 148 -11.69 25.49 -15.88
C ARG D 148 -11.27 26.92 -16.25
N ALA D 149 -10.82 27.68 -15.26
CA ALA D 149 -10.29 29.01 -15.50
C ALA D 149 -8.81 28.91 -15.83
N PRO D 150 -8.39 29.50 -16.98
CA PRO D 150 -6.99 29.46 -17.37
C PRO D 150 -6.11 30.24 -16.39
N LYS D 151 -4.94 29.68 -16.07
CA LYS D 151 -4.02 30.24 -15.09
C LYS D 151 -3.87 31.76 -15.19
N ALA D 152 -3.72 32.26 -16.41
CA ALA D 152 -3.50 33.68 -16.66
C ALA D 152 -4.69 34.55 -16.24
N VAL D 153 -5.89 34.01 -16.37
CA VAL D 153 -7.11 34.71 -15.94
C VAL D 153 -7.21 34.72 -14.41
N LYS D 154 -6.94 33.57 -13.80
CA LYS D 154 -6.90 33.44 -12.34
C LYS D 154 -5.93 34.45 -11.73
N GLU D 155 -4.73 34.51 -12.28
CA GLU D 155 -3.70 35.45 -11.83
C GLU D 155 -4.17 36.90 -11.90
N TYR D 156 -4.99 37.20 -12.91
CA TYR D 156 -5.50 38.55 -13.12
C TYR D 156 -6.55 38.92 -12.08
N ALA D 157 -7.35 37.94 -11.68
CA ALA D 157 -8.37 38.14 -10.65
C ALA D 157 -7.73 38.45 -9.28
N ARG D 158 -6.59 37.81 -9.00
CA ARG D 158 -5.85 38.05 -7.76
C ARG D 158 -5.30 39.48 -7.68
N LYS D 159 -4.79 39.97 -8.81
CA LYS D 159 -4.18 41.30 -8.87
C LYS D 159 -5.24 42.40 -8.95
N HIS D 160 -6.40 42.08 -9.53
CA HIS D 160 -7.51 43.03 -9.62
C HIS D 160 -8.80 42.42 -9.14
N PRO D 161 -8.98 42.35 -7.80
CA PRO D 161 -10.17 41.73 -7.22
C PRO D 161 -11.47 42.47 -7.53
N HIS D 162 -12.52 41.70 -7.79
CA HIS D 162 -13.86 42.22 -8.04
C HIS D 162 -14.60 42.37 -6.75
N SER D 163 -15.61 43.23 -6.71
CA SER D 163 -16.35 43.47 -5.47
C SER D 163 -17.24 42.29 -5.11
N MET D 164 -17.34 42.03 -3.80
CA MET D 164 -18.11 40.92 -3.27
C MET D 164 -18.81 41.42 -2.01
N GLY D 165 -20.11 41.18 -1.89
CA GLY D 165 -20.86 41.56 -0.70
C GLY D 165 -20.39 40.80 0.52
N GLU D 166 -20.33 41.46 1.67
CA GLU D 166 -19.94 40.80 2.90
C GLU D 166 -21.04 39.88 3.43
N TRP D 167 -20.63 38.74 3.97
CA TRP D 167 -21.55 37.79 4.60
C TRP D 167 -21.61 38.02 6.08
N SER D 168 -22.77 38.41 6.57
CA SER D 168 -22.97 38.58 8.00
C SER D 168 -23.18 37.22 8.65
N GLN D 169 -22.59 37.03 9.83
CA GLN D 169 -22.82 35.81 10.60
C GLN D 169 -24.29 35.72 10.99
N ALA D 170 -24.96 36.87 11.03
CA ALA D 170 -26.36 36.91 11.44
C ALA D 170 -27.32 36.85 10.26
N SER D 171 -26.78 36.57 9.08
CA SER D 171 -27.58 36.43 7.86
C SER D 171 -28.69 35.41 8.05
N ARG D 172 -29.84 35.68 7.44
CA ARG D 172 -31.00 34.80 7.56
C ARG D 172 -31.27 34.01 6.29
N THR D 173 -30.51 34.31 5.23
CA THR D 173 -30.74 33.65 3.94
C THR D 173 -30.38 32.17 4.00
N HIS D 174 -31.13 31.36 3.26
CA HIS D 174 -30.96 29.92 3.27
C HIS D 174 -31.59 29.34 2.04
N VAL D 175 -31.27 28.08 1.76
CA VAL D 175 -31.93 27.32 0.72
C VAL D 175 -33.07 26.55 1.36
N ALA D 176 -34.27 26.69 0.79
CA ALA D 176 -35.42 25.90 1.19
C ALA D 176 -35.66 24.85 0.12
N THR D 177 -35.78 23.60 0.56
CA THR D 177 -35.90 22.47 -0.33
C THR D 177 -36.68 21.33 0.31
N MET D 178 -37.19 20.43 -0.52
CA MET D 178 -38.11 19.39 -0.06
C MET D 178 -37.38 18.25 0.65
N LYS D 179 -38.04 17.70 1.67
CA LYS D 179 -37.48 16.59 2.44
C LYS D 179 -38.14 15.26 2.06
N THR D 180 -39.29 15.34 1.39
CA THR D 180 -40.01 14.18 0.87
C THR D 180 -40.86 14.59 -0.33
N GLY D 181 -41.35 13.59 -1.06
CA GLY D 181 -42.27 13.82 -2.17
C GLY D 181 -41.69 14.52 -3.39
N ASP D 182 -40.36 14.58 -3.47
CA ASP D 182 -39.70 15.14 -4.64
C ASP D 182 -38.96 14.04 -5.39
N PHE D 183 -38.32 14.40 -6.50
CA PHE D 183 -37.65 13.41 -7.35
C PHE D 183 -36.69 12.53 -6.57
N TYR D 184 -35.88 13.17 -5.71
CA TYR D 184 -34.85 12.51 -4.94
C TYR D 184 -35.39 11.44 -3.99
N HIS D 185 -36.40 11.80 -3.20
CA HIS D 185 -36.89 10.94 -2.11
C HIS D 185 -37.82 9.85 -2.54
N GLY D 186 -38.02 9.70 -3.85
CA GLY D 186 -38.83 8.61 -4.41
C GLY D 186 -38.15 7.93 -5.59
N GLU D 187 -36.89 8.26 -5.81
CA GLU D 187 -36.13 7.76 -6.95
C GLU D 187 -35.84 6.25 -6.88
N LYS D 188 -36.05 5.58 -8.01
CA LYS D 188 -35.61 4.20 -8.20
C LYS D 188 -34.70 4.19 -9.42
N SER D 189 -33.63 3.41 -9.36
CA SER D 189 -32.68 3.36 -10.47
C SER D 189 -32.10 1.97 -10.71
N MET D 190 -31.54 1.77 -11.90
CA MET D 190 -30.97 0.49 -12.30
C MET D 190 -30.03 0.62 -13.51
N THR D 191 -29.01 -0.24 -13.56
CA THR D 191 -28.12 -0.35 -14.72
C THR D 191 -28.58 -1.54 -15.57
N LEU D 192 -28.74 -1.29 -16.87
CA LEU D 192 -29.23 -2.31 -17.79
C LEU D 192 -28.27 -3.46 -18.04
N ASP D 193 -28.82 -4.67 -17.98
CA ASP D 193 -28.07 -5.89 -18.20
C ASP D 193 -27.77 -6.10 -19.68
N ARG D 194 -28.81 -5.97 -20.51
CA ARG D 194 -28.70 -6.13 -21.97
C ARG D 194 -29.57 -5.12 -22.73
N ASP D 195 -29.40 -5.06 -24.04
CA ASP D 195 -30.22 -4.20 -24.90
C ASP D 195 -31.70 -4.52 -24.74
N ARG D 196 -32.51 -3.48 -24.55
CA ARG D 196 -33.95 -3.63 -24.43
C ARG D 196 -34.67 -2.51 -25.16
N ARG D 197 -35.94 -2.74 -25.48
CA ARG D 197 -36.82 -1.68 -25.97
C ARG D 197 -37.92 -1.53 -24.93
N VAL D 198 -38.14 -0.30 -24.46
CA VAL D 198 -39.09 -0.08 -23.37
C VAL D 198 -40.18 0.94 -23.70
N LYS D 199 -41.30 0.80 -23.00
CA LYS D 199 -42.41 1.76 -23.09
C LYS D 199 -42.72 2.33 -21.71
N MET D 200 -43.24 3.56 -21.70
CA MET D 200 -43.69 4.17 -20.46
C MET D 200 -45.22 4.18 -20.42
N VAL D 201 -45.78 3.41 -19.51
CA VAL D 201 -47.23 3.25 -19.42
C VAL D 201 -47.78 3.59 -18.04
N LEU D 202 -48.98 4.15 -18.02
CA LEU D 202 -49.70 4.45 -16.80
C LEU D 202 -50.96 3.58 -16.70
N LYS D 203 -50.91 2.59 -15.81
CA LYS D 203 -52.06 1.75 -15.50
C LYS D 203 -52.93 2.51 -14.50
N THR D 204 -54.06 3.04 -14.96
CA THR D 204 -54.94 3.85 -14.12
C THR D 204 -55.73 3.01 -13.10
N LYS D 205 -56.38 3.71 -12.17
CA LYS D 205 -57.28 3.07 -11.21
C LYS D 205 -58.51 2.49 -11.91
N SER D 206 -58.86 3.07 -13.06
CA SER D 206 -60.01 2.65 -13.86
C SER D 206 -59.80 1.27 -14.48
N GLY D 207 -58.56 0.98 -14.88
CA GLY D 207 -58.23 -0.26 -15.56
C GLY D 207 -57.61 -0.01 -16.93
N GLU D 208 -57.76 1.22 -17.42
CA GLU D 208 -57.20 1.62 -18.70
C GLU D 208 -55.67 1.69 -18.63
N GLU D 209 -55.01 1.50 -19.77
CA GLU D 209 -53.57 1.66 -19.87
C GLU D 209 -53.20 2.79 -20.85
N ILE D 210 -52.69 3.89 -20.31
CA ILE D 210 -52.27 5.03 -21.12
C ILE D 210 -50.77 4.94 -21.45
N VAL D 211 -50.46 4.96 -22.74
CA VAL D 211 -49.07 4.95 -23.20
C VAL D 211 -48.60 6.39 -23.36
N LEU D 212 -47.73 6.82 -22.45
CA LEU D 212 -47.17 8.17 -22.49
C LEU D 212 -46.01 8.24 -23.48
N LYS D 213 -45.16 7.21 -23.47
CA LYS D 213 -44.08 7.07 -24.43
C LYS D 213 -44.13 5.67 -25.04
N PRO D 214 -44.29 5.59 -26.38
CA PRO D 214 -44.49 4.31 -27.07
C PRO D 214 -43.24 3.41 -27.08
N GLU D 215 -42.09 3.98 -27.44
CA GLU D 215 -40.86 3.19 -27.57
C GLU D 215 -39.61 4.04 -27.36
N VAL D 216 -38.65 3.49 -26.62
CA VAL D 216 -37.33 4.08 -26.47
C VAL D 216 -36.27 2.96 -26.44
N LYS D 217 -35.28 3.07 -27.33
CA LYS D 217 -34.22 2.07 -27.45
C LYS D 217 -33.15 2.24 -26.39
N LEU D 218 -32.97 1.20 -25.58
CA LEU D 218 -31.97 1.19 -24.51
C LEU D 218 -30.83 0.23 -24.80
N ASP D 219 -29.59 0.70 -24.63
CA ASP D 219 -28.39 -0.14 -24.80
C ASP D 219 -27.99 -0.83 -23.49
N ALA D 220 -27.08 -1.80 -23.61
CA ALA D 220 -26.53 -2.46 -22.44
C ALA D 220 -25.59 -1.52 -21.71
N GLY D 221 -25.74 -1.44 -20.39
CA GLY D 221 -24.90 -0.58 -19.56
C GLY D 221 -25.45 0.83 -19.34
N ASP D 222 -26.66 1.07 -19.82
CA ASP D 222 -27.34 2.34 -19.61
C ASP D 222 -27.92 2.40 -18.20
N ILE D 223 -27.78 3.55 -17.54
CA ILE D 223 -28.48 3.79 -16.28
C ILE D 223 -29.78 4.51 -16.58
N ILE D 224 -30.86 4.02 -15.99
CA ILE D 224 -32.16 4.66 -16.11
C ILE D 224 -32.74 4.88 -14.73
N ASP D 225 -33.51 5.96 -14.60
CA ASP D 225 -34.13 6.29 -13.33
C ASP D 225 -35.64 6.38 -13.53
N SER D 226 -36.39 6.18 -12.46
CA SER D 226 -37.83 6.37 -12.48
C SER D 226 -38.20 7.29 -11.31
N MET D 227 -37.98 8.59 -11.53
CA MET D 227 -38.17 9.59 -10.49
C MET D 227 -39.43 10.40 -10.74
N TYR D 228 -40.12 10.78 -9.66
CA TYR D 228 -41.34 11.58 -9.75
C TYR D 228 -41.48 12.58 -8.60
N MET D 229 -42.15 13.71 -8.87
CA MET D 229 -42.43 14.68 -7.82
C MET D 229 -43.93 14.73 -7.48
N SER D 230 -44.25 14.47 -6.22
CA SER D 230 -45.62 14.51 -5.75
C SER D 230 -46.20 15.94 -5.74
N LYS D 231 -47.18 16.17 -6.61
CA LYS D 231 -47.88 17.45 -6.72
C LYS D 231 -48.41 17.89 -5.35
N LYS D 232 -49.05 16.96 -4.64
CA LYS D 232 -49.57 17.24 -3.30
C LYS D 232 -48.48 17.70 -2.35
N ALA D 233 -47.31 17.06 -2.42
CA ALA D 233 -46.17 17.40 -1.58
C ALA D 233 -45.58 18.75 -1.96
N LEU D 234 -45.44 18.98 -3.26
CA LEU D 234 -44.94 20.26 -3.79
C LEU D 234 -45.77 21.45 -3.31
N ILE D 235 -47.10 21.33 -3.36
CA ILE D 235 -47.96 22.44 -2.93
C ILE D 235 -47.90 22.65 -1.42
N ALA D 236 -47.93 21.56 -0.65
CA ALA D 236 -47.84 21.62 0.81
C ALA D 236 -46.50 22.21 1.25
N PHE D 237 -45.44 21.90 0.48
CA PHE D 237 -44.12 22.49 0.66
C PHE D 237 -44.20 24.00 0.45
N TYR D 238 -44.74 24.43 -0.69
CA TYR D 238 -44.93 25.85 -0.99
C TYR D 238 -45.80 26.55 0.06
N GLU D 239 -46.91 25.94 0.43
CA GLU D 239 -47.78 26.48 1.49
C GLU D 239 -46.95 26.76 2.74
N GLU D 240 -46.16 25.77 3.14
CA GLU D 240 -45.29 25.83 4.32
C GLU D 240 -44.24 26.93 4.22
N GLN D 241 -43.51 26.95 3.11
CA GLN D 241 -42.40 27.90 2.92
C GLN D 241 -42.88 29.34 2.77
N ILE D 242 -43.92 29.55 1.95
CA ILE D 242 -44.52 30.88 1.79
C ILE D 242 -44.97 31.41 3.15
N GLU D 243 -45.55 30.53 3.96
CA GLU D 243 -45.97 30.86 5.32
C GLU D 243 -44.77 31.19 6.21
N ASP D 244 -43.72 30.36 6.13
CA ASP D 244 -42.52 30.53 6.94
C ASP D 244 -41.83 31.85 6.63
N ALA D 245 -41.61 32.11 5.34
CA ALA D 245 -41.00 33.36 4.89
C ALA D 245 -41.77 34.57 5.43
N TYR D 246 -43.10 34.46 5.42
CA TYR D 246 -43.98 35.52 5.90
C TYR D 246 -43.87 35.71 7.42
N LYS D 247 -44.05 34.63 8.17
CA LYS D 247 -43.96 34.64 9.63
C LYS D 247 -42.62 35.22 10.13
N THR D 248 -41.52 34.83 9.48
CA THR D 248 -40.18 35.21 9.90
C THR D 248 -39.73 36.56 9.33
N GLY D 249 -40.43 37.03 8.30
CA GLY D 249 -40.15 38.33 7.69
C GLY D 249 -39.01 38.34 6.69
N VAL D 250 -38.63 37.18 6.18
CA VAL D 250 -37.59 37.09 5.15
C VAL D 250 -38.19 36.99 3.75
N MET D 251 -37.53 37.64 2.79
CA MET D 251 -37.96 37.71 1.39
C MET D 251 -38.00 36.33 0.71
N PHE D 252 -39.10 36.07 0.01
CA PHE D 252 -39.29 34.82 -0.72
C PHE D 252 -38.72 34.93 -2.13
N SER D 253 -37.96 33.91 -2.54
CA SER D 253 -37.49 33.82 -3.93
C SER D 253 -37.55 32.39 -4.45
N LEU D 254 -37.57 32.24 -5.77
CA LEU D 254 -37.65 30.93 -6.41
C LEU D 254 -36.62 30.80 -7.51
N HIS D 255 -35.85 29.72 -7.46
CA HIS D 255 -34.75 29.52 -8.39
C HIS D 255 -34.88 28.20 -9.10
N VAL D 256 -35.33 28.25 -10.36
CA VAL D 256 -35.44 27.05 -11.20
C VAL D 256 -34.77 27.27 -12.56
N LYS D 257 -34.82 26.25 -13.42
CA LYS D 257 -34.27 26.36 -14.77
C LYS D 257 -35.30 25.92 -15.84
N ALA D 258 -36.31 26.75 -16.05
CA ALA D 258 -37.37 26.46 -17.03
C ALA D 258 -36.88 26.61 -18.47
N THR D 259 -35.79 27.35 -18.62
CA THR D 259 -35.13 27.55 -19.90
C THR D 259 -34.75 26.22 -20.57
N MET D 260 -34.06 25.35 -19.83
CA MET D 260 -33.57 24.09 -20.40
C MET D 260 -34.44 22.92 -19.97
N MET D 261 -34.81 22.86 -18.69
CA MET D 261 -35.77 21.87 -18.21
C MET D 261 -37.16 22.31 -18.63
N LYS D 262 -37.44 22.19 -19.92
CA LYS D 262 -38.58 22.85 -20.56
C LYS D 262 -39.94 22.22 -20.25
N VAL D 263 -39.95 21.05 -19.64
CA VAL D 263 -41.20 20.36 -19.32
C VAL D 263 -41.53 20.41 -17.83
N SER D 264 -40.59 19.96 -17.00
CA SER D 264 -40.84 19.81 -15.57
C SER D 264 -40.85 21.14 -14.80
N HIS D 265 -39.87 22.00 -15.07
CA HIS D 265 -39.70 23.21 -14.27
C HIS D 265 -40.75 24.29 -14.40
N PRO D 266 -41.36 24.45 -15.61
CA PRO D 266 -42.53 25.33 -15.68
C PRO D 266 -43.70 24.88 -14.82
N ILE D 267 -43.87 23.57 -14.66
CA ILE D 267 -44.90 23.02 -13.76
C ILE D 267 -44.56 23.37 -12.30
N VAL D 268 -43.27 23.27 -11.96
CA VAL D 268 -42.77 23.62 -10.64
C VAL D 268 -42.94 25.12 -10.40
N PHE D 269 -42.50 25.93 -11.37
CA PHE D 269 -42.66 27.38 -11.31
C PHE D 269 -44.12 27.75 -11.17
N GLY D 270 -44.95 27.18 -12.05
CA GLY D 270 -46.38 27.46 -12.08
C GLY D 270 -47.06 27.29 -10.75
N HIS D 271 -46.78 26.19 -10.08
CA HIS D 271 -47.45 25.87 -8.81
C HIS D 271 -47.17 26.86 -7.73
N ALA D 272 -45.94 27.37 -7.68
CA ALA D 272 -45.58 28.41 -6.73
C ALA D 272 -46.54 29.60 -6.86
N VAL D 273 -46.68 30.09 -8.08
CA VAL D 273 -47.58 31.19 -8.39
C VAL D 273 -49.02 30.88 -8.00
N LYS D 274 -49.45 29.65 -8.30
CA LYS D 274 -50.80 29.18 -7.96
C LYS D 274 -51.11 29.28 -6.47
N VAL D 275 -50.29 28.62 -5.64
CA VAL D 275 -50.49 28.66 -4.17
C VAL D 275 -50.20 30.03 -3.56
N PHE D 276 -49.23 30.76 -4.12
CA PHE D 276 -48.92 32.12 -3.65
C PHE D 276 -50.12 33.07 -3.78
N TYR D 277 -50.77 33.04 -4.95
CA TYR D 277 -51.94 33.89 -5.19
C TYR D 277 -53.25 33.11 -5.18
N LYS D 278 -53.33 32.02 -4.40
CA LYS D 278 -54.50 31.14 -4.41
C LYS D 278 -55.84 31.85 -4.20
N ASP D 279 -55.84 32.97 -3.47
CA ASP D 279 -57.04 33.76 -3.22
C ASP D 279 -57.59 34.45 -4.47
N ALA D 280 -56.69 34.90 -5.35
CA ALA D 280 -57.08 35.53 -6.61
C ALA D 280 -57.43 34.49 -7.68
N PHE D 281 -56.64 33.42 -7.74
CA PHE D 281 -56.88 32.32 -8.67
C PHE D 281 -58.18 31.56 -8.38
N ALA D 282 -58.79 31.84 -7.23
CA ALA D 282 -60.07 31.25 -6.85
C ALA D 282 -61.23 32.13 -7.25
N LYS D 283 -61.04 33.45 -7.12
CA LYS D 283 -62.05 34.44 -7.48
C LYS D 283 -62.30 34.50 -8.98
N HIS D 284 -61.27 34.17 -9.77
CA HIS D 284 -61.36 34.28 -11.22
C HIS D 284 -61.06 32.98 -11.91
N GLU D 285 -61.27 31.85 -11.22
CA GLU D 285 -60.93 30.53 -11.77
C GLU D 285 -61.60 30.26 -13.11
N LYS D 286 -62.90 30.55 -13.17
CA LYS D 286 -63.69 30.32 -14.38
C LYS D 286 -63.18 31.17 -15.54
N LEU D 287 -62.90 32.45 -15.26
CA LEU D 287 -62.40 33.39 -16.27
C LEU D 287 -61.01 33.01 -16.77
N PHE D 288 -60.13 32.64 -15.83
CA PHE D 288 -58.78 32.19 -16.14
C PHE D 288 -58.78 30.92 -17.01
N ASP D 289 -59.67 29.98 -16.69
CA ASP D 289 -59.78 28.72 -17.43
C ASP D 289 -60.01 28.89 -18.92
N GLU D 290 -61.03 29.66 -19.30
CA GLU D 290 -61.39 29.82 -20.71
C GLU D 290 -60.50 30.82 -21.45
N LEU D 291 -59.83 31.69 -20.70
CA LEU D 291 -58.79 32.55 -21.28
C LEU D 291 -57.55 31.75 -21.65
N GLY D 292 -57.46 30.52 -21.13
CA GLY D 292 -56.33 29.64 -21.39
C GLY D 292 -55.06 30.09 -20.69
N VAL D 293 -55.22 30.67 -19.50
CA VAL D 293 -54.09 31.19 -18.73
C VAL D 293 -53.20 30.05 -18.23
N ASN D 294 -51.93 30.11 -18.63
CA ASN D 294 -50.95 29.15 -18.16
C ASN D 294 -49.86 29.86 -17.40
N VAL D 295 -50.04 29.94 -16.08
CA VAL D 295 -49.13 30.68 -15.23
C VAL D 295 -47.80 29.94 -15.03
N ASN D 296 -47.72 28.72 -15.58
CA ASN D 296 -46.44 28.01 -15.76
C ASN D 296 -45.46 28.84 -16.58
N ASN D 297 -46.01 29.74 -17.40
CA ASN D 297 -45.21 30.72 -18.15
C ASN D 297 -45.02 32.02 -17.38
N GLY D 298 -45.36 31.99 -16.09
CA GLY D 298 -45.21 33.15 -15.21
C GLY D 298 -46.40 34.07 -15.25
N LEU D 299 -46.35 35.12 -14.43
CA LEU D 299 -47.40 36.13 -14.39
C LEU D 299 -47.54 36.89 -15.71
N SER D 300 -46.44 37.00 -16.45
CA SER D 300 -46.44 37.65 -17.76
C SER D 300 -47.52 37.08 -18.67
N ASP D 301 -47.77 35.79 -18.54
CA ASP D 301 -48.81 35.10 -19.29
C ASP D 301 -50.20 35.62 -18.89
N LEU D 302 -50.46 35.68 -17.60
CA LEU D 302 -51.72 36.20 -17.08
C LEU D 302 -51.94 37.64 -17.54
N TYR D 303 -50.93 38.48 -17.37
CA TYR D 303 -51.02 39.90 -17.71
C TYR D 303 -51.30 40.15 -19.20
N ASP D 304 -50.75 39.28 -20.04
CA ASP D 304 -51.00 39.32 -21.49
C ASP D 304 -52.47 39.07 -21.79
N LYS D 305 -52.99 37.98 -21.24
CA LYS D 305 -54.34 37.51 -21.52
C LYS D 305 -55.46 38.32 -20.85
N ILE D 306 -55.08 39.27 -19.99
CA ILE D 306 -56.06 40.18 -19.39
C ILE D 306 -55.92 41.61 -19.92
N GLU D 307 -54.90 41.84 -20.75
CA GLU D 307 -54.62 43.17 -21.26
C GLU D 307 -55.67 43.66 -22.26
N ALA D 308 -56.25 42.71 -22.99
CA ALA D 308 -57.27 43.02 -23.99
C ALA D 308 -58.67 43.24 -23.36
N LEU D 309 -58.85 42.78 -22.13
CA LEU D 309 -60.13 42.91 -21.43
C LEU D 309 -60.51 44.38 -21.16
N PRO D 310 -61.82 44.66 -20.93
CA PRO D 310 -62.25 46.03 -20.61
C PRO D 310 -61.60 46.55 -19.33
N ALA D 311 -61.31 47.85 -19.31
CA ALA D 311 -60.51 48.47 -18.25
C ALA D 311 -60.97 48.17 -16.83
N SER D 312 -62.28 48.28 -16.58
CA SER D 312 -62.84 48.06 -15.24
C SER D 312 -62.62 46.63 -14.74
N GLN D 313 -62.51 45.68 -15.66
CA GLN D 313 -62.34 44.27 -15.31
C GLN D 313 -60.87 43.87 -15.11
N ARG D 314 -59.99 44.31 -16.01
CA ARG D 314 -58.56 44.02 -15.89
C ARG D 314 -57.94 44.68 -14.65
N GLU D 315 -58.46 45.85 -14.28
CA GLU D 315 -58.00 46.57 -13.10
C GLU D 315 -58.46 45.90 -11.82
N GLU D 316 -59.63 45.25 -11.88
CA GLU D 316 -60.14 44.48 -10.75
C GLU D 316 -59.23 43.27 -10.50
N ILE D 317 -58.78 42.64 -11.59
CA ILE D 317 -57.90 41.47 -11.51
C ILE D 317 -56.57 41.83 -10.85
N ILE D 318 -55.89 42.85 -11.38
CA ILE D 318 -54.59 43.27 -10.83
C ILE D 318 -54.70 43.71 -9.37
N GLU D 319 -55.87 44.24 -8.99
CA GLU D 319 -56.14 44.64 -7.62
C GLU D 319 -56.27 43.46 -6.67
N ASP D 320 -56.82 42.36 -7.16
CA ASP D 320 -56.94 41.15 -6.36
C ASP D 320 -55.59 40.46 -6.21
N LEU D 321 -54.67 40.77 -7.11
CA LEU D 321 -53.31 40.23 -7.07
C LEU D 321 -52.43 40.99 -6.08
N HIS D 322 -52.54 42.32 -6.07
CA HIS D 322 -51.74 43.15 -5.17
C HIS D 322 -52.29 43.16 -3.77
N LYS D 323 -53.59 42.86 -3.65
CA LYS D 323 -54.25 42.71 -2.35
C LYS D 323 -53.81 41.42 -1.66
N CYS D 324 -53.40 40.44 -2.45
CA CYS D 324 -52.96 39.14 -1.94
C CYS D 324 -51.63 39.21 -1.18
N HIS D 325 -50.84 40.25 -1.47
CA HIS D 325 -49.52 40.48 -0.87
C HIS D 325 -49.55 40.81 0.60
N GLU D 326 -50.70 41.23 1.12
CA GLU D 326 -50.81 41.66 2.52
C GLU D 326 -50.63 40.51 3.52
N HIS D 327 -51.07 39.30 3.14
CA HIS D 327 -50.94 38.11 3.97
C HIS D 327 -49.82 37.21 3.50
N ARG D 328 -49.02 37.75 2.57
CA ARG D 328 -47.96 37.01 1.91
C ARG D 328 -46.57 37.54 2.29
N PRO D 329 -45.50 36.78 2.00
CA PRO D 329 -44.17 37.30 2.24
C PRO D 329 -43.74 38.26 1.13
N GLU D 330 -42.64 38.97 1.35
CA GLU D 330 -42.09 39.85 0.32
C GLU D 330 -41.49 39.02 -0.81
N LEU D 331 -41.61 39.51 -2.04
CA LEU D 331 -41.08 38.81 -3.21
C LEU D 331 -39.81 39.46 -3.74
N ALA D 332 -38.87 38.64 -4.17
CA ALA D 332 -37.66 39.12 -4.82
C ALA D 332 -38.02 39.72 -6.17
N MET D 333 -37.41 40.84 -6.51
CA MET D 333 -37.73 41.52 -7.76
C MET D 333 -36.59 41.40 -8.77
N VAL D 334 -36.96 41.28 -10.04
CA VAL D 334 -36.02 41.27 -11.14
C VAL D 334 -35.78 42.71 -11.60
N ASP D 335 -36.85 43.50 -11.61
CA ASP D 335 -36.78 44.93 -11.88
C ASP D 335 -37.77 45.67 -10.97
N SER D 336 -37.26 46.19 -9.85
CA SER D 336 -38.10 46.79 -8.81
C SER D 336 -38.70 48.16 -9.18
N ALA D 337 -38.09 48.85 -10.15
CA ALA D 337 -38.65 50.08 -10.67
C ALA D 337 -39.91 49.80 -11.48
N LYS D 338 -39.78 48.89 -12.46
CA LYS D 338 -40.89 48.51 -13.34
C LYS D 338 -41.91 47.60 -12.65
N GLY D 339 -41.57 47.13 -11.44
CA GLY D 339 -42.42 46.22 -10.69
C GLY D 339 -42.42 44.79 -11.21
N ILE D 340 -41.39 44.44 -11.97
CA ILE D 340 -41.21 43.08 -12.50
C ILE D 340 -40.60 42.17 -11.44
N SER D 341 -41.35 41.16 -11.00
CA SER D 341 -40.94 40.31 -9.89
C SER D 341 -40.36 38.95 -10.32
N ASN D 342 -40.10 38.11 -9.31
CA ASN D 342 -39.60 36.76 -9.49
C ASN D 342 -40.60 35.90 -10.29
N PHE D 343 -41.88 36.15 -10.07
CA PHE D 343 -42.96 35.36 -10.66
C PHE D 343 -43.39 35.81 -12.06
N HIS D 344 -42.77 36.87 -12.57
CA HIS D 344 -43.15 37.43 -13.87
C HIS D 344 -42.88 36.48 -15.00
N SER D 345 -41.65 35.97 -15.06
CA SER D 345 -41.26 35.03 -16.10
C SER D 345 -40.24 34.00 -15.58
N PRO D 346 -40.42 32.73 -15.97
CA PRO D 346 -39.52 31.65 -15.56
C PRO D 346 -38.12 31.78 -16.14
N SER D 347 -37.97 32.64 -17.16
CA SER D 347 -36.68 32.88 -17.81
C SER D 347 -35.92 34.08 -17.21
N ASP D 348 -36.49 34.71 -16.20
CA ASP D 348 -35.84 35.81 -15.50
C ASP D 348 -34.83 35.32 -14.49
N VAL D 349 -35.30 34.54 -13.51
CA VAL D 349 -34.46 33.98 -12.46
C VAL D 349 -34.08 32.55 -12.84
N ILE D 350 -32.85 32.37 -13.31
CA ILE D 350 -32.39 31.06 -13.74
C ILE D 350 -31.35 30.52 -12.77
N VAL D 351 -31.71 29.42 -12.11
CA VAL D 351 -30.99 28.86 -10.96
C VAL D 351 -29.45 28.88 -11.07
N ASP D 352 -28.91 28.43 -12.19
CA ASP D 352 -27.46 28.35 -12.34
C ASP D 352 -26.76 29.71 -12.24
N ALA D 353 -27.47 30.78 -12.61
CA ALA D 353 -26.88 32.13 -12.60
C ALA D 353 -27.29 32.93 -11.37
N SER D 354 -28.56 32.80 -10.98
CA SER D 354 -29.13 33.60 -9.90
C SER D 354 -28.55 33.26 -8.52
N MET D 355 -28.37 31.96 -8.25
CA MET D 355 -27.84 31.50 -6.97
C MET D 355 -26.41 32.00 -6.70
N PRO D 356 -25.48 31.85 -7.67
CA PRO D 356 -24.17 32.46 -7.50
C PRO D 356 -24.25 33.98 -7.29
N ALA D 357 -25.06 34.66 -8.10
CA ALA D 357 -25.24 36.10 -8.00
C ALA D 357 -25.70 36.47 -6.60
N MET D 358 -26.60 35.68 -6.05
CA MET D 358 -27.12 35.90 -4.71
C MET D 358 -26.04 35.66 -3.63
N ILE D 359 -25.23 34.62 -3.82
CA ILE D 359 -24.11 34.33 -2.91
C ILE D 359 -23.00 35.39 -3.03
N ARG D 360 -22.70 35.79 -4.26
CA ARG D 360 -21.69 36.80 -4.56
C ARG D 360 -22.02 38.13 -3.86
N LEU D 361 -23.31 38.38 -3.66
CA LEU D 361 -23.78 39.65 -3.13
C LEU D 361 -23.85 39.65 -1.61
N GLY D 362 -23.55 38.50 -1.01
CA GLY D 362 -23.57 38.34 0.45
C GLY D 362 -24.83 37.64 0.93
N GLY D 363 -25.47 36.89 0.04
CA GLY D 363 -26.75 36.25 0.33
C GLY D 363 -27.88 37.24 0.18
N LYS D 364 -27.82 38.07 -0.85
CA LYS D 364 -28.79 39.12 -1.04
C LYS D 364 -29.49 39.02 -2.39
N MET D 365 -30.76 39.40 -2.40
CA MET D 365 -31.49 39.66 -3.65
C MET D 365 -32.21 41.01 -3.47
N TYR D 366 -32.81 41.51 -4.55
CA TYR D 366 -33.42 42.83 -4.50
C TYR D 366 -34.88 42.79 -4.06
N GLY D 367 -35.27 43.82 -3.32
CA GLY D 367 -36.64 43.94 -2.80
C GLY D 367 -37.53 44.85 -3.63
N ALA D 368 -38.79 44.93 -3.22
CA ALA D 368 -39.77 45.80 -3.85
C ALA D 368 -39.40 47.27 -3.61
N ASP D 369 -38.77 47.53 -2.47
CA ASP D 369 -38.32 48.87 -2.10
C ASP D 369 -37.02 49.29 -2.79
N GLY D 370 -36.36 48.35 -3.49
CA GLY D 370 -35.11 48.62 -4.18
C GLY D 370 -33.89 48.22 -3.37
N ARG D 371 -34.12 47.96 -2.09
CA ARG D 371 -33.08 47.54 -1.16
C ARG D 371 -32.68 46.10 -1.40
N THR D 372 -31.42 45.78 -1.12
CA THR D 372 -30.98 44.39 -1.05
C THR D 372 -31.31 43.84 0.34
N LYS D 373 -31.77 42.60 0.39
CA LYS D 373 -31.98 41.91 1.67
C LYS D 373 -31.80 40.41 1.58
N ASP D 374 -31.84 39.77 2.73
CA ASP D 374 -31.72 38.33 2.85
C ASP D 374 -32.93 37.66 2.20
N THR D 375 -32.76 36.41 1.80
CA THR D 375 -33.80 35.68 1.09
C THR D 375 -33.89 34.20 1.44
N LYS D 376 -35.11 33.68 1.43
CA LYS D 376 -35.33 32.24 1.43
C LYS D 376 -35.30 31.83 -0.03
N ALA D 377 -34.14 31.34 -0.46
CA ALA D 377 -33.94 30.94 -1.85
C ALA D 377 -34.52 29.55 -2.07
N VAL D 378 -35.78 29.50 -2.53
CA VAL D 378 -36.50 28.24 -2.67
C VAL D 378 -36.02 27.47 -3.89
N ASN D 379 -35.47 26.28 -3.63
CA ASN D 379 -35.10 25.34 -4.67
C ASN D 379 -35.84 24.05 -4.35
N PRO D 380 -37.04 23.87 -4.92
CA PRO D 380 -37.93 22.76 -4.56
C PRO D 380 -37.29 21.37 -4.64
N GLU D 381 -36.53 21.10 -5.71
CA GLU D 381 -35.90 19.80 -5.89
C GLU D 381 -34.57 19.70 -5.13
N SER D 382 -34.52 18.78 -4.17
CA SER D 382 -33.38 18.65 -3.26
C SER D 382 -32.12 18.09 -3.92
N THR D 383 -32.30 17.22 -4.91
CA THR D 383 -31.17 16.54 -5.55
C THR D 383 -29.92 17.42 -5.71
N PHE D 384 -30.07 18.60 -6.31
CA PHE D 384 -28.92 19.44 -6.65
C PHE D 384 -28.88 20.77 -5.92
N SER D 385 -29.72 20.94 -4.90
CA SER D 385 -29.83 22.21 -4.19
C SER D 385 -29.16 22.23 -2.82
N ARG D 386 -29.02 21.06 -2.21
CA ARG D 386 -28.42 20.92 -0.88
C ARG D 386 -26.99 21.44 -0.85
N MET D 387 -26.31 21.27 -1.97
CA MET D 387 -24.93 21.73 -2.19
C MET D 387 -24.79 23.26 -2.05
N TYR D 388 -25.79 24.00 -2.52
CA TYR D 388 -25.82 25.46 -2.34
C TYR D 388 -25.90 25.83 -0.86
N GLN D 389 -26.74 25.12 -0.10
CA GLN D 389 -26.94 25.40 1.32
C GLN D 389 -25.65 25.34 2.11
N GLU D 390 -24.83 24.32 1.82
CA GLU D 390 -23.55 24.14 2.50
C GLU D 390 -22.65 25.35 2.35
N MET D 391 -22.61 25.90 1.15
CA MET D 391 -21.82 27.10 0.89
C MET D 391 -22.34 28.27 1.72
N ILE D 392 -23.66 28.47 1.71
CA ILE D 392 -24.30 29.52 2.50
C ILE D 392 -23.88 29.38 3.96
N ASN D 393 -23.99 28.16 4.51
CA ASN D 393 -23.54 27.88 5.87
C ASN D 393 -22.06 28.18 6.07
N PHE D 394 -21.22 27.64 5.19
CA PHE D 394 -19.78 27.90 5.23
C PHE D 394 -19.50 29.41 5.31
N CYS D 395 -20.04 30.17 4.35
CA CYS D 395 -19.86 31.62 4.32
C CYS D 395 -20.32 32.31 5.60
N LYS D 396 -21.49 31.91 6.09
CA LYS D 396 -22.03 32.42 7.34
C LYS D 396 -21.04 32.34 8.50
N THR D 397 -20.21 31.30 8.52
CA THR D 397 -19.18 31.17 9.55
C THR D 397 -17.79 31.70 9.14
N HIS D 398 -17.50 31.71 7.84
CA HIS D 398 -16.17 32.08 7.35
C HIS D 398 -16.09 33.42 6.69
N GLY D 399 -17.24 34.02 6.39
CA GLY D 399 -17.30 35.29 5.65
C GLY D 399 -17.26 35.05 4.14
N GLN D 400 -17.28 36.13 3.37
CA GLN D 400 -17.21 36.03 1.92
C GLN D 400 -15.82 35.61 1.47
N PHE D 401 -15.77 34.88 0.35
CA PHE D 401 -14.50 34.41 -0.19
C PHE D 401 -13.60 35.57 -0.60
N ASP D 402 -12.30 35.35 -0.49
CA ASP D 402 -11.29 36.33 -0.86
C ASP D 402 -10.65 35.92 -2.19
N PRO D 403 -11.00 36.65 -3.28
CA PRO D 403 -10.53 36.32 -4.64
C PRO D 403 -9.02 36.40 -4.78
N THR D 404 -8.39 37.17 -3.89
CA THR D 404 -6.95 37.39 -3.96
C THR D 404 -6.15 36.21 -3.39
N THR D 405 -6.79 35.36 -2.58
CA THR D 405 -6.09 34.22 -1.98
C THR D 405 -6.70 32.83 -2.24
N MET D 406 -7.95 32.80 -2.72
CA MET D 406 -8.68 31.52 -2.84
C MET D 406 -8.20 30.63 -3.99
N GLY D 407 -8.37 29.33 -3.82
CA GLY D 407 -8.04 28.34 -4.85
C GLY D 407 -9.05 28.25 -5.99
N THR D 408 -8.90 27.24 -6.85
CA THR D 408 -9.79 27.04 -7.99
C THR D 408 -10.56 25.73 -7.87
N VAL D 409 -11.75 25.69 -8.47
CA VAL D 409 -12.53 24.46 -8.57
C VAL D 409 -12.90 24.16 -10.02
N PRO D 410 -11.96 23.60 -10.80
CA PRO D 410 -12.27 23.12 -12.15
C PRO D 410 -13.28 21.98 -12.10
N ASN D 411 -13.99 21.77 -13.21
CA ASN D 411 -15.02 20.75 -13.28
C ASN D 411 -14.83 19.78 -14.44
N VAL D 412 -15.02 18.50 -14.16
CA VAL D 412 -15.08 17.47 -15.18
C VAL D 412 -16.51 16.93 -15.17
N GLY D 413 -17.28 17.29 -16.19
CA GLY D 413 -18.71 17.03 -16.19
C GLY D 413 -19.20 15.97 -17.15
N LEU D 414 -19.97 15.03 -16.60
CA LEU D 414 -20.68 14.03 -17.40
C LEU D 414 -21.86 14.68 -18.12
N MET D 415 -21.72 14.87 -19.43
CA MET D 415 -22.80 15.47 -20.21
C MET D 415 -23.06 14.77 -21.56
N ALA D 416 -22.07 14.01 -22.03
CA ALA D 416 -22.09 13.40 -23.36
C ALA D 416 -23.37 12.64 -23.69
N GLN D 417 -23.84 12.83 -24.92
CA GLN D 417 -24.99 12.11 -25.47
C GLN D 417 -26.28 12.26 -24.67
N LYS D 418 -26.68 13.51 -24.45
CA LYS D 418 -27.91 13.86 -23.73
C LYS D 418 -27.99 13.18 -22.35
N ALA D 419 -26.90 13.26 -21.60
CA ALA D 419 -26.76 12.53 -20.34
C ALA D 419 -27.74 12.98 -19.25
N GLU D 420 -28.23 11.99 -18.51
CA GLU D 420 -29.11 12.22 -17.36
C GLU D 420 -30.29 13.13 -17.68
N GLU D 421 -30.52 14.14 -16.84
CA GLU D 421 -31.70 14.98 -16.92
C GLU D 421 -31.77 15.84 -18.18
N TYR D 422 -30.61 16.11 -18.79
CA TYR D 422 -30.53 16.95 -19.99
C TYR D 422 -31.11 16.30 -21.25
N GLY D 423 -31.35 15.00 -21.20
CA GLY D 423 -31.96 14.28 -22.32
C GLY D 423 -33.26 13.60 -21.93
N SER D 424 -33.89 14.09 -20.87
CA SER D 424 -35.13 13.50 -20.34
C SER D 424 -36.39 14.30 -20.63
N HIS D 425 -36.27 15.30 -21.52
CA HIS D 425 -37.38 16.23 -21.80
C HIS D 425 -38.49 15.59 -22.56
N ASP D 426 -38.13 14.81 -23.59
CA ASP D 426 -39.09 14.07 -24.40
C ASP D 426 -39.59 12.82 -23.66
N LYS D 427 -39.20 12.68 -22.40
CA LYS D 427 -39.55 11.51 -21.59
C LYS D 427 -40.09 11.92 -20.21
N THR D 428 -40.51 13.17 -20.10
CA THR D 428 -41.12 13.72 -18.88
C THR D 428 -42.62 13.91 -19.15
N PHE D 429 -43.46 13.58 -18.16
CA PHE D 429 -44.91 13.69 -18.33
C PHE D 429 -45.63 14.14 -17.07
N GLU D 430 -46.52 15.11 -17.23
CA GLU D 430 -47.47 15.45 -16.19
C GLU D 430 -48.55 14.37 -16.18
N ILE D 431 -48.73 13.71 -15.04
CA ILE D 431 -49.63 12.55 -14.93
C ILE D 431 -51.11 12.98 -15.01
N PRO D 432 -51.87 12.39 -15.97
CA PRO D 432 -53.29 12.71 -16.20
C PRO D 432 -54.24 12.25 -15.09
N GLU D 433 -53.95 11.12 -14.44
CA GLU D 433 -54.76 10.62 -13.32
C GLU D 433 -54.03 9.56 -12.46
N ASP D 434 -54.49 9.42 -11.21
CA ASP D 434 -53.93 8.46 -10.24
C ASP D 434 -53.76 7.07 -10.85
N GLY D 435 -52.55 6.53 -10.75
CA GLY D 435 -52.25 5.18 -11.27
C GLY D 435 -50.90 4.65 -10.83
N VAL D 436 -50.40 3.66 -11.58
CA VAL D 436 -49.04 3.16 -11.37
C VAL D 436 -48.23 3.33 -12.65
N ALA D 437 -47.05 3.93 -12.51
CA ALA D 437 -46.23 4.27 -13.66
C ALA D 437 -45.06 3.31 -13.76
N ASP D 438 -45.12 2.42 -14.75
CA ASP D 438 -44.08 1.43 -14.96
C ASP D 438 -43.37 1.71 -16.27
N ILE D 439 -42.08 1.40 -16.32
CA ILE D 439 -41.39 1.28 -17.59
C ILE D 439 -41.27 -0.21 -17.92
N VAL D 440 -41.95 -0.62 -18.98
CA VAL D 440 -42.12 -2.03 -19.32
C VAL D 440 -41.38 -2.39 -20.60
N ASP D 441 -40.76 -3.57 -20.61
CA ASP D 441 -40.14 -4.13 -21.80
C ASP D 441 -41.21 -4.68 -22.73
N ILE D 442 -41.13 -4.33 -24.01
CA ILE D 442 -42.07 -4.83 -25.03
C ILE D 442 -41.85 -6.34 -25.26
N ASP D 443 -40.59 -6.73 -25.49
CA ASP D 443 -40.22 -8.13 -25.62
C ASP D 443 -40.04 -8.71 -24.22
N THR D 444 -41.01 -9.52 -23.79
CA THR D 444 -41.16 -9.99 -22.40
C THR D 444 -41.73 -8.86 -21.53
N GLY D 445 -42.99 -8.99 -21.14
CA GLY D 445 -43.73 -7.92 -20.46
C GLY D 445 -43.30 -7.65 -19.03
N GLU D 446 -42.00 -7.53 -18.84
CA GLU D 446 -41.39 -7.34 -17.53
C GLU D 446 -41.39 -5.85 -17.16
N VAL D 447 -42.01 -5.52 -16.02
CA VAL D 447 -41.91 -4.17 -15.46
C VAL D 447 -40.54 -4.02 -14.80
N LEU D 448 -39.76 -3.08 -15.32
CA LEU D 448 -38.40 -2.86 -14.84
C LEU D 448 -38.35 -2.02 -13.56
N LEU D 449 -39.11 -0.93 -13.55
CA LEU D 449 -39.26 -0.09 -12.37
C LEU D 449 -40.70 0.39 -12.24
N THR D 450 -41.36 -0.03 -11.16
CA THR D 450 -42.72 0.44 -10.87
C THR D 450 -42.70 1.70 -9.99
N GLN D 451 -43.74 2.51 -10.10
CA GLN D 451 -43.85 3.73 -9.30
C GLN D 451 -45.31 4.15 -9.19
N ASN D 452 -45.77 4.39 -7.96
CA ASN D 452 -47.14 4.80 -7.72
C ASN D 452 -47.29 6.32 -7.74
N VAL D 453 -47.94 6.83 -8.78
CA VAL D 453 -48.09 8.27 -8.98
C VAL D 453 -49.54 8.75 -8.84
N GLU D 454 -49.70 10.07 -8.77
CA GLU D 454 -51.02 10.69 -8.65
C GLU D 454 -51.24 11.73 -9.75
N GLU D 455 -52.46 12.26 -9.82
CA GLU D 455 -52.79 13.31 -10.79
C GLU D 455 -52.00 14.58 -10.49
N GLY D 456 -51.37 15.13 -11.52
CA GLY D 456 -50.54 16.32 -11.38
C GLY D 456 -49.05 16.05 -11.25
N ASP D 457 -48.72 14.90 -10.65
CA ASP D 457 -47.32 14.49 -10.42
C ASP D 457 -46.49 14.54 -11.69
N ILE D 458 -45.23 14.91 -11.56
CA ILE D 458 -44.31 14.96 -12.70
C ILE D 458 -43.46 13.71 -12.72
N TRP D 459 -43.53 12.97 -13.83
CA TRP D 459 -42.82 11.70 -13.98
C TRP D 459 -41.86 11.77 -15.14
N ARG D 460 -40.64 11.28 -14.94
CA ARG D 460 -39.63 11.25 -16.00
C ARG D 460 -38.67 10.07 -15.90
N MET D 461 -38.09 9.70 -17.05
CA MET D 461 -37.10 8.64 -17.12
C MET D 461 -35.82 9.15 -17.77
N PRO D 462 -34.84 9.57 -16.95
CA PRO D 462 -33.54 10.00 -17.46
C PRO D 462 -32.67 8.84 -17.92
N ILE D 463 -31.75 9.13 -18.85
CA ILE D 463 -30.88 8.11 -19.45
C ILE D 463 -29.44 8.58 -19.53
N VAL D 464 -28.52 7.73 -19.08
CA VAL D 464 -27.10 7.98 -19.27
C VAL D 464 -26.41 6.71 -19.75
N LYS D 465 -25.77 6.81 -20.91
CA LYS D 465 -25.21 5.66 -21.61
C LYS D 465 -23.85 5.28 -21.03
N ASP D 466 -23.46 4.02 -21.21
CA ASP D 466 -22.24 3.48 -20.61
C ASP D 466 -20.96 4.12 -21.15
N ALA D 467 -20.90 4.26 -22.47
CA ALA D 467 -19.71 4.79 -23.13
C ALA D 467 -19.32 6.21 -22.65
N PRO D 468 -20.30 7.13 -22.56
CA PRO D 468 -20.02 8.47 -22.00
C PRO D 468 -19.40 8.42 -20.59
N ILE D 469 -19.91 7.54 -19.73
CA ILE D 469 -19.42 7.37 -18.37
C ILE D 469 -17.93 6.98 -18.35
N ARG D 470 -17.53 6.09 -19.25
CA ARG D 470 -16.13 5.66 -19.36
C ARG D 470 -15.22 6.83 -19.72
N ASP D 471 -15.61 7.60 -20.73
CA ASP D 471 -14.84 8.78 -21.17
C ASP D 471 -14.75 9.82 -20.06
N TRP D 472 -15.83 9.93 -19.29
CA TRP D 472 -15.93 10.86 -18.18
C TRP D 472 -14.94 10.55 -17.10
N VAL D 473 -14.86 9.25 -16.74
CA VAL D 473 -13.87 8.79 -15.77
C VAL D 473 -12.45 8.96 -16.31
N LYS D 474 -12.26 8.67 -17.60
CA LYS D 474 -10.96 8.87 -18.24
C LYS D 474 -10.53 10.33 -18.18
N LEU D 475 -11.46 11.24 -18.46
CA LEU D 475 -11.18 12.67 -18.44
C LEU D 475 -10.81 13.17 -17.03
N ALA D 476 -11.43 12.56 -16.02
CA ALA D 476 -11.13 12.87 -14.62
C ALA D 476 -9.68 12.52 -14.28
N VAL D 477 -9.27 11.31 -14.64
CA VAL D 477 -7.90 10.84 -14.41
C VAL D 477 -6.90 11.59 -15.30
N THR D 478 -7.33 11.93 -16.51
CA THR D 478 -6.53 12.73 -17.42
C THR D 478 -6.20 14.10 -16.81
N ARG D 479 -7.24 14.80 -16.34
CA ARG D 479 -7.08 16.12 -15.74
C ARG D 479 -6.26 16.09 -14.44
N ALA D 480 -6.49 15.06 -13.64
CA ALA D 480 -5.75 14.84 -12.40
C ALA D 480 -4.25 14.69 -12.65
N ARG D 481 -3.91 13.81 -13.59
CA ARG D 481 -2.51 13.54 -13.96
C ARG D 481 -1.83 14.80 -14.51
N LEU D 482 -2.53 15.53 -15.35
CA LEU D 482 -1.95 16.66 -16.06
C LEU D 482 -1.84 17.94 -15.24
N SER D 483 -2.69 18.08 -14.23
CA SER D 483 -2.71 19.29 -13.40
C SER D 483 -2.16 19.09 -11.99
N GLY D 484 -2.11 17.83 -11.55
CA GLY D 484 -1.61 17.51 -10.21
C GLY D 484 -2.61 17.80 -9.10
N MET D 485 -3.79 18.26 -9.49
CA MET D 485 -4.86 18.55 -8.55
C MET D 485 -5.57 17.25 -8.16
N PRO D 486 -5.97 17.13 -6.88
CA PRO D 486 -6.83 16.01 -6.50
C PRO D 486 -8.22 16.16 -7.11
N VAL D 487 -8.94 15.06 -7.26
CA VAL D 487 -10.27 15.09 -7.88
C VAL D 487 -11.31 14.34 -7.03
N VAL D 488 -12.49 14.94 -6.87
CA VAL D 488 -13.55 14.35 -6.07
C VAL D 488 -14.81 14.10 -6.92
N PHE D 489 -15.30 12.88 -6.88
CA PHE D 489 -16.55 12.52 -7.53
C PHE D 489 -17.71 12.81 -6.60
N TRP D 490 -18.60 13.70 -7.02
CA TRP D 490 -19.76 14.11 -6.20
C TRP D 490 -20.87 13.13 -6.40
N LEU D 491 -20.86 12.06 -5.61
CA LEU D 491 -21.85 11.01 -5.75
C LEU D 491 -22.49 10.62 -4.42
N ASP D 492 -23.80 10.80 -4.32
CA ASP D 492 -24.55 10.44 -3.14
C ASP D 492 -24.64 8.94 -2.94
N THR D 493 -24.59 8.53 -1.68
CA THR D 493 -24.79 7.15 -1.28
C THR D 493 -26.29 6.87 -1.11
N GLU D 494 -27.05 7.92 -0.85
CA GLU D 494 -28.49 7.77 -0.61
C GLU D 494 -29.35 8.12 -1.83
N ARG D 495 -28.70 8.24 -2.99
CA ARG D 495 -29.43 8.43 -4.24
C ARG D 495 -29.13 7.29 -5.23
N PRO D 496 -30.16 6.46 -5.51
CA PRO D 496 -30.05 5.31 -6.40
C PRO D 496 -29.20 5.59 -7.64
N HIS D 497 -29.53 6.66 -8.37
CA HIS D 497 -28.79 7.04 -9.59
C HIS D 497 -27.31 7.14 -9.35
N GLU D 498 -26.93 7.74 -8.23
CA GLU D 498 -25.52 7.96 -7.95
C GLU D 498 -24.80 6.75 -7.34
N VAL D 499 -25.56 5.85 -6.71
CA VAL D 499 -24.98 4.57 -6.31
C VAL D 499 -24.72 3.69 -7.54
N GLU D 500 -25.58 3.84 -8.55
CA GLU D 500 -25.39 3.14 -9.83
C GLU D 500 -24.17 3.68 -10.55
N LEU D 501 -23.98 4.99 -10.49
CA LEU D 501 -22.81 5.64 -11.07
C LEU D 501 -21.56 5.25 -10.31
N ARG D 502 -21.70 5.11 -8.99
CA ARG D 502 -20.58 4.79 -8.11
C ARG D 502 -20.01 3.41 -8.45
N LYS D 503 -20.88 2.43 -8.66
CA LYS D 503 -20.50 1.09 -9.11
C LYS D 503 -19.58 1.17 -10.33
N LYS D 504 -19.95 2.05 -11.26
CA LYS D 504 -19.20 2.25 -12.49
C LYS D 504 -17.88 2.98 -12.27
N VAL D 505 -17.91 4.07 -11.53
CA VAL D 505 -16.70 4.86 -11.26
C VAL D 505 -15.66 4.01 -10.53
N LYS D 506 -16.12 3.26 -9.53
CA LYS D 506 -15.26 2.36 -8.75
C LYS D 506 -14.52 1.38 -9.66
N GLU D 507 -15.26 0.80 -10.61
CA GLU D 507 -14.70 -0.17 -11.56
C GLU D 507 -13.78 0.50 -12.59
N TYR D 508 -14.31 1.48 -13.30
CA TYR D 508 -13.58 2.11 -14.42
C TYR D 508 -12.30 2.86 -14.01
N LEU D 509 -12.20 3.21 -12.73
CA LEU D 509 -10.98 3.84 -12.21
C LEU D 509 -9.80 2.88 -12.28
N LYS D 510 -10.07 1.60 -12.01
CA LYS D 510 -9.05 0.56 -12.01
C LYS D 510 -8.51 0.27 -13.42
N ASP D 511 -9.28 0.64 -14.44
CA ASP D 511 -8.86 0.53 -15.84
C ASP D 511 -7.80 1.58 -16.22
N HIS D 512 -7.46 2.44 -15.27
CA HIS D 512 -6.49 3.51 -15.52
C HIS D 512 -5.34 3.49 -14.56
N ASP D 513 -4.21 4.03 -14.99
CA ASP D 513 -3.04 4.19 -14.13
C ASP D 513 -3.24 5.39 -13.20
N THR D 514 -3.57 5.10 -11.94
CA THR D 514 -3.84 6.13 -10.94
C THR D 514 -2.84 6.07 -9.78
N GLU D 515 -1.56 5.92 -10.10
CA GLU D 515 -0.52 5.70 -9.09
C GLU D 515 -0.21 6.93 -8.22
N GLY D 516 -0.02 8.09 -8.85
CA GLY D 516 0.36 9.30 -8.12
C GLY D 516 -0.75 10.34 -8.02
N LEU D 517 -1.98 9.88 -7.85
CA LEU D 517 -3.15 10.76 -7.85
C LEU D 517 -4.04 10.59 -6.64
N LYS D 518 -4.53 11.71 -6.11
CA LYS D 518 -5.53 11.70 -5.04
C LYS D 518 -6.91 11.74 -5.67
N ILE D 519 -7.58 10.60 -5.70
CA ILE D 519 -8.89 10.48 -6.33
C ILE D 519 -9.86 9.75 -5.39
N GLN D 520 -10.91 10.46 -4.95
CA GLN D 520 -11.88 9.88 -4.03
C GLN D 520 -13.33 10.21 -4.38
N ILE D 521 -14.25 9.51 -3.73
CA ILE D 521 -15.69 9.67 -3.97
C ILE D 521 -16.40 10.08 -2.68
N MET D 522 -17.15 11.17 -2.75
CA MET D 522 -17.88 11.70 -1.58
C MET D 522 -19.27 12.14 -2.02
N PRO D 523 -20.26 12.06 -1.10
CA PRO D 523 -21.58 12.59 -1.43
C PRO D 523 -21.52 14.11 -1.63
N GLN D 524 -22.49 14.66 -2.35
CA GLN D 524 -22.52 16.08 -2.71
C GLN D 524 -22.06 17.04 -1.62
N VAL D 525 -22.81 17.06 -0.52
CA VAL D 525 -22.62 18.02 0.55
C VAL D 525 -21.22 17.91 1.18
N TRP D 526 -20.81 16.67 1.47
CA TRP D 526 -19.45 16.36 1.93
C TRP D 526 -18.43 16.89 0.97
N ALA D 527 -18.61 16.57 -0.31
CA ALA D 527 -17.68 16.99 -1.36
C ALA D 527 -17.58 18.51 -1.42
N MET D 528 -18.74 19.19 -1.38
CA MET D 528 -18.78 20.66 -1.33
C MET D 528 -17.98 21.21 -0.14
N ARG D 529 -18.21 20.65 1.05
CA ARG D 529 -17.54 21.08 2.27
C ARG D 529 -16.03 20.89 2.14
N TYR D 530 -15.65 19.68 1.69
CA TYR D 530 -14.25 19.33 1.47
C TYR D 530 -13.59 20.28 0.48
N THR D 531 -14.34 20.65 -0.55
CA THR D 531 -13.86 21.56 -1.58
C THR D 531 -13.70 22.98 -1.01
N LEU D 532 -14.65 23.38 -0.17
CA LEU D 532 -14.65 24.72 0.42
C LEU D 532 -13.54 24.87 1.44
N GLU D 533 -13.39 23.86 2.29
CA GLU D 533 -12.31 23.78 3.26
C GLU D 533 -10.94 23.96 2.57
N ARG D 534 -10.86 23.51 1.32
CA ARG D 534 -9.62 23.61 0.54
C ARG D 534 -9.43 24.94 -0.19
N VAL D 535 -10.45 25.42 -0.91
CA VAL D 535 -10.30 26.70 -1.66
C VAL D 535 -9.90 27.85 -0.76
N VAL D 536 -10.44 27.84 0.46
CA VAL D 536 -10.29 28.94 1.38
C VAL D 536 -8.84 29.00 1.89
N ARG D 537 -8.14 27.86 1.83
CA ARG D 537 -6.74 27.79 2.20
C ARG D 537 -5.83 27.93 0.97
N GLY D 538 -6.40 28.38 -0.14
CA GLY D 538 -5.65 28.61 -1.38
C GLY D 538 -5.33 27.36 -2.19
N LYS D 539 -6.03 26.26 -1.89
CA LYS D 539 -5.78 24.99 -2.56
C LYS D 539 -6.82 24.64 -3.63
N ASP D 540 -6.41 23.86 -4.62
CA ASP D 540 -7.24 23.55 -5.79
C ASP D 540 -7.84 22.15 -5.72
N THR D 541 -9.03 21.99 -6.32
CA THR D 541 -9.74 20.71 -6.31
C THR D 541 -10.62 20.60 -7.56
N ILE D 542 -10.52 19.46 -8.24
CA ILE D 542 -11.34 19.19 -9.42
C ILE D 542 -12.64 18.54 -8.97
N ALA D 543 -13.75 19.03 -9.52
CA ALA D 543 -15.05 18.43 -9.27
C ALA D 543 -15.50 17.58 -10.45
N ALA D 544 -15.47 16.27 -10.28
CA ALA D 544 -16.02 15.34 -11.26
C ALA D 544 -17.49 15.09 -10.94
N THR D 545 -18.38 15.67 -11.74
CA THR D 545 -19.79 15.74 -11.40
C THR D 545 -20.70 15.30 -12.54
N GLY D 546 -21.95 14.96 -12.20
CA GLY D 546 -23.00 14.71 -13.18
C GLY D 546 -23.36 15.94 -14.00
N ASN D 547 -24.40 15.83 -14.82
CA ASN D 547 -24.73 16.86 -15.81
C ASN D 547 -25.22 18.19 -15.22
N ILE D 548 -26.22 18.13 -14.35
CA ILE D 548 -26.77 19.35 -13.76
C ILE D 548 -25.75 20.03 -12.83
N LEU D 549 -25.03 19.23 -12.05
CA LEU D 549 -23.96 19.78 -11.21
C LEU D 549 -22.83 20.43 -12.01
N ARG D 550 -22.51 19.85 -13.16
CA ARG D 550 -21.57 20.45 -14.10
C ARG D 550 -21.98 21.89 -14.43
N ASP D 551 -23.27 22.08 -14.64
CA ASP D 551 -23.83 23.38 -15.00
C ASP D 551 -23.73 24.35 -13.84
N TYR D 552 -24.16 23.88 -12.66
CA TYR D 552 -24.24 24.71 -11.46
C TYR D 552 -22.87 25.20 -11.01
N LEU D 553 -21.93 24.27 -10.88
CA LEU D 553 -20.61 24.56 -10.31
C LEU D 553 -19.73 25.40 -11.24
N THR D 554 -19.97 25.30 -12.55
CA THR D 554 -19.18 26.07 -13.52
C THR D 554 -19.72 27.49 -13.71
N ASP D 555 -20.87 27.77 -13.11
CA ASP D 555 -21.28 29.14 -12.90
C ASP D 555 -20.82 29.58 -11.52
N LEU D 556 -21.17 28.78 -10.51
CA LEU D 556 -20.95 29.12 -9.11
C LEU D 556 -19.52 29.54 -8.78
N PHE D 557 -18.57 28.60 -8.86
CA PHE D 557 -17.19 28.89 -8.46
C PHE D 557 -16.49 29.99 -9.25
N PRO D 558 -16.63 29.98 -10.60
CA PRO D 558 -16.01 31.04 -11.40
C PRO D 558 -16.54 32.45 -11.10
N ILE D 559 -17.82 32.58 -10.77
CA ILE D 559 -18.38 33.86 -10.32
C ILE D 559 -17.65 34.35 -9.07
N LEU D 560 -17.41 33.45 -8.13
CA LEU D 560 -16.72 33.78 -6.88
C LEU D 560 -15.23 34.05 -7.07
N GLU D 561 -14.57 33.22 -7.88
CA GLU D 561 -13.13 33.33 -8.12
C GLU D 561 -12.76 34.52 -9.03
N LEU D 562 -13.64 34.82 -9.97
CA LEU D 562 -13.29 35.71 -11.10
C LEU D 562 -14.25 36.87 -11.31
N GLY D 563 -15.49 36.73 -10.85
CA GLY D 563 -16.51 37.74 -11.03
C GLY D 563 -17.44 37.43 -12.20
N THR D 564 -17.01 36.53 -13.08
CA THR D 564 -17.77 36.16 -14.27
C THR D 564 -17.51 34.72 -14.73
N SER D 565 -18.50 34.14 -15.41
CA SER D 565 -18.35 32.81 -16.01
C SER D 565 -18.06 32.93 -17.51
N ALA D 566 -17.83 34.16 -17.96
CA ALA D 566 -17.60 34.44 -19.38
C ALA D 566 -16.12 34.45 -19.75
N LYS D 567 -15.25 34.21 -18.77
CA LYS D 567 -13.80 34.25 -19.00
C LYS D 567 -13.13 32.92 -18.68
N MET D 568 -13.51 31.86 -19.37
CA MET D 568 -12.93 30.55 -19.11
C MET D 568 -12.94 29.53 -20.26
N LEU D 569 -12.11 28.50 -20.11
CA LEU D 569 -12.04 27.39 -21.06
C LEU D 569 -13.19 26.43 -20.86
N SER D 570 -13.82 26.04 -21.97
CA SER D 570 -14.85 25.03 -21.95
C SER D 570 -14.57 24.02 -23.08
N ILE D 571 -13.71 23.06 -22.76
CA ILE D 571 -13.23 22.07 -23.72
C ILE D 571 -14.12 20.82 -23.69
N VAL D 572 -14.55 20.38 -24.87
CA VAL D 572 -15.32 19.15 -25.01
C VAL D 572 -14.53 18.16 -25.87
N PRO D 573 -13.76 17.26 -25.22
CA PRO D 573 -13.11 16.17 -25.94
C PRO D 573 -14.16 15.18 -26.42
N LEU D 574 -14.39 15.15 -27.73
CA LEU D 574 -15.38 14.28 -28.32
C LEU D 574 -14.89 12.84 -28.34
N MET D 575 -15.82 11.91 -28.14
CA MET D 575 -15.49 10.49 -27.96
C MET D 575 -14.98 9.80 -29.22
N ALA D 576 -15.20 10.43 -30.38
CA ALA D 576 -14.75 9.89 -31.65
C ALA D 576 -13.32 10.31 -31.99
N GLY D 577 -12.80 11.26 -31.23
CA GLY D 577 -11.40 11.68 -31.38
C GLY D 577 -11.15 13.18 -31.42
N GLY D 578 -12.10 13.93 -31.95
CA GLY D 578 -11.94 15.38 -32.09
C GLY D 578 -12.25 16.19 -30.85
N GLY D 579 -12.33 17.50 -31.01
CA GLY D 579 -12.64 18.41 -29.91
C GLY D 579 -13.57 19.55 -30.29
N LEU D 580 -14.56 19.79 -29.43
CA LEU D 580 -15.43 20.96 -29.52
C LEU D 580 -15.00 21.97 -28.45
N TYR D 581 -14.97 23.26 -28.81
CA TYR D 581 -14.47 24.28 -27.88
C TYR D 581 -15.43 25.45 -27.71
N GLU D 582 -16.28 25.35 -26.68
CA GLU D 582 -17.22 26.41 -26.33
C GLU D 582 -16.48 27.64 -25.84
N THR D 583 -16.82 28.81 -26.39
CA THR D 583 -16.16 30.07 -26.05
C THR D 583 -16.86 30.81 -24.90
N GLY D 584 -18.13 30.48 -24.68
CA GLY D 584 -18.92 31.11 -23.64
C GLY D 584 -20.10 30.23 -23.21
N ALA D 585 -20.52 30.40 -21.96
CA ALA D 585 -21.62 29.64 -21.40
C ALA D 585 -22.86 30.53 -21.19
N GLY D 586 -22.69 31.83 -21.38
CA GLY D 586 -23.77 32.80 -21.19
C GLY D 586 -24.56 33.04 -22.46
N GLY D 587 -25.37 34.10 -22.43
CA GLY D 587 -26.17 34.48 -23.59
C GLY D 587 -25.38 35.19 -24.67
N SER D 588 -26.07 35.58 -25.74
CA SER D 588 -25.46 36.25 -26.88
C SER D 588 -25.52 37.77 -26.74
N ALA D 589 -25.81 38.24 -25.52
CA ALA D 589 -25.77 39.66 -25.15
C ALA D 589 -26.56 40.59 -26.07
N PRO D 590 -27.91 40.61 -25.90
CA PRO D 590 -28.77 41.44 -26.75
C PRO D 590 -28.45 42.92 -26.61
N LYS D 591 -28.25 43.36 -25.36
CA LYS D 591 -27.96 44.76 -25.03
C LYS D 591 -26.66 45.29 -25.64
N HIS D 592 -25.72 44.37 -25.89
CA HIS D 592 -24.44 44.74 -26.52
C HIS D 592 -24.64 45.14 -27.95
N VAL D 593 -25.62 44.52 -28.61
CA VAL D 593 -26.01 44.88 -29.99
C VAL D 593 -26.75 46.20 -29.98
N HIS D 594 -27.57 46.41 -28.95
CA HIS D 594 -28.29 47.65 -28.73
C HIS D 594 -27.33 48.82 -28.77
N GLN D 595 -26.20 48.66 -28.09
CA GLN D 595 -25.16 49.69 -28.01
C GLN D 595 -24.37 49.84 -29.30
N LEU D 596 -24.19 48.74 -30.04
CA LEU D 596 -23.46 48.79 -31.30
C LEU D 596 -24.21 49.50 -32.42
N VAL D 597 -25.51 49.22 -32.56
CA VAL D 597 -26.30 49.82 -33.65
C VAL D 597 -26.63 51.30 -33.39
N GLU D 598 -26.76 51.67 -32.12
CA GLU D 598 -27.20 53.01 -31.76
C GLU D 598 -26.05 54.00 -31.55
N GLU D 599 -24.90 53.51 -31.10
CA GLU D 599 -23.76 54.39 -30.83
C GLU D 599 -22.39 53.79 -31.15
N ASN D 600 -22.38 52.79 -32.02
CA ASN D 600 -21.16 52.19 -32.58
C ASN D 600 -20.08 51.76 -31.57
N HIS D 601 -20.51 51.16 -30.47
CA HIS D 601 -19.59 50.59 -29.48
C HIS D 601 -20.04 49.22 -29.07
N LEU D 602 -19.19 48.22 -29.33
CA LEU D 602 -19.47 46.85 -28.93
C LEU D 602 -18.63 46.48 -27.71
N ARG D 603 -19.30 46.22 -26.59
CA ARG D 603 -18.58 45.91 -25.35
C ARG D 603 -18.45 44.41 -25.09
N TRP D 604 -18.71 43.61 -26.12
CA TRP D 604 -18.58 42.16 -26.00
C TRP D 604 -17.15 41.77 -25.79
N ASP D 605 -16.91 40.92 -24.78
CA ASP D 605 -15.58 40.44 -24.49
C ASP D 605 -15.30 39.15 -25.27
N SER D 606 -14.36 39.23 -26.20
CA SER D 606 -14.01 38.09 -27.06
C SER D 606 -12.92 37.20 -26.47
N LEU D 607 -12.58 37.42 -25.19
CA LEU D 607 -11.53 36.66 -24.52
C LEU D 607 -11.78 35.16 -24.60
N GLY D 608 -13.03 34.77 -24.38
CA GLY D 608 -13.44 33.35 -24.42
C GLY D 608 -13.21 32.73 -25.78
N GLU D 609 -13.31 33.54 -26.82
CA GLU D 609 -13.02 33.11 -28.19
C GLU D 609 -11.52 32.91 -28.39
N PHE D 610 -10.72 33.88 -27.92
CA PHE D 610 -9.26 33.79 -28.04
C PHE D 610 -8.72 32.55 -27.34
N LEU D 611 -9.23 32.28 -26.14
CA LEU D 611 -8.81 31.13 -25.34
C LEU D 611 -9.19 29.82 -26.00
N ALA D 612 -10.41 29.75 -26.53
CA ALA D 612 -10.91 28.54 -27.19
C ALA D 612 -10.10 28.21 -28.44
N LEU D 613 -9.74 29.27 -29.17
CA LEU D 613 -8.94 29.15 -30.39
C LEU D 613 -7.54 28.62 -30.06
N GLY D 614 -6.97 29.09 -28.96
CA GLY D 614 -5.69 28.59 -28.47
C GLY D 614 -5.75 27.11 -28.14
N ALA D 615 -6.82 26.71 -27.47
CA ALA D 615 -7.06 25.30 -27.15
C ALA D 615 -7.44 24.49 -28.39
N SER D 616 -7.92 25.18 -29.42
CA SER D 616 -8.22 24.56 -30.70
C SER D 616 -6.93 24.28 -31.47
N LEU D 617 -6.06 25.29 -31.53
CA LEU D 617 -4.81 25.20 -32.26
C LEU D 617 -3.81 24.25 -31.58
N GLU D 618 -3.82 24.23 -30.25
CA GLU D 618 -2.92 23.35 -29.49
C GLU D 618 -3.27 21.88 -29.70
N ASP D 619 -4.56 21.58 -29.68
CA ASP D 619 -5.04 20.20 -29.89
C ASP D 619 -4.90 19.77 -31.34
N MET D 620 -4.82 20.75 -32.24
CA MET D 620 -4.52 20.50 -33.65
C MET D 620 -3.10 19.96 -33.78
N GLY D 621 -2.18 20.52 -33.01
CA GLY D 621 -0.78 20.09 -32.99
C GLY D 621 -0.59 18.66 -32.51
N ASN D 622 -1.30 18.29 -31.45
CA ASN D 622 -1.18 16.96 -30.86
C ASN D 622 -1.82 15.85 -31.71
N LYS D 623 -3.06 16.07 -32.13
CA LYS D 623 -3.83 15.07 -32.87
C LYS D 623 -3.27 14.74 -34.25
N THR D 624 -2.90 15.76 -35.01
CA THR D 624 -2.41 15.56 -36.39
C THR D 624 -0.89 15.44 -36.48
N GLY D 625 -0.18 16.17 -35.62
CA GLY D 625 1.28 16.21 -35.67
C GLY D 625 1.79 17.50 -36.29
N ASN D 626 0.86 18.42 -36.57
CA ASN D 626 1.20 19.72 -37.11
C ASN D 626 1.96 20.55 -36.07
N GLU D 627 3.28 20.61 -36.23
CA GLU D 627 4.14 21.36 -35.32
C GLU D 627 3.95 22.88 -35.43
N LYS D 628 3.52 23.35 -36.60
CA LYS D 628 3.27 24.77 -36.83
C LYS D 628 2.01 25.26 -36.11
N ALA D 629 1.12 24.32 -35.79
CA ALA D 629 -0.07 24.62 -34.99
C ALA D 629 0.31 24.92 -33.54
N LYS D 630 1.24 24.13 -33.02
CA LYS D 630 1.79 24.31 -31.66
C LYS D 630 2.33 25.72 -31.45
N VAL D 631 3.10 26.19 -32.43
CA VAL D 631 3.76 27.50 -32.37
C VAL D 631 2.76 28.64 -32.35
N LEU D 632 1.70 28.52 -33.16
CA LEU D 632 0.63 29.51 -33.22
C LEU D 632 -0.18 29.53 -31.93
N ALA D 633 -0.43 28.35 -31.37
CA ALA D 633 -1.17 28.19 -30.11
C ALA D 633 -0.44 28.90 -28.96
N LYS D 634 0.82 28.51 -28.74
CA LYS D 634 1.64 29.08 -27.67
C LYS D 634 1.82 30.59 -27.83
N ALA D 635 1.90 31.05 -29.07
CA ALA D 635 2.00 32.49 -29.38
C ALA D 635 0.70 33.24 -29.13
N LEU D 636 -0.43 32.55 -29.33
CA LEU D 636 -1.73 33.11 -28.97
C LEU D 636 -1.93 33.08 -27.45
N ASP D 637 -1.47 32.01 -26.82
CA ASP D 637 -1.44 31.88 -25.35
C ASP D 637 -0.72 33.06 -24.70
N THR D 638 0.45 33.41 -25.24
CA THR D 638 1.22 34.54 -24.72
C THR D 638 0.64 35.89 -25.18
N ALA D 639 -0.08 35.87 -26.29
CA ALA D 639 -0.75 37.07 -26.81
C ALA D 639 -1.98 37.42 -25.96
N THR D 640 -2.73 36.39 -25.57
CA THR D 640 -3.89 36.55 -24.71
C THR D 640 -3.49 37.03 -23.32
N GLY D 641 -2.42 36.44 -22.79
CA GLY D 641 -1.87 36.79 -21.49
C GLY D 641 -1.41 38.24 -21.40
N LYS D 642 -0.77 38.72 -22.47
CA LYS D 642 -0.32 40.11 -22.55
C LYS D 642 -1.49 41.08 -22.66
N LEU D 643 -2.59 40.60 -23.26
CA LEU D 643 -3.82 41.37 -23.42
C LEU D 643 -4.38 41.72 -22.04
N LEU D 644 -4.33 40.76 -21.13
CA LEU D 644 -4.80 40.92 -19.76
C LEU D 644 -3.90 41.84 -18.94
N GLU D 645 -2.59 41.60 -19.00
CA GLU D 645 -1.61 42.35 -18.22
C GLU D 645 -1.48 43.81 -18.68
N GLU D 646 -1.67 44.05 -19.97
CA GLU D 646 -1.65 45.41 -20.51
C GLU D 646 -3.00 46.11 -20.34
N ASN D 647 -3.99 45.35 -19.88
CA ASN D 647 -5.34 45.84 -19.58
C ASN D 647 -6.04 46.45 -20.80
N LYS D 648 -6.18 45.63 -21.85
CA LYS D 648 -6.76 46.08 -23.10
C LYS D 648 -8.02 45.29 -23.52
N SER D 649 -8.73 44.74 -22.54
CA SER D 649 -10.06 44.17 -22.78
C SER D 649 -11.06 45.29 -23.02
N PRO D 650 -12.13 45.04 -23.80
CA PRO D 650 -13.08 46.09 -24.19
C PRO D 650 -13.73 46.81 -23.02
N SER D 651 -13.84 48.13 -23.13
CA SER D 651 -14.54 48.96 -22.15
C SER D 651 -16.05 48.91 -22.39
N ARG D 652 -16.82 49.27 -21.37
CA ARG D 652 -18.28 49.34 -21.52
C ARG D 652 -18.76 50.74 -21.93
N ARG D 653 -17.94 51.75 -21.66
CA ARG D 653 -18.30 53.14 -21.93
C ARG D 653 -18.16 53.47 -23.41
N THR D 654 -19.18 54.10 -23.96
CA THR D 654 -19.21 54.51 -25.36
C THR D 654 -18.18 55.61 -25.64
N GLY D 655 -17.35 55.39 -26.65
CA GLY D 655 -16.29 56.34 -27.00
C GLY D 655 -14.89 55.84 -26.68
N GLU D 656 -14.82 54.77 -25.89
CA GLU D 656 -13.54 54.18 -25.48
C GLU D 656 -13.22 52.92 -26.29
N LEU D 657 -12.13 52.25 -25.92
CA LEU D 657 -11.67 51.04 -26.58
C LEU D 657 -12.72 49.93 -26.54
N ASP D 658 -13.20 49.52 -27.71
CA ASP D 658 -14.26 48.52 -27.81
C ASP D 658 -13.75 47.14 -28.26
N ASN D 659 -14.68 46.24 -28.54
CA ASN D 659 -14.38 44.89 -28.99
C ASN D 659 -13.44 44.88 -30.19
N ARG D 660 -13.72 45.74 -31.17
CA ARG D 660 -12.89 45.86 -32.36
C ARG D 660 -11.47 46.29 -31.99
N GLY D 661 -11.38 47.28 -31.10
CA GLY D 661 -10.10 47.79 -30.62
C GLY D 661 -9.26 46.75 -29.91
N SER D 662 -9.89 45.92 -29.09
CA SER D 662 -9.20 44.85 -28.37
C SER D 662 -8.77 43.71 -29.30
N GLN D 663 -9.47 43.56 -30.42
CA GLN D 663 -9.11 42.58 -31.43
C GLN D 663 -7.84 42.96 -32.16
N PHE D 664 -7.64 44.27 -32.32
CA PHE D 664 -6.41 44.79 -32.90
C PHE D 664 -5.22 44.46 -32.01
N TYR D 665 -5.33 44.82 -30.73
CA TYR D 665 -4.25 44.59 -29.78
C TYR D 665 -3.88 43.12 -29.65
N LEU D 666 -4.88 42.24 -29.68
CA LEU D 666 -4.63 40.81 -29.63
C LEU D 666 -3.80 40.37 -30.83
N SER D 667 -4.28 40.72 -32.03
CA SER D 667 -3.59 40.37 -33.28
C SER D 667 -2.19 40.98 -33.37
N LEU D 668 -2.03 42.18 -32.80
CA LEU D 668 -0.71 42.80 -32.66
C LEU D 668 0.24 41.91 -31.84
N PHE D 669 -0.20 41.56 -30.63
CA PHE D 669 0.61 40.77 -29.71
C PHE D 669 0.86 39.37 -30.23
N TRP D 670 -0.12 38.82 -30.95
CA TRP D 670 0.00 37.51 -31.58
C TRP D 670 1.05 37.56 -32.64
N ALA D 671 1.06 38.65 -33.41
CA ALA D 671 2.06 38.88 -34.45
C ALA D 671 3.45 39.09 -33.86
N GLN D 672 3.53 39.87 -32.78
CA GLN D 672 4.79 40.10 -32.07
C GLN D 672 5.35 38.82 -31.47
N ALA D 673 4.49 38.05 -30.81
CA ALA D 673 4.88 36.79 -30.16
C ALA D 673 5.50 35.80 -31.14
N LEU D 674 5.00 35.80 -32.37
CA LEU D 674 5.52 34.93 -33.43
C LEU D 674 6.82 35.44 -34.03
N ALA D 675 6.97 36.77 -34.07
CA ALA D 675 8.17 37.42 -34.60
C ALA D 675 9.39 37.27 -33.69
N GLU D 676 9.15 37.29 -32.37
CA GLU D 676 10.23 37.26 -31.38
C GLU D 676 10.44 35.88 -30.72
N GLN D 677 9.86 34.83 -31.30
CA GLN D 677 10.11 33.46 -30.85
C GLN D 677 11.11 32.75 -31.77
N THR D 678 11.72 31.68 -31.27
CA THR D 678 12.78 30.96 -32.00
C THR D 678 12.65 29.44 -31.96
N GLU D 679 11.43 28.93 -32.13
CA GLU D 679 11.22 27.49 -32.28
C GLU D 679 10.73 27.11 -33.69
N ASP D 680 10.47 28.12 -34.51
CA ASP D 680 10.16 27.95 -35.93
C ASP D 680 10.71 29.15 -36.71
N ALA D 681 11.74 28.89 -37.51
CA ALA D 681 12.45 29.92 -38.25
C ALA D 681 11.59 30.61 -39.31
N GLU D 682 10.83 29.81 -40.05
CA GLU D 682 10.01 30.31 -41.16
C GLU D 682 8.88 31.21 -40.67
N LEU D 683 8.11 30.74 -39.68
CA LEU D 683 7.01 31.49 -39.10
C LEU D 683 7.48 32.82 -38.50
N ALA D 684 8.69 32.82 -37.94
CA ALA D 684 9.28 34.00 -37.32
C ALA D 684 9.47 35.14 -38.30
N GLU D 685 10.13 34.85 -39.43
CA GLU D 685 10.38 35.85 -40.47
C GLU D 685 9.13 36.13 -41.29
N ARG D 686 8.15 35.24 -41.20
CA ARG D 686 6.87 35.39 -41.90
C ARG D 686 6.04 36.51 -41.28
N PHE D 687 5.98 36.53 -39.95
CA PHE D 687 5.19 37.53 -39.23
C PHE D 687 5.98 38.79 -38.86
N LYS D 688 7.31 38.71 -39.02
CA LYS D 688 8.21 39.83 -38.71
C LYS D 688 7.80 41.18 -39.32
N PRO D 689 7.53 41.23 -40.65
CA PRO D 689 7.13 42.51 -41.22
C PRO D 689 5.73 42.94 -40.76
N LEU D 690 4.83 41.98 -40.60
CA LEU D 690 3.47 42.24 -40.12
C LEU D 690 3.49 42.84 -38.71
N ALA D 691 4.22 42.19 -37.81
CA ALA D 691 4.37 42.65 -36.43
C ALA D 691 4.99 44.04 -36.36
N LYS D 692 5.95 44.29 -37.25
CA LYS D 692 6.59 45.59 -37.36
C LYS D 692 5.61 46.63 -37.91
N ALA D 693 4.73 46.20 -38.80
CA ALA D 693 3.75 47.08 -39.42
C ALA D 693 2.68 47.51 -38.42
N LEU D 694 2.02 46.54 -37.80
CA LEU D 694 0.93 46.79 -36.85
C LEU D 694 1.35 47.73 -35.71
N ALA D 695 2.52 47.45 -35.13
CA ALA D 695 3.05 48.25 -34.02
C ALA D 695 3.36 49.69 -34.39
N GLU D 696 3.73 49.89 -35.66
CA GLU D 696 4.17 51.19 -36.14
C GLU D 696 3.04 52.21 -36.28
N GLN D 697 1.89 51.76 -36.77
CA GLN D 697 0.72 52.64 -36.89
C GLN D 697 -0.34 52.35 -35.81
N GLU D 698 0.14 51.98 -34.63
CA GLU D 698 -0.74 51.63 -33.51
C GLU D 698 -1.74 52.75 -33.19
N GLU D 699 -1.22 53.91 -32.78
CA GLU D 699 -2.08 55.05 -32.42
C GLU D 699 -2.64 55.79 -33.64
N ALA D 700 -2.63 55.11 -34.78
CA ALA D 700 -3.34 55.54 -35.97
C ALA D 700 -4.58 54.65 -36.17
N ILE D 701 -4.37 53.33 -36.06
CA ILE D 701 -5.46 52.35 -36.13
C ILE D 701 -6.43 52.54 -34.96
N VAL D 702 -5.87 52.63 -33.75
CA VAL D 702 -6.65 52.91 -32.52
C VAL D 702 -7.40 54.24 -32.63
N SER D 703 -6.76 55.23 -33.26
CA SER D 703 -7.36 56.54 -33.47
C SER D 703 -8.58 56.45 -34.40
N GLU D 704 -8.50 55.57 -35.40
CA GLU D 704 -9.61 55.33 -36.33
C GLU D 704 -10.76 54.58 -35.68
N LEU D 705 -10.43 53.50 -34.96
CA LEU D 705 -11.42 52.63 -34.32
C LEU D 705 -12.21 53.33 -33.20
N ASN D 706 -11.66 54.39 -32.65
CA ASN D 706 -12.30 55.16 -31.58
C ASN D 706 -13.07 56.39 -32.06
N SER D 707 -12.58 57.00 -33.12
CA SER D 707 -13.20 58.20 -33.70
C SER D 707 -14.55 57.90 -34.34
N VAL D 708 -14.68 56.71 -34.92
CA VAL D 708 -15.88 56.30 -35.64
C VAL D 708 -17.04 55.94 -34.70
N GLN D 709 -16.72 55.82 -33.41
CA GLN D 709 -17.72 55.53 -32.37
C GLN D 709 -18.62 56.74 -32.08
N GLY D 710 -19.67 56.51 -31.31
CA GLY D 710 -20.56 57.60 -30.87
C GLY D 710 -21.62 58.02 -31.86
N LYS D 711 -22.07 57.10 -32.71
CA LYS D 711 -23.13 57.37 -33.69
C LYS D 711 -23.91 56.11 -34.07
N THR D 712 -25.12 56.31 -34.60
CA THR D 712 -25.96 55.22 -35.10
C THR D 712 -25.32 54.59 -36.34
N VAL D 713 -25.45 53.27 -36.45
CA VAL D 713 -24.80 52.48 -37.50
C VAL D 713 -25.77 51.51 -38.20
N ASP D 714 -25.44 51.12 -39.43
CA ASP D 714 -26.32 50.28 -40.26
C ASP D 714 -25.71 48.91 -40.58
N ILE D 715 -26.25 47.86 -39.96
CA ILE D 715 -25.83 46.48 -40.21
C ILE D 715 -26.81 45.68 -41.06
N GLY D 716 -27.97 46.28 -41.35
CA GLY D 716 -28.97 45.71 -42.26
C GLY D 716 -29.76 44.55 -41.69
N GLY D 717 -30.21 44.70 -40.45
CA GLY D 717 -31.02 43.67 -39.79
C GLY D 717 -30.66 43.43 -38.34
N TYR D 718 -31.18 42.33 -37.79
CA TYR D 718 -30.88 41.94 -36.41
C TYR D 718 -30.60 40.43 -36.34
N TYR D 719 -31.59 39.63 -36.72
CA TYR D 719 -31.46 38.18 -36.68
C TYR D 719 -30.76 37.63 -37.91
N TYR D 720 -30.85 38.36 -39.02
CA TYR D 720 -30.07 38.08 -40.22
C TYR D 720 -29.47 39.39 -40.74
N PRO D 721 -28.32 39.81 -40.16
CA PRO D 721 -27.67 41.05 -40.62
C PRO D 721 -26.98 40.86 -41.97
N ASP D 722 -26.93 41.94 -42.75
CA ASP D 722 -26.34 41.90 -44.09
C ASP D 722 -24.81 41.79 -44.02
N PRO D 723 -24.25 40.69 -44.54
CA PRO D 723 -22.81 40.42 -44.53
C PRO D 723 -21.94 41.57 -45.05
N GLU D 724 -22.42 42.29 -46.06
CA GLU D 724 -21.70 43.43 -46.63
C GLU D 724 -21.73 44.66 -45.73
N LYS D 725 -22.90 44.99 -45.19
CA LYS D 725 -23.04 46.13 -44.28
C LYS D 725 -22.38 45.90 -42.93
N THR D 726 -22.58 44.71 -42.37
CA THR D 726 -22.01 44.33 -41.07
C THR D 726 -20.48 44.39 -41.11
N SER D 727 -19.89 43.87 -42.18
CA SER D 727 -18.44 43.85 -42.35
C SER D 727 -17.82 45.25 -42.45
N GLU D 728 -18.56 46.20 -43.02
CA GLU D 728 -18.13 47.60 -43.09
C GLU D 728 -18.04 48.20 -41.69
N VAL D 729 -19.08 47.95 -40.89
CA VAL D 729 -19.18 48.44 -39.52
C VAL D 729 -18.12 47.79 -38.63
N MET D 730 -17.99 46.47 -38.72
CA MET D 730 -17.11 45.72 -37.84
C MET D 730 -15.63 45.80 -38.21
N ARG D 731 -15.35 46.23 -39.44
CA ARG D 731 -13.97 46.45 -39.87
C ARG D 731 -13.79 47.88 -40.38
N PRO D 732 -14.04 48.89 -39.50
CA PRO D 732 -14.08 50.27 -39.98
C PRO D 732 -12.70 50.93 -40.13
N SER D 733 -11.64 50.21 -39.80
CA SER D 733 -10.28 50.75 -39.94
C SER D 733 -9.60 50.22 -41.20
N LYS D 734 -9.49 51.08 -42.20
CA LYS D 734 -8.92 50.71 -43.49
C LYS D 734 -7.40 50.56 -43.43
N THR D 735 -6.77 51.33 -42.55
CA THR D 735 -5.33 51.17 -42.26
C THR D 735 -5.08 49.75 -41.77
N PHE D 736 -5.89 49.31 -40.81
CA PHE D 736 -5.79 47.97 -40.24
C PHE D 736 -6.06 46.89 -41.29
N ASN D 737 -7.14 47.05 -42.04
CA ASN D 737 -7.57 46.06 -43.04
C ASN D 737 -6.57 45.83 -44.17
N THR D 738 -6.02 46.93 -44.70
CA THR D 738 -5.04 46.86 -45.79
C THR D 738 -3.72 46.21 -45.36
N THR D 739 -3.45 46.24 -44.06
CA THR D 739 -2.21 45.68 -43.51
C THR D 739 -2.14 44.15 -43.64
N LEU D 740 -3.29 43.52 -43.86
CA LEU D 740 -3.35 42.08 -44.11
C LEU D 740 -3.65 41.80 -45.58
N PRO E 6 48.36 -18.36 10.45
CA PRO E 6 47.64 -19.33 9.62
C PRO E 6 47.40 -20.64 10.39
N THR E 7 46.63 -20.55 11.48
CA THR E 7 46.52 -21.65 12.44
C THR E 7 45.08 -22.07 12.79
N ILE E 8 44.83 -23.39 12.72
CA ILE E 8 43.56 -23.99 13.17
C ILE E 8 43.73 -24.59 14.57
N ILE E 9 42.75 -24.35 15.44
CA ILE E 9 42.77 -24.97 16.77
C ILE E 9 41.82 -26.17 16.84
N TYR E 10 42.42 -27.36 16.97
CA TYR E 10 41.68 -28.62 17.04
C TYR E 10 41.58 -29.07 18.50
N THR E 11 40.37 -29.02 19.06
CA THR E 11 40.16 -29.30 20.48
C THR E 11 40.31 -30.79 20.84
N LEU E 12 41.16 -31.06 21.82
CA LEU E 12 41.28 -32.41 22.40
C LEU E 12 40.25 -32.54 23.51
N THR E 13 39.37 -33.54 23.37
CA THR E 13 38.25 -33.71 24.31
C THR E 13 38.26 -35.05 25.04
N ASP E 14 37.10 -35.70 25.05
CA ASP E 14 36.85 -36.87 25.88
C ASP E 14 36.41 -38.08 25.06
N GLU E 15 36.72 -39.27 25.57
CA GLU E 15 36.14 -40.51 25.09
C GLU E 15 36.29 -40.74 23.58
N ALA E 16 35.21 -41.14 22.90
CA ALA E 16 35.27 -41.58 21.51
C ALA E 16 35.84 -40.56 20.50
N PRO E 17 35.36 -39.30 20.53
CA PRO E 17 35.97 -38.32 19.61
C PRO E 17 37.46 -38.10 19.84
N LEU E 18 37.89 -38.19 21.10
CA LEU E 18 39.31 -38.08 21.44
C LEU E 18 40.13 -39.21 20.80
N LEU E 19 39.65 -40.44 20.95
CA LEU E 19 40.29 -41.60 20.33
C LEU E 19 40.37 -41.42 18.81
N ALA E 20 39.26 -41.00 18.21
CA ALA E 20 39.21 -40.68 16.79
C ALA E 20 40.25 -39.64 16.40
N THR E 21 40.41 -38.63 17.26
CA THR E 21 41.37 -37.54 17.03
C THR E 21 42.81 -38.06 16.95
N TYR E 22 43.19 -38.92 17.89
CA TYR E 22 44.53 -39.53 17.93
C TYR E 22 44.95 -40.14 16.59
N ALA E 23 44.00 -40.77 15.90
CA ALA E 23 44.26 -41.41 14.61
C ALA E 23 44.18 -40.42 13.45
N PHE E 24 43.56 -39.26 13.69
CA PHE E 24 43.24 -38.30 12.64
C PHE E 24 44.17 -37.08 12.58
N LEU E 25 44.60 -36.58 13.74
CA LEU E 25 45.50 -35.42 13.80
C LEU E 25 46.78 -35.54 12.96
N PRO E 26 47.43 -36.73 12.95
CA PRO E 26 48.54 -36.92 12.02
C PRO E 26 48.20 -36.59 10.57
N VAL E 27 47.02 -37.00 10.09
CA VAL E 27 46.67 -36.81 8.68
C VAL E 27 46.16 -35.39 8.37
N VAL E 28 45.47 -34.76 9.33
CA VAL E 28 44.99 -33.38 9.14
C VAL E 28 46.17 -32.40 9.11
N ARG E 29 47.21 -32.69 9.89
CA ARG E 29 48.44 -31.89 9.88
C ARG E 29 49.21 -31.99 8.57
N LYS E 30 49.35 -33.21 8.06
CA LYS E 30 50.06 -33.45 6.80
C LYS E 30 49.37 -32.80 5.60
N PHE E 31 48.05 -32.82 5.57
CA PHE E 31 47.28 -32.22 4.49
C PHE E 31 47.25 -30.69 4.58
N ALA E 32 47.07 -30.16 5.78
CA ALA E 32 46.99 -28.72 6.00
C ALA E 32 48.31 -27.99 5.77
N GLU E 33 49.42 -28.62 6.18
CA GLU E 33 50.75 -28.00 6.04
C GLU E 33 51.18 -27.82 4.58
N ALA E 34 50.57 -28.57 3.68
CA ALA E 34 50.77 -28.42 2.24
C ALA E 34 50.18 -27.11 1.71
N ALA E 35 49.47 -26.39 2.58
CA ALA E 35 48.90 -25.09 2.24
C ALA E 35 49.32 -24.02 3.25
N GLY E 36 50.46 -24.27 3.92
CA GLY E 36 51.00 -23.34 4.91
C GLY E 36 50.11 -23.15 6.13
N ILE E 37 49.44 -24.23 6.54
CA ILE E 37 48.52 -24.19 7.68
C ILE E 37 49.03 -25.06 8.82
N ASP E 38 49.16 -24.45 9.99
CA ASP E 38 49.64 -25.12 11.19
C ASP E 38 48.47 -25.48 12.11
N VAL E 39 48.35 -26.76 12.45
CA VAL E 39 47.24 -27.23 13.30
C VAL E 39 47.69 -27.41 14.75
N LYS E 40 47.31 -26.44 15.58
CA LYS E 40 47.65 -26.44 16.99
C LYS E 40 46.49 -27.01 17.79
N THR E 41 46.79 -27.77 18.86
CA THR E 41 45.75 -28.41 19.66
C THR E 41 45.43 -27.65 20.94
N SER E 42 44.27 -27.93 21.52
CA SER E 42 43.86 -27.36 22.80
C SER E 42 43.06 -28.39 23.60
N ASP E 43 43.61 -28.82 24.74
CA ASP E 43 43.01 -29.87 25.56
C ASP E 43 41.98 -29.29 26.54
N ILE E 44 40.70 -29.49 26.23
CA ILE E 44 39.60 -29.04 27.11
C ILE E 44 38.83 -30.19 27.74
N SER E 45 39.46 -31.37 27.76
CA SER E 45 38.89 -32.56 28.39
C SER E 45 38.55 -32.28 29.85
N VAL E 46 37.58 -33.03 30.38
CA VAL E 46 37.19 -32.89 31.79
C VAL E 46 38.41 -33.00 32.71
N ALA E 47 39.31 -33.93 32.37
CA ALA E 47 40.55 -34.12 33.11
C ALA E 47 41.42 -32.86 33.06
N ALA E 48 41.66 -32.33 31.87
CA ALA E 48 42.46 -31.12 31.68
C ALA E 48 41.86 -29.89 32.34
N ARG E 49 40.54 -29.80 32.37
CA ARG E 49 39.85 -28.68 33.01
C ARG E 49 39.96 -28.73 34.53
N ILE E 50 40.00 -29.94 35.09
CA ILE E 50 40.20 -30.15 36.53
C ILE E 50 41.61 -29.71 36.94
N LEU E 51 42.62 -30.17 36.19
CA LEU E 51 44.01 -29.83 36.46
C LEU E 51 44.30 -28.34 36.32
N ALA E 52 43.64 -27.69 35.37
CA ALA E 52 43.78 -26.25 35.15
C ALA E 52 43.18 -25.43 36.30
N GLU E 53 42.24 -26.02 37.03
CA GLU E 53 41.54 -25.34 38.11
C GLU E 53 42.20 -25.57 39.47
N PHE E 54 42.80 -26.74 39.65
CA PHE E 54 43.40 -27.12 40.93
C PHE E 54 44.91 -27.33 40.84
N GLY E 55 45.62 -26.33 40.32
CA GLY E 55 47.07 -26.34 40.26
C GLY E 55 47.72 -25.98 41.57
N ASP E 56 46.90 -25.85 42.62
CA ASP E 56 47.34 -25.50 43.96
C ASP E 56 48.30 -26.53 44.56
N HIS E 57 48.13 -27.79 44.15
CA HIS E 57 48.86 -28.89 44.76
C HIS E 57 49.60 -29.71 43.72
N LEU E 58 49.73 -29.15 42.52
CA LEU E 58 50.41 -29.82 41.42
C LEU E 58 51.81 -29.24 41.19
N THR E 59 52.72 -30.08 40.69
CA THR E 59 54.05 -29.64 40.31
C THR E 59 53.95 -28.78 39.05
N GLU E 60 55.05 -28.13 38.67
CA GLU E 60 55.08 -27.27 37.49
C GLU E 60 54.91 -28.05 36.18
N GLU E 61 55.44 -29.27 36.16
CA GLU E 61 55.34 -30.15 34.99
C GLU E 61 53.93 -30.73 34.81
N GLN E 62 53.21 -30.88 35.92
CA GLN E 62 51.84 -31.39 35.92
C GLN E 62 50.82 -30.32 35.49
N ARG E 63 51.11 -29.07 35.83
CA ARG E 63 50.19 -27.94 35.60
C ARG E 63 49.80 -27.71 34.15
N VAL E 64 48.55 -27.30 33.97
CA VAL E 64 47.95 -27.10 32.65
C VAL E 64 47.40 -25.67 32.58
N PRO E 65 47.51 -25.01 31.41
CA PRO E 65 46.94 -23.67 31.28
C PRO E 65 45.40 -23.68 31.30
N ASP E 66 44.80 -22.52 31.53
CA ASP E 66 43.35 -22.35 31.40
C ASP E 66 43.02 -22.43 29.90
N ASN E 67 42.89 -23.65 29.41
CA ASN E 67 42.68 -23.89 27.97
C ASN E 67 41.35 -23.37 27.46
N LEU E 68 40.31 -23.51 28.27
CA LEU E 68 38.98 -23.01 27.93
C LEU E 68 39.02 -21.48 27.82
N GLY E 69 39.48 -20.82 28.88
CA GLY E 69 39.63 -19.36 28.92
C GLY E 69 40.48 -18.83 27.78
N GLU E 70 41.53 -19.57 27.44
CA GLU E 70 42.41 -19.26 26.32
C GLU E 70 41.62 -19.26 25.00
N LEU E 71 40.75 -20.25 24.84
CA LEU E 71 39.88 -20.35 23.66
C LEU E 71 38.78 -19.30 23.68
N GLY E 72 38.20 -19.06 24.86
CA GLY E 72 37.21 -18.01 25.06
C GLY E 72 37.75 -16.64 24.69
N ALA E 73 39.04 -16.43 24.93
CA ALA E 73 39.71 -15.19 24.57
C ALA E 73 39.98 -15.12 23.06
N LEU E 74 40.35 -16.24 22.46
CA LEU E 74 40.68 -16.30 21.04
C LEU E 74 39.49 -15.99 20.14
N THR E 75 38.27 -16.14 20.67
CA THR E 75 37.05 -15.84 19.92
C THR E 75 36.94 -14.35 19.53
N GLN E 76 37.51 -13.48 20.37
CA GLN E 76 37.56 -12.03 20.11
C GLN E 76 38.54 -11.67 18.99
N ASP E 77 39.40 -12.63 18.63
CA ASP E 77 40.34 -12.47 17.53
C ASP E 77 39.63 -12.81 16.20
N PRO E 78 39.58 -11.83 15.27
CA PRO E 78 38.92 -11.97 13.97
C PRO E 78 39.46 -13.09 13.07
N SER E 79 40.59 -13.70 13.44
CA SER E 79 41.19 -14.76 12.63
C SER E 79 41.02 -16.16 13.22
N ALA E 80 40.37 -16.23 14.37
CA ALA E 80 40.15 -17.49 15.09
C ALA E 80 39.51 -18.57 14.23
N ASN E 81 40.03 -19.79 14.37
CA ASN E 81 39.53 -20.93 13.62
C ASN E 81 39.56 -22.19 14.50
N ILE E 82 38.51 -22.36 15.31
CA ILE E 82 38.43 -23.45 16.28
C ILE E 82 37.52 -24.58 15.76
N ILE E 83 38.05 -25.80 15.75
CA ILE E 83 37.25 -26.98 15.45
C ILE E 83 36.94 -27.71 16.77
N LYS E 84 35.74 -27.46 17.30
CA LYS E 84 35.32 -28.08 18.54
C LYS E 84 34.65 -29.43 18.31
N LEU E 85 35.06 -30.44 19.08
CA LEU E 85 34.48 -31.77 19.02
C LEU E 85 33.56 -31.97 20.24
N PRO E 86 32.72 -33.03 20.21
CA PRO E 86 31.87 -33.24 21.37
C PRO E 86 32.71 -33.57 22.61
N ASN E 87 32.39 -32.93 23.72
CA ASN E 87 33.08 -33.17 24.97
C ASN E 87 32.08 -33.55 26.05
N ILE E 88 32.57 -34.18 27.12
CA ILE E 88 31.73 -34.52 28.26
C ILE E 88 31.24 -33.27 28.99
N SER E 89 29.94 -33.21 29.25
CA SER E 89 29.39 -32.26 30.22
C SER E 89 29.21 -33.03 31.52
N ALA E 90 30.27 -33.02 32.33
CA ALA E 90 30.39 -33.89 33.49
C ALA E 90 29.19 -33.89 34.43
N SER E 91 28.75 -35.10 34.78
CA SER E 91 27.84 -35.32 35.90
C SER E 91 28.68 -35.47 37.17
N VAL E 92 28.02 -35.49 38.32
CA VAL E 92 28.71 -35.71 39.59
C VAL E 92 29.49 -37.04 39.59
N PRO E 93 28.85 -38.17 39.22
CA PRO E 93 29.56 -39.45 39.15
C PRO E 93 30.71 -39.46 38.13
N GLN E 94 30.54 -38.72 37.02
CA GLN E 94 31.61 -38.57 36.03
C GLN E 94 32.80 -37.82 36.63
N LEU E 95 32.51 -36.78 37.40
CA LEU E 95 33.55 -35.99 38.05
C LEU E 95 34.35 -36.83 39.03
N LEU E 96 33.65 -37.55 39.92
CA LEU E 96 34.29 -38.39 40.93
C LEU E 96 35.24 -39.42 40.31
N ALA E 97 34.81 -40.04 39.22
CA ALA E 97 35.62 -41.03 38.52
C ALA E 97 36.86 -40.39 37.89
N ALA E 98 36.71 -39.14 37.46
CA ALA E 98 37.81 -38.39 36.85
C ALA E 98 38.83 -37.93 37.89
N ILE E 99 38.33 -37.40 39.00
CA ILE E 99 39.17 -37.03 40.14
C ILE E 99 39.98 -38.25 40.59
N LYS E 100 39.28 -39.36 40.78
CA LYS E 100 39.88 -40.62 41.26
C LYS E 100 40.99 -41.11 40.33
N GLU E 101 40.76 -41.02 39.02
CA GLU E 101 41.75 -41.43 38.03
C GLU E 101 43.01 -40.58 38.14
N LEU E 102 42.80 -39.26 38.19
CA LEU E 102 43.89 -38.30 38.32
C LEU E 102 44.70 -38.54 39.60
N GLN E 103 43.99 -38.66 40.73
CA GLN E 103 44.61 -38.96 42.02
C GLN E 103 45.48 -40.19 41.93
N GLY E 104 44.91 -41.28 41.43
CA GLY E 104 45.63 -42.54 41.24
C GLY E 104 46.80 -42.45 40.28
N LYS E 105 46.81 -41.40 39.46
CA LYS E 105 47.91 -41.17 38.52
C LYS E 105 48.92 -40.16 39.06
N GLY E 106 48.83 -39.90 40.37
CA GLY E 106 49.80 -39.05 41.06
C GLY E 106 49.58 -37.56 40.92
N TYR E 107 48.38 -37.18 40.48
CA TYR E 107 47.98 -35.78 40.43
C TYR E 107 47.19 -35.49 41.72
N ASN E 108 47.83 -34.82 42.66
CA ASN E 108 47.19 -34.50 43.93
C ASN E 108 46.12 -33.42 43.77
N VAL E 109 44.88 -33.85 43.55
CA VAL E 109 43.72 -32.96 43.47
C VAL E 109 42.72 -33.29 44.57
N PRO E 110 42.03 -32.28 45.11
CA PRO E 110 41.15 -32.55 46.26
C PRO E 110 39.91 -33.35 45.90
N ASP E 111 39.40 -34.11 46.87
CA ASP E 111 38.14 -34.84 46.72
C ASP E 111 36.98 -33.86 46.61
N TYR E 112 36.00 -34.21 45.77
CA TYR E 112 34.76 -33.44 45.71
C TYR E 112 33.93 -33.74 46.95
N PRO E 113 33.66 -32.72 47.78
CA PRO E 113 32.83 -32.87 48.95
C PRO E 113 31.36 -32.58 48.65
N ALA E 114 30.57 -33.64 48.49
CA ALA E 114 29.14 -33.49 48.21
C ALA E 114 28.45 -32.69 49.31
N ASN E 115 28.70 -33.08 50.56
CA ASN E 115 28.24 -32.34 51.71
C ASN E 115 29.44 -31.75 52.46
N PRO E 116 29.74 -30.45 52.22
CA PRO E 116 30.90 -29.79 52.80
C PRO E 116 30.72 -29.54 54.30
N LYS E 117 31.63 -30.10 55.09
CA LYS E 117 31.59 -30.00 56.55
C LYS E 117 32.24 -28.69 57.02
N THR E 118 33.44 -28.43 56.53
CA THR E 118 34.19 -27.22 56.88
C THR E 118 33.93 -26.10 55.88
N ASP E 119 34.14 -24.86 56.34
CA ASP E 119 34.05 -23.68 55.48
C ASP E 119 35.12 -23.73 54.37
N ASP E 120 36.19 -24.46 54.65
CA ASP E 120 37.27 -24.69 53.71
C ASP E 120 36.79 -25.58 52.55
N GLU E 121 35.96 -26.57 52.88
CA GLU E 121 35.42 -27.50 51.88
C GLU E 121 34.41 -26.84 50.94
N LYS E 122 33.66 -25.87 51.44
CA LYS E 122 32.71 -25.10 50.63
C LYS E 122 33.41 -24.35 49.51
N LYS E 123 34.64 -23.93 49.77
CA LYS E 123 35.45 -23.20 48.80
C LYS E 123 35.80 -24.07 47.60
N ILE E 124 36.17 -25.33 47.87
CA ILE E 124 36.67 -26.24 46.83
C ILE E 124 35.56 -26.96 46.06
N LYS E 125 34.38 -27.07 46.67
CA LYS E 125 33.19 -27.54 45.97
C LYS E 125 32.73 -26.51 44.94
N ASP E 126 32.71 -25.24 45.36
CA ASP E 126 32.36 -24.12 44.50
C ASP E 126 33.29 -24.00 43.29
N ARG E 127 34.53 -24.44 43.46
CA ARG E 127 35.50 -24.45 42.37
C ARG E 127 35.24 -25.60 41.39
N TYR E 128 34.69 -26.71 41.90
CA TYR E 128 34.29 -27.82 41.05
C TYR E 128 33.02 -27.52 40.25
N ALA E 129 32.21 -26.58 40.75
CA ALA E 129 31.01 -26.11 40.05
C ALA E 129 31.32 -25.53 38.67
N LYS E 130 32.54 -25.04 38.49
CA LYS E 130 33.00 -24.52 37.20
C LYS E 130 33.38 -25.62 36.21
N ILE E 131 33.54 -26.84 36.71
CA ILE E 131 33.85 -28.01 35.87
C ILE E 131 32.59 -28.80 35.58
N LEU E 132 31.66 -28.80 36.54
CA LEU E 132 30.41 -29.53 36.46
C LEU E 132 29.51 -29.03 35.35
N GLY E 133 28.81 -29.96 34.70
CA GLY E 133 27.78 -29.63 33.71
C GLY E 133 28.32 -28.99 32.45
N SER E 134 27.47 -28.18 31.81
CA SER E 134 27.80 -27.56 30.54
C SER E 134 28.70 -26.33 30.72
N ALA E 135 30.00 -26.56 30.63
CA ALA E 135 30.99 -25.51 30.89
C ALA E 135 31.56 -24.91 29.60
N VAL E 136 31.82 -25.78 28.62
CA VAL E 136 32.53 -25.40 27.40
C VAL E 136 31.71 -24.47 26.48
N ASN E 137 30.48 -24.87 26.18
CA ASN E 137 29.63 -24.13 25.24
C ASN E 137 29.35 -22.66 25.58
N PRO E 138 28.96 -22.35 26.85
CA PRO E 138 28.73 -20.94 27.18
C PRO E 138 29.96 -20.05 26.92
N VAL E 139 31.15 -20.63 27.00
CA VAL E 139 32.41 -19.91 26.81
C VAL E 139 32.77 -19.78 25.32
N LEU E 140 32.54 -20.84 24.55
CA LEU E 140 32.95 -20.87 23.14
C LEU E 140 31.95 -20.26 22.16
N ARG E 141 30.66 -20.32 22.49
CA ARG E 141 29.61 -19.83 21.60
C ARG E 141 29.52 -18.31 21.57
N GLU E 142 30.33 -17.70 20.70
CA GLU E 142 30.40 -16.26 20.53
C GLU E 142 29.90 -15.80 19.15
N GLY E 143 29.35 -16.74 18.39
CA GLY E 143 28.60 -16.43 17.18
C GLY E 143 27.23 -17.10 17.25
N ASN E 144 26.51 -17.12 16.14
CA ASN E 144 25.23 -17.81 16.08
C ASN E 144 25.31 -19.14 15.34
N SER E 145 24.23 -19.91 15.32
CA SER E 145 24.24 -21.29 14.83
C SER E 145 23.75 -21.46 13.40
N ASP E 146 24.61 -22.01 12.55
CA ASP E 146 24.25 -22.43 11.21
C ASP E 146 24.37 -23.96 11.16
N ARG E 147 23.27 -24.64 11.47
CA ARG E 147 23.26 -26.10 11.54
C ARG E 147 22.38 -26.69 10.43
N ARG E 148 23.02 -27.50 9.56
CA ARG E 148 22.35 -28.04 8.38
C ARG E 148 23.05 -29.31 7.86
N ALA E 149 22.26 -30.18 7.23
CA ALA E 149 22.80 -31.38 6.60
C ALA E 149 23.19 -31.10 5.15
N PRO E 150 24.46 -31.33 4.78
CA PRO E 150 24.90 -31.11 3.40
C PRO E 150 24.28 -32.10 2.40
N LYS E 151 24.31 -31.70 1.13
CA LYS E 151 23.63 -32.39 0.02
C LYS E 151 24.01 -33.87 -0.11
N ALA E 152 25.28 -34.19 0.12
CA ALA E 152 25.78 -35.57 0.00
C ALA E 152 25.28 -36.47 1.13
N VAL E 153 25.09 -35.89 2.30
CA VAL E 153 24.55 -36.62 3.46
C VAL E 153 23.07 -36.92 3.25
N LYS E 154 22.34 -35.94 2.74
CA LYS E 154 20.92 -36.11 2.41
C LYS E 154 20.70 -37.25 1.41
N GLU E 155 21.49 -37.27 0.34
CA GLU E 155 21.41 -38.31 -0.70
C GLU E 155 21.75 -39.71 -0.16
N TYR E 156 22.60 -39.76 0.86
CA TYR E 156 22.96 -41.02 1.51
C TYR E 156 21.76 -41.59 2.29
N ALA E 157 21.02 -40.72 2.95
CA ALA E 157 19.83 -41.11 3.70
C ALA E 157 18.75 -41.67 2.79
N ARG E 158 18.69 -41.14 1.57
CA ARG E 158 17.73 -41.62 0.57
C ARG E 158 18.12 -43.00 0.03
N LYS E 159 19.42 -43.23 -0.19
CA LYS E 159 19.92 -44.52 -0.65
C LYS E 159 19.87 -45.60 0.43
N HIS E 160 20.36 -45.26 1.62
CA HIS E 160 20.33 -46.16 2.76
C HIS E 160 19.39 -45.62 3.81
N PRO E 161 18.11 -46.02 3.76
CA PRO E 161 17.12 -45.46 4.67
C PRO E 161 17.13 -46.13 6.04
N HIS E 162 17.31 -45.33 7.08
CA HIS E 162 17.26 -45.83 8.45
C HIS E 162 15.86 -46.24 8.83
N SER E 163 15.76 -47.24 9.70
CA SER E 163 14.46 -47.72 10.17
C SER E 163 13.68 -46.66 10.93
N MET E 164 12.37 -46.64 10.72
CA MET E 164 11.48 -45.68 11.36
C MET E 164 10.27 -46.43 11.90
N GLY E 165 9.83 -46.06 13.10
CA GLY E 165 8.64 -46.66 13.70
C GLY E 165 7.40 -46.14 13.00
N GLU E 166 6.45 -47.03 12.72
CA GLU E 166 5.22 -46.62 12.05
C GLU E 166 4.25 -45.94 13.03
N TRP E 167 3.57 -44.92 12.53
CA TRP E 167 2.60 -44.16 13.33
C TRP E 167 1.19 -44.64 13.09
N SER E 168 0.54 -45.06 14.17
CA SER E 168 -0.86 -45.47 14.10
C SER E 168 -1.76 -44.25 14.12
N GLN E 169 -2.86 -44.32 13.39
CA GLN E 169 -3.88 -43.28 13.45
C GLN E 169 -4.61 -43.31 14.80
N ALA E 170 -4.65 -44.50 15.40
CA ALA E 170 -5.28 -44.71 16.70
C ALA E 170 -4.30 -44.54 17.87
N SER E 171 -3.14 -43.96 17.57
CA SER E 171 -2.10 -43.70 18.57
C SER E 171 -2.58 -42.71 19.62
N ARG E 172 -2.21 -42.96 20.88
CA ARG E 172 -2.67 -42.13 21.98
C ARG E 172 -1.56 -41.28 22.60
N THR E 173 -0.35 -41.38 22.06
CA THR E 173 0.79 -40.62 22.56
C THR E 173 0.59 -39.15 22.21
N HIS E 174 0.98 -38.29 23.14
CA HIS E 174 0.73 -36.85 23.03
C HIS E 174 1.57 -36.10 24.03
N VAL E 175 1.85 -34.84 23.74
CA VAL E 175 2.55 -33.96 24.68
C VAL E 175 1.55 -33.37 25.66
N ALA E 176 1.79 -33.62 26.95
CA ALA E 176 1.04 -32.95 28.02
C ALA E 176 1.83 -31.75 28.51
N THR E 177 1.22 -30.57 28.41
CA THR E 177 1.88 -29.34 28.82
C THR E 177 0.92 -28.33 29.44
N MET E 178 1.46 -27.49 30.33
CA MET E 178 0.66 -26.58 31.16
C MET E 178 -0.04 -25.49 30.34
N LYS E 179 -1.17 -25.02 30.86
CA LYS E 179 -1.99 -24.02 30.16
C LYS E 179 -2.05 -22.68 30.91
N THR E 180 -1.84 -22.72 32.23
CA THR E 180 -1.58 -21.53 33.04
C THR E 180 -0.43 -21.80 34.00
N GLY E 181 0.05 -20.74 34.66
CA GLY E 181 0.98 -20.86 35.78
C GLY E 181 2.43 -21.20 35.43
N ASP E 182 2.68 -21.53 34.16
CA ASP E 182 4.03 -21.82 33.71
C ASP E 182 4.75 -20.53 33.31
N PHE E 183 5.98 -20.67 32.80
CA PHE E 183 6.78 -19.52 32.37
C PHE E 183 6.12 -18.73 31.25
N TYR E 184 5.52 -19.45 30.30
CA TYR E 184 4.87 -18.83 29.13
C TYR E 184 3.72 -17.90 29.51
N HIS E 185 2.84 -18.38 30.39
CA HIS E 185 1.56 -17.71 30.65
C HIS E 185 1.59 -16.63 31.71
N GLY E 186 2.76 -16.36 32.26
CA GLY E 186 2.94 -15.29 33.23
C GLY E 186 4.06 -14.33 32.85
N GLU E 187 4.59 -14.53 31.66
CA GLU E 187 5.78 -13.82 31.19
C GLU E 187 5.52 -12.36 30.87
N LYS E 188 6.41 -11.49 31.36
CA LYS E 188 6.47 -10.09 30.96
C LYS E 188 7.86 -9.82 30.38
N SER E 189 7.95 -8.89 29.44
CA SER E 189 9.21 -8.64 28.71
C SER E 189 9.30 -7.23 28.14
N MET E 190 10.53 -6.74 27.99
CA MET E 190 10.76 -5.42 27.41
C MET E 190 12.07 -5.35 26.62
N THR E 191 12.15 -4.36 25.72
CA THR E 191 13.39 -4.02 25.04
C THR E 191 13.97 -2.79 25.74
N LEU E 192 15.24 -2.86 26.14
CA LEU E 192 15.88 -1.81 26.93
C LEU E 192 16.13 -0.52 26.18
N ASP E 193 15.85 0.59 26.86
CA ASP E 193 15.97 1.93 26.31
C ASP E 193 17.44 2.36 26.25
N ARG E 194 18.17 2.07 27.32
CA ARG E 194 19.56 2.51 27.47
C ARG E 194 20.33 1.60 28.44
N ASP E 195 21.60 1.94 28.67
CA ASP E 195 22.42 1.22 29.64
C ASP E 195 21.89 1.44 31.06
N ARG E 196 21.40 0.36 31.66
CA ARG E 196 20.99 0.38 33.06
C ARG E 196 21.72 -0.74 33.79
N ARG E 197 21.80 -0.61 35.11
CA ARG E 197 22.28 -1.70 35.97
C ARG E 197 21.22 -1.99 37.01
N VAL E 198 20.82 -3.27 37.10
CA VAL E 198 19.64 -3.65 37.86
C VAL E 198 19.90 -4.74 38.92
N LYS E 199 18.95 -4.86 39.84
CA LYS E 199 18.97 -5.87 40.91
C LYS E 199 17.67 -6.67 40.91
N MET E 200 17.73 -7.92 41.35
CA MET E 200 16.54 -8.76 41.50
C MET E 200 16.16 -8.91 42.97
N VAL E 201 15.07 -8.25 43.35
CA VAL E 201 14.66 -8.19 44.75
C VAL E 201 13.26 -8.74 44.97
N LEU E 202 12.97 -9.14 46.21
CA LEU E 202 11.67 -9.68 46.57
C LEU E 202 11.11 -8.92 47.77
N LYS E 203 10.10 -8.08 47.52
CA LYS E 203 9.43 -7.33 48.58
C LYS E 203 8.42 -8.24 49.30
N THR E 204 8.83 -8.76 50.45
CA THR E 204 8.02 -9.74 51.19
C THR E 204 6.77 -9.11 51.85
N LYS E 205 5.91 -9.98 52.38
CA LYS E 205 4.69 -9.56 53.07
C LYS E 205 5.00 -8.72 54.31
N SER E 206 6.00 -9.15 55.09
CA SER E 206 6.38 -8.51 56.35
C SER E 206 6.84 -7.06 56.18
N GLY E 207 7.52 -6.80 55.07
CA GLY E 207 8.10 -5.49 54.79
C GLY E 207 9.55 -5.61 54.37
N GLU E 208 10.19 -6.70 54.78
CA GLU E 208 11.60 -6.97 54.47
C GLU E 208 11.82 -7.14 52.97
N GLU E 209 12.99 -6.69 52.50
CA GLU E 209 13.34 -6.76 51.08
C GLU E 209 14.59 -7.61 50.88
N ILE E 210 14.40 -8.84 50.42
CA ILE E 210 15.50 -9.77 50.13
C ILE E 210 16.10 -9.49 48.76
N VAL E 211 17.40 -9.22 48.72
CA VAL E 211 18.14 -9.10 47.47
C VAL E 211 18.57 -10.50 47.03
N LEU E 212 18.16 -10.90 45.84
CA LEU E 212 18.47 -12.23 45.31
C LEU E 212 19.61 -12.18 44.31
N LYS E 213 19.66 -11.09 43.54
CA LYS E 213 20.80 -10.80 42.68
C LYS E 213 21.29 -9.38 42.98
N PRO E 214 22.59 -9.24 43.33
CA PRO E 214 23.14 -7.94 43.72
C PRO E 214 23.19 -6.92 42.58
N GLU E 215 23.73 -7.32 41.44
CA GLU E 215 23.94 -6.41 40.32
C GLU E 215 24.10 -7.18 39.01
N VAL E 216 23.36 -6.75 37.99
CA VAL E 216 23.52 -7.29 36.64
C VAL E 216 23.57 -6.16 35.61
N LYS E 217 24.69 -6.11 34.88
CA LYS E 217 24.96 -5.06 33.91
C LYS E 217 24.17 -5.29 32.62
N LEU E 218 23.31 -4.33 32.29
CA LEU E 218 22.48 -4.40 31.08
C LEU E 218 22.83 -3.29 30.08
N ASP E 219 23.09 -3.68 28.84
CA ASP E 219 23.37 -2.72 27.77
C ASP E 219 22.07 -2.25 27.09
N ALA E 220 22.15 -1.14 26.34
CA ALA E 220 21.02 -0.65 25.56
C ALA E 220 20.70 -1.60 24.42
N GLY E 221 19.41 -1.80 24.15
CA GLY E 221 18.97 -2.70 23.08
C GLY E 221 18.82 -4.15 23.51
N ASP E 222 19.08 -4.43 24.79
CA ASP E 222 18.93 -5.77 25.34
C ASP E 222 17.46 -6.11 25.54
N ILE E 223 17.13 -7.38 25.35
CA ILE E 223 15.79 -7.89 25.68
C ILE E 223 15.88 -8.70 26.96
N ILE E 224 15.08 -8.30 27.96
CA ILE E 224 14.97 -9.02 29.22
C ILE E 224 13.52 -9.44 29.45
N ASP E 225 13.34 -10.49 30.25
CA ASP E 225 12.01 -10.98 30.62
C ASP E 225 11.95 -11.24 32.12
N SER E 226 10.75 -11.10 32.69
CA SER E 226 10.47 -11.59 34.04
C SER E 226 9.54 -12.82 33.95
N MET E 227 10.14 -14.00 33.97
CA MET E 227 9.42 -15.27 33.84
C MET E 227 9.32 -15.98 35.17
N TYR E 228 8.14 -16.50 35.49
CA TYR E 228 8.00 -17.36 36.67
C TYR E 228 7.07 -18.54 36.47
N MET E 229 7.42 -19.66 37.10
CA MET E 229 6.56 -20.84 37.13
C MET E 229 6.00 -21.06 38.53
N SER E 230 4.68 -21.00 38.64
CA SER E 230 3.98 -21.24 39.89
C SER E 230 4.14 -22.69 40.35
N LYS E 231 4.44 -22.87 41.63
CA LYS E 231 4.54 -24.20 42.25
C LYS E 231 3.15 -24.84 42.31
N LYS E 232 2.17 -24.07 42.75
CA LYS E 232 0.80 -24.55 42.92
C LYS E 232 0.18 -25.01 41.59
N ALA E 233 0.48 -24.28 40.52
CA ALA E 233 0.02 -24.65 39.18
C ALA E 233 0.74 -25.89 38.67
N LEU E 234 2.02 -26.02 39.02
CA LEU E 234 2.83 -27.17 38.63
C LEU E 234 2.39 -28.45 39.33
N ILE E 235 2.06 -28.36 40.62
CA ILE E 235 1.61 -29.55 41.35
C ILE E 235 0.21 -29.99 40.88
N ALA E 236 -0.65 -29.01 40.61
CA ALA E 236 -2.00 -29.27 40.12
C ALA E 236 -1.92 -29.98 38.76
N PHE E 237 -1.09 -29.41 37.89
CA PHE E 237 -0.81 -29.99 36.58
C PHE E 237 -0.33 -31.43 36.70
N TYR E 238 0.67 -31.66 37.54
CA TYR E 238 1.22 -32.99 37.77
C TYR E 238 0.19 -34.00 38.28
N GLU E 239 -0.66 -33.58 39.22
CA GLU E 239 -1.67 -34.48 39.76
C GLU E 239 -2.74 -34.82 38.72
N GLU E 240 -3.16 -33.81 37.97
CA GLU E 240 -4.14 -33.98 36.90
C GLU E 240 -3.64 -34.95 35.84
N GLN E 241 -2.42 -34.71 35.34
CA GLN E 241 -1.85 -35.52 34.27
C GLN E 241 -1.54 -36.96 34.69
N ILE E 242 -1.12 -37.15 35.93
CA ILE E 242 -0.84 -38.49 36.46
C ILE E 242 -2.13 -39.30 36.56
N GLU E 243 -3.19 -38.66 37.05
CA GLU E 243 -4.51 -39.28 37.14
C GLU E 243 -5.08 -39.56 35.75
N ASP E 244 -4.90 -38.62 34.82
CA ASP E 244 -5.35 -38.79 33.44
C ASP E 244 -4.66 -39.97 32.76
N ALA E 245 -3.35 -40.09 32.96
CA ALA E 245 -2.59 -41.19 32.40
C ALA E 245 -3.07 -42.52 32.97
N TYR E 246 -3.42 -42.51 34.26
CA TYR E 246 -3.91 -43.69 34.96
C TYR E 246 -5.26 -44.16 34.43
N LYS E 247 -6.25 -43.27 34.45
CA LYS E 247 -7.60 -43.57 33.95
C LYS E 247 -7.59 -44.05 32.50
N THR E 248 -6.90 -43.32 31.64
CA THR E 248 -6.79 -43.68 30.22
C THR E 248 -5.90 -44.90 30.00
N GLY E 249 -5.15 -45.28 31.03
CA GLY E 249 -4.22 -46.41 30.94
C GLY E 249 -3.05 -46.17 30.00
N VAL E 250 -2.62 -44.92 29.89
CA VAL E 250 -1.45 -44.59 29.08
C VAL E 250 -0.20 -44.41 29.94
N MET E 251 0.97 -44.67 29.35
CA MET E 251 2.24 -44.63 30.06
C MET E 251 2.71 -43.21 30.33
N PHE E 252 3.32 -43.00 31.49
CA PHE E 252 3.78 -41.68 31.90
C PHE E 252 5.29 -41.52 31.66
N SER E 253 5.66 -40.40 31.03
CA SER E 253 7.06 -40.07 30.81
C SER E 253 7.30 -38.57 30.94
N LEU E 254 8.44 -38.21 31.51
CA LEU E 254 8.79 -36.81 31.74
C LEU E 254 10.04 -36.41 30.95
N HIS E 255 9.93 -35.30 30.22
CA HIS E 255 10.99 -34.85 29.34
C HIS E 255 11.44 -33.45 29.64
N VAL E 256 12.47 -33.33 30.48
CA VAL E 256 13.08 -32.04 30.81
C VAL E 256 14.54 -31.99 30.36
N LYS E 257 15.21 -30.87 30.62
CA LYS E 257 16.63 -30.71 30.32
C LYS E 257 17.40 -30.20 31.56
N ALA E 258 17.50 -31.06 32.58
CA ALA E 258 18.16 -30.69 33.83
C ALA E 258 19.68 -30.67 33.70
N THR E 259 20.16 -31.31 32.64
CA THR E 259 21.59 -31.41 32.35
C THR E 259 22.19 -30.07 31.89
N MET E 260 21.33 -29.11 31.56
CA MET E 260 21.76 -27.79 31.13
C MET E 260 21.04 -26.70 31.93
N MET E 261 19.75 -26.89 32.17
CA MET E 261 18.97 -25.99 33.03
C MET E 261 19.13 -26.44 34.47
N LYS E 262 20.33 -26.24 35.02
CA LYS E 262 20.74 -26.82 36.32
C LYS E 262 19.99 -26.31 37.55
N VAL E 263 19.23 -25.23 37.43
CA VAL E 263 18.49 -24.68 38.56
C VAL E 263 16.99 -25.01 38.51
N SER E 264 16.33 -24.63 37.43
CA SER E 264 14.88 -24.80 37.29
C SER E 264 14.43 -26.25 37.10
N HIS E 265 14.97 -26.91 36.09
CA HIS E 265 14.51 -28.24 35.68
C HIS E 265 14.67 -29.35 36.69
N PRO E 266 15.68 -29.29 37.58
CA PRO E 266 15.67 -30.26 38.70
C PRO E 266 14.51 -30.04 39.68
N ILE E 267 14.19 -28.79 39.99
CA ILE E 267 13.04 -28.47 40.84
C ILE E 267 11.77 -29.07 40.22
N VAL E 268 11.63 -28.87 38.91
CA VAL E 268 10.51 -29.39 38.12
C VAL E 268 10.46 -30.92 38.19
N PHE E 269 11.55 -31.56 37.83
CA PHE E 269 11.71 -33.02 37.89
C PHE E 269 11.39 -33.55 39.28
N GLY E 270 11.79 -32.78 40.30
CA GLY E 270 11.63 -33.18 41.69
C GLY E 270 10.19 -33.14 42.16
N HIS E 271 9.42 -32.20 41.63
CA HIS E 271 8.02 -32.10 41.99
C HIS E 271 7.20 -33.19 41.37
N ALA E 272 7.63 -33.65 40.19
CA ALA E 272 6.98 -34.78 39.53
C ALA E 272 7.02 -36.01 40.41
N VAL E 273 8.20 -36.31 40.95
CA VAL E 273 8.42 -37.49 41.78
C VAL E 273 7.69 -37.36 43.11
N LYS E 274 7.76 -36.17 43.70
CA LYS E 274 7.07 -35.86 44.95
C LYS E 274 5.57 -36.18 44.91
N VAL E 275 4.88 -35.74 43.85
CA VAL E 275 3.42 -35.95 43.74
C VAL E 275 3.09 -37.41 43.37
N PHE E 276 3.89 -37.99 42.48
CA PHE E 276 3.72 -39.38 42.03
C PHE E 276 3.76 -40.35 43.20
N TYR E 277 4.77 -40.16 44.06
CA TYR E 277 4.97 -41.04 45.21
C TYR E 277 4.56 -40.39 46.52
N LYS E 278 3.58 -39.49 46.46
CA LYS E 278 3.17 -38.69 47.63
C LYS E 278 2.69 -39.49 48.83
N ASP E 279 2.29 -40.74 48.60
CA ASP E 279 1.87 -41.62 49.70
C ASP E 279 3.05 -42.06 50.56
N ALA E 280 4.12 -42.49 49.91
CA ALA E 280 5.34 -42.90 50.61
C ALA E 280 6.08 -41.70 51.21
N PHE E 281 6.11 -40.59 50.48
CA PHE E 281 6.76 -39.36 50.95
C PHE E 281 6.08 -38.74 52.16
N ALA E 282 4.77 -38.89 52.25
CA ALA E 282 4.01 -38.38 53.40
C ALA E 282 4.21 -39.23 54.65
N LYS E 283 4.36 -40.54 54.45
CA LYS E 283 4.56 -41.48 55.55
C LYS E 283 5.97 -41.38 56.15
N HIS E 284 6.97 -41.18 55.30
CA HIS E 284 8.37 -41.18 55.72
C HIS E 284 8.99 -39.80 55.73
N GLU E 285 8.17 -38.76 55.83
CA GLU E 285 8.66 -37.38 55.74
C GLU E 285 9.74 -37.06 56.78
N LYS E 286 9.45 -37.38 58.03
CA LYS E 286 10.38 -37.14 59.15
C LYS E 286 11.75 -37.74 58.82
N LEU E 287 11.77 -39.04 58.54
CA LEU E 287 12.98 -39.78 58.21
C LEU E 287 13.71 -39.23 56.98
N PHE E 288 12.96 -38.88 55.94
CA PHE E 288 13.53 -38.36 54.70
C PHE E 288 14.22 -37.00 54.89
N ASP E 289 13.61 -36.14 55.71
CA ASP E 289 14.15 -34.80 55.96
C ASP E 289 15.52 -34.85 56.64
N GLU E 290 15.63 -35.67 57.68
CA GLU E 290 16.90 -35.81 58.41
C GLU E 290 17.91 -36.73 57.71
N LEU E 291 17.43 -37.58 56.81
CA LEU E 291 18.33 -38.29 55.90
C LEU E 291 18.82 -37.36 54.81
N GLY E 292 18.09 -36.25 54.63
CA GLY E 292 18.47 -35.20 53.69
C GLY E 292 18.30 -35.56 52.23
N VAL E 293 17.31 -36.40 51.94
CA VAL E 293 17.04 -36.80 50.55
C VAL E 293 16.36 -35.67 49.77
N ASN E 294 17.03 -35.23 48.71
CA ASN E 294 16.49 -34.24 47.79
C ASN E 294 16.26 -34.90 46.44
N VAL E 295 14.98 -35.10 46.13
CA VAL E 295 14.57 -35.93 45.00
C VAL E 295 14.67 -35.20 43.64
N ASN E 296 15.08 -33.92 43.69
CA ASN E 296 15.40 -33.16 42.48
C ASN E 296 16.55 -33.81 41.69
N ASN E 297 17.25 -34.72 42.36
CA ASN E 297 18.27 -35.56 41.74
C ASN E 297 17.72 -36.94 41.42
N GLY E 298 16.39 -37.03 41.35
CA GLY E 298 15.70 -38.27 41.04
C GLY E 298 15.58 -39.22 42.21
N LEU E 299 15.00 -40.39 41.95
CA LEU E 299 14.88 -41.47 42.93
C LEU E 299 16.25 -42.01 43.31
N SER E 300 17.20 -41.89 42.39
CA SER E 300 18.59 -42.30 42.62
C SER E 300 19.11 -41.74 43.94
N ASP E 301 18.70 -40.52 44.25
CA ASP E 301 19.06 -39.86 45.49
C ASP E 301 18.45 -40.58 46.69
N LEU E 302 17.18 -40.97 46.55
CA LEU E 302 16.46 -41.65 47.62
C LEU E 302 17.09 -43.01 47.92
N TYR E 303 17.39 -43.77 46.87
CA TYR E 303 17.92 -45.13 47.01
C TYR E 303 19.28 -45.15 47.69
N ASP E 304 20.15 -44.24 47.29
CA ASP E 304 21.49 -44.11 47.86
C ASP E 304 21.47 -43.74 49.34
N LYS E 305 20.47 -42.95 49.73
CA LYS E 305 20.33 -42.48 51.12
C LYS E 305 19.51 -43.42 52.01
N ILE E 306 19.09 -44.57 51.46
CA ILE E 306 18.41 -45.60 52.25
C ILE E 306 19.12 -46.95 52.16
N GLU E 307 20.10 -47.04 51.27
CA GLU E 307 20.81 -48.30 50.99
C GLU E 307 21.54 -48.87 52.21
N ALA E 308 21.93 -47.99 53.13
CA ALA E 308 22.69 -48.41 54.31
C ALA E 308 21.84 -48.51 55.58
N LEU E 309 20.55 -48.18 55.47
CA LEU E 309 19.59 -48.38 56.54
C LEU E 309 19.38 -49.88 56.77
N PRO E 310 18.88 -50.27 57.97
CA PRO E 310 18.65 -51.69 58.25
C PRO E 310 17.72 -52.34 57.23
N ALA E 311 18.01 -53.59 56.89
CA ALA E 311 17.29 -54.33 55.84
C ALA E 311 15.77 -54.17 55.90
N SER E 312 15.20 -54.33 57.09
CA SER E 312 13.75 -54.24 57.28
C SER E 312 13.19 -52.85 57.01
N GLN E 313 13.97 -51.82 57.35
CA GLN E 313 13.55 -50.44 57.16
C GLN E 313 13.53 -50.06 55.67
N ARG E 314 14.61 -50.36 54.95
CA ARG E 314 14.71 -50.03 53.52
C ARG E 314 13.67 -50.79 52.69
N GLU E 315 13.31 -51.98 53.17
CA GLU E 315 12.33 -52.82 52.48
C GLU E 315 10.91 -52.32 52.66
N GLU E 316 10.61 -51.81 53.85
CA GLU E 316 9.33 -51.17 54.12
C GLU E 316 9.18 -49.90 53.27
N ILE E 317 10.30 -49.22 53.01
CA ILE E 317 10.32 -48.01 52.17
C ILE E 317 10.08 -48.35 50.69
N ILE E 318 10.77 -49.37 50.19
CA ILE E 318 10.61 -49.79 48.78
C ILE E 318 9.30 -50.53 48.53
N GLU E 319 8.65 -50.99 49.61
CA GLU E 319 7.31 -51.58 49.51
C GLU E 319 6.26 -50.49 49.42
N ASP E 320 6.43 -49.42 50.19
CA ASP E 320 5.51 -48.28 50.16
C ASP E 320 5.62 -47.50 48.85
N LEU E 321 6.81 -47.50 48.26
CA LEU E 321 7.05 -46.86 46.96
C LEU E 321 6.37 -47.61 45.83
N HIS E 322 6.53 -48.94 45.82
CA HIS E 322 5.96 -49.77 44.76
C HIS E 322 4.57 -50.25 45.06
N LYS E 323 4.08 -49.93 46.25
CA LYS E 323 2.65 -50.01 46.56
C LYS E 323 1.96 -48.83 45.86
N CYS E 324 2.66 -47.70 45.81
CA CYS E 324 2.15 -46.46 45.23
C CYS E 324 1.81 -46.61 43.74
N HIS E 325 2.27 -47.71 43.14
CA HIS E 325 2.07 -47.97 41.71
C HIS E 325 0.72 -48.49 41.31
N GLU E 326 -0.08 -48.94 42.27
CA GLU E 326 -1.40 -49.52 41.96
C GLU E 326 -2.48 -48.48 41.61
N HIS E 327 -2.32 -47.26 42.11
CA HIS E 327 -3.23 -46.16 41.79
C HIS E 327 -2.62 -45.20 40.80
N ARG E 328 -1.41 -45.52 40.35
CA ARG E 328 -0.65 -44.66 39.45
C ARG E 328 -0.52 -45.27 38.05
N PRO E 329 -0.14 -44.46 37.03
CA PRO E 329 0.10 -45.03 35.71
C PRO E 329 1.40 -45.80 35.65
N GLU E 330 1.59 -46.54 34.56
CA GLU E 330 2.86 -47.18 34.29
C GLU E 330 3.89 -46.11 33.95
N LEU E 331 5.13 -46.34 34.35
CA LEU E 331 6.22 -45.40 34.09
C LEU E 331 7.11 -45.86 32.94
N ALA E 332 7.54 -44.91 32.12
CA ALA E 332 8.54 -45.17 31.10
C ALA E 332 9.86 -45.56 31.76
N MET E 333 10.65 -46.37 31.07
CA MET E 333 11.89 -46.88 31.63
C MET E 333 13.11 -46.45 30.81
N VAL E 334 14.18 -46.08 31.50
CA VAL E 334 15.46 -45.80 30.84
C VAL E 334 16.19 -47.11 30.58
N ASP E 335 16.10 -48.04 31.53
CA ASP E 335 16.60 -49.39 31.37
C ASP E 335 15.65 -50.36 32.07
N SER E 336 14.86 -51.07 31.28
CA SER E 336 13.85 -52.00 31.80
C SER E 336 14.45 -53.21 32.50
N ALA E 337 15.60 -53.68 32.00
CA ALA E 337 16.28 -54.86 32.55
C ALA E 337 16.87 -54.59 33.94
N LYS E 338 17.53 -53.44 34.10
CA LYS E 338 18.14 -53.07 35.39
C LYS E 338 17.13 -52.40 36.33
N GLY E 339 15.94 -52.11 35.83
CA GLY E 339 14.88 -51.48 36.62
C GLY E 339 15.03 -49.97 36.76
N ILE E 340 15.80 -49.36 35.86
CA ILE E 340 15.98 -47.92 35.83
C ILE E 340 14.79 -47.26 35.14
N SER E 341 14.02 -46.47 35.90
CA SER E 341 12.86 -45.77 35.36
C SER E 341 13.19 -44.33 34.92
N ASN E 342 12.18 -43.65 34.41
CA ASN E 342 12.28 -42.24 34.00
C ASN E 342 12.69 -41.37 35.20
N PHE E 343 12.21 -41.74 36.37
CA PHE E 343 12.40 -40.92 37.57
C PHE E 343 13.73 -41.16 38.30
N HIS E 344 14.49 -42.16 37.85
CA HIS E 344 15.75 -42.51 38.51
C HIS E 344 16.71 -41.34 38.55
N SER E 345 17.02 -40.79 37.38
CA SER E 345 17.92 -39.65 37.30
C SER E 345 17.45 -38.65 36.23
N PRO E 346 17.51 -37.34 36.54
CA PRO E 346 17.16 -36.29 35.59
C PRO E 346 18.08 -36.27 34.37
N SER E 347 19.28 -36.82 34.52
CA SER E 347 20.29 -36.82 33.45
C SER E 347 20.04 -37.91 32.39
N ASP E 348 19.13 -38.83 32.69
CA ASP E 348 18.84 -39.96 31.81
C ASP E 348 17.95 -39.61 30.62
N VAL E 349 16.83 -38.93 30.89
CA VAL E 349 15.89 -38.52 29.84
C VAL E 349 16.05 -37.02 29.57
N ILE E 350 16.72 -36.70 28.47
CA ILE E 350 16.98 -35.31 28.09
C ILE E 350 16.10 -34.92 26.90
N VAL E 351 15.20 -33.97 27.15
CA VAL E 351 14.13 -33.59 26.23
C VAL E 351 14.51 -33.54 24.75
N ASP E 352 15.60 -32.85 24.43
CA ASP E 352 15.99 -32.63 23.03
C ASP E 352 16.35 -33.91 22.26
N ALA E 353 16.77 -34.94 22.97
CA ALA E 353 17.12 -36.21 22.35
C ALA E 353 16.01 -37.27 22.54
N SER E 354 15.26 -37.14 23.63
CA SER E 354 14.24 -38.12 23.99
C SER E 354 12.97 -38.00 23.15
N MET E 355 12.53 -36.77 22.91
CA MET E 355 11.34 -36.50 22.09
C MET E 355 11.48 -36.98 20.63
N PRO E 356 12.58 -36.60 19.95
CA PRO E 356 12.80 -37.14 18.60
C PRO E 356 12.85 -38.67 18.60
N ALA E 357 13.61 -39.25 19.53
CA ALA E 357 13.70 -40.70 19.66
C ALA E 357 12.31 -41.33 19.81
N MET E 358 11.47 -40.68 20.61
CA MET E 358 10.09 -41.11 20.84
C MET E 358 9.28 -41.06 19.53
N ILE E 359 9.29 -39.90 18.88
CA ILE E 359 8.60 -39.72 17.60
C ILE E 359 9.14 -40.66 16.51
N ARG E 360 10.46 -40.74 16.40
CA ARG E 360 11.14 -41.60 15.42
C ARG E 360 10.75 -43.08 15.56
N LEU E 361 10.41 -43.49 16.78
CA LEU E 361 10.01 -44.87 17.05
C LEU E 361 8.49 -45.02 16.92
N GLY E 362 7.84 -44.03 16.31
CA GLY E 362 6.40 -44.07 16.09
C GLY E 362 5.59 -43.68 17.30
N GLY E 363 6.13 -42.76 18.09
CA GLY E 363 5.45 -42.30 19.30
C GLY E 363 5.50 -43.32 20.41
N LYS E 364 6.59 -44.07 20.48
CA LYS E 364 6.72 -45.13 21.47
C LYS E 364 7.93 -44.94 22.41
N MET E 365 7.74 -45.37 23.66
CA MET E 365 8.82 -45.50 24.63
C MET E 365 8.71 -46.86 25.32
N TYR E 366 9.79 -47.27 26.01
CA TYR E 366 9.85 -48.61 26.59
C TYR E 366 9.21 -48.70 27.98
N GLY E 367 8.53 -49.82 28.23
CA GLY E 367 7.84 -50.06 29.50
C GLY E 367 8.55 -51.00 30.44
N ALA E 368 7.94 -51.20 31.61
CA ALA E 368 8.47 -52.12 32.63
C ALA E 368 8.68 -53.54 32.10
N ASP E 369 7.90 -53.91 31.08
CA ASP E 369 7.99 -55.23 30.47
C ASP E 369 9.01 -55.31 29.34
N GLY E 370 9.63 -54.17 29.00
CA GLY E 370 10.65 -54.11 27.97
C GLY E 370 10.10 -53.90 26.57
N ARG E 371 8.77 -53.78 26.48
CA ARG E 371 8.09 -53.55 25.20
C ARG E 371 7.78 -52.07 24.99
N THR E 372 7.65 -51.69 23.71
CA THR E 372 7.31 -50.32 23.35
C THR E 372 5.83 -50.03 23.60
N LYS E 373 5.55 -48.91 24.26
CA LYS E 373 4.18 -48.49 24.59
C LYS E 373 3.96 -47.06 24.13
N ASP E 374 2.70 -46.70 23.89
CA ASP E 374 2.31 -45.31 23.70
C ASP E 374 2.57 -44.54 25.00
N THR E 375 2.73 -43.22 24.92
CA THR E 375 3.08 -42.44 26.10
C THR E 375 2.52 -41.02 26.18
N LYS E 376 2.17 -40.61 27.39
CA LYS E 376 1.93 -39.21 27.68
C LYS E 376 3.30 -38.58 27.99
N ALA E 377 3.88 -37.94 26.98
CA ALA E 377 5.16 -37.25 27.13
C ALA E 377 4.95 -35.89 27.79
N VAL E 378 5.12 -35.85 29.11
CA VAL E 378 4.90 -34.64 29.87
C VAL E 378 6.05 -33.64 29.70
N ASN E 379 5.74 -32.52 29.04
CA ASN E 379 6.67 -31.41 28.90
C ASN E 379 6.11 -30.19 29.64
N PRO E 380 6.29 -30.11 30.97
CA PRO E 380 5.62 -29.09 31.79
C PRO E 380 5.60 -27.68 31.19
N GLU E 381 6.76 -27.15 30.83
CA GLU E 381 6.80 -25.80 30.25
C GLU E 381 6.29 -25.77 28.81
N SER E 382 5.22 -25.00 28.59
CA SER E 382 4.53 -24.97 27.29
C SER E 382 5.27 -24.20 26.20
N THR E 383 6.15 -23.28 26.60
CA THR E 383 6.82 -22.36 25.67
C THR E 383 7.40 -23.05 24.43
N PHE E 384 8.12 -24.14 24.62
CA PHE E 384 8.81 -24.81 23.50
C PHE E 384 8.32 -26.23 23.21
N SER E 385 7.34 -26.69 23.97
CA SER E 385 6.82 -28.04 23.81
C SER E 385 5.68 -28.16 22.80
N ARG E 386 4.84 -27.12 22.71
CA ARG E 386 3.66 -27.13 21.83
C ARG E 386 4.02 -27.52 20.41
N MET E 387 5.20 -27.08 19.98
CA MET E 387 5.77 -27.41 18.68
C MET E 387 5.87 -28.93 18.43
N TYR E 388 6.30 -29.68 19.44
CA TYR E 388 6.36 -31.14 19.38
C TYR E 388 4.99 -31.76 19.14
N GLN E 389 3.96 -31.20 19.80
CA GLN E 389 2.60 -31.74 19.71
C GLN E 389 2.06 -31.69 18.27
N GLU E 390 2.30 -30.58 17.58
CA GLU E 390 1.89 -30.45 16.19
C GLU E 390 2.40 -31.58 15.32
N MET E 391 3.67 -31.92 15.49
CA MET E 391 4.28 -33.02 14.76
C MET E 391 3.61 -34.36 15.07
N ILE E 392 3.20 -34.54 16.32
CA ILE E 392 2.51 -35.75 16.74
C ILE E 392 1.18 -35.89 16.01
N ASN E 393 0.38 -34.81 16.02
CA ASN E 393 -0.90 -34.78 15.29
C ASN E 393 -0.74 -34.92 13.77
N PHE E 394 0.25 -34.24 13.21
CA PHE E 394 0.62 -34.39 11.80
C PHE E 394 0.91 -35.86 11.46
N CYS E 395 1.73 -36.50 12.27
CA CYS E 395 2.10 -37.91 12.08
C CYS E 395 0.94 -38.86 12.27
N LYS E 396 -0.03 -38.46 13.09
CA LYS E 396 -1.22 -39.28 13.31
C LYS E 396 -2.13 -39.32 12.09
N THR E 397 -2.11 -38.28 11.26
CA THR E 397 -2.92 -38.27 10.04
C THR E 397 -2.12 -38.72 8.82
N HIS E 398 -0.86 -38.26 8.73
CA HIS E 398 0.00 -38.56 7.58
C HIS E 398 0.86 -39.77 7.76
N GLY E 399 1.02 -40.20 9.00
CA GLY E 399 1.90 -41.32 9.33
C GLY E 399 3.34 -40.87 9.53
N GLN E 400 4.24 -41.84 9.63
CA GLN E 400 5.67 -41.58 9.80
C GLN E 400 6.27 -40.98 8.54
N PHE E 401 7.24 -40.07 8.73
CA PHE E 401 7.94 -39.41 7.63
C PHE E 401 8.72 -40.40 6.78
N ASP E 402 8.80 -40.11 5.49
CA ASP E 402 9.56 -40.93 4.57
C ASP E 402 10.90 -40.25 4.27
N PRO E 403 12.00 -40.78 4.86
CA PRO E 403 13.36 -40.25 4.71
C PRO E 403 13.84 -40.19 3.26
N THR E 404 13.30 -41.06 2.40
CA THR E 404 13.72 -41.12 0.99
C THR E 404 13.04 -40.07 0.10
N THR E 405 12.05 -39.36 0.65
CA THR E 405 11.29 -38.36 -0.12
C THR E 405 11.14 -37.01 0.57
N MET E 406 11.31 -36.97 1.90
CA MET E 406 11.16 -35.72 2.66
C MET E 406 12.29 -34.71 2.40
N GLY E 407 12.01 -33.44 2.64
CA GLY E 407 12.99 -32.36 2.47
C GLY E 407 13.81 -32.11 3.72
N THR E 408 14.70 -31.11 3.66
CA THR E 408 15.53 -30.73 4.81
C THR E 408 14.97 -29.52 5.54
N VAL E 409 15.23 -29.47 6.85
CA VAL E 409 14.95 -28.28 7.64
C VAL E 409 16.25 -27.81 8.32
N PRO E 410 17.03 -26.97 7.63
CA PRO E 410 18.17 -26.32 8.26
C PRO E 410 17.74 -25.37 9.38
N ASN E 411 18.69 -24.97 10.22
CA ASN E 411 18.38 -24.09 11.32
C ASN E 411 19.35 -22.92 11.44
N VAL E 412 18.79 -21.72 11.51
CA VAL E 412 19.55 -20.51 11.84
C VAL E 412 19.17 -20.11 13.27
N GLY E 413 20.06 -20.42 14.21
CA GLY E 413 19.76 -20.30 15.64
C GLY E 413 20.39 -19.12 16.34
N LEU E 414 19.58 -18.37 17.08
CA LEU E 414 20.04 -17.27 17.92
C LEU E 414 20.63 -17.82 19.21
N MET E 415 21.94 -17.69 19.39
CA MET E 415 22.60 -18.28 20.56
C MET E 415 23.82 -17.53 21.09
N ALA E 416 24.28 -16.51 20.35
CA ALA E 416 25.50 -15.78 20.73
C ALA E 416 25.41 -15.14 22.11
N GLN E 417 26.53 -15.20 22.84
CA GLN E 417 26.71 -14.51 24.14
C GLN E 417 25.66 -14.90 25.18
N LYS E 418 25.59 -16.20 25.50
CA LYS E 418 24.67 -16.73 26.51
C LYS E 418 23.22 -16.24 26.30
N ALA E 419 22.74 -16.35 25.06
CA ALA E 419 21.43 -15.82 24.66
C ALA E 419 20.26 -16.49 25.36
N GLU E 420 19.22 -15.70 25.64
CA GLU E 420 17.97 -16.18 26.23
C GLU E 420 18.15 -16.99 27.52
N GLU E 421 17.65 -18.23 27.50
CA GLU E 421 17.59 -19.09 28.69
C GLU E 421 18.92 -19.79 29.02
N TYR E 422 19.85 -19.79 28.07
CA TYR E 422 21.16 -20.41 28.23
C TYR E 422 22.10 -19.62 29.15
N GLY E 423 21.75 -18.35 29.40
CA GLY E 423 22.51 -17.52 30.34
C GLY E 423 21.67 -17.04 31.51
N SER E 424 20.70 -17.85 31.91
CA SER E 424 19.75 -17.47 32.96
C SER E 424 19.96 -18.24 34.27
N HIS E 425 20.92 -19.17 34.27
CA HIS E 425 21.15 -20.06 35.42
C HIS E 425 21.57 -19.32 36.66
N ASP E 426 22.46 -18.35 36.50
CA ASP E 426 22.90 -17.49 37.60
C ASP E 426 21.86 -16.42 37.95
N LYS E 427 20.72 -16.47 37.26
CA LYS E 427 19.65 -15.49 37.45
C LYS E 427 18.30 -16.19 37.65
N THR E 428 18.36 -17.44 38.08
CA THR E 428 17.17 -18.26 38.35
C THR E 428 17.11 -18.55 39.85
N PHE E 429 15.96 -18.29 40.47
CA PHE E 429 15.83 -18.42 41.92
C PHE E 429 14.54 -19.11 42.35
N GLU E 430 14.66 -19.99 43.34
CA GLU E 430 13.51 -20.64 43.95
C GLU E 430 13.03 -19.77 45.11
N ILE E 431 11.84 -19.18 44.95
CA ILE E 431 11.32 -18.19 45.89
C ILE E 431 11.11 -18.78 47.29
N PRO E 432 11.66 -18.11 48.32
CA PRO E 432 11.56 -18.54 49.73
C PRO E 432 10.21 -18.29 50.38
N GLU E 433 9.57 -17.16 50.06
CA GLU E 433 8.27 -16.78 50.65
C GLU E 433 7.45 -15.86 49.73
N ASP E 434 6.14 -15.82 49.96
CA ASP E 434 5.22 -14.99 49.16
C ASP E 434 5.63 -13.51 49.16
N GLY E 435 5.57 -12.89 47.97
CA GLY E 435 5.91 -11.48 47.82
C GLY E 435 5.88 -11.02 46.37
N VAL E 436 6.39 -9.81 46.14
CA VAL E 436 6.45 -9.24 44.79
C VAL E 436 7.89 -9.19 44.29
N ALA E 437 8.12 -9.81 43.13
CA ALA E 437 9.46 -9.92 42.55
C ALA E 437 9.67 -8.88 41.46
N ASP E 438 10.52 -7.90 41.74
CA ASP E 438 10.81 -6.81 40.83
C ASP E 438 12.24 -6.89 40.34
N ILE E 439 12.47 -6.39 39.13
CA ILE E 439 13.82 -6.06 38.71
C ILE E 439 13.95 -4.54 38.74
N VAL E 440 14.75 -4.04 39.68
CA VAL E 440 14.82 -2.61 39.97
C VAL E 440 16.12 -2.00 39.47
N ASP E 441 16.02 -0.85 38.81
CA ASP E 441 17.19 -0.06 38.44
C ASP E 441 17.89 0.39 39.72
N ILE E 442 19.18 0.08 39.81
CA ILE E 442 19.96 0.38 41.02
C ILE E 442 20.21 1.90 41.14
N ASP E 443 20.42 2.55 40.00
CA ASP E 443 20.50 4.01 39.92
C ASP E 443 19.09 4.53 39.64
N THR E 444 18.50 5.20 40.62
CA THR E 444 17.05 5.52 40.69
C THR E 444 16.22 4.25 40.85
N GLY E 445 15.50 4.14 41.96
CA GLY E 445 14.77 2.92 42.31
C GLY E 445 13.58 2.60 41.43
N GLU E 446 13.77 2.76 40.11
CA GLU E 446 12.73 2.52 39.12
C GLU E 446 12.51 1.02 38.89
N VAL E 447 11.26 0.59 39.03
CA VAL E 447 10.88 -0.80 38.79
C VAL E 447 10.56 -1.02 37.31
N LEU E 448 11.39 -1.83 36.65
CA LEU E 448 11.28 -2.08 35.22
C LEU E 448 10.22 -3.14 34.89
N LEU E 449 10.25 -4.24 35.64
CA LEU E 449 9.27 -5.32 35.48
C LEU E 449 8.86 -5.88 36.83
N THR E 450 7.56 -5.83 37.11
CA THR E 450 7.02 -6.32 38.37
C THR E 450 6.31 -7.67 38.18
N GLN E 451 6.24 -8.46 39.26
CA GLN E 451 5.67 -9.80 39.21
C GLN E 451 5.25 -10.22 40.63
N ASN E 452 4.23 -11.09 40.72
CA ASN E 452 3.78 -11.61 42.02
C ASN E 452 3.94 -13.12 42.16
N VAL E 453 4.73 -13.50 43.16
CA VAL E 453 5.22 -14.88 43.30
C VAL E 453 4.87 -15.48 44.66
N GLU E 454 4.95 -16.81 44.76
CA GLU E 454 4.69 -17.53 46.01
C GLU E 454 5.89 -18.38 46.41
N GLU E 455 5.83 -18.96 47.61
CA GLU E 455 6.85 -19.90 48.08
C GLU E 455 6.91 -21.13 47.17
N GLY E 456 8.08 -21.37 46.59
CA GLY E 456 8.30 -22.53 45.74
C GLY E 456 8.43 -22.20 44.27
N ASP E 457 7.92 -21.01 43.90
CA ASP E 457 7.93 -20.56 42.51
C ASP E 457 9.35 -20.40 41.99
N ILE E 458 9.54 -20.71 40.72
CA ILE E 458 10.81 -20.52 40.04
C ILE E 458 10.77 -19.21 39.26
N TRP E 459 11.56 -18.24 39.70
CA TRP E 459 11.64 -16.95 39.03
C TRP E 459 12.97 -16.76 38.38
N ARG E 460 12.96 -16.30 37.13
CA ARG E 460 14.20 -16.06 36.39
C ARG E 460 14.12 -14.83 35.48
N MET E 461 15.30 -14.34 35.08
CA MET E 461 15.40 -13.16 34.23
C MET E 461 16.39 -13.37 33.08
N PRO E 462 15.92 -13.96 31.96
CA PRO E 462 16.78 -14.20 30.82
C PRO E 462 17.10 -12.92 30.04
N ILE E 463 18.34 -12.81 29.58
CA ILE E 463 18.76 -11.65 28.79
C ILE E 463 19.25 -12.09 27.40
N VAL E 464 18.96 -11.28 26.39
CA VAL E 464 19.53 -11.48 25.05
C VAL E 464 20.02 -10.14 24.49
N LYS E 465 21.26 -10.15 24.02
CA LYS E 465 21.98 -8.93 23.65
C LYS E 465 21.67 -8.54 22.20
N ASP E 466 21.58 -7.23 21.96
CA ASP E 466 21.19 -6.70 20.66
C ASP E 466 22.14 -7.08 19.51
N ALA E 467 23.45 -7.00 19.76
CA ALA E 467 24.44 -7.29 18.71
C ALA E 467 24.36 -8.73 18.17
N PRO E 468 24.17 -9.73 19.07
CA PRO E 468 23.79 -11.07 18.61
C PRO E 468 22.55 -11.09 17.71
N ILE E 469 21.48 -10.42 18.13
CA ILE E 469 20.23 -10.35 17.35
C ILE E 469 20.46 -9.86 15.91
N ARG E 470 21.26 -8.80 15.77
CA ARG E 470 21.59 -8.23 14.45
C ARG E 470 22.39 -9.19 13.58
N ASP E 471 23.24 -10.00 14.21
CA ASP E 471 24.03 -11.02 13.51
C ASP E 471 23.14 -12.19 13.08
N TRP E 472 22.17 -12.51 13.92
CA TRP E 472 21.21 -13.60 13.69
C TRP E 472 20.37 -13.34 12.47
N VAL E 473 19.80 -12.14 12.38
CA VAL E 473 19.01 -11.72 11.23
C VAL E 473 19.85 -11.75 9.95
N LYS E 474 21.07 -11.24 10.04
CA LYS E 474 22.03 -11.24 8.93
C LYS E 474 22.29 -12.65 8.40
N LEU E 475 22.52 -13.58 9.33
CA LEU E 475 22.82 -14.98 8.98
C LEU E 475 21.63 -15.67 8.32
N ALA E 476 20.43 -15.38 8.81
CA ALA E 476 19.19 -15.88 8.21
C ALA E 476 19.07 -15.42 6.75
N VAL E 477 19.33 -14.13 6.53
CA VAL E 477 19.34 -13.54 5.19
C VAL E 477 20.41 -14.20 4.31
N THR E 478 21.62 -14.32 4.85
CA THR E 478 22.76 -14.92 4.14
C THR E 478 22.43 -16.34 3.67
N ARG E 479 21.86 -17.14 4.57
CA ARG E 479 21.50 -18.53 4.28
C ARG E 479 20.38 -18.64 3.24
N ALA E 480 19.45 -17.68 3.26
CA ALA E 480 18.39 -17.60 2.26
C ALA E 480 18.97 -17.38 0.87
N ARG E 481 19.94 -16.46 0.77
CA ARG E 481 20.57 -16.11 -0.51
C ARG E 481 21.45 -17.22 -1.08
N LEU E 482 22.25 -17.85 -0.21
CA LEU E 482 23.18 -18.88 -0.63
C LEU E 482 22.48 -20.18 -1.05
N SER E 483 21.51 -20.62 -0.25
CA SER E 483 20.84 -21.89 -0.48
C SER E 483 19.64 -21.79 -1.44
N GLY E 484 19.02 -20.62 -1.48
CA GLY E 484 17.83 -20.39 -2.30
C GLY E 484 16.58 -21.02 -1.71
N MET E 485 16.59 -21.19 -0.38
CA MET E 485 15.47 -21.77 0.34
C MET E 485 14.76 -20.68 1.12
N PRO E 486 13.42 -20.80 1.28
CA PRO E 486 12.70 -19.83 2.11
C PRO E 486 13.08 -19.95 3.57
N VAL E 487 12.84 -18.90 4.34
CA VAL E 487 13.11 -18.92 5.78
C VAL E 487 11.91 -18.40 6.56
N VAL E 488 11.51 -19.18 7.56
CA VAL E 488 10.44 -18.78 8.47
C VAL E 488 11.02 -18.49 9.84
N PHE E 489 10.72 -17.30 10.37
CA PHE E 489 11.07 -16.93 11.72
C PHE E 489 9.97 -17.42 12.67
N TRP E 490 10.32 -18.36 13.55
CA TRP E 490 9.35 -18.91 14.49
C TRP E 490 9.22 -18.01 15.67
N LEU E 491 8.24 -17.11 15.61
CA LEU E 491 8.05 -16.14 16.69
C LEU E 491 6.58 -16.00 17.02
N ASP E 492 6.23 -16.29 18.28
CA ASP E 492 4.85 -16.15 18.75
C ASP E 492 4.44 -14.69 18.86
N THR E 493 3.17 -14.44 18.61
CA THR E 493 2.57 -13.12 18.79
C THR E 493 2.06 -12.99 20.22
N GLU E 494 1.81 -14.13 20.85
CA GLU E 494 1.19 -14.18 22.16
C GLU E 494 2.18 -14.36 23.31
N ARG E 495 3.46 -14.52 22.97
CA ARG E 495 4.53 -14.56 23.97
C ARG E 495 5.33 -13.25 23.93
N PRO E 496 5.26 -12.46 25.01
CA PRO E 496 5.92 -11.15 25.09
C PRO E 496 7.36 -11.12 24.56
N HIS E 497 8.18 -12.08 25.00
CA HIS E 497 9.58 -12.18 24.57
C HIS E 497 9.71 -12.25 23.08
N GLU E 498 8.85 -13.05 22.45
CA GLU E 498 8.90 -13.24 21.00
C GLU E 498 8.32 -12.07 20.18
N VAL E 499 7.54 -11.19 20.81
CA VAL E 499 7.07 -9.98 20.12
C VAL E 499 8.16 -8.92 20.10
N GLU E 500 9.00 -8.90 21.14
CA GLU E 500 10.15 -7.98 21.19
C GLU E 500 11.18 -8.37 20.15
N LEU E 501 11.34 -9.68 19.94
CA LEU E 501 12.18 -10.21 18.86
C LEU E 501 11.62 -9.90 17.47
N ARG E 502 10.29 -9.92 17.35
CA ARG E 502 9.61 -9.55 16.11
C ARG E 502 9.98 -8.12 15.69
N LYS E 503 9.87 -7.19 16.65
CA LYS E 503 10.22 -5.78 16.42
C LYS E 503 11.60 -5.64 15.78
N LYS E 504 12.58 -6.28 16.40
CA LYS E 504 13.98 -6.23 15.94
C LYS E 504 14.19 -6.88 14.57
N VAL E 505 13.60 -8.06 14.37
CA VAL E 505 13.70 -8.76 13.09
C VAL E 505 13.06 -7.93 11.97
N LYS E 506 11.89 -7.35 12.26
CA LYS E 506 11.17 -6.50 11.30
C LYS E 506 12.00 -5.29 10.89
N GLU E 507 12.72 -4.71 11.86
CA GLU E 507 13.61 -3.57 11.61
C GLU E 507 14.84 -3.99 10.81
N TYR E 508 15.58 -4.99 11.30
CA TYR E 508 16.90 -5.34 10.76
C TYR E 508 16.88 -6.05 9.41
N LEU E 509 15.72 -6.56 9.02
CA LEU E 509 15.56 -7.17 7.69
C LEU E 509 15.72 -6.15 6.57
N LYS E 510 15.36 -4.90 6.86
CA LYS E 510 15.49 -3.80 5.90
C LYS E 510 16.93 -3.33 5.74
N ASP E 511 17.81 -3.75 6.64
CA ASP E 511 19.24 -3.41 6.58
C ASP E 511 20.02 -4.33 5.63
N HIS E 512 19.31 -5.21 4.92
CA HIS E 512 19.94 -6.16 4.01
C HIS E 512 19.23 -6.26 2.69
N ASP E 513 19.91 -6.86 1.71
CA ASP E 513 19.33 -7.10 0.39
C ASP E 513 18.52 -8.39 0.38
N THR E 514 17.20 -8.26 0.45
CA THR E 514 16.29 -9.40 0.56
C THR E 514 15.35 -9.55 -0.64
N GLU E 515 15.63 -8.80 -1.71
CA GLU E 515 14.69 -8.62 -2.83
C GLU E 515 14.11 -9.92 -3.42
N GLY E 516 14.97 -10.90 -3.70
CA GLY E 516 14.54 -12.14 -4.34
C GLY E 516 14.25 -13.28 -3.39
N LEU E 517 14.15 -12.96 -2.10
CA LEU E 517 14.05 -13.98 -1.07
C LEU E 517 12.66 -14.04 -0.44
N LYS E 518 12.22 -15.26 -0.13
CA LYS E 518 10.96 -15.48 0.58
C LYS E 518 11.22 -15.60 2.07
N ILE E 519 10.89 -14.54 2.80
CA ILE E 519 11.11 -14.47 4.24
C ILE E 519 9.82 -14.05 4.94
N GLN E 520 9.41 -14.83 5.93
CA GLN E 520 8.22 -14.50 6.71
C GLN E 520 8.29 -14.98 8.16
N ILE E 521 7.44 -14.38 9.01
CA ILE E 521 7.39 -14.66 10.43
C ILE E 521 6.04 -15.28 10.82
N MET E 522 6.10 -16.43 11.49
CA MET E 522 4.90 -17.14 11.94
C MET E 522 5.09 -17.60 13.39
N PRO E 523 3.99 -17.73 14.16
CA PRO E 523 4.11 -18.33 15.49
C PRO E 523 4.62 -19.78 15.42
N GLN E 524 5.21 -20.25 16.52
CA GLN E 524 5.85 -21.57 16.59
C GLN E 524 4.99 -22.71 16.03
N VAL E 525 3.74 -22.76 16.47
CA VAL E 525 2.80 -23.81 16.07
C VAL E 525 2.57 -23.78 14.55
N TRP E 526 2.28 -22.59 14.04
CA TRP E 526 2.03 -22.37 12.61
C TRP E 526 3.23 -22.66 11.77
N ALA E 527 4.39 -22.18 12.22
CA ALA E 527 5.65 -22.39 11.52
C ALA E 527 6.01 -23.86 11.43
N MET E 528 5.79 -24.60 12.52
CA MET E 528 5.99 -26.05 12.54
C MET E 528 5.09 -26.74 11.52
N ARG E 529 3.80 -26.40 11.54
CA ARG E 529 2.84 -26.96 10.58
C ARG E 529 3.22 -26.62 9.14
N TYR E 530 3.53 -25.35 8.90
CA TYR E 530 3.95 -24.88 7.58
C TYR E 530 5.17 -25.66 7.11
N THR E 531 6.13 -25.84 8.02
CA THR E 531 7.39 -26.54 7.72
C THR E 531 7.13 -28.01 7.40
N LEU E 532 6.29 -28.65 8.22
CA LEU E 532 5.92 -30.06 8.03
C LEU E 532 5.23 -30.28 6.69
N GLU E 533 4.33 -29.36 6.34
CA GLU E 533 3.53 -29.46 5.14
C GLU E 533 4.39 -29.43 3.88
N ARG E 534 5.51 -28.69 3.93
CA ARG E 534 6.43 -28.63 2.78
C ARG E 534 7.39 -29.82 2.73
N VAL E 535 7.89 -30.27 3.89
CA VAL E 535 8.88 -31.35 3.94
C VAL E 535 8.28 -32.74 3.69
N VAL E 536 6.97 -32.87 3.88
CA VAL E 536 6.28 -34.12 3.59
C VAL E 536 6.20 -34.34 2.07
N ARG E 537 6.40 -33.27 1.31
CA ARG E 537 6.41 -33.33 -0.15
C ARG E 537 7.69 -32.78 -0.80
N GLY E 538 8.83 -33.08 -0.17
CA GLY E 538 10.15 -32.83 -0.76
C GLY E 538 10.66 -31.40 -0.80
N LYS E 539 10.00 -30.48 -0.10
CA LYS E 539 10.43 -29.09 -0.11
C LYS E 539 11.22 -28.70 1.14
N ASP E 540 12.20 -27.83 0.96
CA ASP E 540 13.10 -27.44 2.04
C ASP E 540 12.71 -26.09 2.65
N THR E 541 12.94 -25.94 3.95
CA THR E 541 12.64 -24.70 4.65
C THR E 541 13.68 -24.42 5.74
N ILE E 542 14.18 -23.19 5.78
CA ILE E 542 15.09 -22.76 6.86
C ILE E 542 14.27 -22.32 8.08
N ALA E 543 14.65 -22.83 9.25
CA ALA E 543 14.03 -22.41 10.51
C ALA E 543 14.94 -21.44 11.25
N ALA E 544 14.56 -20.17 11.24
CA ALA E 544 15.27 -19.15 12.02
C ALA E 544 14.63 -19.04 13.39
N THR E 545 15.35 -19.52 14.41
CA THR E 545 14.75 -19.71 15.74
C THR E 545 15.63 -19.22 16.89
N GLY E 546 15.01 -19.09 18.06
CA GLY E 546 15.71 -18.76 19.31
C GLY E 546 16.55 -19.92 19.83
N ASN E 547 17.11 -19.75 21.03
CA ASN E 547 18.14 -20.64 21.54
C ASN E 547 17.68 -22.07 21.82
N ILE E 548 16.61 -22.21 22.60
CA ILE E 548 16.07 -23.53 22.92
C ILE E 548 15.48 -24.26 21.71
N LEU E 549 14.78 -23.52 20.86
CA LEU E 549 14.23 -24.07 19.62
C LEU E 549 15.33 -24.56 18.67
N ARG E 550 16.42 -23.81 18.60
CA ARG E 550 17.62 -24.23 17.87
C ARG E 550 18.05 -25.63 18.31
N ASP E 551 18.18 -25.81 19.62
CA ASP E 551 18.52 -27.09 20.21
C ASP E 551 17.50 -28.16 19.83
N TYR E 552 16.24 -27.93 20.18
CA TYR E 552 15.15 -28.88 19.93
C TYR E 552 15.05 -29.33 18.48
N LEU E 553 15.09 -28.37 17.56
CA LEU E 553 14.91 -28.64 16.13
C LEU E 553 16.10 -29.32 15.45
N THR E 554 17.32 -28.94 15.82
CA THR E 554 18.54 -29.52 15.24
C THR E 554 18.81 -30.93 15.76
N ASP E 555 17.95 -31.40 16.66
CA ASP E 555 17.92 -32.80 17.04
C ASP E 555 16.76 -33.49 16.31
N LEU E 556 15.57 -32.92 16.43
CA LEU E 556 14.34 -33.47 15.85
C LEU E 556 14.48 -33.85 14.37
N PHE E 557 14.56 -32.83 13.50
CA PHE E 557 14.60 -33.05 12.06
C PHE E 557 15.80 -33.87 11.57
N PRO E 558 17.02 -33.55 12.06
CA PRO E 558 18.17 -34.41 11.70
C PRO E 558 18.02 -35.90 12.09
N ILE E 559 17.38 -36.17 13.23
CA ILE E 559 17.03 -37.55 13.61
C ILE E 559 16.06 -38.17 12.58
N LEU E 560 14.99 -37.45 12.26
CA LEU E 560 13.97 -37.93 11.33
C LEU E 560 14.49 -38.10 9.90
N GLU E 561 15.25 -37.10 9.43
CA GLU E 561 15.81 -37.13 8.09
C GLU E 561 16.95 -38.13 7.92
N LEU E 562 17.90 -38.13 8.86
CA LEU E 562 19.16 -38.86 8.68
C LEU E 562 19.42 -40.00 9.67
N GLY E 563 18.63 -40.06 10.74
CA GLY E 563 18.81 -41.07 11.77
C GLY E 563 19.66 -40.60 12.94
N THR E 564 20.49 -39.60 12.69
CA THR E 564 21.42 -39.07 13.69
C THR E 564 21.78 -37.60 13.41
N SER E 565 22.25 -36.90 14.44
CA SER E 565 22.75 -35.54 14.28
C SER E 565 24.27 -35.52 14.14
N ALA E 566 24.87 -36.71 14.10
CA ALA E 566 26.32 -36.85 13.98
C ALA E 566 26.79 -36.84 12.52
N LYS E 567 25.89 -36.49 11.60
CA LYS E 567 26.20 -36.42 10.18
C LYS E 567 25.85 -35.06 9.58
N MET E 568 26.18 -33.98 10.27
CA MET E 568 25.78 -32.66 9.79
C MET E 568 26.76 -31.54 10.14
N LEU E 569 26.59 -30.40 9.47
CA LEU E 569 27.37 -29.21 9.73
C LEU E 569 26.78 -28.43 10.89
N SER E 570 27.66 -27.93 11.76
CA SER E 570 27.27 -27.02 12.84
C SER E 570 28.28 -25.87 12.87
N ILE E 571 28.00 -24.87 12.04
CA ILE E 571 28.92 -23.75 11.83
C ILE E 571 28.53 -22.55 12.70
N VAL E 572 29.52 -22.00 13.39
CA VAL E 572 29.32 -20.83 14.23
C VAL E 572 30.22 -19.69 13.74
N PRO E 573 29.69 -18.84 12.81
CA PRO E 573 30.46 -17.67 12.38
C PRO E 573 30.61 -16.67 13.52
N LEU E 574 31.83 -16.56 14.03
CA LEU E 574 32.11 -15.78 15.24
C LEU E 574 31.99 -14.28 14.97
N MET E 575 31.32 -13.60 15.89
CA MET E 575 30.96 -12.18 15.74
C MET E 575 32.13 -11.25 15.46
N ALA E 576 33.27 -11.54 16.07
CA ALA E 576 34.49 -10.76 15.88
C ALA E 576 35.10 -10.95 14.49
N GLY E 577 34.69 -12.00 13.78
CA GLY E 577 35.13 -12.23 12.40
C GLY E 577 35.61 -13.64 12.09
N GLY E 578 35.89 -14.41 13.14
CA GLY E 578 36.41 -15.78 12.96
C GLY E 578 35.35 -16.82 12.66
N GLY E 579 35.58 -18.04 13.14
CA GLY E 579 34.68 -19.15 12.88
C GLY E 579 34.92 -20.36 13.76
N LEU E 580 33.86 -20.81 14.42
CA LEU E 580 33.87 -22.04 15.22
C LEU E 580 33.09 -23.13 14.49
N TYR E 581 33.62 -24.35 14.51
CA TYR E 581 33.02 -25.46 13.77
C TYR E 581 32.82 -26.67 14.67
N GLU E 582 31.60 -26.80 15.21
CA GLU E 582 31.23 -27.97 16.01
C GLU E 582 31.11 -29.19 15.11
N THR E 583 31.72 -30.30 15.53
CA THR E 583 31.72 -31.53 14.73
C THR E 583 30.51 -32.40 15.04
N GLY E 584 29.86 -32.12 16.17
CA GLY E 584 28.68 -32.86 16.59
C GLY E 584 27.94 -32.16 17.71
N ALA E 585 26.63 -32.41 17.78
CA ALA E 585 25.80 -31.86 18.85
C ALA E 585 25.62 -32.88 19.96
N GLY E 586 25.93 -34.14 19.68
CA GLY E 586 25.74 -35.23 20.62
C GLY E 586 26.82 -35.34 21.68
N GLY E 587 26.74 -36.41 22.46
CA GLY E 587 27.72 -36.68 23.51
C GLY E 587 29.00 -37.29 22.98
N SER E 588 29.86 -37.72 23.91
CA SER E 588 31.15 -38.29 23.57
C SER E 588 31.07 -39.82 23.46
N ALA E 589 29.85 -40.34 23.58
CA ALA E 589 29.54 -41.77 23.35
C ALA E 589 30.44 -42.76 24.12
N PRO E 590 30.16 -42.98 25.41
CA PRO E 590 30.97 -43.87 26.24
C PRO E 590 31.01 -45.32 25.72
N LYS E 591 29.88 -45.78 25.17
CA LYS E 591 29.73 -47.17 24.76
C LYS E 591 30.59 -47.52 23.56
N HIS E 592 30.95 -46.50 22.77
CA HIS E 592 31.88 -46.66 21.67
C HIS E 592 33.25 -46.99 22.20
N VAL E 593 33.61 -46.38 23.32
CA VAL E 593 34.90 -46.60 23.97
C VAL E 593 34.96 -48.00 24.58
N HIS E 594 33.88 -48.42 25.24
CA HIS E 594 33.77 -49.77 25.81
C HIS E 594 34.09 -50.83 24.79
N GLN E 595 33.61 -50.62 23.57
CA GLN E 595 33.85 -51.56 22.46
C GLN E 595 35.30 -51.48 21.98
N LEU E 596 35.89 -50.28 22.03
CA LEU E 596 37.26 -50.07 21.61
C LEU E 596 38.27 -50.65 22.60
N VAL E 597 37.98 -50.54 23.89
CA VAL E 597 38.89 -51.08 24.92
C VAL E 597 38.78 -52.60 25.07
N GLU E 598 37.59 -53.16 24.85
CA GLU E 598 37.35 -54.59 25.05
C GLU E 598 37.51 -55.45 23.80
N GLU E 599 37.18 -54.89 22.65
CA GLU E 599 37.16 -55.66 21.40
C GLU E 599 37.97 -55.00 20.28
N ASN E 600 38.49 -53.81 20.56
CA ASN E 600 39.28 -53.02 19.60
C ASN E 600 38.52 -52.68 18.32
N HIS E 601 37.35 -52.07 18.50
CA HIS E 601 36.56 -51.59 17.39
C HIS E 601 35.89 -50.30 17.77
N LEU E 602 36.32 -49.20 17.14
CA LEU E 602 35.67 -47.92 17.35
C LEU E 602 34.63 -47.70 16.26
N ARG E 603 33.36 -47.67 16.68
CA ARG E 603 32.26 -47.48 15.74
C ARG E 603 31.86 -46.01 15.60
N TRP E 604 32.67 -45.12 16.17
CA TRP E 604 32.43 -43.68 16.11
C TRP E 604 32.55 -43.15 14.70
N ASP E 605 31.57 -42.34 14.31
CA ASP E 605 31.53 -41.77 12.96
C ASP E 605 32.17 -40.39 12.96
N SER E 606 33.32 -40.29 12.31
CA SER E 606 34.09 -39.05 12.25
C SER E 606 33.65 -38.14 11.10
N LEU E 607 32.54 -38.50 10.45
CA LEU E 607 32.00 -37.74 9.32
C LEU E 607 31.73 -36.28 9.69
N GLY E 608 31.38 -36.04 10.95
CA GLY E 608 31.16 -34.68 11.45
C GLY E 608 32.44 -33.87 11.53
N GLU E 609 33.57 -34.56 11.71
CA GLU E 609 34.88 -33.94 11.75
C GLU E 609 35.41 -33.59 10.36
N PHE E 610 35.13 -34.46 9.39
CA PHE E 610 35.54 -34.24 8.00
C PHE E 610 34.84 -33.02 7.40
N LEU E 611 33.53 -32.93 7.63
CA LEU E 611 32.72 -31.83 7.13
C LEU E 611 33.09 -30.50 7.79
N ALA E 612 33.32 -30.53 9.10
CA ALA E 612 33.71 -29.34 9.85
C ALA E 612 35.04 -28.78 9.38
N LEU E 613 36.00 -29.68 9.15
CA LEU E 613 37.32 -29.31 8.62
C LEU E 613 37.19 -28.73 7.22
N GLY E 614 36.31 -29.32 6.42
CA GLY E 614 35.99 -28.81 5.08
C GLY E 614 35.44 -27.40 5.10
N ALA E 615 34.60 -27.10 6.10
CA ALA E 615 34.06 -25.75 6.30
C ALA E 615 35.11 -24.81 6.88
N SER E 616 36.04 -25.37 7.64
CA SER E 616 37.12 -24.60 8.26
C SER E 616 38.12 -24.08 7.23
N LEU E 617 38.57 -24.97 6.35
CA LEU E 617 39.53 -24.61 5.29
C LEU E 617 38.92 -23.68 4.25
N GLU E 618 37.63 -23.86 3.96
CA GLU E 618 36.92 -23.02 2.99
C GLU E 618 36.81 -21.57 3.48
N ASP E 619 36.47 -21.40 4.76
CA ASP E 619 36.42 -20.07 5.37
C ASP E 619 37.80 -19.46 5.48
N MET E 620 38.80 -20.29 5.79
CA MET E 620 40.20 -19.90 5.79
C MET E 620 40.60 -19.31 4.43
N GLY E 621 40.21 -19.99 3.36
CA GLY E 621 40.53 -19.58 2.00
C GLY E 621 39.89 -18.26 1.60
N ASN E 622 38.61 -18.09 1.93
CA ASN E 622 37.86 -16.88 1.59
C ASN E 622 38.23 -15.68 2.46
N LYS E 623 38.61 -15.95 3.71
CA LYS E 623 38.95 -14.90 4.67
C LYS E 623 40.35 -14.33 4.43
N THR E 624 41.31 -15.21 4.14
CA THR E 624 42.73 -14.81 4.05
C THR E 624 43.29 -14.83 2.63
N GLY E 625 42.43 -15.09 1.65
CA GLY E 625 42.83 -15.11 0.24
C GLY E 625 43.71 -16.29 -0.13
N ASN E 626 43.77 -17.28 0.74
CA ASN E 626 44.55 -18.49 0.51
C ASN E 626 43.86 -19.40 -0.51
N GLU E 627 44.46 -19.52 -1.69
CA GLU E 627 43.90 -20.34 -2.77
C GLU E 627 44.14 -21.84 -2.56
N LYS E 628 45.29 -22.17 -1.98
CA LYS E 628 45.64 -23.57 -1.71
C LYS E 628 44.76 -24.19 -0.63
N ALA E 629 44.28 -23.37 0.30
CA ALA E 629 43.35 -23.81 1.34
C ALA E 629 41.97 -24.08 0.76
N LYS E 630 41.59 -23.32 -0.26
CA LYS E 630 40.33 -23.52 -0.98
C LYS E 630 40.34 -24.85 -1.72
N VAL E 631 41.49 -25.19 -2.32
CA VAL E 631 41.64 -26.42 -3.10
C VAL E 631 41.66 -27.66 -2.19
N LEU E 632 42.17 -27.49 -0.97
CA LEU E 632 42.13 -28.54 0.06
C LEU E 632 40.69 -28.83 0.49
N ALA E 633 39.91 -27.75 0.64
CA ALA E 633 38.52 -27.84 1.06
C ALA E 633 37.65 -28.58 0.03
N LYS E 634 37.81 -28.22 -1.24
CA LYS E 634 37.04 -28.85 -2.32
C LYS E 634 37.40 -30.32 -2.50
N ALA E 635 38.70 -30.63 -2.40
CA ALA E 635 39.18 -32.01 -2.50
C ALA E 635 38.69 -32.86 -1.34
N LEU E 636 38.51 -32.24 -0.18
CA LEU E 636 37.94 -32.91 0.99
C LEU E 636 36.44 -33.12 0.82
N ASP E 637 35.74 -32.12 0.26
CA ASP E 637 34.31 -32.20 -0.05
C ASP E 637 33.99 -33.39 -0.95
N THR E 638 34.79 -33.57 -2.00
CA THR E 638 34.62 -34.67 -2.94
C THR E 638 35.04 -36.01 -2.33
N ALA E 639 36.04 -35.97 -1.45
CA ALA E 639 36.51 -37.16 -0.74
C ALA E 639 35.46 -37.68 0.24
N THR E 640 34.83 -36.74 0.96
CA THR E 640 33.72 -37.05 1.86
C THR E 640 32.57 -37.68 1.08
N GLY E 641 32.26 -37.09 -0.08
CA GLY E 641 31.23 -37.60 -0.98
C GLY E 641 31.52 -39.03 -1.42
N LYS E 642 32.76 -39.28 -1.86
CA LYS E 642 33.18 -40.60 -2.30
C LYS E 642 33.20 -41.60 -1.14
N LEU E 643 33.51 -41.11 0.06
CA LEU E 643 33.42 -41.93 1.28
C LEU E 643 31.98 -42.34 1.54
N LEU E 644 31.06 -41.39 1.37
CA LEU E 644 29.64 -41.64 1.54
C LEU E 644 29.06 -42.55 0.46
N GLU E 645 29.45 -42.31 -0.79
CA GLU E 645 28.97 -43.10 -1.91
C GLU E 645 29.61 -44.49 -1.96
N GLU E 646 30.91 -44.58 -1.64
CA GLU E 646 31.61 -45.87 -1.61
C GLU E 646 31.29 -46.65 -0.34
N ASN E 647 30.37 -46.11 0.46
CA ASN E 647 29.85 -46.76 1.67
C ASN E 647 30.97 -47.24 2.61
N LYS E 648 31.91 -46.34 2.89
CA LYS E 648 33.07 -46.67 3.71
C LYS E 648 33.02 -46.03 5.10
N SER E 649 31.81 -45.77 5.60
CA SER E 649 31.62 -45.31 6.98
C SER E 649 31.81 -46.46 7.97
N PRO E 650 32.13 -46.14 9.24
CA PRO E 650 32.35 -47.17 10.26
C PRO E 650 31.15 -48.09 10.50
N SER E 651 31.43 -49.39 10.60
CA SER E 651 30.43 -50.41 10.90
C SER E 651 30.23 -50.57 12.41
N ARG E 652 29.04 -51.01 12.80
CA ARG E 652 28.74 -51.31 14.20
C ARG E 652 29.45 -52.58 14.66
N ARG E 653 29.41 -53.62 13.83
CA ARG E 653 29.89 -54.95 14.19
C ARG E 653 31.41 -55.05 14.25
N THR E 654 31.91 -55.59 15.34
CA THR E 654 33.34 -55.78 15.56
C THR E 654 33.90 -56.88 14.65
N GLY E 655 34.98 -56.56 13.96
CA GLY E 655 35.56 -57.45 12.95
C GLY E 655 35.52 -56.82 11.57
N GLU E 656 34.59 -55.88 11.40
CA GLU E 656 34.41 -55.15 10.15
C GLU E 656 35.08 -53.76 10.20
N LEU E 657 34.83 -52.96 9.17
CA LEU E 657 35.48 -51.64 9.01
C LEU E 657 35.10 -50.67 10.15
N ASP E 658 36.10 -50.03 10.74
CA ASP E 658 35.89 -49.15 11.90
C ASP E 658 36.27 -47.68 11.62
N ASN E 659 36.36 -46.88 12.67
CA ASN E 659 36.70 -45.46 12.58
C ASN E 659 38.08 -45.19 11.98
N ARG E 660 39.04 -46.05 12.31
CA ARG E 660 40.41 -45.93 11.81
C ARG E 660 40.50 -46.24 10.32
N GLY E 661 39.66 -47.16 9.86
CA GLY E 661 39.61 -47.55 8.45
C GLY E 661 38.92 -46.54 7.55
N SER E 662 37.87 -45.91 8.07
CA SER E 662 37.15 -44.87 7.32
C SER E 662 38.03 -43.65 7.09
N GLN E 663 38.89 -43.35 8.07
CA GLN E 663 39.85 -42.25 7.97
C GLN E 663 40.89 -42.50 6.88
N PHE E 664 41.33 -43.76 6.76
CA PHE E 664 42.23 -44.13 5.67
C PHE E 664 41.60 -43.88 4.32
N TYR E 665 40.37 -44.40 4.14
CA TYR E 665 39.65 -44.22 2.89
C TYR E 665 39.41 -42.75 2.58
N LEU E 666 39.08 -41.96 3.60
CA LEU E 666 38.95 -40.51 3.43
C LEU E 666 40.24 -39.90 2.92
N SER E 667 41.36 -40.22 3.57
CA SER E 667 42.66 -39.68 3.21
C SER E 667 43.19 -40.26 1.90
N LEU E 668 42.72 -41.46 1.53
CA LEU E 668 42.97 -42.01 0.21
C LEU E 668 42.25 -41.17 -0.84
N PHE E 669 40.96 -40.90 -0.61
CA PHE E 669 40.15 -40.13 -1.55
C PHE E 669 40.59 -38.67 -1.60
N TRP E 670 41.04 -38.14 -0.46
CA TRP E 670 41.54 -36.77 -0.36
C TRP E 670 42.75 -36.56 -1.22
N ALA E 671 43.67 -37.52 -1.15
CA ALA E 671 44.91 -37.49 -1.93
C ALA E 671 44.62 -37.69 -3.42
N GLN E 672 43.69 -38.60 -3.72
CA GLN E 672 43.26 -38.85 -5.09
C GLN E 672 42.56 -37.65 -5.69
N ALA E 673 41.78 -36.94 -4.87
CA ALA E 673 41.09 -35.73 -5.30
C ALA E 673 42.07 -34.59 -5.55
N LEU E 674 43.09 -34.50 -4.70
CA LEU E 674 44.14 -33.49 -4.84
C LEU E 674 45.07 -33.75 -6.03
N ALA E 675 45.23 -35.02 -6.39
CA ALA E 675 46.08 -35.40 -7.51
C ALA E 675 45.45 -35.13 -8.87
N GLU E 676 44.14 -35.32 -8.97
CA GLU E 676 43.44 -35.18 -10.25
C GLU E 676 42.72 -33.84 -10.45
N GLN E 677 42.94 -32.90 -9.54
CA GLN E 677 42.42 -31.54 -9.70
C GLN E 677 43.38 -30.66 -10.51
N THR E 678 42.82 -29.71 -11.26
CA THR E 678 43.61 -28.91 -12.20
C THR E 678 43.38 -27.39 -12.07
N GLU E 679 43.51 -26.87 -10.84
CA GLU E 679 43.53 -25.43 -10.61
C GLU E 679 44.68 -25.03 -9.68
N ASP E 680 45.52 -26.02 -9.36
CA ASP E 680 46.80 -25.81 -8.68
C ASP E 680 47.74 -26.96 -9.08
N ALA E 681 48.72 -26.64 -9.91
CA ALA E 681 49.67 -27.64 -10.43
C ALA E 681 50.68 -28.09 -9.38
N GLU E 682 50.93 -27.22 -8.39
CA GLU E 682 51.90 -27.49 -7.33
C GLU E 682 51.41 -28.51 -6.31
N LEU E 683 50.12 -28.43 -5.97
CA LEU E 683 49.50 -29.40 -5.04
C LEU E 683 49.26 -30.76 -5.69
N ALA E 684 48.90 -30.74 -6.98
CA ALA E 684 48.61 -31.95 -7.74
C ALA E 684 49.80 -32.91 -7.83
N GLU E 685 50.97 -32.37 -8.20
CA GLU E 685 52.19 -33.16 -8.31
C GLU E 685 52.77 -33.51 -6.94
N ARG E 686 52.32 -32.81 -5.90
CA ARG E 686 52.73 -33.07 -4.52
C ARG E 686 52.00 -34.28 -3.93
N PHE E 687 50.71 -34.40 -4.25
CA PHE E 687 49.88 -35.47 -3.70
C PHE E 687 49.71 -36.65 -4.65
N LYS E 688 50.29 -36.54 -5.85
CA LYS E 688 50.28 -37.62 -6.83
C LYS E 688 51.10 -38.84 -6.35
N PRO E 689 52.28 -38.61 -5.74
CA PRO E 689 53.01 -39.74 -5.15
C PRO E 689 52.28 -40.34 -3.95
N LEU E 690 51.65 -39.50 -3.13
CA LEU E 690 50.89 -39.95 -1.97
C LEU E 690 49.64 -40.73 -2.39
N ALA E 691 48.98 -40.26 -3.45
CA ALA E 691 47.78 -40.92 -3.99
C ALA E 691 48.10 -42.34 -4.46
N LYS E 692 49.13 -42.49 -5.28
CA LYS E 692 49.54 -43.80 -5.80
C LYS E 692 50.04 -44.72 -4.67
N ALA E 693 50.59 -44.13 -3.62
CA ALA E 693 51.09 -44.88 -2.47
C ALA E 693 49.99 -45.57 -1.68
N LEU E 694 48.92 -44.82 -1.38
CA LEU E 694 47.80 -45.35 -0.59
C LEU E 694 46.91 -46.27 -1.42
N ALA E 695 46.76 -45.94 -2.71
CA ALA E 695 45.95 -46.74 -3.63
C ALA E 695 46.57 -48.11 -3.87
N GLU E 696 47.89 -48.15 -3.93
CA GLU E 696 48.65 -49.38 -4.16
C GLU E 696 48.66 -50.25 -2.92
N GLN E 697 48.78 -49.60 -1.76
CA GLN E 697 48.83 -50.29 -0.48
C GLN E 697 47.47 -50.30 0.23
N GLU E 698 46.40 -50.07 -0.53
CA GLU E 698 45.04 -50.08 0.00
C GLU E 698 44.70 -51.42 0.66
N GLU E 699 44.89 -52.49 -0.10
CA GLU E 699 44.53 -53.85 0.36
C GLU E 699 45.40 -54.31 1.54
N ALA E 700 46.64 -53.82 1.59
CA ALA E 700 47.56 -54.17 2.66
C ALA E 700 47.27 -53.42 3.96
N ILE E 701 46.91 -52.14 3.84
CA ILE E 701 46.61 -51.29 5.00
C ILE E 701 45.35 -51.72 5.75
N VAL E 702 44.27 -51.96 5.00
CA VAL E 702 42.99 -52.39 5.59
C VAL E 702 43.15 -53.76 6.26
N SER E 703 43.96 -54.62 5.66
CA SER E 703 44.30 -55.93 6.24
C SER E 703 44.86 -55.77 7.65
N GLU E 704 45.81 -54.86 7.80
CA GLU E 704 46.42 -54.55 9.10
C GLU E 704 45.43 -53.93 10.09
N LEU E 705 44.56 -53.06 9.57
CA LEU E 705 43.58 -52.36 10.40
C LEU E 705 42.43 -53.26 10.89
N ASN E 706 42.26 -54.41 10.23
CA ASN E 706 41.20 -55.36 10.60
C ASN E 706 41.70 -56.59 11.35
N SER E 707 42.99 -56.88 11.23
CA SER E 707 43.61 -58.02 11.91
C SER E 707 43.86 -57.74 13.39
N VAL E 708 43.91 -56.46 13.76
CA VAL E 708 44.16 -56.02 15.12
C VAL E 708 42.89 -56.05 16.00
N GLN E 709 41.74 -56.15 15.35
CA GLN E 709 40.44 -56.15 16.04
C GLN E 709 40.13 -57.49 16.74
N GLY E 710 39.08 -57.49 17.55
CA GLY E 710 38.58 -58.70 18.19
C GLY E 710 39.22 -59.04 19.53
N LYS E 711 40.11 -58.18 20.01
CA LYS E 711 40.82 -58.41 21.27
C LYS E 711 40.79 -57.18 22.19
N THR E 712 41.03 -57.41 23.49
CA THR E 712 41.10 -56.32 24.48
C THR E 712 42.33 -55.46 24.25
N VAL E 713 42.19 -54.15 24.48
CA VAL E 713 43.23 -53.17 24.19
C VAL E 713 43.55 -52.27 25.40
N ASP E 714 44.82 -51.87 25.52
CA ASP E 714 45.28 -51.00 26.61
C ASP E 714 45.53 -49.58 26.10
N ILE E 715 44.72 -48.64 26.59
CA ILE E 715 44.89 -47.22 26.24
C ILE E 715 45.40 -46.37 27.41
N GLY E 716 45.75 -47.03 28.51
CA GLY E 716 46.35 -46.38 29.66
C GLY E 716 45.47 -45.43 30.45
N GLY E 717 44.18 -45.75 30.54
CA GLY E 717 43.24 -44.93 31.30
C GLY E 717 41.91 -44.74 30.59
N TYR E 718 41.16 -43.73 31.04
CA TYR E 718 39.85 -43.44 30.46
C TYR E 718 39.65 -41.93 30.31
N TYR E 719 39.49 -41.24 31.44
CA TYR E 719 39.30 -39.80 31.43
C TYR E 719 40.58 -39.05 31.06
N TYR E 720 41.73 -39.63 31.40
CA TYR E 720 43.02 -39.11 31.00
C TYR E 720 43.86 -40.26 30.46
N PRO E 721 43.61 -40.67 29.20
CA PRO E 721 44.36 -41.80 28.64
C PRO E 721 45.80 -41.44 28.31
N ASP E 722 46.67 -42.43 28.32
CA ASP E 722 48.09 -42.23 28.03
C ASP E 722 48.30 -41.98 26.54
N PRO E 723 48.87 -40.79 26.19
CA PRO E 723 49.11 -40.42 24.81
C PRO E 723 49.94 -41.44 24.03
N GLU E 724 50.92 -42.06 24.68
CA GLU E 724 51.78 -43.04 24.03
C GLU E 724 51.07 -44.36 23.68
N LYS E 725 50.37 -44.94 24.65
CA LYS E 725 49.60 -46.16 24.42
C LYS E 725 48.47 -45.96 23.41
N THR E 726 47.78 -44.82 23.53
CA THR E 726 46.64 -44.48 22.66
C THR E 726 47.06 -44.32 21.20
N SER E 727 48.21 -43.66 20.98
CA SER E 727 48.78 -43.50 19.65
C SER E 727 49.11 -44.86 19.02
N GLU E 728 49.64 -45.77 19.83
CA GLU E 728 49.98 -47.13 19.39
C GLU E 728 48.72 -47.92 18.99
N VAL E 729 47.64 -47.70 19.73
CA VAL E 729 46.37 -48.37 19.49
C VAL E 729 45.65 -47.80 18.27
N MET E 730 45.54 -46.47 18.22
CA MET E 730 44.78 -45.79 17.17
C MET E 730 45.47 -45.72 15.82
N ARG E 731 46.78 -45.95 15.81
CA ARG E 731 47.55 -46.00 14.57
C ARG E 731 48.28 -47.34 14.45
N PRO E 732 47.53 -48.46 14.33
CA PRO E 732 48.16 -49.76 14.38
C PRO E 732 48.72 -50.27 13.04
N SER E 733 48.53 -49.48 11.98
CA SER E 733 49.02 -49.85 10.65
C SER E 733 50.39 -49.26 10.37
N LYS E 734 51.42 -50.12 10.38
CA LYS E 734 52.80 -49.69 10.12
C LYS E 734 53.00 -49.19 8.69
N THR E 735 52.29 -49.80 7.73
CA THR E 735 52.37 -49.40 6.33
C THR E 735 51.81 -48.01 6.12
N PHE E 736 50.67 -47.74 6.75
CA PHE E 736 49.97 -46.45 6.64
C PHE E 736 50.75 -45.33 7.32
N ASN E 737 51.33 -45.62 8.48
CA ASN E 737 52.02 -44.62 9.29
C ASN E 737 53.32 -44.11 8.68
N THR E 738 54.03 -44.98 7.97
CA THR E 738 55.27 -44.61 7.29
C THR E 738 54.99 -43.78 6.04
N THR E 739 53.90 -44.09 5.36
CA THR E 739 53.51 -43.36 4.14
C THR E 739 52.98 -41.95 4.41
N LEU E 740 53.41 -41.38 5.54
CA LEU E 740 53.22 -39.96 5.82
C LEU E 740 54.59 -39.35 6.16
N PRO F 6 -47.32 -7.82 -3.74
CA PRO F 6 -47.01 -7.59 -2.33
C PRO F 6 -47.22 -8.86 -1.49
N THR F 7 -46.53 -9.94 -1.86
CA THR F 7 -46.86 -11.27 -1.33
C THR F 7 -45.68 -12.09 -0.78
N ILE F 8 -45.96 -12.84 0.31
CA ILE F 8 -45.03 -13.84 0.85
C ILE F 8 -45.61 -15.24 0.65
N ILE F 9 -44.85 -16.10 -0.03
CA ILE F 9 -45.23 -17.50 -0.20
C ILE F 9 -44.75 -18.32 0.99
N TYR F 10 -45.69 -18.97 1.68
CA TYR F 10 -45.38 -19.83 2.82
C TYR F 10 -45.65 -21.28 2.43
N THR F 11 -44.63 -22.13 2.52
CA THR F 11 -44.76 -23.51 2.04
C THR F 11 -45.44 -24.43 3.05
N LEU F 12 -46.46 -25.15 2.58
CA LEU F 12 -47.08 -26.22 3.35
C LEU F 12 -46.35 -27.51 2.99
N THR F 13 -45.73 -28.12 3.99
CA THR F 13 -44.88 -29.28 3.76
C THR F 13 -45.46 -30.56 4.36
N ASP F 14 -44.65 -31.26 5.15
CA ASP F 14 -45.00 -32.58 5.66
C ASP F 14 -44.91 -32.63 7.19
N GLU F 15 -45.54 -33.66 7.76
CA GLU F 15 -45.33 -34.05 9.15
C GLU F 15 -45.37 -32.89 10.15
N ALA F 16 -44.37 -32.79 11.02
CA ALA F 16 -44.39 -31.85 12.17
C ALA F 16 -44.41 -30.35 11.82
N PRO F 17 -43.54 -29.88 10.90
CA PRO F 17 -43.60 -28.47 10.51
C PRO F 17 -44.97 -28.07 9.96
N LEU F 18 -45.57 -28.96 9.16
CA LEU F 18 -46.92 -28.72 8.62
C LEU F 18 -47.95 -28.53 9.74
N LEU F 19 -47.92 -29.40 10.75
CA LEU F 19 -48.81 -29.28 11.90
C LEU F 19 -48.64 -27.94 12.61
N ALA F 20 -47.39 -27.51 12.77
CA ALA F 20 -47.07 -26.21 13.36
C ALA F 20 -47.61 -25.06 12.51
N THR F 21 -47.54 -25.21 11.19
CA THR F 21 -48.01 -24.20 10.25
C THR F 21 -49.53 -23.98 10.34
N TYR F 22 -50.27 -25.04 10.64
CA TYR F 22 -51.71 -24.95 10.84
C TYR F 22 -52.05 -24.01 11.98
N ALA F 23 -51.22 -24.02 13.03
CA ALA F 23 -51.40 -23.13 14.17
C ALA F 23 -50.83 -21.73 13.91
N PHE F 24 -49.91 -21.65 12.95
CA PHE F 24 -49.13 -20.42 12.73
C PHE F 24 -49.64 -19.52 11.63
N LEU F 25 -50.10 -20.09 10.52
CA LEU F 25 -50.59 -19.31 9.37
C LEU F 25 -51.66 -18.27 9.69
N PRO F 26 -52.64 -18.62 10.56
CA PRO F 26 -53.62 -17.61 10.98
C PRO F 26 -52.99 -16.39 11.66
N VAL F 27 -52.00 -16.62 12.52
CA VAL F 27 -51.39 -15.52 13.29
C VAL F 27 -50.33 -14.73 12.52
N VAL F 28 -49.67 -15.35 11.55
CA VAL F 28 -48.73 -14.62 10.68
C VAL F 28 -49.49 -13.73 9.67
N ARG F 29 -50.68 -14.15 9.27
CA ARG F 29 -51.53 -13.37 8.37
C ARG F 29 -52.12 -12.13 9.05
N LYS F 30 -52.55 -12.28 10.30
CA LYS F 30 -53.10 -11.17 11.10
C LYS F 30 -52.10 -10.04 11.31
N PHE F 31 -50.81 -10.39 11.32
CA PHE F 31 -49.73 -9.42 11.45
C PHE F 31 -49.29 -8.86 10.09
N ALA F 32 -49.26 -9.70 9.07
CA ALA F 32 -48.74 -9.33 7.74
C ALA F 32 -49.69 -8.47 6.90
N GLU F 33 -50.99 -8.58 7.15
CA GLU F 33 -51.99 -7.74 6.47
C GLU F 33 -51.92 -6.29 6.96
N ALA F 34 -51.41 -6.10 8.18
CA ALA F 34 -51.24 -4.79 8.80
C ALA F 34 -50.08 -3.98 8.18
N ALA F 35 -49.48 -4.54 7.12
CA ALA F 35 -48.42 -3.85 6.39
C ALA F 35 -48.63 -3.94 4.87
N GLY F 36 -49.78 -4.49 4.48
CA GLY F 36 -50.14 -4.62 3.06
C GLY F 36 -49.51 -5.82 2.38
N ILE F 37 -49.22 -6.86 3.16
CA ILE F 37 -48.63 -8.09 2.63
C ILE F 37 -49.61 -9.25 2.71
N ASP F 38 -49.88 -9.86 1.56
CA ASP F 38 -50.73 -11.04 1.46
C ASP F 38 -49.85 -12.29 1.56
N VAL F 39 -50.23 -13.20 2.46
CA VAL F 39 -49.51 -14.46 2.62
C VAL F 39 -50.30 -15.61 1.99
N LYS F 40 -49.76 -16.15 0.90
CA LYS F 40 -50.39 -17.28 0.21
C LYS F 40 -49.56 -18.55 0.37
N THR F 41 -50.25 -19.66 0.63
CA THR F 41 -49.63 -20.95 0.83
C THR F 41 -49.18 -21.58 -0.48
N SER F 42 -48.33 -22.60 -0.39
CA SER F 42 -47.92 -23.39 -1.54
C SER F 42 -47.63 -24.82 -1.09
N ASP F 43 -48.53 -25.74 -1.44
CA ASP F 43 -48.42 -27.13 -1.01
C ASP F 43 -47.39 -27.88 -1.84
N ILE F 44 -46.26 -28.22 -1.22
CA ILE F 44 -45.21 -29.02 -1.87
C ILE F 44 -44.94 -30.33 -1.13
N SER F 45 -45.92 -30.78 -0.34
CA SER F 45 -45.85 -32.05 0.37
C SER F 45 -45.66 -33.23 -0.59
N VAL F 46 -45.24 -34.36 -0.03
CA VAL F 46 -45.04 -35.58 -0.81
C VAL F 46 -46.33 -36.02 -1.52
N ALA F 47 -47.46 -35.83 -0.86
CA ALA F 47 -48.78 -36.13 -1.44
C ALA F 47 -49.09 -35.22 -2.63
N ALA F 48 -48.93 -33.91 -2.42
CA ALA F 48 -49.20 -32.92 -3.46
C ALA F 48 -48.31 -33.12 -4.67
N ARG F 49 -47.09 -33.58 -4.45
CA ARG F 49 -46.14 -33.81 -5.54
C ARG F 49 -46.45 -35.07 -6.35
N ILE F 50 -47.09 -36.05 -5.71
CA ILE F 50 -47.56 -37.25 -6.41
C ILE F 50 -48.80 -36.93 -7.26
N LEU F 51 -49.72 -36.14 -6.69
CA LEU F 51 -50.93 -35.73 -7.39
C LEU F 51 -50.61 -34.82 -8.58
N ALA F 52 -49.67 -33.90 -8.38
CA ALA F 52 -49.24 -32.98 -9.43
C ALA F 52 -48.65 -33.72 -10.63
N GLU F 53 -47.95 -34.82 -10.35
CA GLU F 53 -47.31 -35.61 -11.39
C GLU F 53 -48.27 -36.60 -12.05
N PHE F 54 -49.16 -37.19 -11.27
CA PHE F 54 -50.06 -38.23 -11.77
C PHE F 54 -51.51 -37.78 -11.90
N GLY F 55 -51.73 -36.70 -12.64
CA GLY F 55 -53.06 -36.15 -12.88
C GLY F 55 -53.85 -36.86 -13.97
N ASP F 56 -53.28 -37.92 -14.52
CA ASP F 56 -53.90 -38.68 -15.62
C ASP F 56 -55.15 -39.42 -15.17
N HIS F 57 -55.13 -39.93 -13.95
CA HIS F 57 -56.16 -40.84 -13.47
C HIS F 57 -57.07 -40.15 -12.48
N LEU F 58 -56.85 -38.84 -12.31
CA LEU F 58 -57.60 -38.04 -11.34
C LEU F 58 -58.68 -37.21 -12.03
N THR F 59 -59.75 -36.91 -11.29
CA THR F 59 -60.79 -36.01 -11.79
C THR F 59 -60.26 -34.58 -11.81
N GLU F 60 -60.98 -33.69 -12.49
CA GLU F 60 -60.58 -32.28 -12.60
C GLU F 60 -60.48 -31.58 -11.24
N GLU F 61 -61.41 -31.89 -10.33
CA GLU F 61 -61.38 -31.33 -8.97
C GLU F 61 -60.27 -31.93 -8.11
N GLN F 62 -59.91 -33.17 -8.40
CA GLN F 62 -58.83 -33.86 -7.70
C GLN F 62 -57.45 -33.32 -8.09
N ARG F 63 -57.29 -32.95 -9.37
CA ARG F 63 -56.03 -32.44 -9.92
C ARG F 63 -55.50 -31.22 -9.17
N VAL F 64 -54.21 -31.27 -8.83
CA VAL F 64 -53.54 -30.20 -8.11
C VAL F 64 -52.46 -29.57 -9.01
N PRO F 65 -52.25 -28.24 -8.91
CA PRO F 65 -51.19 -27.61 -9.70
C PRO F 65 -49.78 -28.07 -9.32
N ASP F 66 -48.84 -27.99 -10.25
CA ASP F 66 -47.43 -28.29 -10.00
C ASP F 66 -46.76 -27.14 -9.24
N ASN F 67 -46.99 -27.09 -7.92
CA ASN F 67 -46.50 -26.02 -7.07
C ASN F 67 -44.99 -25.89 -7.01
N LEU F 68 -44.29 -27.04 -7.08
CA LEU F 68 -42.84 -27.07 -7.07
C LEU F 68 -42.26 -26.39 -8.31
N GLY F 69 -42.84 -26.70 -9.47
CA GLY F 69 -42.47 -26.05 -10.74
C GLY F 69 -42.88 -24.60 -10.77
N GLU F 70 -43.98 -24.28 -10.08
CA GLU F 70 -44.51 -22.93 -9.98
C GLU F 70 -43.53 -22.05 -9.19
N LEU F 71 -42.99 -22.62 -8.10
CA LEU F 71 -41.99 -21.94 -7.27
C LEU F 71 -40.66 -21.79 -7.99
N GLY F 72 -40.31 -22.80 -8.79
CA GLY F 72 -39.10 -22.76 -9.63
C GLY F 72 -39.10 -21.61 -10.62
N ALA F 73 -40.28 -21.29 -11.15
CA ALA F 73 -40.45 -20.14 -12.03
C ALA F 73 -40.46 -18.84 -11.23
N LEU F 74 -41.03 -18.89 -10.03
CA LEU F 74 -41.15 -17.72 -9.15
C LEU F 74 -39.81 -17.16 -8.68
N THR F 75 -38.77 -18.00 -8.64
CA THR F 75 -37.43 -17.56 -8.27
C THR F 75 -36.85 -16.57 -9.27
N GLN F 76 -37.26 -16.71 -10.54
CA GLN F 76 -36.83 -15.82 -11.62
C GLN F 76 -37.50 -14.43 -11.54
N ASP F 77 -38.39 -14.26 -10.58
CA ASP F 77 -39.08 -12.99 -10.37
C ASP F 77 -38.37 -12.19 -9.27
N PRO F 78 -37.99 -10.93 -9.57
CA PRO F 78 -37.36 -10.02 -8.61
C PRO F 78 -38.15 -9.78 -7.31
N SER F 79 -39.44 -10.12 -7.31
CA SER F 79 -40.30 -9.88 -6.16
C SER F 79 -40.44 -11.12 -5.25
N ALA F 80 -39.83 -12.23 -5.68
CA ALA F 80 -39.90 -13.50 -4.97
C ALA F 80 -39.62 -13.38 -3.47
N ASN F 81 -40.47 -14.03 -2.67
CA ASN F 81 -40.33 -14.06 -1.22
C ASN F 81 -40.90 -15.37 -0.66
N ILE F 82 -40.04 -16.37 -0.54
CA ILE F 82 -40.48 -17.73 -0.20
C ILE F 82 -39.89 -18.21 1.14
N ILE F 83 -40.78 -18.53 2.07
CA ILE F 83 -40.40 -19.19 3.32
C ILE F 83 -40.55 -20.71 3.15
N LYS F 84 -39.44 -21.39 2.94
CA LYS F 84 -39.41 -22.85 2.76
C LYS F 84 -39.22 -23.54 4.10
N LEU F 85 -40.02 -24.58 4.34
CA LEU F 85 -39.96 -25.35 5.59
C LEU F 85 -39.44 -26.77 5.31
N PRO F 86 -38.90 -27.44 6.34
CA PRO F 86 -38.41 -28.80 6.11
C PRO F 86 -39.51 -29.74 5.62
N ASN F 87 -39.23 -30.45 4.53
CA ASN F 87 -40.16 -31.42 3.96
C ASN F 87 -39.53 -32.81 3.92
N ILE F 88 -40.30 -33.79 3.46
CA ILE F 88 -39.80 -35.16 3.33
C ILE F 88 -39.04 -35.33 2.03
N SER F 89 -37.83 -35.89 2.12
CA SER F 89 -37.12 -36.41 0.95
C SER F 89 -37.42 -37.90 0.84
N ALA F 90 -38.54 -38.20 0.18
CA ALA F 90 -39.15 -39.53 0.21
C ALA F 90 -38.21 -40.69 -0.06
N SER F 91 -38.15 -41.62 0.89
CA SER F 91 -37.56 -42.92 0.67
C SER F 91 -38.65 -43.79 0.07
N VAL F 92 -38.28 -44.94 -0.49
CA VAL F 92 -39.26 -45.82 -1.13
C VAL F 92 -40.42 -46.18 -0.18
N PRO F 93 -40.12 -46.72 1.03
CA PRO F 93 -41.21 -47.05 1.95
C PRO F 93 -42.13 -45.86 2.28
N GLN F 94 -41.56 -44.65 2.36
CA GLN F 94 -42.34 -43.43 2.57
C GLN F 94 -43.26 -43.15 1.38
N LEU F 95 -42.72 -43.32 0.18
CA LEU F 95 -43.47 -43.09 -1.04
C LEU F 95 -44.63 -44.09 -1.15
N LEU F 96 -44.34 -45.35 -0.83
CA LEU F 96 -45.35 -46.40 -0.87
C LEU F 96 -46.52 -46.09 0.05
N ALA F 97 -46.20 -45.65 1.27
CA ALA F 97 -47.22 -45.31 2.27
C ALA F 97 -48.09 -44.13 1.84
N ALA F 98 -47.49 -43.19 1.13
CA ALA F 98 -48.20 -42.01 0.63
C ALA F 98 -49.15 -42.40 -0.50
N ILE F 99 -48.66 -43.28 -1.38
CA ILE F 99 -49.45 -43.79 -2.51
C ILE F 99 -50.68 -44.54 -2.01
N LYS F 100 -50.48 -45.43 -1.04
CA LYS F 100 -51.58 -46.16 -0.40
C LYS F 100 -52.60 -45.24 0.27
N GLU F 101 -52.12 -44.28 1.06
CA GLU F 101 -53.00 -43.32 1.72
C GLU F 101 -53.90 -42.62 0.71
N LEU F 102 -53.30 -42.13 -0.38
CA LEU F 102 -54.03 -41.44 -1.43
C LEU F 102 -55.02 -42.34 -2.15
N GLN F 103 -54.55 -43.51 -2.58
CA GLN F 103 -55.41 -44.52 -3.22
C GLN F 103 -56.60 -44.83 -2.34
N GLY F 104 -56.35 -44.95 -1.04
CA GLY F 104 -57.38 -45.21 -0.04
C GLY F 104 -58.38 -44.08 0.08
N LYS F 105 -57.97 -42.88 -0.31
CA LYS F 105 -58.83 -41.70 -0.26
C LYS F 105 -59.45 -41.43 -1.63
N GLY F 106 -59.38 -42.43 -2.51
CA GLY F 106 -60.02 -42.37 -3.82
C GLY F 106 -59.25 -41.62 -4.88
N TYR F 107 -57.95 -41.45 -4.66
CA TYR F 107 -57.08 -40.83 -5.66
C TYR F 107 -56.43 -41.92 -6.48
N ASN F 108 -56.90 -42.10 -7.70
CA ASN F 108 -56.34 -43.12 -8.59
C ASN F 108 -54.92 -42.75 -8.99
N VAL F 109 -53.96 -43.19 -8.18
CA VAL F 109 -52.55 -43.03 -8.49
C VAL F 109 -51.91 -44.42 -8.59
N PRO F 110 -50.96 -44.59 -9.53
CA PRO F 110 -50.39 -45.93 -9.74
C PRO F 110 -49.55 -46.40 -8.56
N ASP F 111 -49.45 -47.72 -8.40
CA ASP F 111 -48.49 -48.31 -7.48
C ASP F 111 -47.08 -48.02 -8.01
N TYR F 112 -46.13 -47.82 -7.11
CA TYR F 112 -44.73 -47.70 -7.49
C TYR F 112 -44.17 -49.09 -7.76
N PRO F 113 -43.76 -49.38 -9.02
CA PRO F 113 -43.20 -50.67 -9.37
C PRO F 113 -41.67 -50.69 -9.26
N ALA F 114 -41.16 -51.32 -8.21
CA ALA F 114 -39.71 -51.41 -7.99
C ALA F 114 -39.03 -52.25 -9.08
N ASN F 115 -39.68 -53.35 -9.46
CA ASN F 115 -39.19 -54.22 -10.53
C ASN F 115 -40.22 -54.30 -11.65
N PRO F 116 -40.23 -53.30 -12.56
CA PRO F 116 -41.25 -53.17 -13.60
C PRO F 116 -41.28 -54.32 -14.62
N LYS F 117 -42.40 -55.02 -14.69
CA LYS F 117 -42.60 -56.14 -15.61
C LYS F 117 -42.73 -55.67 -17.07
N THR F 118 -43.85 -55.00 -17.37
CA THR F 118 -44.09 -54.46 -18.71
C THR F 118 -43.25 -53.19 -18.94
N ASP F 119 -43.29 -52.69 -20.17
CA ASP F 119 -42.58 -51.46 -20.52
C ASP F 119 -43.37 -50.22 -20.10
N ASP F 120 -44.66 -50.42 -19.81
CA ASP F 120 -45.52 -49.34 -19.34
C ASP F 120 -45.31 -49.08 -17.85
N GLU F 121 -44.82 -50.09 -17.14
CA GLU F 121 -44.47 -49.98 -15.73
C GLU F 121 -43.14 -49.25 -15.52
N LYS F 122 -42.21 -49.44 -16.46
CA LYS F 122 -40.93 -48.73 -16.48
C LYS F 122 -41.14 -47.22 -16.60
N LYS F 123 -42.15 -46.86 -17.41
CA LYS F 123 -42.51 -45.48 -17.65
C LYS F 123 -42.82 -44.74 -16.34
N ILE F 124 -43.74 -45.29 -15.55
CA ILE F 124 -44.26 -44.60 -14.37
C ILE F 124 -43.34 -44.65 -13.15
N LYS F 125 -42.45 -45.65 -13.10
CA LYS F 125 -41.40 -45.71 -12.10
C LYS F 125 -40.48 -44.50 -12.26
N ASP F 126 -40.15 -44.18 -13.50
CA ASP F 126 -39.33 -43.02 -13.84
C ASP F 126 -40.05 -41.72 -13.46
N ARG F 127 -41.37 -41.69 -13.68
CA ARG F 127 -42.17 -40.52 -13.34
C ARG F 127 -42.26 -40.33 -11.82
N TYR F 128 -42.18 -41.45 -11.10
CA TYR F 128 -42.10 -41.43 -9.64
C TYR F 128 -40.71 -41.03 -9.14
N ALA F 129 -39.68 -41.39 -9.91
CA ALA F 129 -38.29 -41.06 -9.58
C ALA F 129 -38.02 -39.55 -9.55
N LYS F 130 -38.99 -38.78 -10.04
CA LYS F 130 -38.97 -37.32 -9.95
C LYS F 130 -39.40 -36.86 -8.54
N ILE F 131 -40.06 -37.76 -7.81
CA ILE F 131 -40.58 -37.47 -6.48
C ILE F 131 -39.63 -37.96 -5.39
N LEU F 132 -38.91 -39.05 -5.68
CA LEU F 132 -38.01 -39.69 -4.73
C LEU F 132 -36.78 -38.83 -4.35
N GLY F 133 -36.45 -38.85 -3.06
CA GLY F 133 -35.24 -38.20 -2.56
C GLY F 133 -35.27 -36.68 -2.53
N SER F 134 -34.08 -36.09 -2.57
CA SER F 134 -33.91 -34.64 -2.49
C SER F 134 -34.46 -33.96 -3.74
N ALA F 135 -35.76 -33.68 -3.72
CA ALA F 135 -36.46 -33.20 -4.91
C ALA F 135 -36.75 -31.70 -4.91
N VAL F 136 -37.01 -31.15 -3.72
CA VAL F 136 -37.37 -29.74 -3.58
C VAL F 136 -36.17 -28.80 -3.73
N ASN F 137 -35.13 -29.05 -2.92
CA ASN F 137 -33.95 -28.17 -2.85
C ASN F 137 -33.26 -27.82 -4.18
N PRO F 138 -33.04 -28.81 -5.06
CA PRO F 138 -32.41 -28.46 -6.36
C PRO F 138 -33.21 -27.41 -7.13
N VAL F 139 -34.54 -27.47 -7.02
CA VAL F 139 -35.41 -26.55 -7.75
C VAL F 139 -35.50 -25.18 -7.08
N LEU F 140 -35.57 -25.16 -5.75
CA LEU F 140 -35.74 -23.91 -5.01
C LEU F 140 -34.47 -23.06 -4.88
N ARG F 141 -33.32 -23.71 -4.86
CA ARG F 141 -32.04 -23.02 -4.60
C ARG F 141 -31.45 -22.34 -5.83
N GLU F 142 -32.07 -21.23 -6.22
CA GLU F 142 -31.61 -20.40 -7.33
C GLU F 142 -30.76 -19.23 -6.86
N GLY F 143 -30.17 -19.40 -5.67
CA GLY F 143 -29.22 -18.46 -5.10
C GLY F 143 -28.20 -19.20 -4.26
N ASN F 144 -27.28 -18.45 -3.66
CA ASN F 144 -26.26 -19.04 -2.80
C ASN F 144 -26.64 -18.93 -1.32
N SER F 145 -25.93 -19.69 -0.48
CA SER F 145 -26.28 -19.82 0.94
C SER F 145 -25.63 -18.80 1.83
N ASP F 146 -26.44 -18.22 2.72
CA ASP F 146 -25.96 -17.37 3.79
C ASP F 146 -26.52 -17.94 5.08
N ARG F 147 -25.77 -18.89 5.65
CA ARG F 147 -26.23 -19.59 6.84
C ARG F 147 -25.42 -19.16 8.06
N ARG F 148 -26.11 -18.70 9.09
CA ARG F 148 -25.46 -18.19 10.31
C ARG F 148 -26.35 -18.24 11.53
N ALA F 149 -25.72 -18.32 12.70
CA ALA F 149 -26.41 -18.25 13.97
C ALA F 149 -26.88 -16.81 14.20
N PRO F 150 -28.18 -16.64 14.50
CA PRO F 150 -28.68 -15.31 14.86
C PRO F 150 -28.08 -14.86 16.19
N LYS F 151 -27.82 -13.56 16.31
CA LYS F 151 -27.15 -12.98 17.47
C LYS F 151 -27.86 -13.32 18.78
N ALA F 152 -29.19 -13.41 18.73
CA ALA F 152 -30.00 -13.68 19.91
C ALA F 152 -29.89 -15.13 20.40
N VAL F 153 -29.59 -16.04 19.48
CA VAL F 153 -29.46 -17.47 19.83
C VAL F 153 -28.11 -17.77 20.48
N LYS F 154 -27.04 -17.24 19.88
CA LYS F 154 -25.68 -17.40 20.42
C LYS F 154 -25.60 -16.90 21.86
N GLU F 155 -26.20 -15.74 22.12
CA GLU F 155 -26.18 -15.13 23.45
C GLU F 155 -26.94 -15.95 24.50
N TYR F 156 -27.93 -16.72 24.05
CA TYR F 156 -28.64 -17.64 24.94
C TYR F 156 -27.80 -18.87 25.28
N ALA F 157 -26.97 -19.30 24.32
CA ALA F 157 -26.08 -20.45 24.50
C ALA F 157 -24.94 -20.17 25.47
N ARG F 158 -24.49 -18.91 25.52
CA ARG F 158 -23.45 -18.48 26.45
C ARG F 158 -23.93 -18.56 27.89
N LYS F 159 -25.15 -18.08 28.12
CA LYS F 159 -25.73 -18.05 29.46
C LYS F 159 -26.25 -19.42 29.87
N HIS F 160 -26.65 -20.22 28.89
CA HIS F 160 -27.11 -21.58 29.14
C HIS F 160 -26.39 -22.57 28.25
N PRO F 161 -25.20 -23.03 28.68
CA PRO F 161 -24.45 -24.00 27.88
C PRO F 161 -25.08 -25.41 27.84
N HIS F 162 -24.94 -26.04 26.68
CA HIS F 162 -25.41 -27.40 26.44
C HIS F 162 -24.31 -28.39 26.74
N SER F 163 -24.68 -29.59 27.20
CA SER F 163 -23.70 -30.60 27.56
C SER F 163 -22.82 -31.01 26.38
N MET F 164 -21.51 -31.05 26.62
CA MET F 164 -20.51 -31.44 25.62
C MET F 164 -19.59 -32.49 26.22
N GLY F 165 -19.34 -33.56 25.47
CA GLY F 165 -18.46 -34.64 25.95
C GLY F 165 -17.01 -34.23 25.95
N GLU F 166 -16.28 -34.58 27.01
CA GLU F 166 -14.88 -34.19 27.13
C GLU F 166 -13.97 -34.97 26.18
N TRP F 167 -12.91 -34.29 25.71
CA TRP F 167 -11.92 -34.89 24.82
C TRP F 167 -10.66 -35.23 25.56
N SER F 168 -10.44 -36.53 25.78
CA SER F 168 -9.18 -37.00 26.33
C SER F 168 -8.06 -36.73 25.34
N GLN F 169 -6.87 -36.42 25.84
CA GLN F 169 -5.71 -36.23 24.98
C GLN F 169 -5.23 -37.57 24.42
N ALA F 170 -5.72 -38.66 25.03
CA ALA F 170 -5.40 -40.02 24.61
C ALA F 170 -6.50 -40.64 23.73
N SER F 171 -7.40 -39.79 23.22
CA SER F 171 -8.51 -40.24 22.38
C SER F 171 -7.99 -40.92 21.12
N ARG F 172 -8.56 -42.08 20.81
CA ARG F 172 -8.09 -42.87 19.67
C ARG F 172 -8.84 -42.54 18.38
N THR F 173 -9.88 -41.71 18.48
CA THR F 173 -10.77 -41.46 17.34
C THR F 173 -10.13 -40.55 16.32
N HIS F 174 -10.40 -40.85 15.05
CA HIS F 174 -9.79 -40.15 13.92
C HIS F 174 -10.64 -40.35 12.71
N VAL F 175 -10.44 -39.49 11.71
CA VAL F 175 -11.01 -39.71 10.40
C VAL F 175 -10.03 -40.57 9.60
N ALA F 176 -10.51 -41.72 9.11
CA ALA F 176 -9.77 -42.52 8.15
C ALA F 176 -10.28 -42.19 6.76
N THR F 177 -9.35 -41.94 5.84
CA THR F 177 -9.70 -41.53 4.48
C THR F 177 -8.63 -41.91 3.45
N MET F 178 -9.01 -41.88 2.17
CA MET F 178 -8.14 -42.35 1.10
C MET F 178 -7.01 -41.37 0.79
N LYS F 179 -5.87 -41.93 0.37
CA LYS F 179 -4.69 -41.13 0.03
C LYS F 179 -4.38 -41.20 -1.47
N THR F 180 -4.89 -42.23 -2.14
CA THR F 180 -4.88 -42.35 -3.59
C THR F 180 -6.15 -43.04 -4.04
N GLY F 181 -6.44 -42.94 -5.34
CA GLY F 181 -7.50 -43.72 -5.97
C GLY F 181 -8.91 -43.16 -5.87
N ASP F 182 -9.09 -42.13 -5.04
CA ASP F 182 -10.39 -41.50 -4.84
C ASP F 182 -10.61 -40.37 -5.85
N PHE F 183 -11.71 -39.62 -5.70
CA PHE F 183 -12.04 -38.54 -6.61
C PHE F 183 -10.97 -37.44 -6.59
N TYR F 184 -10.42 -37.18 -5.40
CA TYR F 184 -9.44 -36.12 -5.19
C TYR F 184 -8.13 -36.31 -5.96
N HIS F 185 -7.53 -37.49 -5.84
CA HIS F 185 -6.18 -37.74 -6.35
C HIS F 185 -6.10 -38.18 -7.79
N GLY F 186 -7.23 -38.15 -8.49
CA GLY F 186 -7.27 -38.47 -9.91
C GLY F 186 -8.05 -37.43 -10.69
N GLU F 187 -8.40 -36.34 -10.00
CA GLU F 187 -9.27 -35.31 -10.53
C GLU F 187 -8.62 -34.50 -11.65
N LYS F 188 -9.41 -34.23 -12.69
CA LYS F 188 -9.07 -33.25 -13.72
C LYS F 188 -10.20 -32.22 -13.77
N SER F 189 -9.86 -30.98 -14.12
CA SER F 189 -10.81 -29.86 -14.10
C SER F 189 -10.39 -28.72 -15.01
N MET F 190 -11.36 -27.97 -15.51
CA MET F 190 -11.11 -26.84 -16.41
C MET F 190 -12.27 -25.86 -16.50
N THR F 191 -11.97 -24.66 -16.99
CA THR F 191 -12.97 -23.64 -17.26
C THR F 191 -13.27 -23.60 -18.76
N LEU F 192 -14.55 -23.56 -19.11
CA LEU F 192 -14.97 -23.47 -20.51
C LEU F 192 -14.76 -22.07 -21.09
N ASP F 193 -14.27 -22.03 -22.31
CA ASP F 193 -13.95 -20.78 -23.00
C ASP F 193 -15.13 -20.29 -23.81
N ARG F 194 -15.77 -21.21 -24.54
CA ARG F 194 -16.94 -20.90 -25.36
C ARG F 194 -18.16 -21.71 -24.93
N ASP F 195 -19.32 -21.39 -25.50
CA ASP F 195 -20.50 -22.24 -25.37
C ASP F 195 -20.32 -23.51 -26.20
N ARG F 196 -20.54 -24.65 -25.58
CA ARG F 196 -20.60 -25.93 -26.31
C ARG F 196 -21.48 -26.99 -25.64
N ARG F 197 -21.78 -28.04 -26.39
CA ARG F 197 -22.57 -29.16 -25.91
C ARG F 197 -21.75 -30.45 -26.00
N VAL F 198 -21.61 -31.12 -24.87
CA VAL F 198 -20.69 -32.28 -24.75
C VAL F 198 -21.40 -33.59 -24.41
N LYS F 199 -20.66 -34.68 -24.52
CA LYS F 199 -21.16 -36.02 -24.18
C LYS F 199 -20.17 -36.82 -23.33
N MET F 200 -20.69 -37.68 -22.46
CA MET F 200 -19.87 -38.59 -21.66
C MET F 200 -19.79 -39.96 -22.33
N VAL F 201 -18.58 -40.30 -22.80
CA VAL F 201 -18.36 -41.56 -23.54
C VAL F 201 -17.23 -42.41 -22.96
N LEU F 202 -17.41 -43.72 -23.03
CA LEU F 202 -16.39 -44.68 -22.61
C LEU F 202 -15.87 -45.46 -23.81
N LYS F 203 -14.65 -45.14 -24.23
CA LYS F 203 -13.98 -45.82 -25.33
C LYS F 203 -13.36 -47.10 -24.78
N THR F 204 -13.96 -48.24 -25.11
CA THR F 204 -13.64 -49.52 -24.48
C THR F 204 -12.44 -50.25 -25.11
N LYS F 205 -12.06 -51.37 -24.49
CA LYS F 205 -10.95 -52.21 -24.94
C LYS F 205 -11.23 -52.95 -26.26
N SER F 206 -12.51 -53.23 -26.52
CA SER F 206 -12.93 -53.94 -27.72
C SER F 206 -12.96 -53.06 -28.97
N GLY F 207 -12.71 -51.76 -28.78
CA GLY F 207 -12.80 -50.77 -29.86
C GLY F 207 -14.12 -50.02 -29.82
N GLU F 208 -15.12 -50.63 -29.16
CA GLU F 208 -16.47 -50.08 -29.04
C GLU F 208 -16.48 -48.78 -28.21
N GLU F 209 -17.41 -47.90 -28.54
CA GLU F 209 -17.62 -46.68 -27.77
C GLU F 209 -19.04 -46.62 -27.22
N ILE F 210 -19.17 -46.77 -25.91
CA ILE F 210 -20.46 -46.68 -25.24
C ILE F 210 -20.74 -45.22 -24.85
N VAL F 211 -21.91 -44.73 -25.23
CA VAL F 211 -22.36 -43.39 -24.84
C VAL F 211 -23.10 -43.52 -23.51
N LEU F 212 -22.51 -42.99 -22.45
CA LEU F 212 -23.13 -43.02 -21.11
C LEU F 212 -24.10 -41.87 -20.93
N LYS F 213 -23.71 -40.68 -21.40
CA LYS F 213 -24.59 -39.53 -21.40
C LYS F 213 -24.70 -38.97 -22.82
N PRO F 214 -25.93 -38.98 -23.38
CA PRO F 214 -26.18 -38.51 -24.75
C PRO F 214 -25.73 -37.07 -24.98
N GLU F 215 -26.30 -36.12 -24.23
CA GLU F 215 -26.06 -34.70 -24.46
C GLU F 215 -26.21 -33.89 -23.17
N VAL F 216 -25.33 -32.91 -23.00
CA VAL F 216 -25.41 -31.95 -21.89
C VAL F 216 -24.87 -30.58 -22.29
N LYS F 217 -25.74 -29.58 -22.23
CA LYS F 217 -25.41 -28.22 -22.63
C LYS F 217 -24.58 -27.51 -21.57
N LEU F 218 -23.45 -26.95 -21.99
CA LEU F 218 -22.54 -26.25 -21.10
C LEU F 218 -22.34 -24.80 -21.57
N ASP F 219 -22.35 -23.86 -20.63
CA ASP F 219 -22.16 -22.44 -20.93
C ASP F 219 -20.68 -22.03 -20.92
N ALA F 220 -20.40 -20.83 -21.41
CA ALA F 220 -19.04 -20.28 -21.37
C ALA F 220 -18.73 -19.78 -19.97
N GLY F 221 -17.51 -20.04 -19.52
CA GLY F 221 -17.07 -19.65 -18.18
C GLY F 221 -17.52 -20.63 -17.09
N ASP F 222 -17.93 -21.83 -17.50
CA ASP F 222 -18.37 -22.86 -16.56
C ASP F 222 -17.22 -23.80 -16.18
N ILE F 223 -17.17 -24.16 -14.89
CA ILE F 223 -16.16 -25.09 -14.39
C ILE F 223 -16.70 -26.53 -14.42
N ILE F 224 -16.00 -27.40 -15.14
CA ILE F 224 -16.40 -28.81 -15.26
C ILE F 224 -15.27 -29.72 -14.78
N ASP F 225 -15.64 -30.88 -14.24
CA ASP F 225 -14.69 -31.78 -13.59
C ASP F 225 -14.81 -33.19 -14.13
N SER F 226 -13.68 -33.91 -14.22
CA SER F 226 -13.69 -35.33 -14.55
C SER F 226 -13.02 -36.14 -13.43
N MET F 227 -13.83 -36.63 -12.50
CA MET F 227 -13.34 -37.29 -11.29
C MET F 227 -13.78 -38.75 -11.26
N TYR F 228 -12.91 -39.62 -10.76
CA TYR F 228 -13.23 -41.05 -10.67
C TYR F 228 -12.68 -41.69 -9.41
N MET F 229 -13.44 -42.61 -8.83
CA MET F 229 -12.99 -43.39 -7.69
C MET F 229 -12.75 -44.84 -8.10
N SER F 230 -11.54 -45.32 -7.84
CA SER F 230 -11.13 -46.66 -8.24
C SER F 230 -11.78 -47.71 -7.34
N LYS F 231 -12.44 -48.69 -7.96
CA LYS F 231 -13.07 -49.80 -7.23
C LYS F 231 -12.02 -50.58 -6.46
N LYS F 232 -10.93 -50.95 -7.14
CA LYS F 232 -9.83 -51.71 -6.55
C LYS F 232 -9.15 -50.95 -5.43
N ALA F 233 -8.94 -49.65 -5.63
CA ALA F 233 -8.31 -48.79 -4.62
C ALA F 233 -9.22 -48.61 -3.40
N LEU F 234 -10.53 -48.56 -3.63
CA LEU F 234 -11.50 -48.38 -2.56
C LEU F 234 -11.62 -49.63 -1.67
N ILE F 235 -11.62 -50.81 -2.29
CA ILE F 235 -11.72 -52.05 -1.52
C ILE F 235 -10.41 -52.39 -0.80
N ALA F 236 -9.28 -51.97 -1.40
CA ALA F 236 -7.96 -52.11 -0.76
C ALA F 236 -7.86 -51.20 0.46
N PHE F 237 -8.38 -49.99 0.32
CA PHE F 237 -8.53 -49.05 1.43
C PHE F 237 -9.43 -49.64 2.53
N TYR F 238 -10.61 -50.09 2.14
CA TYR F 238 -11.57 -50.68 3.08
C TYR F 238 -10.98 -51.87 3.85
N GLU F 239 -10.32 -52.78 3.13
CA GLU F 239 -9.73 -53.96 3.76
C GLU F 239 -8.57 -53.61 4.68
N GLU F 240 -7.90 -52.49 4.41
CA GLU F 240 -6.82 -52.01 5.27
C GLU F 240 -7.36 -51.39 6.56
N GLN F 241 -8.39 -50.56 6.42
CA GLN F 241 -8.96 -49.84 7.57
C GLN F 241 -9.74 -50.74 8.52
N ILE F 242 -10.50 -51.68 7.96
CA ILE F 242 -11.22 -52.68 8.76
C ILE F 242 -10.22 -53.54 9.56
N GLU F 243 -9.12 -53.92 8.92
CA GLU F 243 -8.04 -54.63 9.58
C GLU F 243 -7.34 -53.76 10.63
N ASP F 244 -7.16 -52.49 10.32
CA ASP F 244 -6.53 -51.54 11.24
C ASP F 244 -7.37 -51.36 12.51
N ALA F 245 -8.66 -51.07 12.32
CA ALA F 245 -9.60 -50.90 13.42
C ALA F 245 -9.61 -52.12 14.33
N TYR F 246 -9.49 -53.30 13.73
CA TYR F 246 -9.49 -54.58 14.45
C TYR F 246 -8.21 -54.75 15.27
N LYS F 247 -7.05 -54.59 14.61
CA LYS F 247 -5.73 -54.70 15.25
C LYS F 247 -5.57 -53.77 16.45
N THR F 248 -6.10 -52.56 16.33
CA THR F 248 -5.97 -51.53 17.35
C THR F 248 -7.07 -51.60 18.39
N GLY F 249 -8.15 -52.32 18.06
CA GLY F 249 -9.28 -52.47 18.98
C GLY F 249 -10.19 -51.25 19.03
N VAL F 250 -10.15 -50.44 17.97
CA VAL F 250 -11.02 -49.27 17.87
C VAL F 250 -12.25 -49.57 16.98
N MET F 251 -13.40 -49.10 17.43
CA MET F 251 -14.69 -49.37 16.78
C MET F 251 -14.83 -48.73 15.41
N PHE F 252 -15.22 -49.55 14.43
CA PHE F 252 -15.41 -49.13 13.03
C PHE F 252 -16.73 -48.40 12.84
N SER F 253 -16.69 -47.29 12.09
CA SER F 253 -17.89 -46.57 11.70
C SER F 253 -17.71 -45.97 10.31
N LEU F 254 -18.82 -45.82 9.58
CA LEU F 254 -18.79 -45.29 8.22
C LEU F 254 -19.76 -44.12 8.07
N HIS F 255 -19.27 -43.02 7.50
CA HIS F 255 -20.05 -41.79 7.37
C HIS F 255 -20.13 -41.35 5.94
N VAL F 256 -21.35 -41.39 5.39
CA VAL F 256 -21.61 -40.98 4.01
C VAL F 256 -22.89 -40.18 3.90
N LYS F 257 -23.08 -39.54 2.75
CA LYS F 257 -24.30 -38.77 2.44
C LYS F 257 -25.10 -39.53 1.38
N ALA F 258 -25.67 -40.66 1.77
CA ALA F 258 -26.33 -41.56 0.83
C ALA F 258 -27.66 -41.02 0.30
N THR F 259 -28.38 -40.30 1.16
CA THR F 259 -29.69 -39.73 0.84
C THR F 259 -29.62 -38.78 -0.36
N MET F 260 -28.70 -37.81 -0.31
CA MET F 260 -28.55 -36.84 -1.38
C MET F 260 -27.69 -37.39 -2.53
N MET F 261 -26.52 -37.92 -2.21
CA MET F 261 -25.65 -38.54 -3.22
C MET F 261 -26.21 -39.90 -3.61
N LYS F 262 -27.32 -39.87 -4.36
CA LYS F 262 -28.16 -41.06 -4.59
C LYS F 262 -27.54 -42.13 -5.51
N VAL F 263 -26.44 -41.78 -6.17
CA VAL F 263 -25.80 -42.67 -7.14
C VAL F 263 -24.45 -43.20 -6.65
N SER F 264 -23.55 -42.29 -6.30
CA SER F 264 -22.18 -42.65 -5.95
C SER F 264 -22.05 -43.28 -4.56
N HIS F 265 -22.72 -42.69 -3.58
CA HIS F 265 -22.54 -43.09 -2.19
C HIS F 265 -23.04 -44.46 -1.80
N PRO F 266 -24.20 -44.89 -2.34
CA PRO F 266 -24.59 -46.29 -2.09
C PRO F 266 -23.58 -47.32 -2.62
N ILE F 267 -22.90 -47.01 -3.72
CA ILE F 267 -21.83 -47.88 -4.25
C ILE F 267 -20.65 -47.92 -3.26
N VAL F 268 -20.36 -46.77 -2.67
CA VAL F 268 -19.33 -46.63 -1.64
C VAL F 268 -19.75 -47.37 -0.38
N PHE F 269 -20.96 -47.09 0.10
CA PHE F 269 -21.52 -47.80 1.25
C PHE F 269 -21.50 -49.31 1.00
N GLY F 270 -21.89 -49.70 -0.20
CA GLY F 270 -21.98 -51.11 -0.58
C GLY F 270 -20.69 -51.87 -0.47
N HIS F 271 -19.62 -51.27 -0.97
CA HIS F 271 -18.30 -51.90 -0.94
C HIS F 271 -17.76 -52.10 0.47
N ALA F 272 -18.10 -51.18 1.38
CA ALA F 272 -17.76 -51.34 2.78
C ALA F 272 -18.34 -52.64 3.35
N VAL F 273 -19.65 -52.78 3.25
CA VAL F 273 -20.37 -53.97 3.74
C VAL F 273 -19.87 -55.26 3.08
N LYS F 274 -19.66 -55.21 1.78
CA LYS F 274 -19.17 -56.37 1.02
C LYS F 274 -17.81 -56.88 1.48
N VAL F 275 -16.85 -55.98 1.65
CA VAL F 275 -15.51 -56.38 2.12
C VAL F 275 -15.52 -56.73 3.61
N PHE F 276 -16.35 -56.03 4.38
CA PHE F 276 -16.48 -56.33 5.81
C PHE F 276 -16.99 -57.76 5.99
N TYR F 277 -17.97 -58.14 5.16
CA TYR F 277 -18.60 -59.45 5.25
C TYR F 277 -18.15 -60.38 4.13
N LYS F 278 -16.91 -60.18 3.66
CA LYS F 278 -16.33 -60.95 2.56
C LYS F 278 -16.51 -62.47 2.65
N ASP F 279 -16.43 -63.00 3.87
CA ASP F 279 -16.54 -64.45 4.10
C ASP F 279 -17.94 -64.99 3.83
N ALA F 280 -18.95 -64.21 4.21
CA ALA F 280 -20.35 -64.59 3.98
C ALA F 280 -20.73 -64.43 2.50
N PHE F 281 -20.28 -63.34 1.89
CA PHE F 281 -20.64 -63.00 0.51
C PHE F 281 -19.96 -63.89 -0.55
N ALA F 282 -18.98 -64.68 -0.11
CA ALA F 282 -18.30 -65.62 -0.99
C ALA F 282 -18.89 -67.01 -0.86
N LYS F 283 -19.33 -67.36 0.35
CA LYS F 283 -19.98 -68.65 0.62
C LYS F 283 -21.38 -68.69 0.00
N HIS F 284 -22.08 -67.56 0.05
CA HIS F 284 -23.44 -67.48 -0.47
C HIS F 284 -23.53 -66.61 -1.71
N GLU F 285 -22.46 -66.57 -2.50
CA GLU F 285 -22.42 -65.70 -3.67
C GLU F 285 -23.57 -65.95 -4.65
N LYS F 286 -23.69 -67.18 -5.16
CA LYS F 286 -24.70 -67.51 -6.15
C LYS F 286 -26.13 -67.26 -5.66
N LEU F 287 -26.40 -67.68 -4.41
CA LEU F 287 -27.70 -67.48 -3.78
C LEU F 287 -28.03 -66.00 -3.69
N PHE F 288 -27.06 -65.19 -3.29
CA PHE F 288 -27.23 -63.74 -3.18
C PHE F 288 -27.36 -63.07 -4.56
N ASP F 289 -26.66 -63.61 -5.55
CA ASP F 289 -26.75 -63.10 -6.93
C ASP F 289 -28.18 -63.14 -7.45
N GLU F 290 -28.76 -64.33 -7.49
CA GLU F 290 -30.09 -64.53 -8.06
C GLU F 290 -31.25 -64.08 -7.16
N LEU F 291 -30.99 -63.94 -5.86
CA LEU F 291 -31.96 -63.31 -4.96
C LEU F 291 -32.06 -61.82 -5.26
N GLY F 292 -31.06 -61.31 -5.97
CA GLY F 292 -31.01 -59.91 -6.37
C GLY F 292 -30.56 -58.97 -5.26
N VAL F 293 -29.98 -59.53 -4.20
CA VAL F 293 -29.58 -58.72 -3.04
C VAL F 293 -28.50 -57.68 -3.36
N ASN F 294 -28.88 -56.42 -3.18
CA ASN F 294 -28.04 -55.28 -3.42
C ASN F 294 -27.72 -54.63 -2.09
N VAL F 295 -26.48 -54.80 -1.65
CA VAL F 295 -26.07 -54.30 -0.35
C VAL F 295 -25.76 -52.79 -0.34
N ASN F 296 -25.74 -52.19 -1.53
CA ASN F 296 -25.76 -50.72 -1.69
C ASN F 296 -26.86 -50.05 -0.88
N ASN F 297 -27.90 -50.80 -0.55
CA ASN F 297 -29.01 -50.32 0.28
C ASN F 297 -28.92 -50.84 1.70
N GLY F 298 -27.73 -51.28 2.09
CA GLY F 298 -27.45 -51.69 3.46
C GLY F 298 -27.71 -53.16 3.70
N LEU F 299 -27.47 -53.60 4.94
CA LEU F 299 -27.78 -54.95 5.37
C LEU F 299 -29.29 -55.23 5.30
N SER F 300 -30.09 -54.21 5.59
CA SER F 300 -31.55 -54.29 5.55
C SER F 300 -32.07 -54.92 4.26
N ASP F 301 -31.41 -54.62 3.14
CA ASP F 301 -31.78 -55.21 1.84
C ASP F 301 -31.60 -56.73 1.87
N LEU F 302 -30.43 -57.20 2.33
CA LEU F 302 -30.16 -58.61 2.48
C LEU F 302 -31.14 -59.29 3.44
N TYR F 303 -31.47 -58.61 4.55
CA TYR F 303 -32.42 -59.12 5.54
C TYR F 303 -33.84 -59.26 4.99
N ASP F 304 -34.21 -58.37 4.06
CA ASP F 304 -35.50 -58.47 3.38
C ASP F 304 -35.54 -59.66 2.43
N LYS F 305 -34.51 -59.80 1.60
CA LYS F 305 -34.47 -60.81 0.55
C LYS F 305 -34.12 -62.23 1.04
N ILE F 306 -33.97 -62.41 2.35
CA ILE F 306 -33.74 -63.73 2.94
C ILE F 306 -34.77 -64.09 4.01
N GLU F 307 -35.67 -63.16 4.33
CA GLU F 307 -36.64 -63.38 5.40
C GLU F 307 -37.64 -64.48 5.06
N ALA F 308 -38.06 -64.54 3.80
CA ALA F 308 -39.05 -65.51 3.34
C ALA F 308 -38.50 -66.93 3.23
N LEU F 309 -37.19 -67.04 3.02
CA LEU F 309 -36.51 -68.33 2.89
C LEU F 309 -36.76 -69.26 4.11
N PRO F 310 -36.69 -70.58 3.90
CA PRO F 310 -36.92 -71.56 4.97
C PRO F 310 -36.02 -71.33 6.19
N ALA F 311 -36.59 -71.52 7.38
CA ALA F 311 -35.91 -71.22 8.66
C ALA F 311 -34.47 -71.72 8.75
N SER F 312 -34.22 -72.96 8.32
CA SER F 312 -32.88 -73.56 8.39
C SER F 312 -31.86 -72.77 7.57
N GLN F 313 -32.24 -72.38 6.36
CA GLN F 313 -31.36 -71.69 5.44
C GLN F 313 -31.15 -70.23 5.84
N ARG F 314 -32.20 -69.60 6.36
CA ARG F 314 -32.13 -68.22 6.85
C ARG F 314 -31.22 -68.13 8.07
N GLU F 315 -31.32 -69.11 8.97
CA GLU F 315 -30.50 -69.17 10.17
C GLU F 315 -29.04 -69.52 9.90
N GLU F 316 -28.78 -70.14 8.74
CA GLU F 316 -27.41 -70.42 8.31
C GLU F 316 -26.74 -69.16 7.80
N ILE F 317 -27.49 -68.36 7.04
CA ILE F 317 -26.99 -67.10 6.47
C ILE F 317 -26.63 -66.08 7.54
N ILE F 318 -27.52 -65.88 8.52
CA ILE F 318 -27.29 -64.89 9.58
C ILE F 318 -26.22 -65.34 10.58
N GLU F 319 -26.01 -66.65 10.68
CA GLU F 319 -24.93 -67.18 11.51
C GLU F 319 -23.57 -67.02 10.83
N ASP F 320 -23.55 -67.04 9.51
CA ASP F 320 -22.34 -66.78 8.73
C ASP F 320 -21.95 -65.30 8.77
N LEU F 321 -22.95 -64.43 8.96
CA LEU F 321 -22.73 -63.01 9.14
C LEU F 321 -22.21 -62.71 10.53
N HIS F 322 -22.79 -63.38 11.52
CA HIS F 322 -22.40 -63.21 12.93
C HIS F 322 -21.07 -63.88 13.20
N LYS F 323 -20.79 -64.95 12.46
CA LYS F 323 -19.51 -65.66 12.55
C LYS F 323 -18.37 -64.81 11.98
N CYS F 324 -18.71 -63.91 11.07
CA CYS F 324 -17.75 -63.02 10.42
C CYS F 324 -17.27 -61.91 11.37
N HIS F 325 -18.01 -61.70 12.46
CA HIS F 325 -17.75 -60.63 13.44
C HIS F 325 -16.60 -60.89 14.39
N GLU F 326 -16.15 -62.14 14.48
CA GLU F 326 -15.11 -62.51 15.44
C GLU F 326 -13.69 -62.10 15.02
N HIS F 327 -13.47 -61.95 13.71
CA HIS F 327 -12.18 -61.52 13.16
C HIS F 327 -12.23 -60.15 12.55
N ARG F 328 -13.26 -59.40 12.93
CA ARG F 328 -13.49 -58.03 12.46
C ARG F 328 -13.69 -57.12 13.67
N PRO F 329 -13.54 -55.79 13.49
CA PRO F 329 -13.69 -54.89 14.63
C PRO F 329 -15.16 -54.69 15.00
N GLU F 330 -15.40 -54.16 16.20
CA GLU F 330 -16.76 -53.83 16.62
C GLU F 330 -17.34 -52.75 15.71
N LEU F 331 -18.62 -52.88 15.39
CA LEU F 331 -19.32 -51.89 14.56
C LEU F 331 -20.11 -50.91 15.41
N ALA F 332 -20.20 -49.68 14.92
CA ALA F 332 -20.97 -48.62 15.59
C ALA F 332 -22.46 -48.87 15.43
N MET F 333 -23.21 -48.65 16.51
CA MET F 333 -24.64 -48.94 16.52
C MET F 333 -25.51 -47.70 16.40
N VAL F 334 -26.46 -47.74 15.46
CA VAL F 334 -27.51 -46.72 15.34
C VAL F 334 -28.48 -46.86 16.51
N ASP F 335 -28.89 -48.10 16.77
CA ASP F 335 -29.73 -48.45 17.91
C ASP F 335 -29.30 -49.82 18.40
N SER F 336 -28.53 -49.84 19.48
CA SER F 336 -27.92 -51.07 19.99
C SER F 336 -28.92 -52.01 20.64
N ALA F 337 -30.01 -51.44 21.17
CA ALA F 337 -31.08 -52.23 21.79
C ALA F 337 -31.78 -53.15 20.79
N LYS F 338 -32.14 -52.59 19.63
CA LYS F 338 -32.81 -53.34 18.55
C LYS F 338 -31.82 -54.06 17.64
N GLY F 339 -30.53 -53.91 17.91
CA GLY F 339 -29.48 -54.54 17.10
C GLY F 339 -29.26 -53.92 15.73
N ILE F 340 -29.61 -52.64 15.60
CA ILE F 340 -29.42 -51.91 14.33
C ILE F 340 -28.05 -51.22 14.29
N SER F 341 -27.23 -51.57 13.30
CA SER F 341 -25.87 -51.07 13.20
C SER F 341 -25.68 -50.03 12.09
N ASN F 342 -24.47 -49.50 12.00
CA ASN F 342 -24.05 -48.56 10.95
C ASN F 342 -24.33 -49.09 9.54
N PHE F 343 -24.28 -50.41 9.39
CA PHE F 343 -24.40 -51.06 8.08
C PHE F 343 -25.84 -51.37 7.65
N HIS F 344 -26.80 -51.24 8.57
CA HIS F 344 -28.18 -51.61 8.31
C HIS F 344 -28.77 -50.84 7.15
N SER F 345 -28.74 -49.52 7.23
CA SER F 345 -29.26 -48.66 6.17
C SER F 345 -28.32 -47.48 5.91
N PRO F 346 -28.09 -47.15 4.63
CA PRO F 346 -27.23 -46.02 4.29
C PRO F 346 -27.81 -44.67 4.69
N SER F 347 -29.12 -44.62 4.90
CA SER F 347 -29.79 -43.38 5.28
C SER F 347 -29.96 -43.21 6.80
N ASP F 348 -29.28 -44.06 7.57
CA ASP F 348 -29.32 -44.01 9.03
C ASP F 348 -28.24 -43.08 9.62
N VAL F 349 -27.03 -43.22 9.09
CA VAL F 349 -25.89 -42.41 9.50
C VAL F 349 -25.55 -41.44 8.37
N ILE F 350 -25.96 -40.18 8.51
CA ILE F 350 -25.71 -39.18 7.47
C ILE F 350 -24.55 -38.25 7.85
N VAL F 351 -23.51 -38.26 7.02
CA VAL F 351 -22.20 -37.64 7.34
C VAL F 351 -22.26 -36.25 7.96
N ASP F 352 -23.07 -35.36 7.37
CA ASP F 352 -23.14 -33.97 7.81
C ASP F 352 -23.67 -33.79 9.23
N ALA F 353 -24.38 -34.80 9.75
CA ALA F 353 -24.95 -34.74 11.09
C ALA F 353 -24.30 -35.73 12.05
N SER F 354 -23.85 -36.87 11.53
CA SER F 354 -23.24 -37.92 12.34
C SER F 354 -21.86 -37.53 12.87
N MET F 355 -21.08 -36.87 12.01
CA MET F 355 -19.73 -36.40 12.36
C MET F 355 -19.76 -35.31 13.45
N PRO F 356 -20.62 -34.29 13.29
CA PRO F 356 -20.79 -33.31 14.37
C PRO F 356 -21.32 -33.95 15.65
N ALA F 357 -22.19 -34.94 15.51
CA ALA F 357 -22.73 -35.66 16.67
C ALA F 357 -21.63 -36.43 17.38
N MET F 358 -20.72 -37.02 16.61
CA MET F 358 -19.58 -37.76 17.13
C MET F 358 -18.60 -36.83 17.85
N ILE F 359 -18.25 -35.71 17.21
CA ILE F 359 -17.32 -34.72 17.77
C ILE F 359 -17.89 -34.04 19.03
N ARG F 360 -19.17 -33.68 18.99
CA ARG F 360 -19.85 -33.06 20.13
C ARG F 360 -19.86 -33.95 21.36
N LEU F 361 -19.83 -35.27 21.12
CA LEU F 361 -19.89 -36.25 22.20
C LEU F 361 -18.51 -36.60 22.76
N GLY F 362 -17.50 -35.82 22.36
CA GLY F 362 -16.12 -36.04 22.80
C GLY F 362 -15.40 -37.09 21.98
N GLY F 363 -15.81 -37.23 20.72
CA GLY F 363 -15.23 -38.23 19.81
C GLY F 363 -15.76 -39.62 20.10
N LYS F 364 -17.06 -39.70 20.36
CA LYS F 364 -17.67 -40.95 20.81
C LYS F 364 -18.93 -41.34 20.02
N MET F 365 -19.05 -42.64 19.77
CA MET F 365 -20.25 -43.24 19.16
C MET F 365 -20.63 -44.47 19.97
N TYR F 366 -21.84 -45.00 19.73
CA TYR F 366 -22.33 -46.13 20.52
C TYR F 366 -21.96 -47.50 19.95
N GLY F 367 -21.85 -48.47 20.84
CA GLY F 367 -21.50 -49.84 20.47
C GLY F 367 -22.52 -50.84 20.95
N ALA F 368 -22.27 -52.11 20.63
CA ALA F 368 -23.17 -53.23 20.94
C ALA F 368 -23.72 -53.22 22.37
N ASP F 369 -22.84 -53.00 23.35
CA ASP F 369 -23.24 -52.94 24.76
C ASP F 369 -24.08 -51.69 25.12
N GLY F 370 -24.07 -50.68 24.24
CA GLY F 370 -24.83 -49.46 24.47
C GLY F 370 -24.06 -48.32 25.12
N ARG F 371 -22.75 -48.50 25.28
CA ARG F 371 -21.87 -47.49 25.85
C ARG F 371 -21.19 -46.67 24.75
N THR F 372 -20.70 -45.48 25.10
CA THR F 372 -19.94 -44.66 24.14
C THR F 372 -18.52 -45.18 24.02
N LYS F 373 -17.97 -45.12 22.81
CA LYS F 373 -16.63 -45.62 22.52
C LYS F 373 -15.92 -44.74 21.52
N ASP F 374 -14.60 -44.75 21.58
CA ASP F 374 -13.78 -44.12 20.53
C ASP F 374 -14.02 -44.85 19.21
N THR F 375 -14.01 -44.11 18.11
CA THR F 375 -14.34 -44.68 16.81
C THR F 375 -13.37 -44.28 15.70
N LYS F 376 -13.24 -45.16 14.71
CA LYS F 376 -12.57 -44.82 13.47
C LYS F 376 -13.66 -44.36 12.49
N ALA F 377 -13.82 -43.03 12.37
CA ALA F 377 -14.84 -42.44 11.52
C ALA F 377 -14.42 -42.45 10.04
N VAL F 378 -14.83 -43.49 9.33
CA VAL F 378 -14.40 -43.70 7.95
C VAL F 378 -15.17 -42.81 6.99
N ASN F 379 -14.44 -41.89 6.37
CA ASN F 379 -14.96 -41.04 5.31
C ASN F 379 -14.11 -41.30 4.09
N PRO F 380 -14.51 -42.28 3.27
CA PRO F 380 -13.70 -42.76 2.13
C PRO F 380 -13.14 -41.65 1.25
N GLU F 381 -13.98 -40.70 0.86
CA GLU F 381 -13.55 -39.60 -0.02
C GLU F 381 -12.86 -38.47 0.75
N SER F 382 -11.62 -38.19 0.37
CA SER F 382 -10.76 -37.27 1.12
C SER F 382 -10.96 -35.79 0.78
N THR F 383 -11.78 -35.50 -0.22
CA THR F 383 -11.96 -34.12 -0.68
C THR F 383 -12.49 -33.19 0.41
N PHE F 384 -13.48 -33.63 1.16
CA PHE F 384 -14.10 -32.80 2.19
C PHE F 384 -14.05 -33.43 3.59
N SER F 385 -13.32 -34.53 3.73
CA SER F 385 -13.29 -35.24 5.00
C SER F 385 -12.14 -34.80 5.91
N ARG F 386 -10.97 -34.55 5.33
CA ARG F 386 -9.77 -34.20 6.11
C ARG F 386 -9.90 -32.88 6.86
N MET F 387 -10.90 -32.10 6.49
CA MET F 387 -11.33 -30.91 7.21
C MET F 387 -11.82 -31.28 8.63
N TYR F 388 -12.47 -32.44 8.73
CA TYR F 388 -12.93 -32.96 10.03
C TYR F 388 -11.77 -33.38 10.93
N GLN F 389 -10.73 -33.95 10.31
CA GLN F 389 -9.58 -34.51 11.02
C GLN F 389 -8.75 -33.43 11.72
N GLU F 390 -8.68 -32.24 11.12
CA GLU F 390 -8.03 -31.10 11.76
C GLU F 390 -8.73 -30.67 13.05
N MET F 391 -10.06 -30.72 13.06
CA MET F 391 -10.81 -30.38 14.26
C MET F 391 -10.60 -31.41 15.35
N ILE F 392 -10.54 -32.68 14.96
CA ILE F 392 -10.31 -33.78 15.91
C ILE F 392 -8.96 -33.58 16.60
N ASN F 393 -7.91 -33.39 15.81
CA ASN F 393 -6.57 -33.07 16.32
C ASN F 393 -6.57 -31.86 17.25
N PHE F 394 -7.19 -30.78 16.81
CA PHE F 394 -7.31 -29.55 17.61
C PHE F 394 -7.92 -29.84 18.97
N CYS F 395 -9.02 -30.60 18.98
CA CYS F 395 -9.71 -30.97 20.21
C CYS F 395 -8.88 -31.87 21.10
N LYS F 396 -8.03 -32.69 20.48
CA LYS F 396 -7.14 -33.58 21.24
C LYS F 396 -6.13 -32.82 22.10
N THR F 397 -5.71 -31.64 21.64
CA THR F 397 -4.74 -30.84 22.41
C THR F 397 -5.41 -29.73 23.22
N HIS F 398 -6.52 -29.20 22.74
CA HIS F 398 -7.18 -28.07 23.40
C HIS F 398 -8.37 -28.47 24.23
N GLY F 399 -8.74 -29.76 24.19
CA GLY F 399 -9.96 -30.25 24.84
C GLY F 399 -11.20 -29.83 24.06
N GLN F 400 -12.38 -30.02 24.67
CA GLN F 400 -13.63 -29.58 24.05
C GLN F 400 -13.76 -28.06 23.94
N PHE F 401 -14.62 -27.64 23.01
CA PHE F 401 -14.98 -26.23 22.87
C PHE F 401 -15.84 -25.80 24.05
N ASP F 402 -15.65 -24.55 24.45
CA ASP F 402 -16.50 -23.94 25.45
C ASP F 402 -17.45 -22.98 24.74
N PRO F 403 -18.74 -23.35 24.65
CA PRO F 403 -19.74 -22.53 23.97
C PRO F 403 -19.96 -21.18 24.65
N THR F 404 -19.56 -21.08 25.92
CA THR F 404 -19.74 -19.85 26.71
C THR F 404 -18.69 -18.77 26.38
N THR F 405 -17.67 -19.12 25.60
CA THR F 405 -16.62 -18.16 25.21
C THR F 405 -16.28 -18.12 23.72
N MET F 406 -16.58 -19.19 22.99
CA MET F 406 -16.16 -19.33 21.58
C MET F 406 -16.84 -18.34 20.61
N GLY F 407 -16.20 -18.12 19.47
CA GLY F 407 -16.74 -17.22 18.44
C GLY F 407 -17.68 -17.94 17.49
N THR F 408 -18.19 -17.21 16.48
CA THR F 408 -19.12 -17.78 15.50
C THR F 408 -18.42 -18.08 14.19
N VAL F 409 -18.87 -19.14 13.53
CA VAL F 409 -18.43 -19.45 12.17
C VAL F 409 -19.63 -19.54 11.23
N PRO F 410 -20.06 -18.39 10.68
CA PRO F 410 -21.08 -18.42 9.63
C PRO F 410 -20.51 -18.95 8.32
N ASN F 411 -21.40 -19.24 7.36
CA ASN F 411 -21.01 -19.77 6.08
C ASN F 411 -21.63 -19.01 4.92
N VAL F 412 -20.81 -18.75 3.90
CA VAL F 412 -21.26 -18.23 2.63
C VAL F 412 -21.02 -19.32 1.58
N GLY F 413 -22.08 -20.04 1.22
CA GLY F 413 -21.96 -21.26 0.45
C GLY F 413 -22.40 -21.18 -1.00
N LEU F 414 -21.47 -21.52 -1.90
CA LEU F 414 -21.75 -21.63 -3.33
C LEU F 414 -22.61 -22.86 -3.60
N MET F 415 -23.85 -22.63 -4.03
CA MET F 415 -24.79 -23.74 -4.27
C MET F 415 -25.74 -23.51 -5.45
N ALA F 416 -25.87 -22.25 -5.89
CA ALA F 416 -26.84 -21.86 -6.91
C ALA F 416 -26.77 -22.68 -8.19
N GLN F 417 -27.95 -23.06 -8.69
CA GLN F 417 -28.13 -23.75 -9.97
C GLN F 417 -27.44 -25.11 -10.05
N LYS F 418 -27.76 -25.99 -9.09
CA LYS F 418 -27.25 -27.36 -9.04
C LYS F 418 -25.71 -27.42 -9.12
N ALA F 419 -25.06 -26.59 -8.31
CA ALA F 419 -23.61 -26.38 -8.37
C ALA F 419 -22.80 -27.55 -7.82
N GLU F 420 -21.71 -27.85 -8.52
CA GLU F 420 -20.71 -28.85 -8.09
C GLU F 420 -21.30 -30.26 -7.98
N GLU F 421 -20.92 -31.00 -6.94
CA GLU F 421 -21.35 -32.40 -6.76
C GLU F 421 -22.87 -32.58 -6.61
N TYR F 422 -23.58 -31.50 -6.25
CA TYR F 422 -25.03 -31.54 -6.05
C TYR F 422 -25.84 -31.70 -7.34
N GLY F 423 -25.22 -31.39 -8.48
CA GLY F 423 -25.87 -31.56 -9.78
C GLY F 423 -25.28 -32.69 -10.60
N SER F 424 -24.41 -33.48 -9.98
CA SER F 424 -23.67 -34.51 -10.70
C SER F 424 -24.36 -35.88 -10.76
N HIS F 425 -25.50 -35.99 -10.09
CA HIS F 425 -26.20 -37.27 -9.95
C HIS F 425 -26.59 -37.89 -11.26
N ASP F 426 -27.24 -37.11 -12.12
CA ASP F 426 -27.67 -37.56 -13.45
C ASP F 426 -26.48 -37.72 -14.41
N LYS F 427 -25.27 -37.42 -13.93
CA LYS F 427 -24.05 -37.51 -14.73
C LYS F 427 -22.98 -38.40 -14.07
N THR F 428 -23.42 -39.21 -13.11
CA THR F 428 -22.55 -40.13 -12.37
C THR F 428 -22.81 -41.57 -12.86
N PHE F 429 -21.74 -42.28 -13.21
CA PHE F 429 -21.86 -43.60 -13.84
C PHE F 429 -20.94 -44.66 -13.24
N GLU F 430 -21.52 -45.80 -12.89
CA GLU F 430 -20.74 -46.98 -12.52
C GLU F 430 -20.26 -47.63 -13.81
N ILE F 431 -18.94 -47.63 -14.00
CA ILE F 431 -18.32 -48.08 -15.25
C ILE F 431 -18.55 -49.56 -15.51
N PRO F 432 -19.08 -49.89 -16.71
CA PRO F 432 -19.39 -51.27 -17.10
C PRO F 432 -18.15 -52.11 -17.42
N GLU F 433 -17.16 -51.50 -18.08
CA GLU F 433 -15.94 -52.21 -18.44
C GLU F 433 -14.73 -51.28 -18.54
N ASP F 434 -13.53 -51.86 -18.47
CA ASP F 434 -12.28 -51.11 -18.59
C ASP F 434 -12.23 -50.35 -19.92
N GLY F 435 -11.76 -49.10 -19.86
CA GLY F 435 -11.65 -48.25 -21.04
C GLY F 435 -11.40 -46.80 -20.65
N VAL F 436 -11.20 -45.94 -21.65
CA VAL F 436 -10.96 -44.52 -21.37
C VAL F 436 -12.27 -43.73 -21.33
N ALA F 437 -12.38 -42.86 -20.33
CA ALA F 437 -13.59 -42.06 -20.12
C ALA F 437 -13.35 -40.62 -20.52
N ASP F 438 -13.90 -40.24 -21.68
CA ASP F 438 -13.68 -38.93 -22.26
C ASP F 438 -14.95 -38.11 -22.30
N ILE F 439 -14.81 -36.80 -22.11
CA ILE F 439 -15.92 -35.88 -22.36
C ILE F 439 -15.64 -35.17 -23.68
N VAL F 440 -16.52 -35.37 -24.65
CA VAL F 440 -16.28 -34.93 -26.03
C VAL F 440 -17.36 -33.94 -26.51
N ASP F 441 -16.90 -32.85 -27.14
CA ASP F 441 -17.77 -31.90 -27.83
C ASP F 441 -18.39 -32.57 -29.05
N ILE F 442 -19.71 -32.47 -29.19
CA ILE F 442 -20.42 -33.15 -30.29
C ILE F 442 -20.23 -32.46 -31.65
N ASP F 443 -20.31 -31.13 -31.66
CA ASP F 443 -19.85 -30.35 -32.82
C ASP F 443 -18.33 -30.15 -32.70
N THR F 444 -17.60 -30.54 -33.75
CA THR F 444 -16.15 -30.87 -33.71
C THR F 444 -15.95 -32.21 -33.01
N GLY F 445 -14.72 -32.72 -33.00
CA GLY F 445 -14.42 -34.00 -32.37
C GLY F 445 -13.52 -33.89 -31.16
N GLU F 446 -13.43 -32.69 -30.60
CA GLU F 446 -12.45 -32.36 -29.56
C GLU F 446 -12.67 -33.11 -28.25
N VAL F 447 -11.62 -33.77 -27.77
CA VAL F 447 -11.63 -34.45 -26.48
C VAL F 447 -11.12 -33.50 -25.39
N LEU F 448 -12.05 -33.06 -24.53
CA LEU F 448 -11.77 -32.02 -23.55
C LEU F 448 -11.07 -32.54 -22.29
N LEU F 449 -11.59 -33.63 -21.73
CA LEU F 449 -11.00 -34.23 -20.52
C LEU F 449 -10.95 -35.76 -20.61
N THR F 450 -9.72 -36.28 -20.71
CA THR F 450 -9.50 -37.72 -20.78
C THR F 450 -9.16 -38.31 -19.41
N GLN F 451 -9.56 -39.56 -19.19
CA GLN F 451 -9.35 -40.26 -17.92
C GLN F 451 -9.36 -41.77 -18.17
N ASN F 452 -8.63 -42.52 -17.37
CA ASN F 452 -8.59 -43.98 -17.50
C ASN F 452 -9.25 -44.71 -16.34
N VAL F 453 -10.33 -45.43 -16.63
CA VAL F 453 -11.15 -46.07 -15.60
C VAL F 453 -11.18 -47.61 -15.69
N GLU F 454 -11.76 -48.26 -14.69
CA GLU F 454 -11.85 -49.72 -14.61
C GLU F 454 -13.28 -50.21 -14.34
N GLU F 455 -13.47 -51.52 -14.43
CA GLU F 455 -14.79 -52.14 -14.20
C GLU F 455 -15.23 -52.00 -12.74
N GLY F 456 -16.19 -51.11 -12.51
CA GLY F 456 -16.75 -50.89 -11.17
C GLY F 456 -16.48 -49.51 -10.60
N ASP F 457 -15.61 -48.76 -11.28
CA ASP F 457 -15.27 -47.39 -10.88
C ASP F 457 -16.49 -46.47 -10.94
N ILE F 458 -16.46 -45.40 -10.16
CA ILE F 458 -17.51 -44.39 -10.22
C ILE F 458 -16.97 -43.14 -10.92
N TRP F 459 -17.56 -42.82 -12.07
CA TRP F 459 -17.13 -41.66 -12.86
C TRP F 459 -18.22 -40.64 -12.95
N ARG F 460 -17.88 -39.37 -12.72
CA ARG F 460 -18.86 -38.30 -12.77
C ARG F 460 -18.31 -36.97 -13.29
N MET F 461 -19.20 -36.13 -13.82
CA MET F 461 -18.85 -34.79 -14.29
C MET F 461 -19.70 -33.71 -13.63
N PRO F 462 -19.30 -33.25 -12.43
CA PRO F 462 -20.02 -32.15 -11.78
C PRO F 462 -19.73 -30.80 -12.44
N ILE F 463 -20.72 -29.93 -12.48
CA ILE F 463 -20.57 -28.61 -13.09
C ILE F 463 -21.03 -27.48 -12.18
N VAL F 464 -20.39 -26.32 -12.32
CA VAL F 464 -20.81 -25.10 -11.63
C VAL F 464 -20.66 -23.93 -12.59
N LYS F 465 -21.75 -23.18 -12.75
CA LYS F 465 -21.83 -22.11 -13.74
C LYS F 465 -21.16 -20.83 -13.25
N ASP F 466 -20.87 -19.91 -14.18
CA ASP F 466 -20.11 -18.69 -13.88
C ASP F 466 -20.89 -17.66 -13.05
N ALA F 467 -22.16 -17.47 -13.38
CA ALA F 467 -22.98 -16.48 -12.68
C ALA F 467 -23.19 -16.78 -11.19
N PRO F 468 -23.45 -18.07 -10.84
CA PRO F 468 -23.50 -18.45 -9.42
C PRO F 468 -22.24 -18.10 -8.65
N ILE F 469 -21.08 -18.34 -9.25
CA ILE F 469 -19.78 -18.02 -8.65
C ILE F 469 -19.67 -16.52 -8.35
N ARG F 470 -20.07 -15.69 -9.31
CA ARG F 470 -20.10 -14.23 -9.13
C ARG F 470 -20.99 -13.80 -7.97
N ASP F 471 -22.16 -14.42 -7.85
CA ASP F 471 -23.08 -14.12 -6.75
C ASP F 471 -22.48 -14.55 -5.41
N TRP F 472 -21.78 -15.69 -5.43
CA TRP F 472 -21.12 -16.24 -4.23
C TRP F 472 -20.06 -15.32 -3.69
N VAL F 473 -19.19 -14.85 -4.58
CA VAL F 473 -18.13 -13.91 -4.22
C VAL F 473 -18.72 -12.58 -3.72
N LYS F 474 -19.72 -12.07 -4.42
CA LYS F 474 -20.43 -10.84 -4.04
C LYS F 474 -21.09 -10.96 -2.66
N LEU F 475 -21.63 -12.14 -2.37
CA LEU F 475 -22.25 -12.42 -1.08
C LEU F 475 -21.23 -12.45 0.06
N ALA F 476 -20.03 -12.97 -0.22
CA ALA F 476 -18.95 -12.99 0.76
C ALA F 476 -18.57 -11.57 1.18
N VAL F 477 -18.29 -10.72 0.20
CA VAL F 477 -17.94 -9.31 0.42
C VAL F 477 -19.04 -8.57 1.19
N THR F 478 -20.29 -8.80 0.80
CA THR F 478 -21.45 -8.20 1.45
C THR F 478 -21.50 -8.59 2.93
N ARG F 479 -21.33 -9.87 3.20
CA ARG F 479 -21.36 -10.38 4.58
C ARG F 479 -20.21 -9.82 5.40
N ALA F 480 -19.03 -9.71 4.78
CA ALA F 480 -17.87 -9.11 5.43
C ALA F 480 -18.15 -7.66 5.81
N ARG F 481 -18.63 -6.88 4.84
CA ARG F 481 -18.95 -5.46 5.00
C ARG F 481 -20.01 -5.20 6.08
N LEU F 482 -21.04 -6.04 6.10
CA LEU F 482 -22.17 -5.87 7.01
C LEU F 482 -21.88 -6.26 8.46
N SER F 483 -21.07 -7.31 8.65
CA SER F 483 -20.79 -7.87 9.98
C SER F 483 -19.48 -7.39 10.57
N GLY F 484 -18.49 -7.12 9.72
CA GLY F 484 -17.17 -6.68 10.17
C GLY F 484 -16.14 -7.79 10.30
N MET F 485 -16.62 -9.03 10.38
CA MET F 485 -15.74 -10.19 10.53
C MET F 485 -15.13 -10.63 9.19
N PRO F 486 -13.89 -11.16 9.23
CA PRO F 486 -13.20 -11.58 8.01
C PRO F 486 -13.78 -12.83 7.36
N VAL F 487 -13.51 -13.00 6.06
CA VAL F 487 -13.94 -14.17 5.31
C VAL F 487 -12.72 -14.91 4.74
N VAL F 488 -12.73 -16.23 4.89
CA VAL F 488 -11.68 -17.08 4.31
C VAL F 488 -12.30 -18.02 3.28
N PHE F 489 -11.79 -17.97 2.05
CA PHE F 489 -12.19 -18.90 1.00
C PHE F 489 -11.43 -20.21 1.16
N TRP F 490 -12.14 -21.29 1.49
CA TRP F 490 -11.52 -22.61 1.68
C TRP F 490 -11.30 -23.27 0.36
N LEU F 491 -10.22 -22.88 -0.32
CA LEU F 491 -9.89 -23.43 -1.64
C LEU F 491 -8.46 -23.98 -1.69
N ASP F 492 -8.35 -25.26 -2.00
CA ASP F 492 -7.06 -25.94 -2.12
C ASP F 492 -6.24 -25.51 -3.31
N THR F 493 -4.94 -25.81 -3.23
CA THR F 493 -3.98 -25.52 -4.29
C THR F 493 -3.77 -26.77 -5.14
N GLU F 494 -4.01 -27.93 -4.51
CA GLU F 494 -3.69 -29.22 -5.13
C GLU F 494 -4.90 -29.94 -5.71
N ARG F 495 -6.09 -29.37 -5.51
CA ARG F 495 -7.30 -29.87 -6.15
C ARG F 495 -7.63 -28.99 -7.36
N PRO F 496 -7.56 -29.57 -8.58
CA PRO F 496 -7.78 -28.81 -9.82
C PRO F 496 -9.09 -28.00 -9.87
N HIS F 497 -10.19 -28.56 -9.37
CA HIS F 497 -11.47 -27.84 -9.29
C HIS F 497 -11.35 -26.59 -8.47
N GLU F 498 -10.64 -26.69 -7.35
CA GLU F 498 -10.51 -25.56 -6.44
C GLU F 498 -9.49 -24.52 -6.91
N VAL F 499 -8.66 -24.86 -7.90
CA VAL F 499 -7.76 -23.87 -8.53
C VAL F 499 -8.51 -23.07 -9.60
N GLU F 500 -9.46 -23.73 -10.26
CA GLU F 500 -10.34 -23.07 -11.23
C GLU F 500 -11.25 -22.08 -10.51
N LEU F 501 -11.74 -22.48 -9.35
CA LEU F 501 -12.51 -21.61 -8.48
C LEU F 501 -11.65 -20.47 -7.95
N ARG F 502 -10.43 -20.81 -7.54
CA ARG F 502 -9.45 -19.85 -7.04
C ARG F 502 -9.21 -18.74 -8.05
N LYS F 503 -9.03 -19.12 -9.32
CA LYS F 503 -8.82 -18.16 -10.41
C LYS F 503 -9.95 -17.14 -10.53
N LYS F 504 -11.18 -17.61 -10.45
CA LYS F 504 -12.36 -16.74 -10.51
C LYS F 504 -12.52 -15.89 -9.26
N VAL F 505 -12.31 -16.50 -8.10
CA VAL F 505 -12.38 -15.79 -6.82
C VAL F 505 -11.30 -14.68 -6.75
N LYS F 506 -10.15 -14.95 -7.36
CA LYS F 506 -9.06 -13.98 -7.45
C LYS F 506 -9.48 -12.78 -8.29
N GLU F 507 -10.17 -13.04 -9.39
CA GLU F 507 -10.59 -12.00 -10.32
C GLU F 507 -11.80 -11.22 -9.82
N TYR F 508 -12.84 -11.92 -9.40
CA TYR F 508 -14.13 -11.30 -9.06
C TYR F 508 -14.13 -10.51 -7.75
N LEU F 509 -13.05 -10.62 -6.99
CA LEU F 509 -12.87 -9.80 -5.78
C LEU F 509 -12.48 -8.37 -6.14
N LYS F 510 -11.89 -8.20 -7.32
CA LYS F 510 -11.48 -6.89 -7.83
C LYS F 510 -12.65 -6.06 -8.33
N ASP F 511 -13.74 -6.73 -8.72
CA ASP F 511 -14.96 -6.05 -9.18
C ASP F 511 -15.80 -5.51 -8.02
N HIS F 512 -15.25 -5.56 -6.81
CA HIS F 512 -15.95 -5.13 -5.61
C HIS F 512 -15.11 -4.25 -4.75
N ASP F 513 -15.78 -3.47 -3.90
CA ASP F 513 -15.12 -2.61 -2.92
C ASP F 513 -14.74 -3.42 -1.69
N THR F 514 -13.45 -3.77 -1.60
CA THR F 514 -12.95 -4.61 -0.51
C THR F 514 -11.99 -3.86 0.42
N GLU F 515 -12.18 -2.54 0.50
CA GLU F 515 -11.23 -1.64 1.20
C GLU F 515 -10.87 -2.05 2.63
N GLY F 516 -11.80 -1.89 3.57
CA GLY F 516 -11.52 -2.18 4.98
C GLY F 516 -11.83 -3.61 5.37
N LEU F 517 -11.70 -4.52 4.41
CA LEU F 517 -12.12 -5.91 4.59
C LEU F 517 -10.94 -6.89 4.54
N LYS F 518 -10.95 -7.84 5.47
CA LYS F 518 -9.91 -8.86 5.57
C LYS F 518 -10.35 -10.15 4.86
N ILE F 519 -9.98 -10.25 3.58
CA ILE F 519 -10.38 -11.38 2.73
C ILE F 519 -9.15 -12.13 2.22
N GLN F 520 -9.09 -13.43 2.48
CA GLN F 520 -7.95 -14.27 2.07
C GLN F 520 -8.36 -15.70 1.70
N ILE F 521 -7.54 -16.34 0.87
CA ILE F 521 -7.77 -17.71 0.42
C ILE F 521 -6.75 -18.67 1.03
N MET F 522 -7.24 -19.73 1.67
CA MET F 522 -6.38 -20.76 2.28
C MET F 522 -6.90 -22.14 1.90
N PRO F 523 -6.01 -23.15 1.85
CA PRO F 523 -6.51 -24.51 1.60
C PRO F 523 -7.39 -24.99 2.75
N GLN F 524 -8.29 -25.94 2.45
CA GLN F 524 -9.26 -26.45 3.42
C GLN F 524 -8.67 -26.64 4.81
N VAL F 525 -7.68 -27.53 4.88
CA VAL F 525 -7.03 -27.91 6.14
C VAL F 525 -6.48 -26.68 6.89
N TRP F 526 -5.81 -25.79 6.16
CA TRP F 526 -5.29 -24.54 6.72
C TRP F 526 -6.39 -23.64 7.20
N ALA F 527 -7.40 -23.43 6.35
CA ALA F 527 -8.52 -22.56 6.64
C ALA F 527 -9.28 -23.00 7.88
N MET F 528 -9.52 -24.31 8.00
CA MET F 528 -10.13 -24.89 9.19
C MET F 528 -9.30 -24.56 10.44
N ARG F 529 -8.00 -24.81 10.35
CA ARG F 529 -7.08 -24.56 11.47
C ARG F 529 -7.08 -23.09 11.89
N TYR F 530 -7.02 -22.21 10.89
CA TYR F 530 -7.08 -20.76 11.09
C TYR F 530 -8.39 -20.35 11.76
N THR F 531 -9.49 -20.93 11.28
CA THR F 531 -10.80 -20.69 11.85
C THR F 531 -10.87 -21.15 13.30
N LEU F 532 -10.29 -22.33 13.56
CA LEU F 532 -10.31 -22.94 14.89
C LEU F 532 -9.44 -22.19 15.90
N GLU F 533 -8.27 -21.76 15.45
CA GLU F 533 -7.34 -21.02 16.28
C GLU F 533 -7.95 -19.68 16.71
N ARG F 534 -8.78 -19.11 15.83
CA ARG F 534 -9.47 -17.85 16.09
C ARG F 534 -10.66 -18.02 17.03
N VAL F 535 -11.54 -18.99 16.74
CA VAL F 535 -12.78 -19.16 17.50
C VAL F 535 -12.57 -19.60 18.95
N VAL F 536 -11.50 -20.34 19.20
CA VAL F 536 -11.19 -20.83 20.54
C VAL F 536 -10.88 -19.66 21.50
N ARG F 537 -10.40 -18.55 20.94
CA ARG F 537 -10.21 -17.33 21.71
C ARG F 537 -11.27 -16.25 21.40
N GLY F 538 -12.48 -16.72 21.07
CA GLY F 538 -13.66 -15.86 20.96
C GLY F 538 -13.76 -14.95 19.76
N LYS F 539 -12.98 -15.24 18.71
CA LYS F 539 -12.97 -14.42 17.51
C LYS F 539 -13.74 -15.08 16.36
N ASP F 540 -14.47 -14.25 15.61
CA ASP F 540 -15.38 -14.72 14.58
C ASP F 540 -14.70 -14.84 13.21
N THR F 541 -15.20 -15.76 12.38
CA THR F 541 -14.67 -15.97 11.03
C THR F 541 -15.75 -16.49 10.07
N ILE F 542 -15.87 -15.85 8.91
CA ILE F 542 -16.77 -16.31 7.86
C ILE F 542 -16.05 -17.31 6.96
N ALA F 543 -16.72 -18.44 6.69
CA ALA F 543 -16.19 -19.42 5.75
C ALA F 543 -16.94 -19.35 4.43
N ALA F 544 -16.25 -18.90 3.38
CA ALA F 544 -16.79 -18.92 2.03
C ALA F 544 -16.35 -20.21 1.35
N THR F 545 -17.31 -21.11 1.14
CA THR F 545 -17.00 -22.48 0.75
C THR F 545 -17.88 -22.98 -0.39
N GLY F 546 -17.44 -24.07 -1.02
CA GLY F 546 -18.24 -24.78 -2.02
C GLY F 546 -19.51 -25.42 -1.45
N ASN F 547 -20.13 -26.29 -2.24
CA ASN F 547 -21.45 -26.84 -1.89
C ASN F 547 -21.43 -27.84 -0.71
N ILE F 548 -20.61 -28.88 -0.80
CA ILE F 548 -20.52 -29.90 0.26
C ILE F 548 -20.03 -29.31 1.59
N LEU F 549 -19.01 -28.46 1.54
CA LEU F 549 -18.50 -27.82 2.76
C LEU F 549 -19.55 -26.95 3.44
N ARG F 550 -20.34 -26.26 2.64
CA ARG F 550 -21.48 -25.48 3.14
C ARG F 550 -22.37 -26.36 4.01
N ASP F 551 -22.72 -27.54 3.48
CA ASP F 551 -23.53 -28.52 4.19
C ASP F 551 -22.85 -28.99 5.48
N TYR F 552 -21.61 -29.47 5.35
CA TYR F 552 -20.83 -30.00 6.47
C TYR F 552 -20.65 -28.99 7.59
N LEU F 553 -20.19 -27.79 7.25
CA LEU F 553 -19.80 -26.78 8.24
C LEU F 553 -20.98 -26.11 8.95
N THR F 554 -22.12 -26.02 8.27
CA THR F 554 -23.31 -25.38 8.83
C THR F 554 -24.09 -26.33 9.76
N ASP F 555 -23.58 -27.55 9.89
CA ASP F 555 -24.02 -28.47 10.92
C ASP F 555 -22.96 -28.57 12.00
N LEU F 556 -21.70 -28.58 11.58
CA LEU F 556 -20.56 -28.81 12.48
C LEU F 556 -20.42 -27.75 13.58
N PHE F 557 -20.16 -26.50 13.18
CA PHE F 557 -19.99 -25.41 14.14
C PHE F 557 -21.27 -25.05 14.91
N PRO F 558 -22.42 -24.93 14.21
CA PRO F 558 -23.68 -24.68 14.91
C PRO F 558 -24.02 -25.75 15.97
N ILE F 559 -23.71 -27.02 15.68
CA ILE F 559 -23.85 -28.09 16.67
C ILE F 559 -23.00 -27.79 17.92
N LEU F 560 -21.78 -27.31 17.70
CA LEU F 560 -20.86 -27.03 18.80
C LEU F 560 -21.16 -25.70 19.51
N GLU F 561 -21.46 -24.66 18.73
CA GLU F 561 -21.82 -23.35 19.26
C GLU F 561 -23.14 -23.37 20.01
N LEU F 562 -24.13 -24.09 19.48
CA LEU F 562 -25.52 -23.96 19.91
C LEU F 562 -26.14 -25.25 20.48
N GLY F 563 -25.52 -26.38 20.17
CA GLY F 563 -26.05 -27.68 20.58
C GLY F 563 -26.98 -28.29 19.54
N THR F 564 -27.35 -27.47 18.55
CA THR F 564 -28.29 -27.86 17.50
C THR F 564 -28.18 -26.95 16.28
N SER F 565 -28.37 -27.53 15.09
CA SER F 565 -28.36 -26.76 13.86
C SER F 565 -29.78 -26.35 13.44
N ALA F 566 -30.75 -26.63 14.31
CA ALA F 566 -32.17 -26.34 14.03
C ALA F 566 -32.51 -24.85 14.20
N LYS F 567 -31.82 -24.18 15.12
CA LYS F 567 -32.12 -22.77 15.41
C LYS F 567 -31.11 -21.82 14.75
N MET F 568 -31.32 -21.54 13.47
CA MET F 568 -30.46 -20.58 12.75
C MET F 568 -31.04 -20.06 11.43
N LEU F 569 -30.55 -18.89 11.02
CA LEU F 569 -30.92 -18.27 9.75
C LEU F 569 -30.26 -18.97 8.59
N SER F 570 -31.07 -19.32 7.58
CA SER F 570 -30.58 -19.92 6.35
C SER F 570 -31.15 -19.15 5.16
N ILE F 571 -30.57 -17.98 4.89
CA ILE F 571 -31.06 -17.08 3.86
C ILE F 571 -30.44 -17.42 2.51
N VAL F 572 -31.26 -17.37 1.47
CA VAL F 572 -30.80 -17.61 0.11
C VAL F 572 -31.13 -16.40 -0.77
N PRO F 573 -30.17 -15.47 -0.90
CA PRO F 573 -30.34 -14.35 -1.84
C PRO F 573 -30.47 -14.89 -3.26
N LEU F 574 -31.69 -14.87 -3.79
CA LEU F 574 -31.95 -15.33 -5.14
C LEU F 574 -31.34 -14.36 -6.14
N MET F 575 -30.71 -14.92 -7.18
CA MET F 575 -29.95 -14.16 -8.16
C MET F 575 -30.80 -13.19 -8.96
N ALA F 576 -32.07 -13.52 -9.15
CA ALA F 576 -33.01 -12.64 -9.85
C ALA F 576 -33.45 -11.46 -8.98
N GLY F 577 -33.06 -11.47 -7.70
CA GLY F 577 -33.30 -10.35 -6.81
C GLY F 577 -34.14 -10.68 -5.59
N GLY F 578 -34.85 -11.79 -5.65
CA GLY F 578 -35.70 -12.23 -4.53
C GLY F 578 -34.96 -12.93 -3.41
N GLY F 579 -35.70 -13.63 -2.55
CA GLY F 579 -35.12 -14.29 -1.38
C GLY F 579 -35.88 -15.52 -0.93
N LEU F 580 -35.13 -16.55 -0.54
CA LEU F 580 -35.67 -17.80 -0.01
C LEU F 580 -35.13 -18.01 1.41
N TYR F 581 -36.02 -18.37 2.34
CA TYR F 581 -35.65 -18.41 3.75
C TYR F 581 -35.94 -19.76 4.39
N GLU F 582 -34.97 -20.67 4.26
CA GLU F 582 -35.06 -22.02 4.81
C GLU F 582 -35.12 -21.99 6.34
N THR F 583 -36.24 -22.47 6.88
CA THR F 583 -36.49 -22.44 8.33
C THR F 583 -35.79 -23.57 9.09
N GLY F 584 -35.20 -24.52 8.36
CA GLY F 584 -34.52 -25.66 8.96
C GLY F 584 -33.81 -26.52 7.94
N ALA F 585 -32.59 -26.94 8.29
CA ALA F 585 -31.80 -27.81 7.42
C ALA F 585 -32.02 -29.29 7.71
N GLY F 586 -32.74 -29.56 8.81
CA GLY F 586 -33.02 -30.93 9.24
C GLY F 586 -34.28 -31.51 8.64
N GLY F 587 -34.72 -32.64 9.20
CA GLY F 587 -35.90 -33.35 8.71
C GLY F 587 -37.21 -32.78 9.20
N SER F 588 -38.29 -33.54 8.99
CA SER F 588 -39.64 -33.13 9.36
C SER F 588 -40.07 -33.71 10.71
N ALA F 589 -39.16 -34.43 11.36
CA ALA F 589 -39.39 -35.04 12.68
C ALA F 589 -40.69 -35.84 12.79
N PRO F 590 -40.70 -37.08 12.22
CA PRO F 590 -41.89 -37.93 12.24
C PRO F 590 -42.31 -38.38 13.65
N LYS F 591 -41.34 -38.48 14.57
CA LYS F 591 -41.61 -38.91 15.94
C LYS F 591 -42.48 -37.90 16.69
N HIS F 592 -42.32 -36.62 16.34
CA HIS F 592 -43.11 -35.54 16.91
C HIS F 592 -44.56 -35.68 16.53
N VAL F 593 -44.79 -36.14 15.29
CA VAL F 593 -46.14 -36.40 14.76
C VAL F 593 -46.81 -37.54 15.51
N HIS F 594 -46.05 -38.63 15.73
CA HIS F 594 -46.55 -39.79 16.47
C HIS F 594 -46.99 -39.39 17.84
N GLN F 595 -46.26 -38.48 18.47
CA GLN F 595 -46.61 -37.97 19.79
C GLN F 595 -47.87 -37.10 19.75
N LEU F 596 -48.00 -36.28 18.71
CA LEU F 596 -49.17 -35.39 18.59
C LEU F 596 -50.47 -36.16 18.36
N VAL F 597 -50.47 -37.14 17.46
CA VAL F 597 -51.68 -37.92 17.18
C VAL F 597 -52.10 -38.76 18.39
N GLU F 598 -51.12 -39.37 19.05
CA GLU F 598 -51.38 -40.30 20.16
C GLU F 598 -51.70 -39.61 21.47
N GLU F 599 -51.07 -38.47 21.73
CA GLU F 599 -51.15 -37.84 23.06
C GLU F 599 -51.41 -36.33 23.03
N ASN F 600 -51.62 -35.78 21.83
CA ASN F 600 -51.88 -34.35 21.62
C ASN F 600 -50.81 -33.43 22.23
N HIS F 601 -49.56 -33.63 21.79
CA HIS F 601 -48.42 -32.82 22.24
C HIS F 601 -47.35 -32.76 21.20
N LEU F 602 -47.25 -31.61 20.52
CA LEU F 602 -46.24 -31.43 19.48
C LEU F 602 -45.00 -30.70 20.00
N ARG F 603 -43.91 -31.45 20.19
CA ARG F 603 -42.68 -30.92 20.74
C ARG F 603 -41.77 -30.27 19.69
N TRP F 604 -42.33 -30.01 18.51
CA TRP F 604 -41.61 -29.35 17.42
C TRP F 604 -41.24 -27.93 17.78
N ASP F 605 -39.97 -27.59 17.57
CA ASP F 605 -39.49 -26.24 17.84
C ASP F 605 -39.64 -25.37 16.60
N SER F 606 -40.49 -24.35 16.70
CA SER F 606 -40.78 -23.46 15.58
C SER F 606 -39.90 -22.20 15.53
N LEU F 607 -38.81 -22.20 16.29
CA LEU F 607 -37.91 -21.04 16.37
C LEU F 607 -37.25 -20.70 15.04
N GLY F 608 -36.91 -21.72 14.26
CA GLY F 608 -36.34 -21.53 12.93
C GLY F 608 -37.31 -20.87 11.97
N GLU F 609 -38.60 -21.02 12.25
CA GLU F 609 -39.66 -20.41 11.44
C GLU F 609 -39.85 -18.94 11.80
N PHE F 610 -39.73 -18.60 13.09
CA PHE F 610 -39.82 -17.20 13.53
C PHE F 610 -38.66 -16.37 12.96
N LEU F 611 -37.47 -16.95 12.97
CA LEU F 611 -36.26 -16.27 12.49
C LEU F 611 -36.27 -16.04 10.99
N ALA F 612 -36.78 -17.00 10.23
CA ALA F 612 -36.87 -16.88 8.78
C ALA F 612 -37.93 -15.87 8.36
N LEU F 613 -38.94 -15.69 9.21
CA LEU F 613 -39.99 -14.70 8.99
C LEU F 613 -39.47 -13.28 9.26
N GLY F 614 -38.69 -13.15 10.34
CA GLY F 614 -38.02 -11.88 10.64
C GLY F 614 -37.11 -11.46 9.51
N ALA F 615 -36.35 -12.41 8.98
CA ALA F 615 -35.48 -12.19 7.82
C ALA F 615 -36.27 -11.89 6.54
N SER F 616 -37.46 -12.49 6.42
CA SER F 616 -38.34 -12.26 5.27
C SER F 616 -38.92 -10.85 5.27
N LEU F 617 -39.33 -10.38 6.45
CA LEU F 617 -39.85 -9.03 6.60
C LEU F 617 -38.73 -7.99 6.52
N GLU F 618 -37.53 -8.38 6.95
CA GLU F 618 -36.33 -7.53 6.89
C GLU F 618 -35.98 -7.15 5.46
N ASP F 619 -35.96 -8.15 4.57
CA ASP F 619 -35.64 -7.93 3.15
C ASP F 619 -36.79 -7.31 2.38
N MET F 620 -38.02 -7.56 2.85
CA MET F 620 -39.23 -7.02 2.22
C MET F 620 -39.20 -5.50 2.14
N GLY F 621 -38.84 -4.86 3.26
CA GLY F 621 -38.74 -3.40 3.34
C GLY F 621 -37.67 -2.81 2.45
N ASN F 622 -36.56 -3.53 2.29
CA ASN F 622 -35.41 -3.07 1.53
C ASN F 622 -35.66 -3.00 0.02
N LYS F 623 -36.22 -4.06 -0.54
CA LYS F 623 -36.42 -4.16 -1.99
C LYS F 623 -37.58 -3.30 -2.50
N THR F 624 -38.73 -3.39 -1.84
CA THR F 624 -39.93 -2.65 -2.26
C THR F 624 -39.93 -1.22 -1.73
N GLY F 625 -39.74 -1.08 -0.42
CA GLY F 625 -39.76 0.22 0.23
C GLY F 625 -40.76 0.29 1.37
N ASN F 626 -41.25 -0.88 1.78
CA ASN F 626 -42.27 -0.99 2.81
C ASN F 626 -41.74 -0.60 4.20
N GLU F 627 -42.28 0.50 4.73
CA GLU F 627 -41.86 1.02 6.04
C GLU F 627 -42.42 0.21 7.19
N LYS F 628 -43.68 -0.20 7.09
CA LYS F 628 -44.35 -0.97 8.14
C LYS F 628 -43.82 -2.40 8.28
N ALA F 629 -43.25 -2.92 7.18
CA ALA F 629 -42.67 -4.27 7.15
C ALA F 629 -41.43 -4.37 8.03
N LYS F 630 -40.60 -3.33 8.00
CA LYS F 630 -39.38 -3.25 8.81
C LYS F 630 -39.72 -3.16 10.30
N VAL F 631 -40.82 -2.49 10.63
CA VAL F 631 -41.29 -2.37 12.00
C VAL F 631 -41.69 -3.74 12.55
N LEU F 632 -42.33 -4.53 11.70
CA LEU F 632 -42.75 -5.89 12.07
C LEU F 632 -41.56 -6.81 12.28
N ALA F 633 -40.57 -6.71 11.40
CA ALA F 633 -39.34 -7.50 11.50
C ALA F 633 -38.62 -7.26 12.82
N LYS F 634 -38.40 -5.98 13.15
CA LYS F 634 -37.68 -5.59 14.37
C LYS F 634 -38.46 -5.94 15.64
N ALA F 635 -39.78 -5.86 15.56
CA ALA F 635 -40.65 -6.27 16.67
C ALA F 635 -40.66 -7.78 16.85
N LEU F 636 -40.50 -8.51 15.74
CA LEU F 636 -40.38 -9.96 15.78
C LEU F 636 -39.00 -10.38 16.32
N ASP F 637 -37.95 -9.70 15.85
CA ASP F 637 -36.57 -9.95 16.29
C ASP F 637 -36.40 -9.79 17.80
N THR F 638 -37.23 -8.95 18.41
CA THR F 638 -37.24 -8.78 19.86
C THR F 638 -38.23 -9.72 20.54
N ALA F 639 -39.29 -10.09 19.82
CA ALA F 639 -40.28 -11.05 20.30
C ALA F 639 -39.69 -12.46 20.35
N THR F 640 -38.94 -12.80 19.31
CA THR F 640 -38.21 -14.07 19.24
C THR F 640 -37.22 -14.15 20.39
N GLY F 641 -36.47 -13.06 20.59
CA GLY F 641 -35.52 -12.93 21.68
C GLY F 641 -36.16 -13.05 23.05
N LYS F 642 -37.29 -12.38 23.23
CA LYS F 642 -38.04 -12.41 24.48
C LYS F 642 -38.50 -13.82 24.81
N LEU F 643 -38.89 -14.57 23.78
CA LEU F 643 -39.32 -15.97 23.90
C LEU F 643 -38.19 -16.87 24.41
N LEU F 644 -36.99 -16.66 23.87
CA LEU F 644 -35.79 -17.37 24.32
C LEU F 644 -35.48 -17.03 25.78
N GLU F 645 -35.46 -15.73 26.09
CA GLU F 645 -35.16 -15.24 27.43
C GLU F 645 -36.18 -15.74 28.46
N GLU F 646 -37.47 -15.59 28.14
CA GLU F 646 -38.55 -16.00 29.03
C GLU F 646 -38.63 -17.53 29.17
N ASN F 647 -37.84 -18.24 28.37
CA ASN F 647 -37.77 -19.71 28.38
C ASN F 647 -39.13 -20.38 28.14
N LYS F 648 -39.78 -19.97 27.05
CA LYS F 648 -41.13 -20.43 26.72
C LYS F 648 -41.18 -21.31 25.47
N SER F 649 -40.03 -21.89 25.10
CA SER F 649 -39.94 -22.84 23.99
C SER F 649 -40.67 -24.15 24.34
N PRO F 650 -41.00 -24.97 23.32
CA PRO F 650 -41.72 -26.22 23.59
C PRO F 650 -40.95 -27.20 24.48
N SER F 651 -41.66 -27.79 25.44
CA SER F 651 -41.17 -28.91 26.23
C SER F 651 -41.30 -30.19 25.40
N ARG F 652 -40.58 -31.24 25.79
CA ARG F 652 -40.66 -32.52 25.09
C ARG F 652 -41.52 -33.54 25.84
N ARG F 653 -41.87 -33.22 27.09
CA ARG F 653 -42.70 -34.09 27.90
C ARG F 653 -44.16 -33.68 27.76
N THR F 654 -45.00 -34.66 27.40
CA THR F 654 -46.44 -34.46 27.19
C THR F 654 -47.16 -34.05 28.48
N GLY F 655 -48.08 -33.11 28.35
CA GLY F 655 -48.79 -32.54 29.50
C GLY F 655 -48.16 -31.24 29.96
N GLU F 656 -47.21 -30.75 29.19
CA GLU F 656 -46.54 -29.48 29.45
C GLU F 656 -46.67 -28.54 28.24
N LEU F 657 -45.97 -27.40 28.28
CA LEU F 657 -46.01 -26.41 27.21
C LEU F 657 -45.46 -26.96 25.89
N ASP F 658 -46.24 -26.85 24.81
CA ASP F 658 -45.84 -27.39 23.51
C ASP F 658 -45.74 -26.32 22.40
N ASN F 659 -45.69 -26.78 21.15
CA ASN F 659 -45.60 -25.92 19.97
C ASN F 659 -46.76 -24.92 19.89
N ARG F 660 -47.95 -25.37 20.27
CA ARG F 660 -49.13 -24.49 20.26
C ARG F 660 -49.02 -23.40 21.32
N GLY F 661 -48.56 -23.78 22.51
CA GLY F 661 -48.36 -22.84 23.62
C GLY F 661 -47.30 -21.79 23.33
N SER F 662 -46.16 -22.22 22.80
CA SER F 662 -45.04 -21.32 22.50
C SER F 662 -45.36 -20.35 21.37
N GLN F 663 -46.26 -20.76 20.48
CA GLN F 663 -46.74 -19.90 19.41
C GLN F 663 -47.59 -18.75 19.95
N PHE F 664 -48.34 -19.02 21.02
CA PHE F 664 -49.12 -18.00 21.70
C PHE F 664 -48.25 -16.91 22.31
N TYR F 665 -47.31 -17.32 23.16
CA TYR F 665 -46.41 -16.37 23.83
C TYR F 665 -45.67 -15.51 22.83
N LEU F 666 -45.31 -16.09 21.69
CA LEU F 666 -44.59 -15.35 20.65
C LEU F 666 -45.45 -14.24 20.03
N SER F 667 -46.71 -14.57 19.72
CA SER F 667 -47.65 -13.56 19.21
C SER F 667 -47.98 -12.51 20.28
N LEU F 668 -48.03 -12.95 21.53
CA LEU F 668 -48.17 -12.06 22.68
C LEU F 668 -46.99 -11.09 22.79
N PHE F 669 -45.77 -11.62 22.75
CA PHE F 669 -44.55 -10.81 22.79
C PHE F 669 -44.41 -9.91 21.57
N TRP F 670 -44.95 -10.37 20.43
CA TRP F 670 -44.87 -9.63 19.17
C TRP F 670 -45.85 -8.50 19.13
N ALA F 671 -47.06 -8.72 19.64
CA ALA F 671 -48.06 -7.66 19.76
C ALA F 671 -47.62 -6.62 20.79
N GLN F 672 -47.06 -7.09 21.91
CA GLN F 672 -46.52 -6.21 22.95
C GLN F 672 -45.31 -5.42 22.47
N ALA F 673 -44.48 -6.05 21.63
CA ALA F 673 -43.33 -5.39 21.02
C ALA F 673 -43.77 -4.26 20.09
N LEU F 674 -44.95 -4.44 19.49
CA LEU F 674 -45.54 -3.41 18.64
C LEU F 674 -46.39 -2.42 19.45
N ALA F 675 -46.77 -2.81 20.66
CA ALA F 675 -47.58 -1.98 21.56
C ALA F 675 -46.79 -0.81 22.16
N GLU F 676 -45.46 -0.96 22.24
CA GLU F 676 -44.61 0.05 22.88
C GLU F 676 -43.43 0.53 22.02
N GLN F 677 -43.60 0.47 20.70
CA GLN F 677 -42.60 0.99 19.76
C GLN F 677 -42.90 2.46 19.43
N THR F 678 -41.86 3.20 19.04
CA THR F 678 -41.99 4.66 18.83
C THR F 678 -41.36 5.17 17.53
N GLU F 679 -41.83 4.62 16.40
CA GLU F 679 -41.45 5.14 15.07
C GLU F 679 -42.59 5.01 14.06
N ASP F 680 -43.64 4.31 14.47
CA ASP F 680 -44.88 4.21 13.69
C ASP F 680 -46.05 4.27 14.66
N ALA F 681 -46.42 5.50 15.05
CA ALA F 681 -47.45 5.76 16.06
C ALA F 681 -48.78 5.06 15.75
N GLU F 682 -49.07 4.85 14.47
CA GLU F 682 -50.30 4.17 14.05
C GLU F 682 -50.29 2.69 14.37
N LEU F 683 -49.15 2.03 14.15
CA LEU F 683 -48.99 0.62 14.50
C LEU F 683 -48.98 0.39 16.01
N ALA F 684 -48.52 1.41 16.75
CA ALA F 684 -48.46 1.35 18.21
C ALA F 684 -49.84 1.19 18.84
N GLU F 685 -50.80 1.98 18.37
CA GLU F 685 -52.18 1.92 18.88
C GLU F 685 -53.00 0.82 18.20
N ARG F 686 -52.53 0.37 17.03
CA ARG F 686 -53.21 -0.67 16.26
C ARG F 686 -53.18 -2.02 16.97
N PHE F 687 -52.00 -2.40 17.46
CA PHE F 687 -51.81 -3.67 18.18
C PHE F 687 -52.03 -3.54 19.68
N LYS F 688 -52.28 -2.31 20.13
CA LYS F 688 -52.52 -2.01 21.56
C LYS F 688 -53.69 -2.80 22.17
N PRO F 689 -54.84 -2.89 21.47
CA PRO F 689 -55.94 -3.69 22.01
C PRO F 689 -55.65 -5.19 22.04
N LEU F 690 -55.00 -5.70 20.99
CA LEU F 690 -54.67 -7.13 20.86
C LEU F 690 -53.64 -7.56 21.90
N ALA F 691 -52.64 -6.72 22.13
CA ALA F 691 -51.59 -6.99 23.11
C ALA F 691 -52.14 -6.99 24.54
N LYS F 692 -53.12 -6.12 24.79
CA LYS F 692 -53.76 -6.04 26.10
C LYS F 692 -54.69 -7.23 26.34
N ALA F 693 -55.28 -7.74 25.26
CA ALA F 693 -56.19 -8.89 25.32
C ALA F 693 -55.47 -10.21 25.60
N LEU F 694 -54.36 -10.43 24.89
CA LEU F 694 -53.54 -11.63 25.06
C LEU F 694 -52.86 -11.68 26.43
N ALA F 695 -52.44 -10.52 26.91
CA ALA F 695 -51.84 -10.39 28.24
C ALA F 695 -52.87 -10.53 29.36
N GLU F 696 -54.14 -10.28 29.01
CA GLU F 696 -55.24 -10.39 29.97
C GLU F 696 -55.80 -11.81 30.00
N GLN F 697 -55.57 -12.56 28.92
CA GLN F 697 -56.09 -13.92 28.80
C GLN F 697 -55.01 -15.00 28.81
N GLU F 698 -53.81 -14.63 29.25
CA GLU F 698 -52.66 -15.55 29.27
C GLU F 698 -52.95 -16.86 29.99
N GLU F 699 -53.40 -16.77 31.24
CA GLU F 699 -53.66 -17.95 32.07
C GLU F 699 -54.96 -18.70 31.71
N ALA F 700 -55.76 -18.12 30.82
CA ALA F 700 -56.97 -18.76 30.31
C ALA F 700 -56.67 -19.53 29.03
N ILE F 701 -55.93 -18.90 28.12
CA ILE F 701 -55.50 -19.50 26.86
C ILE F 701 -54.62 -20.73 27.10
N VAL F 702 -53.63 -20.58 28.00
CA VAL F 702 -52.70 -21.66 28.34
C VAL F 702 -53.41 -22.79 29.07
N SER F 703 -54.42 -22.46 29.87
CA SER F 703 -55.25 -23.47 30.55
C SER F 703 -55.97 -24.36 29.53
N GLU F 704 -56.43 -23.75 28.44
CA GLU F 704 -57.11 -24.46 27.35
C GLU F 704 -56.15 -25.37 26.59
N LEU F 705 -55.05 -24.79 26.09
CA LEU F 705 -54.06 -25.52 25.31
C LEU F 705 -53.42 -26.71 26.04
N ASN F 706 -53.40 -26.65 27.37
CA ASN F 706 -52.78 -27.70 28.18
C ASN F 706 -53.75 -28.81 28.60
N SER F 707 -55.01 -28.44 28.81
CA SER F 707 -56.05 -29.40 29.23
C SER F 707 -56.46 -30.36 28.10
N VAL F 708 -56.29 -29.91 26.86
CA VAL F 708 -56.62 -30.71 25.68
C VAL F 708 -55.55 -31.77 25.41
N GLN F 709 -54.39 -31.63 26.05
CA GLN F 709 -53.27 -32.57 25.90
C GLN F 709 -53.55 -33.86 26.67
N GLY F 710 -52.80 -34.91 26.34
CA GLY F 710 -52.92 -36.20 27.02
C GLY F 710 -54.03 -37.08 26.49
N LYS F 711 -54.51 -36.77 25.28
CA LYS F 711 -55.57 -37.54 24.62
C LYS F 711 -55.17 -37.86 23.18
N THR F 712 -55.59 -39.01 22.69
CA THR F 712 -55.43 -39.37 21.29
C THR F 712 -56.39 -38.51 20.47
N VAL F 713 -55.89 -37.95 19.36
CA VAL F 713 -56.68 -37.05 18.55
C VAL F 713 -56.65 -37.45 17.06
N ASP F 714 -57.59 -36.90 16.28
CA ASP F 714 -57.77 -37.28 14.88
C ASP F 714 -57.45 -36.13 13.92
N ILE F 715 -56.50 -36.39 13.01
CA ILE F 715 -56.14 -35.41 11.98
C ILE F 715 -56.49 -35.89 10.56
N GLY F 716 -57.17 -37.02 10.48
CA GLY F 716 -57.69 -37.54 9.20
C GLY F 716 -56.65 -38.09 8.25
N GLY F 717 -55.54 -38.57 8.78
CA GLY F 717 -54.47 -39.15 7.96
C GLY F 717 -53.08 -38.82 8.46
N TYR F 718 -52.10 -38.96 7.56
CA TYR F 718 -50.71 -38.69 7.89
C TYR F 718 -50.03 -37.87 6.80
N TYR F 719 -49.80 -38.48 5.64
CA TYR F 719 -49.13 -37.81 4.53
C TYR F 719 -50.02 -36.78 3.84
N TYR F 720 -51.33 -36.90 4.07
CA TYR F 720 -52.31 -35.99 3.51
C TYR F 720 -53.42 -35.78 4.55
N PRO F 721 -53.14 -34.98 5.60
CA PRO F 721 -54.09 -34.81 6.70
C PRO F 721 -55.30 -33.97 6.30
N ASP F 722 -56.44 -34.23 6.94
CA ASP F 722 -57.67 -33.50 6.65
C ASP F 722 -57.58 -32.09 7.23
N PRO F 723 -57.65 -31.06 6.36
CA PRO F 723 -57.55 -29.65 6.77
C PRO F 723 -58.53 -29.24 7.87
N GLU F 724 -59.75 -29.76 7.83
CA GLU F 724 -60.74 -29.49 8.85
C GLU F 724 -60.36 -30.09 10.21
N LYS F 725 -60.15 -31.41 10.24
CA LYS F 725 -59.78 -32.12 11.45
C LYS F 725 -58.47 -31.61 12.07
N THR F 726 -57.50 -31.28 11.22
CA THR F 726 -56.17 -30.85 11.65
C THR F 726 -56.18 -29.44 12.25
N SER F 727 -56.99 -28.56 11.67
CA SER F 727 -57.18 -27.21 12.19
C SER F 727 -57.94 -27.23 13.52
N GLU F 728 -58.81 -28.22 13.69
CA GLU F 728 -59.54 -28.45 14.94
C GLU F 728 -58.59 -28.87 16.06
N VAL F 729 -57.52 -29.56 15.69
CA VAL F 729 -56.52 -30.06 16.63
C VAL F 729 -55.47 -29.00 16.95
N MET F 730 -54.99 -28.32 15.91
CA MET F 730 -53.87 -27.38 16.04
C MET F 730 -54.26 -26.01 16.59
N ARG F 731 -55.56 -25.76 16.69
CA ARG F 731 -56.07 -24.52 17.26
C ARG F 731 -57.18 -24.79 18.28
N PRO F 732 -56.88 -25.58 19.34
CA PRO F 732 -57.95 -26.02 20.25
C PRO F 732 -58.41 -24.94 21.24
N SER F 733 -57.75 -23.79 21.23
CA SER F 733 -58.04 -22.73 22.19
C SER F 733 -59.25 -21.89 21.79
N LYS F 734 -60.23 -21.83 22.70
CA LYS F 734 -61.45 -21.06 22.50
C LYS F 734 -61.17 -19.56 22.49
N THR F 735 -60.73 -19.02 23.63
CA THR F 735 -60.55 -17.59 23.81
C THR F 735 -59.39 -16.98 23.00
N PHE F 736 -58.37 -17.78 22.72
CA PHE F 736 -57.24 -17.34 21.89
C PHE F 736 -57.67 -17.10 20.45
N ASN F 737 -58.46 -18.02 19.90
CA ASN F 737 -58.96 -17.91 18.54
C ASN F 737 -59.97 -16.79 18.35
N THR F 738 -60.87 -16.63 19.33
CA THR F 738 -61.93 -15.61 19.28
C THR F 738 -61.39 -14.17 19.33
N THR F 739 -60.17 -14.01 19.87
CA THR F 739 -59.50 -12.71 19.89
C THR F 739 -58.77 -12.39 18.59
N LEU F 740 -59.09 -13.14 17.54
CA LEU F 740 -58.60 -12.89 16.18
C LEU F 740 -59.76 -12.94 15.19
#